data_5NV3
#
_entry.id   5NV3
#
_cell.length_a   1
_cell.length_b   1
_cell.length_c   1
_cell.angle_alpha   90
_cell.angle_beta   90
_cell.angle_gamma   90
#
_symmetry.space_group_name_H-M   'P 1'
#
loop_
_entity.id
_entity.type
_entity.pdbx_description
1 polymer 'Ribulose bisphosphate carboxylase large chain'
2 polymer 'Ribulose bisphosphate carboxylase small chain 1'
3 non-polymer 2-CARBOXYARABINITOL-1,5-DIPHOSPHATE
4 non-polymer 'MAGNESIUM ION'
#
loop_
_entity_poly.entity_id
_entity_poly.type
_entity_poly.pdbx_seq_one_letter_code
_entity_poly.pdbx_strand_id
1 'polypeptide(L)'
;RYKAGVLKYAQMGYWDGDYVPKDTDVLALFRITPQEGVDPVEAAAAVAGESSTATWTVVWTDRLTACDSYRAKAYRVEPV
PGTPGQYFCYVAYDLILFEEGSIANLTASIIGNVFSFKPLKAARLEDMRFPVAYVKTYKGPPTGIVGERERLDKFGKPLL
GATTKPKLGLSGKNYGRVVYEGLKGGLDFM(KCX)DDENINSQPFMHWRDRFLYVMEAVNLASAQTGEVKGHYLNITAGT
MEEMYRRAEFAKSLGSVIVMVDLIIGYTAIQSISEWCRQNDMILHMHRAGHGTYTRQKNHGISFRVIAKWLRLAGVDHLH
CGTAVGKLEGDPLTVQGYYNVCREPFNTVDLPRGIFFEQDWADLRKVMPVASGGIHAGQMHQLLSLFGDDVVLQFGGGTI
GHPMGIQAGATANRVALEAMVLARNEGRNIDVEGPEILRAAAKWCKPLEAALDTWGNITFNYTSTDTSDFV
;
A,B,C,D,E,F,G,H
2 'polypeptide(L)'
;MRITQGCFSFLPDLTDEQISAQVDYCLGRGWAVSLEHTDDPHPRNTYWEMWGMPMFDLRDPKGVMIELDECRKAWPGRYI
RINAFDSTRGFETVTMSFIVNRPEVEPSLRMERTEVDGRSIRYTHSIVR
;
I,J,K,L,M,N,O,P
#
# COMPACT_ATOMS: atom_id res chain seq x y z
N ARG A 1 46.85 31.79 16.03
CA ARG A 1 45.43 31.82 16.51
C ARG A 1 44.77 30.43 16.50
N TYR A 2 45.58 29.40 16.24
CA TYR A 2 45.10 28.02 16.22
C TYR A 2 45.77 27.08 17.24
N LYS A 3 46.61 27.66 18.10
CA LYS A 3 47.23 26.96 19.22
C LYS A 3 46.19 26.69 20.32
N ALA A 4 46.43 25.64 21.11
CA ALA A 4 45.53 25.23 22.18
C ALA A 4 45.47 26.25 23.31
N GLY A 5 44.25 26.64 23.67
CA GLY A 5 44.00 27.63 24.72
C GLY A 5 42.69 28.38 24.54
N VAL A 6 42.26 29.05 25.61
CA VAL A 6 41.00 29.81 25.62
C VAL A 6 41.28 31.26 25.19
N LEU A 7 40.61 31.67 24.11
CA LEU A 7 40.69 33.04 23.58
C LEU A 7 39.31 33.69 23.53
N LYS A 8 39.30 35.02 23.66
CA LYS A 8 38.08 35.83 23.59
C LYS A 8 37.49 35.84 22.18
N TYR A 9 36.17 35.95 22.10
CA TYR A 9 35.41 35.89 20.83
C TYR A 9 35.72 37.05 19.88
N ALA A 10 36.04 38.22 20.44
CA ALA A 10 36.46 39.39 19.66
C ALA A 10 37.84 39.21 19.04
N GLN A 11 38.73 38.53 19.79
CA GLN A 11 40.09 38.22 19.33
C GLN A 11 40.10 37.05 18.33
N MET A 12 39.13 36.15 18.46
CA MET A 12 39.01 34.96 17.63
C MET A 12 38.57 35.27 16.19
N GLY A 13 37.83 36.37 16.02
CA GLY A 13 37.43 36.85 14.70
C GLY A 13 35.93 36.75 14.44
N TYR A 14 35.15 37.44 15.27
CA TYR A 14 33.70 37.46 15.16
C TYR A 14 33.13 38.89 15.15
N TRP A 15 33.93 39.82 15.66
CA TRP A 15 33.60 41.25 15.63
C TRP A 15 34.38 41.93 14.51
N ASP A 16 33.65 42.65 13.66
CA ASP A 16 34.24 43.45 12.58
C ASP A 16 33.38 44.69 12.31
N GLY A 17 33.86 45.84 12.75
CA GLY A 17 33.16 47.11 12.61
C GLY A 17 33.05 47.64 11.20
N ASP A 18 34.03 47.30 10.37
CA ASP A 18 34.10 47.76 8.98
C ASP A 18 33.35 46.86 7.98
N TYR A 19 32.77 45.76 8.50
CA TYR A 19 32.01 44.80 7.70
C TYR A 19 30.69 45.38 7.21
N VAL A 20 30.44 45.24 5.90
CA VAL A 20 29.18 45.62 5.28
C VAL A 20 28.47 44.33 4.82
N PRO A 21 27.24 44.10 5.31
CA PRO A 21 26.50 42.88 4.96
C PRO A 21 26.05 42.83 3.50
N LYS A 22 26.15 41.65 2.90
CA LYS A 22 25.74 41.41 1.52
C LYS A 22 24.21 41.23 1.42
N ASP A 23 23.70 41.25 0.19
CA ASP A 23 22.27 41.05 -0.08
C ASP A 23 21.78 39.63 0.25
N THR A 24 22.70 38.67 0.19
CA THR A 24 22.40 37.27 0.55
C THR A 24 22.96 36.94 1.94
N ASP A 25 22.43 37.64 2.94
CA ASP A 25 22.80 37.43 4.35
C ASP A 25 21.61 37.59 5.27
N VAL A 26 21.43 36.60 6.15
CA VAL A 26 20.39 36.62 7.17
C VAL A 26 20.85 37.53 8.32
N LEU A 27 20.11 38.61 8.52
CA LEU A 27 20.43 39.59 9.57
C LEU A 27 19.52 39.42 10.77
N ALA A 28 20.09 39.57 11.97
CA ALA A 28 19.35 39.44 13.21
C ALA A 28 19.74 40.52 14.21
N LEU A 29 18.72 41.09 14.86
CA LEU A 29 18.93 42.03 15.96
C LEU A 29 18.81 41.37 17.32
N PHE A 30 19.67 41.82 18.24
CA PHE A 30 19.63 41.33 19.61
C PHE A 30 19.72 42.49 20.59
N ARG A 31 18.70 42.57 21.45
CA ARG A 31 18.66 43.53 22.55
C ARG A 31 19.34 42.88 23.76
N ILE A 32 20.64 43.14 23.90
CA ILE A 32 21.47 42.47 24.90
C ILE A 32 21.71 43.35 26.12
N THR A 33 21.40 42.79 27.29
CA THR A 33 21.79 43.36 28.58
C THR A 33 22.97 42.53 29.12
N PRO A 34 24.20 43.09 29.06
CA PRO A 34 25.38 42.36 29.53
C PRO A 34 25.55 42.41 31.05
N GLN A 35 26.30 41.47 31.60
CA GLN A 35 26.62 41.41 33.03
C GLN A 35 27.60 42.53 33.43
N GLU A 36 27.69 42.80 34.73
CA GLU A 36 28.58 43.83 35.27
C GLU A 36 30.06 43.45 35.07
N GLY A 37 30.70 44.15 34.14
CA GLY A 37 32.09 43.89 33.77
C GLY A 37 32.28 43.45 32.32
N VAL A 38 31.25 42.80 31.78
CA VAL A 38 31.27 42.31 30.39
C VAL A 38 31.07 43.47 29.42
N ASP A 39 32.01 43.59 28.47
CA ASP A 39 31.98 44.62 27.43
C ASP A 39 30.91 44.29 26.38
N PRO A 40 30.16 45.32 25.89
CA PRO A 40 29.14 45.13 24.84
C PRO A 40 29.66 44.55 23.52
N VAL A 41 30.93 44.82 23.20
CA VAL A 41 31.59 44.27 22.02
C VAL A 41 31.83 42.76 22.20
N GLU A 42 32.29 42.38 23.39
CA GLU A 42 32.47 40.97 23.77
C GLU A 42 31.13 40.23 23.87
N ALA A 43 30.11 40.94 24.36
CA ALA A 43 28.74 40.42 24.47
C ALA A 43 28.12 40.12 23.11
N ALA A 44 28.40 40.99 22.12
CA ALA A 44 27.93 40.82 20.75
C ALA A 44 28.59 39.64 20.06
N ALA A 45 29.91 39.54 20.24
CA ALA A 45 30.73 38.49 19.62
C ALA A 45 30.44 37.10 20.19
N ALA A 46 30.02 37.05 21.45
CA ALA A 46 29.58 35.81 22.12
C ALA A 46 28.28 35.29 21.52
N VAL A 47 27.39 36.21 21.19
CA VAL A 47 26.12 35.91 20.51
C VAL A 47 26.38 35.49 19.07
N ALA A 48 27.25 36.24 18.39
CA ALA A 48 27.66 35.96 17.01
C ALA A 48 28.44 34.64 16.88
N GLY A 49 29.16 34.27 17.94
CA GLY A 49 29.97 33.06 17.97
C GLY A 49 29.18 31.78 18.02
N GLU A 50 28.52 31.54 19.16
CA GLU A 50 27.83 30.27 19.45
C GLU A 50 26.65 29.97 18.50
N SER A 51 26.04 31.02 17.95
CA SER A 51 24.93 30.88 17.00
C SER A 51 25.35 30.30 15.64
N SER A 52 26.65 30.29 15.37
CA SER A 52 27.18 29.75 14.11
C SER A 52 28.22 28.63 14.30
N THR A 53 29.49 29.00 14.40
CA THR A 53 30.61 28.04 14.35
C THR A 53 31.69 28.36 15.38
N ALA A 54 31.32 28.29 16.67
CA ALA A 54 32.28 28.58 17.75
C ALA A 54 32.11 27.73 19.01
N THR A 55 33.23 27.48 19.67
CA THR A 55 33.28 26.84 20.99
C THR A 55 34.25 27.61 21.90
N TRP A 56 34.18 27.35 23.20
CA TRP A 56 34.94 28.09 24.22
C TRP A 56 36.47 28.05 24.09
N THR A 57 36.99 26.97 23.51
CA THR A 57 38.44 26.83 23.24
C THR A 57 38.72 26.55 21.75
N VAL A 58 39.94 26.89 21.32
CA VAL A 58 40.33 26.78 19.91
C VAL A 58 40.66 25.34 19.53
N VAL A 59 40.09 24.90 18.41
CA VAL A 59 40.33 23.55 17.85
C VAL A 59 41.13 23.59 16.55
N TRP A 60 41.92 22.54 16.30
CA TRP A 60 42.75 22.44 15.09
C TRP A 60 41.94 22.10 13.83
N THR A 61 40.75 21.53 14.04
CA THR A 61 39.82 21.16 12.95
C THR A 61 39.23 22.37 12.21
N ASP A 62 39.37 23.55 12.81
CA ASP A 62 39.00 24.82 12.18
C ASP A 62 39.82 25.13 10.93
N ARG A 63 41.06 24.64 10.89
CA ARG A 63 41.96 24.84 9.75
C ARG A 63 41.61 24.01 8.52
N LEU A 64 40.78 22.99 8.72
CA LEU A 64 40.30 22.13 7.63
C LEU A 64 39.29 22.85 6.74
N THR A 65 38.19 23.31 7.34
CA THR A 65 37.15 24.07 6.64
C THR A 65 37.51 25.57 6.54
N ALA A 66 37.01 26.23 5.50
CA ALA A 66 37.27 27.66 5.30
C ALA A 66 36.40 28.50 6.24
N CYS A 67 36.92 28.72 7.45
CA CYS A 67 36.19 29.38 8.55
C CYS A 67 35.72 30.81 8.28
N ASP A 68 36.46 31.54 7.44
CA ASP A 68 36.15 32.93 7.07
C ASP A 68 34.77 33.12 6.43
N SER A 69 34.24 32.07 5.83
CA SER A 69 32.92 32.08 5.19
C SER A 69 31.80 31.64 6.15
N TYR A 70 32.09 30.66 7.00
CA TYR A 70 31.10 30.02 7.88
C TYR A 70 30.79 30.79 9.16
N ARG A 71 31.75 31.59 9.63
CA ARG A 71 31.61 32.36 10.87
C ARG A 71 30.65 33.53 10.71
N ALA A 72 29.73 33.65 11.68
CA ALA A 72 28.82 34.79 11.75
C ALA A 72 29.55 36.02 12.29
N LYS A 73 29.20 37.18 11.74
CA LYS A 73 29.91 38.41 12.03
C LYS A 73 28.97 39.49 12.54
N ALA A 74 29.24 39.98 13.74
CA ALA A 74 28.55 41.13 14.31
C ALA A 74 29.22 42.40 13.78
N TYR A 75 28.44 43.26 13.12
CA TYR A 75 29.00 44.40 12.41
C TYR A 75 28.87 45.77 13.07
N ARG A 76 27.75 46.02 13.76
CA ARG A 76 27.62 47.23 14.58
C ARG A 76 26.83 47.06 15.87
N VAL A 77 27.27 47.77 16.91
CA VAL A 77 26.62 47.77 18.22
C VAL A 77 26.29 49.22 18.59
N GLU A 78 25.00 49.47 18.85
CA GLU A 78 24.50 50.78 19.26
C GLU A 78 23.70 50.70 20.56
N PRO A 79 23.90 51.68 21.48
CA PRO A 79 23.13 51.71 22.74
C PRO A 79 21.67 52.07 22.52
N VAL A 80 20.79 51.39 23.25
CA VAL A 80 19.34 51.62 23.18
C VAL A 80 19.01 52.93 23.91
N PRO A 81 18.30 53.86 23.23
CA PRO A 81 17.88 55.12 23.88
C PRO A 81 16.82 54.90 24.97
N GLY A 82 17.01 55.56 26.11
CA GLY A 82 16.12 55.42 27.27
C GLY A 82 16.72 54.57 28.37
N THR A 83 17.26 53.41 28.00
CA THR A 83 17.88 52.47 28.94
C THR A 83 19.39 52.72 29.06
N PRO A 84 19.90 52.79 30.32
CA PRO A 84 21.33 53.07 30.57
C PRO A 84 22.27 51.92 30.21
N GLY A 85 21.83 50.68 30.43
CA GLY A 85 22.66 49.49 30.20
C GLY A 85 22.02 48.43 29.32
N GLN A 86 21.78 48.80 28.06
CA GLN A 86 21.17 47.91 27.07
C GLN A 86 21.65 48.28 25.67
N TYR A 87 21.93 47.27 24.85
CA TYR A 87 22.54 47.48 23.54
C TYR A 87 21.85 46.69 22.42
N PHE A 88 21.73 47.33 21.25
CA PHE A 88 21.35 46.65 20.01
C PHE A 88 22.58 46.03 19.36
N CYS A 89 22.45 44.79 18.90
CA CYS A 89 23.54 44.09 18.22
C CYS A 89 23.09 43.45 16.93
N TYR A 90 23.73 43.85 15.83
CA TYR A 90 23.40 43.38 14.49
C TYR A 90 24.35 42.26 14.08
N VAL A 91 23.80 41.06 13.91
CA VAL A 91 24.57 39.87 13.56
C VAL A 91 24.21 39.42 12.14
N ALA A 92 25.23 39.17 11.32
CA ALA A 92 25.04 38.68 9.95
C ALA A 92 25.39 37.20 9.83
N TYR A 93 24.48 36.44 9.21
CA TYR A 93 24.65 35.00 8.98
C TYR A 93 24.62 34.72 7.48
N ASP A 94 25.43 33.77 7.03
CA ASP A 94 25.46 33.36 5.62
C ASP A 94 24.51 32.20 5.33
N LEU A 95 24.01 32.16 4.09
CA LEU A 95 23.05 31.13 3.63
C LEU A 95 23.57 29.70 3.65
N ILE A 96 24.89 29.56 3.71
CA ILE A 96 25.58 28.25 3.77
C ILE A 96 25.28 27.46 5.06
N LEU A 97 24.77 28.17 6.08
CA LEU A 97 24.49 27.59 7.39
C LEU A 97 23.06 27.08 7.53
N PHE A 98 22.18 27.52 6.64
CA PHE A 98 20.75 27.21 6.73
C PHE A 98 20.25 26.21 5.70
N GLU A 99 19.37 25.31 6.15
CA GLU A 99 18.73 24.31 5.29
C GLU A 99 17.57 24.96 4.53
N GLU A 100 17.43 24.56 3.26
CA GLU A 100 16.39 25.08 2.37
C GLU A 100 15.01 24.53 2.74
N GLY A 101 14.12 25.44 3.13
CA GLY A 101 12.74 25.10 3.48
C GLY A 101 12.58 24.39 4.82
N SER A 102 13.16 24.98 5.87
CA SER A 102 13.08 24.44 7.23
C SER A 102 13.14 25.56 8.27
N ILE A 103 12.06 25.69 9.04
CA ILE A 103 11.98 26.67 10.14
C ILE A 103 12.79 26.15 11.33
N ALA A 104 12.71 24.85 11.58
CA ALA A 104 13.39 24.17 12.70
C ALA A 104 14.91 24.33 12.67
N ASN A 105 15.48 24.31 11.47
CA ASN A 105 16.92 24.49 11.27
C ASN A 105 17.37 25.94 11.51
N LEU A 106 16.52 26.89 11.10
CA LEU A 106 16.75 28.33 11.27
C LEU A 106 16.79 28.73 12.75
N THR A 107 15.89 28.15 13.54
CA THR A 107 15.80 28.40 14.97
C THR A 107 16.90 27.71 15.78
N ALA A 108 17.32 26.53 15.30
CA ALA A 108 18.40 25.76 15.93
C ALA A 108 19.76 26.47 15.85
N SER A 109 19.92 27.29 14.80
CA SER A 109 21.14 28.08 14.60
C SER A 109 21.11 29.37 15.43
N ILE A 110 20.15 30.24 15.13
CA ILE A 110 20.11 31.60 15.68
C ILE A 110 19.75 31.66 17.17
N ILE A 111 18.61 31.09 17.54
CA ILE A 111 18.14 31.13 18.94
C ILE A 111 18.49 29.86 19.75
N GLY A 112 19.52 29.15 19.29
CA GLY A 112 19.94 27.86 19.86
C GLY A 112 20.39 27.88 21.31
N ASN A 113 21.61 28.36 21.53
CA ASN A 113 22.24 28.34 22.86
C ASN A 113 22.67 29.71 23.38
N VAL A 114 22.39 30.76 22.60
CA VAL A 114 22.83 32.13 22.92
C VAL A 114 22.12 32.77 24.12
N PHE A 115 20.91 32.32 24.40
CA PHE A 115 20.09 32.85 25.49
C PHE A 115 20.60 32.43 26.87
N SER A 116 21.03 31.17 26.97
CA SER A 116 21.45 30.56 28.25
C SER A 116 22.90 30.87 28.65
N PHE A 117 23.50 31.88 28.02
CA PHE A 117 24.87 32.32 28.32
C PHE A 117 24.98 33.05 29.66
N LYS A 118 26.04 32.71 30.40
CA LYS A 118 26.37 33.36 31.66
C LYS A 118 26.82 34.84 31.58
N PRO A 119 27.59 35.23 30.52
CA PRO A 119 27.99 36.65 30.43
C PRO A 119 26.87 37.63 30.07
N LEU A 120 25.68 37.12 29.73
CA LEU A 120 24.53 37.96 29.41
C LEU A 120 23.44 37.83 30.47
N LYS A 121 22.93 38.97 30.92
CA LYS A 121 21.83 39.02 31.90
C LYS A 121 20.50 38.68 31.23
N ALA A 122 20.19 39.39 30.14
CA ALA A 122 18.96 39.17 29.36
C ALA A 122 19.15 39.57 27.91
N ALA A 123 18.79 38.66 27.00
CA ALA A 123 18.85 38.91 25.56
C ALA A 123 17.47 38.75 24.92
N ARG A 124 17.14 39.63 23.98
CA ARG A 124 15.88 39.56 23.25
C ARG A 124 16.08 39.74 21.75
N LEU A 125 15.46 38.86 20.99
CA LEU A 125 15.47 38.93 19.52
C LEU A 125 14.37 39.87 19.04
N GLU A 126 14.78 41.01 18.50
CA GLU A 126 13.87 42.09 18.13
C GLU A 126 13.29 41.93 16.72
N ASP A 127 14.16 41.78 15.74
CA ASP A 127 13.77 41.68 14.32
C ASP A 127 14.77 40.88 13.51
N MET A 128 14.29 40.30 12.41
CA MET A 128 15.11 39.45 11.55
C MET A 128 14.87 39.78 10.07
N ARG A 129 15.96 39.91 9.32
CA ARG A 129 15.90 40.14 7.88
C ARG A 129 16.13 38.83 7.13
N PHE A 130 15.23 38.53 6.20
CA PHE A 130 15.39 37.40 5.30
C PHE A 130 15.66 37.89 3.88
N PRO A 131 16.74 37.38 3.25
CA PRO A 131 17.02 37.69 1.84
C PRO A 131 16.01 37.06 0.88
N VAL A 132 15.94 37.59 -0.34
CA VAL A 132 15.05 37.10 -1.40
C VAL A 132 15.38 35.65 -1.78
N ALA A 133 16.67 35.30 -1.68
CA ALA A 133 17.16 33.95 -1.94
C ALA A 133 16.65 32.91 -0.95
N TYR A 134 16.38 33.33 0.28
CA TYR A 134 15.93 32.44 1.35
C TYR A 134 14.41 32.27 1.41
N VAL A 135 13.66 33.33 1.07
CA VAL A 135 12.19 33.28 1.12
C VAL A 135 11.58 32.42 0.01
N LYS A 136 12.29 32.29 -1.11
CA LYS A 136 11.81 31.55 -2.28
C LYS A 136 11.83 30.02 -2.11
N THR A 137 12.65 29.55 -1.17
CA THR A 137 12.72 28.12 -0.83
C THR A 137 11.44 27.62 -0.14
N TYR A 138 10.77 28.54 0.55
CA TYR A 138 9.50 28.25 1.24
C TYR A 138 8.29 28.41 0.32
N LYS A 139 7.28 27.59 0.55
CA LYS A 139 6.05 27.59 -0.24
C LYS A 139 5.15 28.80 0.09
N GLY A 140 5.08 29.15 1.37
CA GLY A 140 4.22 30.23 1.86
C GLY A 140 2.83 29.75 2.24
N PRO A 141 1.91 30.69 2.59
CA PRO A 141 0.54 30.36 2.99
C PRO A 141 -0.26 29.66 1.89
N PRO A 142 -1.11 28.66 2.25
CA PRO A 142 -1.91 27.89 1.30
C PRO A 142 -2.81 28.72 0.38
N THR A 143 -3.49 29.72 0.92
CA THR A 143 -4.42 30.55 0.14
C THR A 143 -4.05 32.04 0.16
N GLY A 144 -3.89 32.59 1.36
CA GLY A 144 -3.64 34.02 1.55
C GLY A 144 -4.91 34.82 1.78
N ILE A 145 -4.79 36.14 1.68
CA ILE A 145 -5.94 37.05 1.81
C ILE A 145 -6.82 37.00 0.56
N VAL A 146 -6.18 37.09 -0.61
CA VAL A 146 -6.84 37.06 -1.92
C VAL A 146 -7.56 35.72 -2.14
N GLY A 147 -6.86 34.62 -1.92
CA GLY A 147 -7.38 33.27 -2.14
C GLY A 147 -8.56 32.87 -1.25
N GLU A 148 -8.57 33.36 -0.01
CA GLU A 148 -9.61 33.03 0.96
C GLU A 148 -10.93 33.75 0.68
N ARG A 149 -10.84 35.07 0.42
CA ARG A 149 -12.02 35.91 0.18
C ARG A 149 -12.79 35.52 -1.09
N GLU A 150 -12.08 34.99 -2.08
CA GLU A 150 -12.68 34.50 -3.32
C GLU A 150 -13.46 33.20 -3.11
N ARG A 151 -13.03 32.40 -2.14
CA ARG A 151 -13.69 31.14 -1.78
C ARG A 151 -14.99 31.35 -1.01
N LEU A 152 -15.01 32.37 -0.15
CA LEU A 152 -16.15 32.68 0.70
C LEU A 152 -17.11 33.71 0.07
N ASP A 153 -16.65 34.37 -0.99
CA ASP A 153 -17.37 35.43 -1.71
C ASP A 153 -17.78 36.62 -0.81
N LYS A 154 -16.87 37.00 0.10
CA LYS A 154 -17.10 38.09 1.04
C LYS A 154 -16.02 39.16 0.91
N PHE A 155 -16.45 40.37 0.55
CA PHE A 155 -15.55 41.48 0.26
C PHE A 155 -16.01 42.80 0.89
N GLY A 156 -15.04 43.63 1.29
CA GLY A 156 -15.30 45.02 1.68
C GLY A 156 -15.45 45.35 3.15
N LYS A 157 -15.24 44.34 4.00
CA LYS A 157 -15.33 44.49 5.47
C LYS A 157 -14.59 43.34 6.18
N PRO A 158 -14.28 43.52 7.49
CA PRO A 158 -13.70 42.42 8.27
C PRO A 158 -14.64 41.22 8.41
N LEU A 159 -14.08 40.02 8.36
CA LEU A 159 -14.83 38.78 8.59
C LEU A 159 -15.06 38.60 10.09
N LEU A 160 -16.30 38.27 10.46
CA LEU A 160 -16.69 38.14 11.87
C LEU A 160 -16.61 36.71 12.40
N GLY A 161 -16.15 36.59 13.64
CA GLY A 161 -16.00 35.31 14.32
C GLY A 161 -16.48 35.32 15.76
N ALA A 162 -16.63 34.12 16.32
CA ALA A 162 -17.00 33.93 17.73
C ALA A 162 -16.50 32.59 18.25
N THR A 163 -15.94 32.61 19.45
CA THR A 163 -15.49 31.40 20.13
C THR A 163 -16.66 30.81 20.90
N THR A 164 -16.87 29.50 20.75
CA THR A 164 -17.96 28.77 21.41
C THR A 164 -17.73 28.70 22.93
N LYS A 165 -18.62 29.36 23.67
CA LYS A 165 -18.52 29.45 25.13
C LYS A 165 -19.60 28.59 25.81
N PRO A 166 -19.28 27.92 26.93
CA PRO A 166 -17.97 27.96 27.60
C PRO A 166 -16.87 27.17 26.88
N LYS A 167 -15.63 27.33 27.35
CA LYS A 167 -14.45 26.70 26.76
C LYS A 167 -14.59 25.18 26.72
N LEU A 168 -14.68 24.55 27.89
CA LEU A 168 -14.90 23.10 28.00
C LEU A 168 -16.23 22.82 28.70
N GLY A 169 -16.82 21.67 28.42
CA GLY A 169 -18.02 21.22 29.11
C GLY A 169 -19.17 20.73 28.24
N LEU A 170 -19.40 21.43 27.13
CA LEU A 170 -20.53 21.16 26.23
C LEU A 170 -20.39 19.83 25.47
N SER A 171 -21.47 19.07 25.45
CA SER A 171 -21.54 17.82 24.69
C SER A 171 -21.77 18.10 23.20
N GLY A 172 -21.51 17.08 22.37
CA GLY A 172 -21.60 17.18 20.89
C GLY A 172 -22.89 17.73 20.33
N LYS A 173 -24.01 17.35 20.92
CA LYS A 173 -25.35 17.82 20.52
C LYS A 173 -25.53 19.31 20.78
N ASN A 174 -25.18 19.75 21.98
CA ASN A 174 -25.37 21.14 22.42
C ASN A 174 -24.35 22.10 21.84
N TYR A 175 -23.15 21.58 21.56
CA TYR A 175 -22.04 22.36 20.99
C TYR A 175 -22.40 22.90 19.61
N GLY A 176 -23.02 22.07 18.79
CA GLY A 176 -23.49 22.45 17.46
C GLY A 176 -24.65 23.44 17.48
N ARG A 177 -25.46 23.39 18.54
CA ARG A 177 -26.60 24.31 18.71
C ARG A 177 -26.16 25.76 18.94
N VAL A 178 -25.04 25.93 19.65
CA VAL A 178 -24.43 27.26 19.85
C VAL A 178 -23.84 27.76 18.53
N VAL A 179 -23.23 26.85 17.78
CA VAL A 179 -22.66 27.12 16.44
C VAL A 179 -23.76 27.53 15.45
N TYR A 180 -24.89 26.80 15.49
CA TYR A 180 -26.04 27.06 14.61
C TYR A 180 -26.67 28.45 14.86
N GLU A 181 -26.84 28.80 16.14
CA GLU A 181 -27.43 30.07 16.52
C GLU A 181 -26.51 31.27 16.25
N GLY A 182 -25.20 31.01 16.26
CA GLY A 182 -24.19 32.02 15.96
C GLY A 182 -24.14 32.39 14.49
N LEU A 183 -24.02 31.38 13.64
CA LEU A 183 -23.89 31.56 12.19
C LEU A 183 -25.14 32.12 11.52
N LYS A 184 -26.32 31.71 12.00
CA LYS A 184 -27.59 32.18 11.45
C LYS A 184 -27.88 33.64 11.83
N GLY A 185 -27.36 34.05 12.98
CA GLY A 185 -27.52 35.43 13.49
C GLY A 185 -26.83 36.48 12.64
N GLY A 186 -25.67 36.14 12.08
CA GLY A 186 -24.92 37.05 11.21
C GLY A 186 -23.42 36.84 11.17
N LEU A 187 -22.90 35.92 11.98
CA LEU A 187 -21.47 35.63 12.05
C LEU A 187 -21.00 34.81 10.85
N ASP A 188 -19.79 35.11 10.39
CA ASP A 188 -19.17 34.41 9.27
C ASP A 188 -18.49 33.12 9.73
N PHE A 189 -17.94 33.14 10.94
CA PHE A 189 -17.23 31.99 11.51
C PHE A 189 -17.58 31.72 12.97
N MET A 190 -17.60 30.44 13.31
CA MET A 190 -17.57 29.97 14.70
C MET A 190 -16.28 29.17 14.87
N ASP A 192 -13.68 26.39 17.58
CA ASP A 192 -13.32 25.61 18.76
C ASP A 192 -12.34 26.40 19.63
N ASP A 193 -12.40 26.15 20.93
CA ASP A 193 -11.43 26.70 21.87
C ASP A 193 -10.10 25.94 21.75
N GLU A 194 -8.99 26.61 22.07
CA GLU A 194 -7.64 26.05 21.91
C GLU A 194 -7.33 24.82 22.76
N ASN A 195 -8.03 24.68 23.89
CA ASN A 195 -7.88 23.51 24.77
C ASN A 195 -8.78 22.32 24.40
N ILE A 196 -9.84 22.61 23.64
CA ILE A 196 -10.77 21.57 23.15
C ILE A 196 -10.09 20.69 22.09
N ASN A 197 -10.03 19.40 22.38
CA ASN A 197 -9.48 18.41 21.45
C ASN A 197 -10.32 17.12 21.45
N SER A 198 -9.98 16.17 22.31
CA SER A 198 -10.71 14.90 22.43
C SER A 198 -10.86 14.48 23.89
N GLN A 199 -11.57 15.32 24.64
CA GLN A 199 -11.79 15.11 26.08
C GLN A 199 -12.80 13.99 26.38
N PRO A 200 -12.78 13.43 27.61
CA PRO A 200 -13.73 12.37 28.00
C PRO A 200 -15.22 12.72 27.90
N PHE A 201 -15.56 14.00 28.05
CA PHE A 201 -16.97 14.43 27.98
C PHE A 201 -17.55 14.45 26.56
N MET A 202 -16.70 14.80 25.59
CA MET A 202 -17.10 14.91 24.18
C MET A 202 -15.94 14.51 23.26
N HIS A 203 -16.16 13.45 22.47
CA HIS A 203 -15.18 12.96 21.50
C HIS A 203 -15.14 13.86 20.28
N TRP A 204 -13.95 13.96 19.67
CA TRP A 204 -13.73 14.86 18.52
C TRP A 204 -14.56 14.51 17.28
N ARG A 205 -14.68 13.22 16.98
CA ARG A 205 -15.39 12.74 15.79
C ARG A 205 -16.89 12.99 15.86
N ASP A 206 -17.42 13.05 17.08
CA ASP A 206 -18.81 13.44 17.33
C ASP A 206 -19.02 14.94 17.13
N ARG A 207 -18.07 15.75 17.62
CA ARG A 207 -18.11 17.21 17.46
C ARG A 207 -18.10 17.63 15.99
N PHE A 208 -17.18 17.03 15.22
CA PHE A 208 -17.01 17.28 13.79
C PHE A 208 -18.28 17.05 12.97
N LEU A 209 -19.04 16.01 13.31
CA LEU A 209 -20.29 15.67 12.63
C LEU A 209 -21.42 16.66 12.91
N TYR A 210 -21.56 17.04 14.19
CA TYR A 210 -22.67 17.88 14.63
C TYR A 210 -22.53 19.36 14.27
N VAL A 211 -21.30 19.85 14.16
CA VAL A 211 -21.06 21.24 13.75
C VAL A 211 -21.23 21.43 12.24
N MET A 212 -20.92 20.39 11.47
CA MET A 212 -21.05 20.43 10.01
C MET A 212 -22.51 20.44 9.55
N GLU A 213 -23.38 19.77 10.31
CA GLU A 213 -24.82 19.83 10.12
C GLU A 213 -25.35 21.23 10.45
N ALA A 214 -24.77 21.84 11.49
CA ALA A 214 -25.10 23.19 11.92
C ALA A 214 -24.62 24.26 10.93
N VAL A 215 -23.49 24.01 10.27
CA VAL A 215 -22.93 24.91 9.25
C VAL A 215 -23.83 24.95 8.02
N ASN A 216 -24.21 23.77 7.51
CA ASN A 216 -25.02 23.66 6.30
C ASN A 216 -26.46 24.14 6.47
N LEU A 217 -27.03 23.93 7.66
CA LEU A 217 -28.36 24.44 8.00
C LEU A 217 -28.39 25.96 8.07
N ALA A 218 -27.30 26.56 8.56
CA ALA A 218 -27.12 28.01 8.60
C ALA A 218 -26.87 28.58 7.21
N SER A 219 -26.16 27.82 6.38
CA SER A 219 -25.82 28.21 5.00
C SER A 219 -27.05 28.25 4.09
N ALA A 220 -27.99 27.34 4.34
CA ALA A 220 -29.24 27.26 3.58
C ALA A 220 -30.22 28.37 3.93
N GLN A 221 -30.19 28.80 5.19
CA GLN A 221 -31.15 29.77 5.73
C GLN A 221 -30.71 31.23 5.60
N THR A 222 -29.42 31.45 5.42
CA THR A 222 -28.85 32.80 5.25
C THR A 222 -28.44 33.07 3.80
N GLY A 223 -28.01 32.03 3.09
CA GLY A 223 -27.52 32.14 1.72
C GLY A 223 -26.05 32.51 1.61
N GLU A 224 -25.32 32.40 2.73
CA GLU A 224 -23.89 32.68 2.78
C GLU A 224 -23.09 31.39 3.03
N VAL A 225 -21.82 31.41 2.63
CA VAL A 225 -20.90 30.32 2.92
C VAL A 225 -20.38 30.49 4.35
N LYS A 226 -20.75 29.55 5.22
CA LYS A 226 -20.37 29.58 6.63
C LYS A 226 -19.25 28.58 6.93
N GLY A 227 -18.55 28.78 8.04
CA GLY A 227 -17.44 27.92 8.43
C GLY A 227 -17.26 27.79 9.93
N HIS A 228 -16.60 26.71 10.33
CA HIS A 228 -16.22 26.47 11.71
C HIS A 228 -14.77 26.00 11.77
N TYR A 229 -13.95 26.71 12.55
CA TYR A 229 -12.54 26.33 12.72
C TYR A 229 -12.45 25.05 13.55
N LEU A 230 -12.20 23.94 12.86
CA LEU A 230 -12.12 22.63 13.50
C LEU A 230 -10.72 22.37 14.05
N ASN A 231 -10.65 22.21 15.37
CA ASN A 231 -9.38 22.00 16.07
C ASN A 231 -8.89 20.56 15.86
N ILE A 232 -7.71 20.45 15.24
CA ILE A 232 -7.13 19.14 14.91
C ILE A 232 -5.95 18.74 15.83
N THR A 233 -5.57 19.64 16.73
CA THR A 233 -4.44 19.46 17.66
C THR A 233 -4.53 18.12 18.41
N ALA A 234 -3.49 17.30 18.22
CA ALA A 234 -3.44 15.96 18.81
C ALA A 234 -2.06 15.66 19.42
N GLY A 235 -1.96 14.52 20.10
CA GLY A 235 -0.72 14.06 20.73
C GLY A 235 0.34 13.65 19.73
N THR A 236 -0.07 12.87 18.74
CA THR A 236 0.82 12.39 17.68
C THR A 236 0.39 12.91 16.30
N MET A 237 1.28 12.78 15.31
CA MET A 237 0.99 13.16 13.93
C MET A 237 0.03 12.22 13.23
N GLU A 238 0.09 10.94 13.60
CA GLU A 238 -0.81 9.90 13.08
C GLU A 238 -2.27 10.18 13.41
N GLU A 239 -2.51 10.63 14.65
CA GLU A 239 -3.83 11.07 15.09
C GLU A 239 -4.24 12.38 14.43
N MET A 240 -3.25 13.25 14.19
CA MET A 240 -3.46 14.58 13.64
C MET A 240 -3.86 14.57 12.16
N TYR A 241 -3.25 13.67 11.38
CA TYR A 241 -3.61 13.48 9.96
C TYR A 241 -5.00 12.87 9.79
N ARG A 242 -5.36 11.95 10.69
CA ARG A 242 -6.68 11.30 10.69
C ARG A 242 -7.82 12.27 11.00
N ARG A 243 -7.54 13.26 11.85
CA ARG A 243 -8.50 14.32 12.18
C ARG A 243 -8.70 15.30 11.03
N ALA A 244 -7.62 15.56 10.30
CA ALA A 244 -7.64 16.47 9.15
C ALA A 244 -8.35 15.85 7.93
N GLU A 245 -8.06 14.57 7.68
CA GLU A 245 -8.67 13.83 6.57
C GLU A 245 -10.18 13.65 6.72
N PHE A 246 -10.65 13.50 7.96
CA PHE A 246 -12.08 13.44 8.27
C PHE A 246 -12.75 14.80 8.15
N ALA A 247 -12.01 15.87 8.45
CA ALA A 247 -12.47 17.25 8.28
C ALA A 247 -12.66 17.60 6.80
N LYS A 248 -11.75 17.11 5.96
CA LYS A 248 -11.86 17.23 4.51
C LYS A 248 -13.06 16.43 3.98
N SER A 249 -13.24 15.22 4.52
CA SER A 249 -14.31 14.29 4.13
C SER A 249 -15.71 14.84 4.37
N LEU A 250 -15.87 15.65 5.41
CA LEU A 250 -17.14 16.32 5.71
C LEU A 250 -17.39 17.51 4.80
N GLY A 251 -16.30 18.11 4.32
CA GLY A 251 -16.36 19.26 3.41
C GLY A 251 -16.23 20.59 4.12
N SER A 252 -15.34 20.63 5.12
CA SER A 252 -15.07 21.85 5.89
C SER A 252 -14.21 22.82 5.08
N VAL A 253 -14.42 24.11 5.32
CA VAL A 253 -13.72 25.18 4.61
C VAL A 253 -12.34 25.43 5.24
N ILE A 254 -12.28 25.41 6.57
CA ILE A 254 -11.11 25.86 7.33
C ILE A 254 -10.92 25.10 8.65
N VAL A 255 -9.67 24.68 8.91
CA VAL A 255 -9.28 24.03 10.17
C VAL A 255 -8.24 24.82 10.96
N MET A 256 -8.35 24.78 12.28
CA MET A 256 -7.43 25.51 13.17
C MET A 256 -6.38 24.62 13.86
N VAL A 257 -5.24 25.23 14.19
CA VAL A 257 -4.06 24.55 14.72
C VAL A 257 -3.42 25.43 15.79
N ASP A 258 -3.02 24.83 16.91
CA ASP A 258 -2.31 25.53 17.98
C ASP A 258 -0.81 25.67 17.70
N LEU A 259 -0.20 26.73 18.23
CA LEU A 259 1.22 27.04 18.00
C LEU A 259 2.17 26.08 18.74
N ILE A 260 1.68 25.50 19.85
CA ILE A 260 2.44 24.58 20.71
C ILE A 260 3.02 23.37 19.96
N ILE A 261 2.24 22.84 19.01
CA ILE A 261 2.56 21.60 18.28
C ILE A 261 3.96 21.56 17.62
N GLY A 262 4.52 22.74 17.35
CA GLY A 262 5.88 22.87 16.83
C GLY A 262 5.95 23.13 15.34
N TYR A 263 6.98 23.86 14.94
CA TYR A 263 7.18 24.31 13.56
C TYR A 263 7.33 23.17 12.55
N THR A 264 7.95 22.06 13.00
CA THR A 264 8.09 20.84 12.20
C THR A 264 6.73 20.22 11.92
N ALA A 265 5.87 20.21 12.94
CA ALA A 265 4.50 19.72 12.80
C ALA A 265 3.61 20.70 12.02
N ILE A 266 3.87 22.00 12.14
CA ILE A 266 3.13 23.07 11.43
C ILE A 266 3.37 23.00 9.91
N GLN A 267 4.64 22.91 9.51
CA GLN A 267 5.03 22.84 8.09
C GLN A 267 4.47 21.61 7.36
N SER A 268 4.18 20.56 8.12
CA SER A 268 3.58 19.34 7.58
C SER A 268 2.11 19.52 7.20
N ILE A 269 1.38 20.33 7.98
CA ILE A 269 -0.03 20.65 7.68
C ILE A 269 -0.14 21.65 6.53
N SER A 270 0.81 22.58 6.47
CA SER A 270 0.89 23.56 5.37
C SER A 270 1.07 22.89 4.01
N GLU A 271 1.86 21.81 3.98
CA GLU A 271 2.03 20.97 2.81
C GLU A 271 0.73 20.19 2.51
N TRP A 272 0.05 19.77 3.57
CA TRP A 272 -1.19 19.01 3.45
C TRP A 272 -2.39 19.87 3.00
N CYS A 273 -2.48 21.09 3.53
CA CYS A 273 -3.57 22.02 3.23
C CYS A 273 -3.60 22.50 1.79
N ARG A 274 -2.41 22.72 1.22
CA ARG A 274 -2.26 23.11 -0.18
C ARG A 274 -2.66 21.97 -1.11
N GLN A 275 -2.32 20.74 -0.73
CA GLN A 275 -2.59 19.55 -1.53
C GLN A 275 -4.01 18.97 -1.34
N ASN A 276 -4.83 19.64 -0.53
CA ASN A 276 -6.21 19.23 -0.26
C ASN A 276 -7.22 20.39 -0.21
N ASP A 277 -6.76 21.58 -0.62
CA ASP A 277 -7.55 22.83 -0.68
C ASP A 277 -8.22 23.21 0.66
N MET A 278 -7.38 23.47 1.66
CA MET A 278 -7.84 23.83 3.01
C MET A 278 -7.17 25.12 3.46
N ILE A 279 -7.92 25.93 4.20
CA ILE A 279 -7.42 27.17 4.79
C ILE A 279 -6.94 26.86 6.21
N LEU A 280 -5.75 27.35 6.57
CA LEU A 280 -5.13 27.07 7.86
C LEU A 280 -5.19 28.25 8.82
N HIS A 281 -5.69 27.98 10.03
CA HIS A 281 -5.80 28.98 11.10
C HIS A 281 -4.80 28.65 12.21
N MET A 282 -4.06 29.67 12.66
CA MET A 282 -3.10 29.50 13.74
C MET A 282 -3.59 30.21 15.00
N HIS A 283 -3.67 29.46 16.09
CA HIS A 283 -3.93 30.02 17.40
C HIS A 283 -2.64 30.00 18.20
N ARG A 284 -2.23 31.18 18.66
CA ARG A 284 -1.00 31.33 19.44
C ARG A 284 -1.24 31.04 20.93
N ALA A 285 -1.18 29.76 21.28
CA ALA A 285 -1.24 29.32 22.67
C ALA A 285 0.17 29.22 23.22
N GLY A 286 0.37 29.78 24.42
CA GLY A 286 1.67 29.76 25.08
C GLY A 286 2.75 30.62 24.45
N HIS A 287 2.32 31.62 23.67
CA HIS A 287 3.24 32.58 23.04
C HIS A 287 3.79 33.56 24.08
N GLY A 288 2.93 33.99 25.01
CA GLY A 288 3.26 34.98 26.02
C GLY A 288 4.28 34.56 27.04
N THR A 289 4.75 33.31 26.92
CA THR A 289 5.79 32.76 27.76
C THR A 289 7.16 33.36 27.42
N TYR A 290 7.35 33.69 26.15
CA TYR A 290 8.63 34.19 25.63
C TYR A 290 8.48 35.41 24.72
N THR A 291 7.35 36.10 24.84
CA THR A 291 7.03 37.26 23.98
C THR A 291 6.76 38.53 24.80
N ARG A 292 6.06 38.37 25.91
CA ARG A 292 5.55 39.50 26.71
C ARG A 292 6.63 40.39 27.33
N GLN A 293 7.72 39.77 27.78
CA GLN A 293 8.83 40.50 28.41
C GLN A 293 9.65 41.28 27.39
N LYS A 294 9.87 42.55 27.68
CA LYS A 294 10.56 43.48 26.78
C LYS A 294 12.09 43.29 26.79
N ASN A 295 12.61 42.76 27.90
CA ASN A 295 14.06 42.60 28.07
C ASN A 295 14.60 41.24 27.64
N HIS A 296 13.73 40.22 27.65
CA HIS A 296 14.12 38.85 27.34
C HIS A 296 13.07 38.09 26.54
N GLY A 297 13.52 37.32 25.55
CA GLY A 297 12.64 36.45 24.74
C GLY A 297 12.78 36.64 23.24
N ILE A 298 11.67 36.46 22.53
CA ILE A 298 11.58 36.72 21.09
C ILE A 298 10.31 37.55 20.84
N SER A 299 10.47 38.67 20.14
CA SER A 299 9.34 39.53 19.73
C SER A 299 8.46 38.81 18.74
N PHE A 300 7.15 39.06 18.81
CA PHE A 300 6.16 38.35 17.99
C PHE A 300 6.31 38.57 16.49
N ARG A 301 6.88 39.72 16.10
CA ARG A 301 7.13 40.04 14.70
C ARG A 301 8.09 39.06 14.01
N VAL A 302 9.00 38.48 14.80
CA VAL A 302 9.93 37.45 14.32
C VAL A 302 9.20 36.10 14.18
N ILE A 303 8.30 35.82 15.14
CA ILE A 303 7.48 34.61 15.11
C ILE A 303 6.49 34.65 13.94
N ALA A 304 5.92 35.84 13.70
CA ALA A 304 5.03 36.08 12.56
C ALA A 304 5.73 35.91 11.20
N LYS A 305 7.00 36.31 11.14
CA LYS A 305 7.84 36.12 9.96
C LYS A 305 8.13 34.64 9.69
N TRP A 306 8.37 33.88 10.76
CA TRP A 306 8.57 32.43 10.64
C TRP A 306 7.29 31.71 10.22
N LEU A 307 6.16 32.15 10.77
CA LEU A 307 4.85 31.53 10.50
C LEU A 307 4.34 31.82 9.09
N ARG A 308 4.73 32.96 8.53
CA ARG A 308 4.43 33.29 7.14
C ARG A 308 5.21 32.38 6.18
N LEU A 309 6.48 32.12 6.52
CA LEU A 309 7.35 31.23 5.75
C LEU A 309 6.95 29.76 5.90
N ALA A 310 6.46 29.39 7.09
CA ALA A 310 5.97 28.04 7.36
C ALA A 310 4.72 27.74 6.54
N GLY A 311 3.79 28.70 6.50
CA GLY A 311 2.61 28.61 5.64
C GLY A 311 1.28 28.54 6.38
N VAL A 312 0.89 29.66 6.99
CA VAL A 312 -0.40 29.77 7.67
C VAL A 312 -1.19 30.96 7.11
N ASP A 313 -2.49 30.75 6.92
CA ASP A 313 -3.37 31.78 6.34
C ASP A 313 -3.90 32.78 7.38
N HIS A 314 -4.17 32.28 8.58
CA HIS A 314 -4.63 33.12 9.69
C HIS A 314 -3.68 33.11 10.87
N LEU A 315 -3.54 34.26 11.52
CA LEU A 315 -2.70 34.39 12.71
C LEU A 315 -3.26 35.45 13.65
N HIS A 316 -3.40 35.09 14.92
CA HIS A 316 -3.72 36.05 15.97
C HIS A 316 -2.54 36.97 16.20
N CYS A 317 -2.75 38.26 15.99
CA CYS A 317 -1.68 39.25 16.13
C CYS A 317 -1.85 40.15 17.35
N GLY A 318 -3.09 40.23 17.86
CA GLY A 318 -3.39 40.97 19.08
C GLY A 318 -4.27 42.17 18.89
N THR A 319 -4.91 42.58 20.00
CA THR A 319 -5.77 43.75 20.03
C THR A 319 -5.19 44.79 20.98
N ALA A 320 -5.14 46.04 20.51
CA ALA A 320 -4.64 47.17 21.30
C ALA A 320 -5.58 47.56 22.43
N VAL A 321 -6.89 47.42 22.18
CA VAL A 321 -7.94 47.81 23.13
C VAL A 321 -8.53 46.65 23.94
N GLY A 322 -8.12 45.43 23.61
CA GLY A 322 -8.64 44.22 24.24
C GLY A 322 -8.13 43.92 25.65
N LYS A 323 -8.52 42.75 26.16
CA LYS A 323 -8.16 42.31 27.52
C LYS A 323 -6.70 41.84 27.66
N LEU A 324 -6.10 41.46 26.52
CA LEU A 324 -4.73 40.93 26.48
C LEU A 324 -3.72 42.01 26.12
N GLU A 325 -2.45 41.74 26.44
CA GLU A 325 -1.33 42.68 26.24
C GLU A 325 -1.16 43.09 24.77
N GLY A 326 -0.96 44.40 24.56
CA GLY A 326 -0.77 44.96 23.23
C GLY A 326 -0.73 46.48 23.22
N ASP A 327 0.32 47.04 22.60
CA ASP A 327 0.49 48.48 22.44
C ASP A 327 0.19 48.88 20.99
N PRO A 328 -0.71 49.88 20.80
CA PRO A 328 -1.25 50.31 19.49
C PRO A 328 -0.24 50.36 18.33
N LEU A 329 0.91 50.98 18.55
CA LEU A 329 1.95 51.11 17.53
C LEU A 329 2.71 49.81 17.28
N THR A 330 2.98 49.07 18.36
CA THR A 330 3.68 47.79 18.30
C THR A 330 2.80 46.70 17.67
N VAL A 331 1.49 46.79 17.91
CA VAL A 331 0.49 45.87 17.33
C VAL A 331 0.39 46.06 15.82
N GLN A 332 0.32 47.31 15.37
CA GLN A 332 0.33 47.67 13.94
C GLN A 332 1.55 47.15 13.18
N GLY A 333 2.66 47.00 13.91
CA GLY A 333 3.89 46.39 13.40
C GLY A 333 3.70 44.95 12.98
N TYR A 334 3.01 44.17 13.84
CA TYR A 334 2.72 42.76 13.57
C TYR A 334 1.78 42.57 12.39
N TYR A 335 0.86 43.53 12.23
CA TYR A 335 -0.11 43.55 11.12
C TYR A 335 0.56 43.82 9.76
N ASN A 336 1.53 44.74 9.77
CA ASN A 336 2.30 45.11 8.56
C ASN A 336 3.26 44.01 8.11
N VAL A 337 3.72 43.20 9.07
CA VAL A 337 4.62 42.07 8.82
C VAL A 337 3.92 40.98 7.99
N CYS A 338 2.67 40.67 8.35
CA CYS A 338 1.93 39.56 7.75
C CYS A 338 1.06 39.95 6.54
N ARG A 339 0.85 41.26 6.32
CA ARG A 339 0.01 41.74 5.22
C ARG A 339 0.79 42.36 4.05
N GLU A 340 1.65 43.34 4.35
CA GLU A 340 2.37 44.10 3.33
C GLU A 340 3.44 43.27 2.60
N PRO A 341 3.48 43.36 1.25
CA PRO A 341 4.48 42.62 0.46
C PRO A 341 5.90 43.17 0.61
N PHE A 342 6.02 44.47 0.84
CA PHE A 342 7.29 45.14 1.08
C PHE A 342 7.09 46.22 2.14
N ASN A 343 7.80 46.06 3.25
CA ASN A 343 7.71 47.01 4.37
C ASN A 343 9.04 47.71 4.63
N THR A 344 8.97 49.05 4.74
CA THR A 344 10.13 49.89 4.99
C THR A 344 10.43 49.99 6.49
N VAL A 345 11.66 50.41 6.81
CA VAL A 345 12.11 50.59 8.19
C VAL A 345 11.36 51.71 8.91
N ASP A 346 10.68 51.34 10.00
CA ASP A 346 9.93 52.28 10.83
C ASP A 346 10.14 51.95 12.32
N LEU A 347 10.89 52.82 12.99
CA LEU A 347 11.27 52.65 14.40
C LEU A 347 10.13 52.76 15.43
N PRO A 348 9.11 53.64 15.19
CA PRO A 348 7.96 53.63 16.13
C PRO A 348 7.12 52.36 16.10
N ARG A 349 7.04 51.70 14.94
CA ARG A 349 6.27 50.47 14.77
C ARG A 349 7.09 49.19 14.98
N GLY A 350 8.36 49.36 15.32
CA GLY A 350 9.25 48.23 15.67
C GLY A 350 9.88 47.49 14.51
N ILE A 351 9.79 48.07 13.31
CA ILE A 351 10.44 47.50 12.12
C ILE A 351 11.84 48.09 11.98
N PHE A 352 12.84 47.22 11.93
CA PHE A 352 14.25 47.63 11.89
C PHE A 352 14.94 47.32 10.56
N PHE A 353 14.46 46.30 9.87
CA PHE A 353 15.02 45.86 8.59
C PHE A 353 14.01 46.03 7.46
N GLU A 354 14.52 46.34 6.27
CA GLU A 354 13.69 46.41 5.05
C GLU A 354 13.48 45.01 4.50
N GLN A 355 12.28 44.48 4.70
CA GLN A 355 11.93 43.12 4.31
C GLN A 355 11.22 43.08 2.96
N ASP A 356 11.73 42.24 2.07
CA ASP A 356 11.12 41.98 0.77
C ASP A 356 10.69 40.52 0.70
N TRP A 357 9.37 40.30 0.70
CA TRP A 357 8.80 38.96 0.71
C TRP A 357 8.80 38.26 -0.64
N ALA A 358 8.82 39.07 -1.71
CA ALA A 358 8.84 38.61 -3.10
C ALA A 358 7.76 37.58 -3.43
N ASP A 359 6.53 38.07 -3.50
CA ASP A 359 5.33 37.32 -3.94
C ASP A 359 5.02 36.07 -3.12
N LEU A 360 5.07 36.23 -1.80
CA LEU A 360 4.51 35.25 -0.87
C LEU A 360 3.14 35.73 -0.44
N ARG A 361 2.22 34.78 -0.26
CA ARG A 361 0.82 35.06 0.06
C ARG A 361 0.66 35.83 1.37
N LYS A 362 -0.34 36.71 1.40
CA LYS A 362 -0.58 37.59 2.55
C LYS A 362 -1.37 36.87 3.65
N VAL A 363 -0.79 36.83 4.84
CA VAL A 363 -1.44 36.23 6.01
C VAL A 363 -2.49 37.21 6.57
N MET A 364 -3.72 36.72 6.73
CA MET A 364 -4.80 37.52 7.30
C MET A 364 -4.72 37.53 8.83
N PRO A 365 -4.51 38.71 9.44
CA PRO A 365 -4.40 38.82 10.89
C PRO A 365 -5.76 38.80 11.60
N VAL A 366 -5.79 38.19 12.79
CA VAL A 366 -7.02 38.02 13.56
C VAL A 366 -6.95 38.81 14.87
N ALA A 367 -7.92 39.70 15.07
CA ALA A 367 -8.07 40.46 16.31
C ALA A 367 -9.09 39.78 17.21
N SER A 368 -8.64 39.37 18.40
CA SER A 368 -9.46 38.62 19.36
C SER A 368 -9.02 38.85 20.79
N GLY A 369 -9.97 38.71 21.72
CA GLY A 369 -9.70 38.75 23.15
C GLY A 369 -10.19 40.01 23.84
N GLY A 370 -11.42 39.95 24.36
CA GLY A 370 -12.01 41.03 25.14
C GLY A 370 -12.42 42.24 24.34
N ILE A 371 -13.19 42.02 23.28
CA ILE A 371 -13.75 43.10 22.46
C ILE A 371 -15.26 42.95 22.25
N HIS A 372 -15.92 44.08 21.98
CA HIS A 372 -17.38 44.12 21.80
C HIS A 372 -17.80 45.16 20.73
N ALA A 373 -19.11 45.43 20.66
CA ALA A 373 -19.68 46.37 19.69
C ALA A 373 -19.27 47.83 19.92
N GLY A 374 -18.96 48.17 21.17
CA GLY A 374 -18.50 49.52 21.55
C GLY A 374 -17.07 49.84 21.13
N GLN A 375 -16.30 48.79 20.81
CA GLN A 375 -14.89 48.94 20.41
C GLN A 375 -14.71 48.94 18.89
N MET A 376 -15.83 48.90 18.16
CA MET A 376 -15.85 48.73 16.69
C MET A 376 -15.19 49.88 15.92
N HIS A 377 -15.35 51.10 16.40
CA HIS A 377 -14.77 52.29 15.75
C HIS A 377 -13.25 52.37 15.88
N GLN A 378 -12.72 51.85 16.99
CA GLN A 378 -11.28 51.83 17.25
C GLN A 378 -10.56 50.74 16.46
N LEU A 379 -11.25 49.62 16.25
CA LEU A 379 -10.71 48.47 15.52
C LEU A 379 -10.57 48.73 14.02
N LEU A 380 -11.57 49.42 13.44
CA LEU A 380 -11.60 49.74 12.02
C LEU A 380 -10.59 50.82 11.63
N SER A 381 -10.30 51.73 12.57
CA SER A 381 -9.36 52.82 12.37
C SER A 381 -7.89 52.38 12.43
N LEU A 382 -7.59 51.44 13.33
CA LEU A 382 -6.23 50.97 13.55
C LEU A 382 -5.72 50.01 12.47
N PHE A 383 -6.56 49.09 12.05
CA PHE A 383 -6.13 48.01 11.15
C PHE A 383 -6.61 48.18 9.70
N GLY A 384 -7.92 48.07 9.49
CA GLY A 384 -8.51 48.25 8.15
C GLY A 384 -9.59 47.25 7.81
N ASP A 385 -9.48 46.66 6.62
CA ASP A 385 -10.50 45.76 6.08
C ASP A 385 -10.11 44.28 6.13
N ASP A 386 -8.86 43.98 5.73
CA ASP A 386 -8.38 42.60 5.63
C ASP A 386 -7.99 42.00 6.99
N VAL A 387 -8.96 41.98 7.90
CA VAL A 387 -8.79 41.44 9.26
C VAL A 387 -9.96 40.53 9.66
N VAL A 388 -9.76 39.73 10.70
CA VAL A 388 -10.83 38.91 11.27
C VAL A 388 -11.06 39.35 12.72
N LEU A 389 -12.28 39.82 13.00
CA LEU A 389 -12.67 40.25 14.34
C LEU A 389 -13.47 39.15 15.02
N GLN A 390 -13.00 38.72 16.18
CA GLN A 390 -13.64 37.64 16.93
C GLN A 390 -14.24 38.12 18.25
N PHE A 391 -15.53 37.86 18.43
CA PHE A 391 -16.26 38.23 19.63
C PHE A 391 -16.76 36.98 20.36
N GLY A 392 -15.93 36.47 21.26
CA GLY A 392 -16.25 35.27 22.04
C GLY A 392 -17.31 35.50 23.09
N GLY A 393 -17.03 36.43 24.01
CA GLY A 393 -17.96 36.82 25.07
C GLY A 393 -19.03 37.79 24.62
N GLY A 394 -18.67 38.69 23.70
CA GLY A 394 -19.56 39.75 23.22
C GLY A 394 -20.73 39.33 22.36
N THR A 395 -20.81 38.03 22.03
CA THR A 395 -21.89 37.49 21.21
C THR A 395 -22.84 36.63 22.04
N ILE A 396 -22.31 35.64 22.75
CA ILE A 396 -23.09 34.68 23.53
C ILE A 396 -23.56 35.31 24.86
N GLY A 397 -22.73 36.18 25.42
CA GLY A 397 -23.05 36.90 26.66
C GLY A 397 -24.08 38.00 26.53
N HIS A 398 -24.73 38.08 25.37
CA HIS A 398 -25.81 39.02 25.10
C HIS A 398 -27.07 38.61 25.87
N PRO A 399 -27.76 39.58 26.52
CA PRO A 399 -28.95 39.32 27.35
C PRO A 399 -30.14 38.67 26.61
N MET A 400 -30.31 38.97 25.33
CA MET A 400 -31.43 38.46 24.53
C MET A 400 -31.22 37.02 24.05
N GLY A 401 -30.01 36.71 23.58
CA GLY A 401 -29.66 35.38 23.10
C GLY A 401 -28.33 35.32 22.39
N ILE A 402 -28.21 34.39 21.43
CA ILE A 402 -27.02 34.26 20.59
C ILE A 402 -27.25 34.90 19.22
N GLN A 403 -28.45 34.71 18.67
CA GLN A 403 -28.85 35.28 17.39
C GLN A 403 -28.86 36.81 17.40
N ALA A 404 -29.34 37.39 18.51
CA ALA A 404 -29.38 38.85 18.69
C ALA A 404 -27.98 39.43 18.87
N GLY A 405 -27.12 38.72 19.59
CA GLY A 405 -25.71 39.10 19.81
C GLY A 405 -24.90 39.10 18.53
N ALA A 406 -25.18 38.14 17.65
CA ALA A 406 -24.55 38.03 16.34
C ALA A 406 -25.03 39.11 15.37
N THR A 407 -26.30 39.50 15.51
CA THR A 407 -26.89 40.58 14.70
C THR A 407 -26.35 41.94 15.14
N ALA A 408 -26.21 42.12 16.46
CA ALA A 408 -25.71 43.36 17.05
C ALA A 408 -24.30 43.73 16.59
N ASN A 409 -23.42 42.74 16.51
CA ASN A 409 -22.04 42.93 16.05
C ASN A 409 -21.96 43.15 14.54
N ARG A 410 -22.86 42.52 13.79
CA ARG A 410 -22.92 42.63 12.34
C ARG A 410 -23.44 43.99 11.88
N VAL A 411 -24.47 44.49 12.55
CA VAL A 411 -25.05 45.81 12.29
C VAL A 411 -24.07 46.93 12.64
N ALA A 412 -23.36 46.76 13.77
CA ALA A 412 -22.35 47.71 14.22
C ALA A 412 -21.20 47.89 13.23
N LEU A 413 -20.72 46.77 12.67
CA LEU A 413 -19.64 46.78 11.69
C LEU A 413 -20.07 47.35 10.34
N GLU A 414 -21.27 46.98 9.89
CA GLU A 414 -21.84 47.47 8.63
C GLU A 414 -22.11 48.96 8.62
N ALA A 415 -22.48 49.51 9.79
CA ALA A 415 -22.71 50.95 9.97
C ALA A 415 -21.41 51.75 9.92
N MET A 416 -20.32 51.15 10.44
CA MET A 416 -19.01 51.81 10.48
C MET A 416 -18.33 51.88 9.11
N VAL A 417 -18.41 50.78 8.35
CA VAL A 417 -17.84 50.68 7.01
C VAL A 417 -18.55 51.65 6.05
N LEU A 418 -19.88 51.74 6.19
CA LEU A 418 -20.69 52.68 5.40
C LEU A 418 -20.38 54.14 5.69
N ALA A 419 -20.13 54.44 6.97
CA ALA A 419 -19.77 55.80 7.41
C ALA A 419 -18.35 56.20 7.00
N ARG A 420 -17.44 55.24 7.02
CA ARG A 420 -16.02 55.45 6.65
C ARG A 420 -15.87 55.78 5.16
N ASN A 421 -16.59 55.05 4.32
CA ASN A 421 -16.51 55.21 2.86
C ASN A 421 -17.19 56.48 2.34
N GLU A 422 -18.20 56.97 3.08
CA GLU A 422 -18.91 58.20 2.74
C GLU A 422 -18.07 59.46 2.99
N GLY A 423 -17.20 59.40 3.99
CA GLY A 423 -16.29 60.50 4.30
C GLY A 423 -16.37 61.03 5.72
N ARG A 424 -17.06 60.29 6.59
CA ARG A 424 -17.17 60.64 8.01
C ARG A 424 -16.00 60.08 8.80
N ASN A 425 -15.47 60.89 9.72
CA ASN A 425 -14.35 60.50 10.57
C ASN A 425 -14.80 59.51 11.64
N ILE A 426 -14.27 58.29 11.56
CA ILE A 426 -14.69 57.17 12.42
C ILE A 426 -14.03 57.17 13.82
N ASP A 427 -13.03 58.04 14.00
CA ASP A 427 -12.32 58.17 15.27
C ASP A 427 -13.06 59.07 16.27
N VAL A 428 -13.66 60.15 15.77
CA VAL A 428 -14.37 61.13 16.61
C VAL A 428 -15.88 60.83 16.64
N GLU A 429 -16.49 60.73 15.46
CA GLU A 429 -17.94 60.49 15.32
C GLU A 429 -18.36 59.04 15.61
N GLY A 430 -17.37 58.14 15.72
CA GLY A 430 -17.56 56.71 16.00
C GLY A 430 -18.66 56.30 16.98
N PRO A 431 -18.62 56.82 18.23
CA PRO A 431 -19.70 56.55 19.20
C PRO A 431 -21.10 57.03 18.79
N GLU A 432 -21.16 58.15 18.06
CA GLU A 432 -22.43 58.74 17.60
C GLU A 432 -23.09 57.92 16.49
N ILE A 433 -22.27 57.32 15.62
CA ILE A 433 -22.72 56.45 14.52
C ILE A 433 -23.40 55.19 15.06
N LEU A 434 -22.80 54.60 16.11
CA LEU A 434 -23.34 53.41 16.77
C LEU A 434 -24.65 53.69 17.52
N ARG A 435 -24.77 54.89 18.08
CA ARG A 435 -25.98 55.35 18.77
C ARG A 435 -27.14 55.60 17.79
N ALA A 436 -26.79 56.15 16.62
CA ALA A 436 -27.76 56.44 15.56
C ALA A 436 -28.32 55.19 14.89
N ALA A 437 -27.49 54.13 14.84
CA ALA A 437 -27.89 52.82 14.32
C ALA A 437 -28.76 52.04 15.31
N ALA A 438 -28.66 52.38 16.59
CA ALA A 438 -29.42 51.74 17.66
C ALA A 438 -30.92 52.13 17.69
N LYS A 439 -31.28 53.19 16.97
CA LYS A 439 -32.67 53.65 16.85
C LYS A 439 -33.57 52.64 16.13
N TRP A 440 -33.04 52.01 15.08
CA TRP A 440 -33.78 51.01 14.30
C TRP A 440 -33.39 49.57 14.65
N CYS A 441 -32.17 49.38 15.15
CA CYS A 441 -31.68 48.07 15.57
C CYS A 441 -31.74 47.93 17.09
N LYS A 442 -32.65 47.07 17.55
CA LYS A 442 -32.88 46.82 18.99
C LYS A 442 -31.83 45.94 19.69
N PRO A 443 -31.29 44.88 19.02
CA PRO A 443 -30.22 44.10 19.66
C PRO A 443 -28.91 44.85 19.90
N LEU A 444 -28.64 45.86 19.07
CA LEU A 444 -27.44 46.71 19.20
C LEU A 444 -27.53 47.63 20.42
N GLU A 445 -28.73 48.14 20.70
CA GLU A 445 -29.00 49.03 21.84
C GLU A 445 -28.77 48.32 23.18
N ALA A 446 -29.18 47.04 23.25
CA ALA A 446 -29.00 46.21 24.44
C ALA A 446 -27.53 45.83 24.68
N ALA A 447 -26.78 45.69 23.59
CA ALA A 447 -25.35 45.35 23.64
C ALA A 447 -24.49 46.53 24.12
N LEU A 448 -24.89 47.75 23.78
CA LEU A 448 -24.17 48.96 24.18
C LEU A 448 -24.39 49.33 25.65
N ASP A 449 -25.56 48.99 26.19
CA ASP A 449 -25.88 49.24 27.60
C ASP A 449 -25.16 48.28 28.54
N THR A 450 -24.91 47.05 28.07
CA THR A 450 -24.24 46.01 28.84
C THR A 450 -22.73 46.28 28.97
N TRP A 451 -22.09 46.62 27.85
CA TRP A 451 -20.65 46.87 27.81
C TRP A 451 -20.37 48.28 27.27
N GLY A 452 -20.67 49.28 28.10
CA GLY A 452 -20.47 50.68 27.74
C GLY A 452 -19.28 51.28 28.45
N ASN A 453 -19.17 51.01 29.75
CA ASN A 453 -18.08 51.53 30.56
C ASN A 453 -16.98 50.49 30.75
N ILE A 454 -17.26 49.26 30.30
CA ILE A 454 -16.30 48.16 30.44
C ILE A 454 -15.17 48.29 29.44
N THR A 455 -14.01 48.72 29.91
CA THR A 455 -12.83 48.87 29.06
C THR A 455 -11.57 48.36 29.76
N PHE A 456 -10.78 47.58 29.05
CA PHE A 456 -9.54 47.04 29.60
C PHE A 456 -8.36 47.95 29.32
N ASN A 457 -7.97 48.73 30.32
CA ASN A 457 -6.85 49.66 30.17
C ASN A 457 -5.76 49.37 31.19
N TYR A 458 -4.58 49.00 30.70
CA TYR A 458 -3.44 48.72 31.56
C TYR A 458 -2.14 49.11 30.87
N THR A 459 -1.08 49.27 31.65
CA THR A 459 0.22 49.64 31.11
C THR A 459 0.82 48.50 30.29
N SER A 460 1.12 48.79 29.03
CA SER A 460 1.70 47.79 28.13
C SER A 460 3.14 47.47 28.52
N THR A 461 3.48 46.19 28.48
CA THR A 461 4.84 45.75 28.82
C THR A 461 5.75 45.80 27.59
N ASP A 462 5.24 45.30 26.47
CA ASP A 462 5.99 45.33 25.22
C ASP A 462 5.76 46.65 24.50
N THR A 463 6.63 47.62 24.77
CA THR A 463 6.49 48.96 24.20
C THR A 463 7.66 49.34 23.31
N SER A 464 7.50 50.42 22.56
CA SER A 464 8.55 50.92 21.69
C SER A 464 9.60 51.70 22.49
N ASP A 465 10.78 51.87 21.89
CA ASP A 465 11.87 52.57 22.56
C ASP A 465 12.19 53.88 21.86
N PHE A 466 11.44 54.20 20.81
CA PHE A 466 11.65 55.41 20.05
C PHE A 466 10.39 56.27 20.01
N VAL A 467 9.90 56.63 21.20
CA VAL A 467 8.70 57.45 21.31
C VAL A 467 8.92 58.63 22.26
N MET B 1 -37.26 34.94 4.77
CA MET B 1 -36.03 34.56 4.00
C MET B 1 -35.44 35.77 3.28
N ARG B 2 -34.16 36.01 3.53
CA ARG B 2 -33.40 37.08 2.87
C ARG B 2 -31.94 36.66 2.71
N ILE B 3 -31.47 36.68 1.46
CA ILE B 3 -30.10 36.26 1.12
C ILE B 3 -29.12 37.39 1.46
N THR B 4 -28.21 37.09 2.38
CA THR B 4 -27.27 38.08 2.92
C THR B 4 -25.88 38.03 2.24
N GLN B 5 -25.85 37.60 0.99
CA GLN B 5 -24.62 37.48 0.21
C GLN B 5 -24.07 38.88 -0.15
N GLY B 6 -22.95 39.25 0.46
CA GLY B 6 -22.31 40.54 0.21
C GLY B 6 -22.38 41.51 1.38
N CYS B 7 -21.79 42.68 1.18
CA CYS B 7 -21.74 43.74 2.19
C CYS B 7 -23.04 44.55 2.23
N PHE B 8 -23.26 45.24 3.36
CA PHE B 8 -24.46 46.07 3.62
C PHE B 8 -25.81 45.33 3.47
N SER B 9 -25.81 44.04 3.82
CA SER B 9 -27.00 43.20 3.70
C SER B 9 -27.96 43.38 4.88
N PHE B 10 -27.41 43.47 6.09
CA PHE B 10 -28.21 43.64 7.31
C PHE B 10 -28.77 45.05 7.47
N LEU B 11 -28.11 46.02 6.84
CA LEU B 11 -28.60 47.39 6.73
C LEU B 11 -29.80 47.45 5.77
N PRO B 12 -30.71 48.44 5.94
CA PRO B 12 -31.82 48.65 4.99
C PRO B 12 -31.32 48.98 3.57
N ASP B 13 -32.18 48.73 2.57
CA ASP B 13 -31.86 48.89 1.15
C ASP B 13 -31.31 50.28 0.82
N LEU B 14 -30.17 50.30 0.14
CA LEU B 14 -29.42 51.52 -0.14
C LEU B 14 -30.10 52.38 -1.22
N THR B 15 -30.28 53.66 -0.89
CA THR B 15 -30.81 54.65 -1.82
C THR B 15 -29.73 55.10 -2.80
N ASP B 16 -30.17 55.67 -3.93
CA ASP B 16 -29.29 56.13 -5.02
C ASP B 16 -28.22 57.15 -4.58
N GLU B 17 -28.56 57.94 -3.55
CA GLU B 17 -27.63 58.90 -2.94
C GLU B 17 -26.51 58.19 -2.17
N GLN B 18 -26.86 57.09 -1.51
CA GLN B 18 -25.91 56.28 -0.74
C GLN B 18 -24.99 55.43 -1.64
N ILE B 19 -25.56 54.91 -2.73
CA ILE B 19 -24.82 54.12 -3.74
C ILE B 19 -23.77 55.00 -4.43
N SER B 20 -24.16 56.22 -4.80
CA SER B 20 -23.27 57.21 -5.42
C SER B 20 -22.07 57.58 -4.53
N ALA B 21 -22.30 57.59 -3.22
CA ALA B 21 -21.25 57.84 -2.23
C ALA B 21 -20.27 56.68 -2.08
N GLN B 22 -20.79 55.46 -2.22
CA GLN B 22 -19.98 54.24 -2.11
C GLN B 22 -19.10 53.99 -3.34
N VAL B 23 -19.61 54.34 -4.52
CA VAL B 23 -18.88 54.26 -5.78
C VAL B 23 -17.76 55.32 -5.80
N ASP B 24 -18.05 56.50 -5.26
CA ASP B 24 -17.09 57.60 -5.14
C ASP B 24 -15.84 57.22 -4.34
N TYR B 25 -16.02 56.36 -3.33
CA TYR B 25 -14.92 55.79 -2.56
C TYR B 25 -14.08 54.82 -3.40
N CYS B 26 -14.75 54.02 -4.22
CA CYS B 26 -14.10 53.02 -5.08
C CYS B 26 -13.28 53.65 -6.20
N LEU B 27 -13.82 54.71 -6.80
CA LEU B 27 -13.15 55.45 -7.87
C LEU B 27 -12.01 56.33 -7.35
N GLY B 28 -12.13 56.78 -6.10
CA GLY B 28 -11.11 57.57 -5.42
C GLY B 28 -9.83 56.81 -5.14
N ARG B 29 -9.98 55.55 -4.74
CA ARG B 29 -8.85 54.65 -4.47
C ARG B 29 -8.28 54.03 -5.75
N GLY B 30 -9.06 54.08 -6.83
CA GLY B 30 -8.64 53.61 -8.15
C GLY B 30 -9.02 52.16 -8.42
N TRP B 31 -10.32 51.89 -8.33
CA TRP B 31 -10.86 50.56 -8.61
C TRP B 31 -11.82 50.58 -9.78
N ALA B 32 -11.84 49.48 -10.55
CA ALA B 32 -12.73 49.32 -11.68
C ALA B 32 -14.10 48.83 -11.23
N VAL B 33 -15.14 49.59 -11.55
CA VAL B 33 -16.51 49.30 -11.12
C VAL B 33 -17.25 48.51 -12.20
N SER B 34 -17.81 47.36 -11.79
CA SER B 34 -18.54 46.47 -12.69
C SER B 34 -19.89 46.05 -12.12
N LEU B 35 -20.88 45.94 -13.01
CA LEU B 35 -22.23 45.49 -12.65
C LEU B 35 -22.44 44.03 -13.06
N GLU B 36 -23.03 43.26 -12.15
CA GLU B 36 -23.30 41.84 -12.37
C GLU B 36 -24.71 41.49 -11.92
N HIS B 37 -25.36 40.59 -12.65
CA HIS B 37 -26.73 40.16 -12.33
C HIS B 37 -26.94 38.66 -12.49
N THR B 38 -27.85 38.10 -11.69
CA THR B 38 -28.26 36.69 -11.79
C THR B 38 -29.66 36.43 -11.22
N ASP B 39 -30.27 35.33 -11.66
CA ASP B 39 -31.52 34.82 -11.08
C ASP B 39 -31.26 33.63 -10.15
N ASP B 40 -30.02 33.14 -10.15
CA ASP B 40 -29.58 32.03 -9.31
C ASP B 40 -28.57 32.52 -8.25
N PRO B 41 -29.06 32.87 -7.04
CA PRO B 41 -28.24 33.45 -5.98
C PRO B 41 -27.70 32.41 -5.00
N HIS B 42 -27.15 31.32 -5.53
CA HIS B 42 -26.57 30.22 -4.75
C HIS B 42 -25.32 30.70 -3.99
N PRO B 43 -25.11 30.18 -2.76
CA PRO B 43 -23.81 30.39 -2.09
C PRO B 43 -22.69 29.72 -2.89
N ARG B 44 -21.50 30.30 -2.85
CA ARG B 44 -20.31 29.84 -3.61
C ARG B 44 -20.48 29.74 -5.15
N ASN B 45 -21.60 30.28 -5.67
CA ASN B 45 -21.77 30.49 -7.10
C ASN B 45 -20.96 31.72 -7.50
N THR B 46 -19.92 31.48 -8.30
CA THR B 46 -18.87 32.47 -8.54
C THR B 46 -19.25 33.50 -9.60
N TYR B 47 -19.74 33.04 -10.75
CA TYR B 47 -19.88 33.89 -11.93
C TYR B 47 -21.31 34.32 -12.24
N TRP B 48 -21.54 35.62 -12.11
CA TRP B 48 -22.82 36.25 -12.45
C TRP B 48 -22.70 36.88 -13.84
N GLU B 49 -23.85 37.11 -14.48
CA GLU B 49 -23.89 37.73 -15.82
C GLU B 49 -23.46 39.19 -15.78
N MET B 50 -22.35 39.49 -16.44
CA MET B 50 -21.79 40.84 -16.50
C MET B 50 -22.60 41.76 -17.42
N TRP B 51 -22.91 42.95 -16.89
CA TRP B 51 -23.56 44.00 -17.67
C TRP B 51 -22.49 44.85 -18.35
N GLY B 52 -22.10 44.42 -19.56
CA GLY B 52 -21.05 45.07 -20.32
C GLY B 52 -19.65 44.86 -19.74
N MET B 53 -18.76 45.80 -20.04
CA MET B 53 -17.38 45.78 -19.57
C MET B 53 -17.19 46.65 -18.32
N PRO B 54 -16.26 46.27 -17.41
CA PRO B 54 -15.96 47.07 -16.22
C PRO B 54 -15.43 48.47 -16.56
N MET B 55 -15.85 49.47 -15.77
CA MET B 55 -15.45 50.85 -15.98
C MET B 55 -14.10 51.12 -15.31
N PHE B 56 -13.04 51.02 -16.11
CA PHE B 56 -11.66 51.17 -15.63
C PHE B 56 -11.26 52.61 -15.38
N ASP B 57 -11.30 53.43 -16.44
CA ASP B 57 -10.91 54.83 -16.37
C ASP B 57 -12.14 55.74 -16.46
N LEU B 58 -12.84 55.84 -15.34
CA LEU B 58 -14.00 56.72 -15.20
C LEU B 58 -13.90 57.47 -13.86
N ARG B 59 -13.77 58.79 -13.96
CA ARG B 59 -13.57 59.66 -12.78
C ARG B 59 -14.85 60.41 -12.39
N ASP B 60 -16.00 59.78 -12.66
CA ASP B 60 -17.31 60.36 -12.37
C ASP B 60 -18.24 59.27 -11.81
N PRO B 61 -18.77 59.48 -10.57
CA PRO B 61 -19.69 58.52 -9.95
C PRO B 61 -21.08 58.48 -10.61
N LYS B 62 -21.44 59.57 -11.30
CA LYS B 62 -22.73 59.69 -12.00
C LYS B 62 -22.83 58.78 -13.22
N GLY B 63 -21.68 58.53 -13.87
CA GLY B 63 -21.59 57.66 -15.06
C GLY B 63 -21.92 56.20 -14.80
N VAL B 64 -21.60 55.74 -13.60
CA VAL B 64 -21.93 54.38 -13.13
C VAL B 64 -23.44 54.25 -12.90
N MET B 65 -24.04 55.30 -12.33
CA MET B 65 -25.46 55.33 -11.97
C MET B 65 -26.42 55.24 -13.16
N ILE B 66 -25.98 55.74 -14.32
CA ILE B 66 -26.74 55.66 -15.58
C ILE B 66 -26.82 54.19 -16.05
N GLU B 67 -25.69 53.50 -15.98
CA GLU B 67 -25.59 52.07 -16.33
C GLU B 67 -26.35 51.16 -15.35
N LEU B 68 -26.44 51.61 -14.09
CA LEU B 68 -27.20 50.91 -13.05
C LEU B 68 -28.71 50.96 -13.31
N ASP B 69 -29.20 52.15 -13.70
CA ASP B 69 -30.62 52.36 -14.03
C ASP B 69 -31.03 51.66 -15.33
N GLU B 70 -30.07 51.53 -16.25
CA GLU B 70 -30.26 50.82 -17.51
C GLU B 70 -30.39 49.30 -17.28
N CYS B 71 -29.61 48.79 -16.32
CA CYS B 71 -29.63 47.37 -15.95
C CYS B 71 -30.91 46.98 -15.20
N ARG B 72 -31.45 47.91 -14.42
CA ARG B 72 -32.70 47.73 -13.68
C ARG B 72 -33.92 47.62 -14.60
N LYS B 73 -33.90 48.38 -15.69
CA LYS B 73 -34.97 48.37 -16.71
C LYS B 73 -34.96 47.08 -17.52
N ALA B 74 -33.78 46.56 -17.81
CA ALA B 74 -33.60 45.32 -18.57
C ALA B 74 -33.91 44.08 -17.72
N TRP B 75 -33.44 44.10 -16.47
CA TRP B 75 -33.63 42.98 -15.54
C TRP B 75 -34.26 43.47 -14.22
N PRO B 76 -35.61 43.45 -14.15
CA PRO B 76 -36.29 43.91 -12.92
C PRO B 76 -36.22 42.90 -11.77
N GLY B 77 -36.45 41.61 -12.08
CA GLY B 77 -36.47 40.56 -11.07
C GLY B 77 -35.17 39.77 -10.98
N ARG B 78 -34.07 40.50 -10.80
CA ARG B 78 -32.73 39.90 -10.70
C ARG B 78 -31.89 40.57 -9.63
N TYR B 79 -30.89 39.85 -9.13
CA TYR B 79 -29.94 40.38 -8.16
C TYR B 79 -28.82 41.14 -8.86
N ILE B 80 -28.86 42.47 -8.74
CA ILE B 80 -27.80 43.32 -9.31
C ILE B 80 -26.81 43.70 -8.20
N ARG B 81 -25.53 43.48 -8.48
CA ARG B 81 -24.45 43.85 -7.55
C ARG B 81 -23.34 44.69 -8.21
N ILE B 82 -22.64 45.46 -7.39
CA ILE B 82 -21.51 46.27 -7.82
C ILE B 82 -20.21 45.64 -7.32
N ASN B 83 -19.29 45.39 -8.25
CA ASN B 83 -17.98 44.82 -7.92
C ASN B 83 -16.86 45.80 -8.26
N ALA B 84 -16.12 46.20 -7.23
CA ALA B 84 -14.95 47.07 -7.38
C ALA B 84 -13.68 46.21 -7.48
N PHE B 85 -12.95 46.38 -8.57
CA PHE B 85 -11.78 45.56 -8.86
C PHE B 85 -10.47 46.32 -8.68
N ASP B 86 -9.60 45.77 -7.84
CA ASP B 86 -8.28 46.35 -7.58
C ASP B 86 -7.25 45.80 -8.56
N SER B 87 -6.40 46.69 -9.08
CA SER B 87 -5.38 46.33 -10.06
C SER B 87 -3.99 46.79 -9.63
N THR B 88 -3.52 46.20 -8.53
CA THR B 88 -2.19 46.51 -7.96
C THR B 88 -1.25 45.31 -8.16
N ARG B 89 -0.06 45.37 -7.57
CA ARG B 89 0.99 44.35 -7.71
C ARG B 89 0.62 43.02 -7.04
N GLY B 90 0.02 43.10 -5.85
CA GLY B 90 -0.27 41.92 -5.03
C GLY B 90 -1.71 41.47 -4.99
N PHE B 91 -2.64 42.42 -5.07
CA PHE B 91 -4.08 42.15 -4.95
C PHE B 91 -4.68 41.46 -6.18
N GLU B 92 -4.88 42.23 -7.26
CA GLU B 92 -5.46 41.76 -8.53
C GLU B 92 -6.82 41.06 -8.38
N THR B 93 -7.63 41.55 -7.45
CA THR B 93 -8.91 40.92 -7.08
C THR B 93 -10.00 41.95 -6.75
N VAL B 94 -11.21 41.44 -6.50
CA VAL B 94 -12.35 42.25 -6.08
C VAL B 94 -12.14 42.73 -4.63
N THR B 95 -12.49 43.99 -4.39
CA THR B 95 -12.36 44.61 -3.07
C THR B 95 -13.70 44.87 -2.38
N MET B 96 -14.69 45.34 -3.15
CA MET B 96 -16.03 45.62 -2.65
C MET B 96 -17.11 44.91 -3.44
N SER B 97 -18.10 44.38 -2.73
CA SER B 97 -19.25 43.70 -3.33
C SER B 97 -20.50 43.91 -2.48
N PHE B 98 -21.53 44.51 -3.09
CA PHE B 98 -22.80 44.76 -2.42
C PHE B 98 -24.00 44.74 -3.38
N ILE B 99 -25.06 44.06 -2.97
CA ILE B 99 -26.30 43.98 -3.75
C ILE B 99 -27.04 45.31 -3.65
N VAL B 100 -27.33 45.90 -4.82
CA VAL B 100 -28.08 47.16 -4.92
C VAL B 100 -29.54 46.96 -5.30
N ASN B 101 -29.83 45.90 -6.04
CA ASN B 101 -31.19 45.56 -6.42
C ASN B 101 -31.47 44.07 -6.23
N ARG B 102 -32.47 43.79 -5.38
CA ARG B 102 -32.95 42.42 -5.16
C ARG B 102 -34.45 42.31 -5.49
N PRO B 103 -34.90 41.14 -6.00
CA PRO B 103 -36.28 40.94 -6.46
C PRO B 103 -37.36 41.14 -5.38
N GLU B 104 -38.62 41.22 -5.83
CA GLU B 104 -39.80 41.44 -4.97
C GLU B 104 -39.91 40.45 -3.82
N VAL B 105 -39.66 39.17 -4.11
CA VAL B 105 -39.63 38.12 -3.09
C VAL B 105 -38.40 37.21 -3.25
N GLU B 106 -37.65 37.05 -2.15
CA GLU B 106 -36.42 36.27 -2.13
C GLU B 106 -36.72 34.77 -2.11
N PRO B 107 -36.05 33.99 -2.99
CA PRO B 107 -36.25 32.53 -3.01
C PRO B 107 -35.53 31.82 -1.87
N SER B 108 -36.17 30.79 -1.33
CA SER B 108 -35.62 29.96 -0.25
C SER B 108 -34.74 28.82 -0.80
N LEU B 109 -33.96 28.21 0.08
CA LEU B 109 -33.09 27.10 -0.29
C LEU B 109 -33.53 25.78 0.37
N ARG B 110 -33.70 24.77 -0.46
CA ARG B 110 -34.02 23.41 0.00
C ARG B 110 -32.75 22.59 0.11
N MET B 111 -32.60 21.90 1.25
CA MET B 111 -31.43 21.07 1.52
C MET B 111 -31.75 19.59 1.44
N GLU B 112 -31.09 18.90 0.52
CA GLU B 112 -31.24 17.46 0.32
C GLU B 112 -30.08 16.71 0.97
N ARG B 113 -30.43 15.70 1.78
CA ARG B 113 -29.45 14.95 2.56
C ARG B 113 -29.24 13.54 1.99
N THR B 114 -28.05 13.33 1.42
CA THR B 114 -27.67 12.04 0.86
C THR B 114 -26.80 11.28 1.88
N GLU B 115 -27.27 10.11 2.28
CA GLU B 115 -26.58 9.28 3.27
C GLU B 115 -25.51 8.42 2.60
N VAL B 116 -24.25 8.64 3.03
CA VAL B 116 -23.09 7.93 2.48
C VAL B 116 -22.53 6.95 3.54
N ASP B 117 -21.20 6.82 3.61
CA ASP B 117 -20.53 5.89 4.52
C ASP B 117 -20.55 6.39 5.95
N GLY B 118 -20.94 5.49 6.87
CA GLY B 118 -21.04 5.80 8.30
C GLY B 118 -22.21 6.70 8.60
N ARG B 119 -21.92 7.86 9.19
CA ARG B 119 -22.93 8.86 9.54
C ARG B 119 -22.76 10.16 8.74
N SER B 120 -21.86 10.12 7.74
CA SER B 120 -21.56 11.28 6.90
C SER B 120 -22.67 11.58 5.91
N ILE B 121 -22.95 12.87 5.71
CA ILE B 121 -24.03 13.34 4.84
C ILE B 121 -23.47 14.31 3.79
N ARG B 122 -23.79 14.04 2.51
CA ARG B 122 -23.55 15.01 1.43
C ARG B 122 -24.75 15.93 1.32
N TYR B 123 -24.49 17.23 1.39
CA TYR B 123 -25.53 18.25 1.35
C TYR B 123 -25.62 18.90 -0.02
N THR B 124 -26.86 19.14 -0.46
CA THR B 124 -27.14 19.77 -1.75
C THR B 124 -28.13 20.91 -1.55
N HIS B 125 -27.65 22.14 -1.79
CA HIS B 125 -28.47 23.35 -1.69
C HIS B 125 -29.05 23.69 -3.06
N SER B 126 -30.37 23.82 -3.11
CA SER B 126 -31.09 24.12 -4.34
C SER B 126 -32.11 25.25 -4.17
N ILE B 127 -32.17 26.13 -5.17
CA ILE B 127 -33.06 27.29 -5.17
C ILE B 127 -34.44 26.89 -5.71
N VAL B 128 -35.48 27.27 -4.98
CA VAL B 128 -36.88 26.97 -5.34
C VAL B 128 -37.37 27.67 -6.62
N ARG B 129 -36.79 28.85 -6.90
CA ARG B 129 -37.14 29.65 -8.07
C ARG B 129 -36.24 29.28 -9.26
N ARG C 1 40.11 -7.78 -42.34
CA ARG C 1 39.27 -6.59 -42.00
C ARG C 1 39.03 -6.47 -40.48
N TYR C 2 39.69 -7.33 -39.70
CA TYR C 2 39.57 -7.33 -38.24
C TYR C 2 40.88 -7.06 -37.49
N LYS C 3 41.93 -6.74 -38.24
CA LYS C 3 43.22 -6.31 -37.68
C LYS C 3 43.12 -4.89 -37.12
N ALA C 4 43.97 -4.59 -36.14
CA ALA C 4 43.98 -3.29 -35.46
C ALA C 4 44.41 -2.15 -36.39
N GLY C 5 43.59 -1.10 -36.43
CA GLY C 5 43.82 0.06 -37.29
C GLY C 5 42.55 0.80 -37.66
N VAL C 6 42.72 2.01 -38.19
CA VAL C 6 41.60 2.87 -38.58
C VAL C 6 41.28 2.65 -40.07
N LEU C 7 40.04 2.22 -40.32
CA LEU C 7 39.53 2.00 -41.68
C LEU C 7 38.29 2.86 -41.96
N LYS C 8 38.11 3.21 -43.23
CA LYS C 8 36.95 4.00 -43.69
C LYS C 8 35.66 3.20 -43.59
N TYR C 9 34.55 3.91 -43.35
CA TYR C 9 33.23 3.30 -43.15
C TYR C 9 32.68 2.57 -44.38
N ALA C 10 33.03 3.05 -45.56
CA ALA C 10 32.67 2.40 -46.83
C ALA C 10 33.43 1.08 -47.03
N GLN C 11 34.69 1.06 -46.59
CA GLN C 11 35.54 -0.14 -46.66
C GLN C 11 35.18 -1.15 -45.58
N MET C 12 34.68 -0.66 -44.45
CA MET C 12 34.32 -1.49 -43.29
C MET C 12 33.07 -2.33 -43.52
N GLY C 13 32.19 -1.86 -44.40
CA GLY C 13 30.99 -2.59 -44.81
C GLY C 13 29.69 -1.98 -44.33
N TYR C 14 29.45 -0.74 -44.76
CA TYR C 14 28.24 0.01 -44.40
C TYR C 14 27.51 0.56 -45.63
N TRP C 15 28.25 0.70 -46.73
CA TRP C 15 27.70 1.11 -48.02
C TRP C 15 27.51 -0.10 -48.93
N ASP C 16 26.30 -0.24 -49.46
CA ASP C 16 25.97 -1.30 -50.42
C ASP C 16 24.90 -0.81 -51.39
N GLY C 17 25.33 -0.52 -52.62
CA GLY C 17 24.45 0.00 -53.66
C GLY C 17 23.43 -0.98 -54.20
N ASP C 18 23.76 -2.27 -54.15
CA ASP C 18 22.91 -3.35 -54.65
C ASP C 18 21.90 -3.87 -53.62
N TYR C 19 21.96 -3.33 -52.40
CA TYR C 19 21.07 -3.71 -51.30
C TYR C 19 19.64 -3.25 -51.54
N VAL C 20 18.71 -4.19 -51.38
CA VAL C 20 17.27 -3.91 -51.44
C VAL C 20 16.69 -4.12 -50.05
N PRO C 21 16.06 -3.08 -49.46
CA PRO C 21 15.51 -3.18 -48.10
C PRO C 21 14.30 -4.11 -47.99
N LYS C 22 14.25 -4.86 -46.90
CA LYS C 22 13.15 -5.78 -46.61
C LYS C 22 11.94 -5.03 -46.05
N ASP C 23 10.80 -5.73 -45.97
CA ASP C 23 9.56 -5.17 -45.42
C ASP C 23 9.65 -4.87 -43.92
N THR C 24 10.50 -5.62 -43.22
CA THR C 24 10.76 -5.41 -41.79
C THR C 24 12.09 -4.68 -41.58
N ASP C 25 12.13 -3.44 -42.07
CA ASP C 25 13.29 -2.56 -41.91
C ASP C 25 12.89 -1.11 -41.72
N VAL C 26 13.46 -0.48 -40.69
CA VAL C 26 13.24 0.93 -40.40
C VAL C 26 14.11 1.76 -41.36
N LEU C 27 13.44 2.54 -42.21
CA LEU C 27 14.13 3.38 -43.19
C LEU C 27 14.15 4.84 -42.75
N ALA C 28 15.28 5.50 -43.00
CA ALA C 28 15.46 6.90 -42.63
C ALA C 28 16.15 7.68 -43.74
N LEU C 29 15.64 8.88 -44.01
CA LEU C 29 16.27 9.82 -44.92
C LEU C 29 17.12 10.86 -44.21
N PHE C 30 18.24 11.20 -44.82
CA PHE C 30 19.12 12.23 -44.31
C PHE C 30 19.53 13.20 -45.41
N ARG C 31 19.24 14.47 -45.19
CA ARG C 31 19.67 15.55 -46.06
C ARG C 31 21.05 16.02 -45.57
N ILE C 32 22.09 15.43 -46.17
CA ILE C 32 23.47 15.63 -45.72
C ILE C 32 24.21 16.64 -46.58
N THR C 33 24.77 17.65 -45.91
CA THR C 33 25.72 18.59 -46.51
C THR C 33 27.12 18.20 -46.00
N PRO C 34 27.95 17.58 -46.87
CA PRO C 34 29.29 17.15 -46.45
C PRO C 34 30.31 18.28 -46.50
N GLN C 35 31.40 18.13 -45.75
CA GLN C 35 32.52 19.09 -45.74
C GLN C 35 33.31 19.05 -47.05
N GLU C 36 34.09 20.10 -47.29
CA GLU C 36 34.91 20.22 -48.50
C GLU C 36 36.02 19.16 -48.53
N GLY C 37 35.85 18.18 -49.41
CA GLY C 37 36.77 17.04 -49.53
C GLY C 37 36.13 15.69 -49.21
N VAL C 38 35.13 15.71 -48.33
CA VAL C 38 34.41 14.50 -47.90
C VAL C 38 33.46 14.04 -49.01
N ASP C 39 33.61 12.78 -49.41
CA ASP C 39 32.78 12.14 -50.43
C ASP C 39 31.38 11.82 -49.87
N PRO C 40 30.31 12.05 -50.68
CA PRO C 40 28.93 11.75 -50.27
C PRO C 40 28.66 10.29 -49.90
N VAL C 41 29.42 9.36 -50.51
CA VAL C 41 29.35 7.92 -50.18
C VAL C 41 29.92 7.67 -48.79
N GLU C 42 31.06 8.30 -48.50
CA GLU C 42 31.69 8.25 -47.17
C GLU C 42 30.85 8.96 -46.10
N ALA C 43 30.19 10.05 -46.51
CA ALA C 43 29.30 10.82 -45.64
C ALA C 43 28.05 10.02 -45.24
N ALA C 44 27.52 9.24 -46.18
CA ALA C 44 26.37 8.37 -45.94
C ALA C 44 26.72 7.21 -45.01
N ALA C 45 27.88 6.60 -45.25
CA ALA C 45 28.36 5.45 -44.47
C ALA C 45 28.73 5.82 -43.04
N ALA C 46 29.16 7.06 -42.83
CA ALA C 46 29.45 7.60 -41.50
C ALA C 46 28.17 7.76 -40.67
N VAL C 47 27.09 8.17 -41.33
CA VAL C 47 25.76 8.30 -40.73
C VAL C 47 25.19 6.90 -40.45
N ALA C 48 25.33 6.01 -41.44
CA ALA C 48 24.89 4.61 -41.32
C ALA C 48 25.67 3.84 -40.25
N GLY C 49 26.93 4.21 -40.05
CA GLY C 49 27.82 3.55 -39.09
C GLY C 49 27.46 3.80 -37.64
N GLU C 50 27.67 5.06 -37.20
CA GLU C 50 27.54 5.45 -35.79
C GLU C 50 26.11 5.30 -35.22
N SER C 51 25.11 5.39 -36.09
CA SER C 51 23.70 5.23 -35.69
C SER C 51 23.33 3.78 -35.31
N SER C 52 24.21 2.83 -35.64
CA SER C 52 23.98 1.42 -35.32
C SER C 52 25.11 0.78 -34.50
N THR C 53 26.10 0.18 -35.18
CA THR C 53 27.12 -0.65 -34.55
C THR C 53 28.53 -0.37 -35.09
N ALA C 54 29.01 0.86 -34.90
CA ALA C 54 30.34 1.25 -35.37
C ALA C 54 31.11 2.18 -34.44
N THR C 55 32.43 2.05 -34.50
CA THR C 55 33.37 2.96 -33.84
C THR C 55 34.52 3.28 -34.82
N TRP C 56 35.30 4.32 -34.49
CA TRP C 56 36.35 4.86 -35.36
C TRP C 56 37.49 3.90 -35.73
N THR C 57 37.75 2.93 -34.86
CA THR C 57 38.74 1.87 -35.11
C THR C 57 38.15 0.46 -34.97
N VAL C 58 38.78 -0.51 -35.63
CA VAL C 58 38.28 -1.89 -35.67
C VAL C 58 38.58 -2.64 -34.37
N VAL C 59 37.55 -3.30 -33.83
CA VAL C 59 37.66 -4.12 -32.62
C VAL C 59 37.52 -5.63 -32.94
N TRP C 60 38.18 -6.46 -32.13
CA TRP C 60 38.14 -7.92 -32.29
C TRP C 60 36.82 -8.53 -31.79
N THR C 61 36.12 -7.80 -30.93
CA THR C 61 34.83 -8.22 -30.37
C THR C 61 33.69 -8.27 -31.40
N ASP C 62 33.92 -7.65 -32.56
CA ASP C 62 33.00 -7.72 -33.71
C ASP C 62 32.86 -9.13 -34.27
N ARG C 63 33.89 -9.95 -34.12
CA ARG C 63 33.90 -11.34 -34.60
C ARG C 63 33.05 -12.28 -33.74
N LEU C 64 32.71 -11.84 -32.52
CA LEU C 64 31.85 -12.60 -31.61
C LEU C 64 30.39 -12.60 -32.08
N THR C 65 29.81 -11.42 -32.21
CA THR C 65 28.43 -11.25 -32.70
C THR C 65 28.38 -11.28 -34.23
N ALA C 66 27.23 -11.71 -34.78
CA ALA C 66 27.02 -11.75 -36.23
C ALA C 66 26.74 -10.36 -36.79
N CYS C 67 27.83 -9.63 -37.08
CA CYS C 67 27.79 -8.22 -37.50
C CYS C 67 27.01 -7.92 -38.77
N ASP C 68 26.94 -8.90 -39.68
CA ASP C 68 26.22 -8.76 -40.97
C ASP C 68 24.72 -8.44 -40.82
N SER C 69 24.15 -8.81 -39.69
CA SER C 69 22.73 -8.57 -39.38
C SER C 69 22.50 -7.25 -38.62
N TYR C 70 23.44 -6.91 -37.71
CA TYR C 70 23.30 -5.78 -36.81
C TYR C 70 23.66 -4.42 -37.42
N ARG C 71 24.54 -4.44 -38.43
CA ARG C 71 25.02 -3.22 -39.08
C ARG C 71 23.95 -2.57 -39.95
N ALA C 72 23.79 -1.26 -39.81
CA ALA C 72 22.91 -0.48 -40.68
C ALA C 72 23.56 -0.24 -42.03
N LYS C 73 22.74 -0.28 -43.08
CA LYS C 73 23.24 -0.23 -44.44
C LYS C 73 22.58 0.92 -45.21
N ALA C 74 23.42 1.82 -45.72
CA ALA C 74 22.99 2.87 -46.63
C ALA C 74 22.96 2.33 -48.05
N TYR C 75 21.79 2.39 -48.69
CA TYR C 75 21.59 1.70 -49.96
C TYR C 75 21.63 2.57 -51.23
N ARG C 76 21.11 3.79 -51.15
CA ARG C 76 21.26 4.75 -52.27
C ARG C 76 21.44 6.20 -51.84
N VAL C 77 22.26 6.92 -52.60
CA VAL C 77 22.53 8.34 -52.40
C VAL C 77 22.22 9.10 -53.69
N GLU C 78 21.30 10.05 -53.58
CA GLU C 78 20.92 10.91 -54.71
C GLU C 78 21.08 12.40 -54.37
N PRO C 79 21.59 13.20 -55.34
CA PRO C 79 21.73 14.66 -55.12
C PRO C 79 20.38 15.37 -55.09
N VAL C 80 20.26 16.34 -54.18
CA VAL C 80 19.04 17.14 -54.03
C VAL C 80 18.96 18.16 -55.17
N PRO C 81 17.83 18.17 -55.92
CA PRO C 81 17.62 19.16 -56.99
C PRO C 81 17.49 20.59 -56.47
N GLY C 82 18.19 21.53 -57.11
CA GLY C 82 18.21 22.93 -56.70
C GLY C 82 19.49 23.32 -56.00
N THR C 83 19.91 22.51 -55.03
CA THR C 83 21.14 22.74 -54.26
C THR C 83 22.35 22.04 -54.89
N PRO C 84 23.48 22.76 -55.06
CA PRO C 84 24.67 22.20 -55.69
C PRO C 84 25.44 21.19 -54.82
N GLY C 85 25.44 21.40 -53.51
CA GLY C 85 26.19 20.55 -52.57
C GLY C 85 25.37 20.01 -51.42
N GLN C 86 24.37 19.20 -51.76
CA GLN C 86 23.47 18.57 -50.78
C GLN C 86 22.95 17.24 -51.32
N TYR C 87 22.89 16.23 -50.45
CA TYR C 87 22.54 14.86 -50.86
C TYR C 87 21.49 14.21 -49.96
N PHE C 88 20.59 13.46 -50.59
CA PHE C 88 19.68 12.56 -49.87
C PHE C 88 20.37 11.22 -49.62
N CYS C 89 20.24 10.70 -48.40
CA CYS C 89 20.83 9.41 -48.04
C CYS C 89 19.83 8.50 -47.34
N TYR C 90 19.61 7.33 -47.93
CA TYR C 90 18.64 6.36 -47.44
C TYR C 90 19.36 5.28 -46.63
N VAL C 91 19.05 5.24 -45.33
CA VAL C 91 19.68 4.29 -44.40
C VAL C 91 18.64 3.28 -43.92
N ALA C 92 19.00 2.00 -43.97
CA ALA C 92 18.14 0.91 -43.50
C ALA C 92 18.62 0.34 -42.16
N TYR C 93 17.68 0.21 -41.22
CA TYR C 93 17.95 -0.34 -39.89
C TYR C 93 17.08 -1.57 -39.66
N ASP C 94 17.64 -2.57 -38.98
CA ASP C 94 16.91 -3.80 -38.65
C ASP C 94 16.21 -3.71 -37.28
N LEU C 95 15.08 -4.42 -37.16
CA LEU C 95 14.26 -4.43 -35.93
C LEU C 95 14.96 -4.96 -34.67
N ILE C 96 16.05 -5.69 -34.88
CA ILE C 96 16.88 -6.26 -33.79
C ILE C 96 17.54 -5.19 -32.90
N LEU C 97 17.63 -3.98 -33.43
CA LEU C 97 18.30 -2.85 -32.75
C LEU C 97 17.35 -2.02 -31.89
N PHE C 98 16.05 -2.17 -32.10
CA PHE C 98 15.05 -1.34 -31.43
C PHE C 98 14.24 -2.08 -30.37
N GLU C 99 13.99 -1.39 -29.25
CA GLU C 99 13.16 -1.89 -28.16
C GLU C 99 11.68 -1.75 -28.51
N GLU C 100 10.89 -2.75 -28.14
CA GLU C 100 9.46 -2.79 -28.38
C GLU C 100 8.70 -1.81 -27.49
N GLY C 101 8.07 -0.82 -28.11
CA GLY C 101 7.26 0.18 -27.41
C GLY C 101 8.05 1.22 -26.64
N SER C 102 9.02 1.83 -27.32
CA SER C 102 9.86 2.89 -26.73
C SER C 102 10.32 3.89 -27.79
N ILE C 103 9.91 5.15 -27.60
CA ILE C 103 10.32 6.25 -28.48
C ILE C 103 11.76 6.66 -28.16
N ALA C 104 12.09 6.67 -26.87
CA ALA C 104 13.42 7.05 -26.36
C ALA C 104 14.55 6.21 -26.93
N ASN C 105 14.30 4.91 -27.10
CA ASN C 105 15.28 3.97 -27.66
C ASN C 105 15.48 4.17 -29.17
N LEU C 106 14.39 4.51 -29.87
CA LEU C 106 14.40 4.78 -31.30
C LEU C 106 15.22 6.01 -31.66
N THR C 107 15.11 7.05 -30.83
CA THR C 107 15.84 8.30 -31.00
C THR C 107 17.31 8.20 -30.59
N ALA C 108 17.59 7.38 -29.57
CA ALA C 108 18.95 7.13 -29.10
C ALA C 108 19.82 6.42 -30.16
N SER C 109 19.17 5.63 -31.00
CA SER C 109 19.85 4.92 -32.09
C SER C 109 20.07 5.82 -33.29
N ILE C 110 18.98 6.30 -33.89
CA ILE C 110 19.01 7.01 -35.18
C ILE C 110 19.62 8.42 -35.08
N ILE C 111 19.05 9.27 -34.23
CA ILE C 111 19.51 10.66 -34.10
C ILE C 111 20.50 10.88 -32.94
N GLY C 112 21.17 9.80 -32.53
CA GLY C 112 22.07 9.78 -31.38
C GLY C 112 23.28 10.70 -31.47
N ASN C 113 24.28 10.28 -32.24
CA ASN C 113 25.56 11.00 -32.33
C ASN C 113 25.94 11.42 -33.75
N VAL C 114 25.06 11.14 -34.72
CA VAL C 114 25.33 11.40 -36.15
C VAL C 114 25.37 12.88 -36.54
N PHE C 115 24.66 13.72 -35.78
CA PHE C 115 24.58 15.16 -36.03
C PHE C 115 25.87 15.90 -35.70
N SER C 116 26.51 15.50 -34.61
CA SER C 116 27.70 16.18 -34.09
C SER C 116 29.02 15.76 -34.75
N PHE C 117 28.92 15.08 -35.91
CA PHE C 117 30.09 14.63 -36.67
C PHE C 117 30.83 15.77 -37.36
N LYS C 118 32.16 15.71 -37.29
CA LYS C 118 33.05 16.66 -37.96
C LYS C 118 33.07 16.60 -39.50
N PRO C 119 32.98 15.39 -40.12
CA PRO C 119 32.95 15.35 -41.59
C PRO C 119 31.68 15.88 -42.27
N LEU C 120 30.65 16.17 -41.47
CA LEU C 120 29.39 16.73 -41.98
C LEU C 120 29.21 18.18 -41.54
N LYS C 121 28.84 19.03 -42.49
CA LYS C 121 28.56 20.44 -42.22
C LYS C 121 27.18 20.61 -41.58
N ALA C 122 26.15 20.03 -42.21
CA ALA C 122 24.77 20.06 -41.71
C ALA C 122 23.99 18.85 -42.19
N ALA C 123 23.35 18.17 -41.25
CA ALA C 123 22.48 17.02 -41.55
C ALA C 123 21.06 17.26 -41.06
N ARG C 124 20.09 16.84 -41.86
CA ARG C 124 18.68 16.96 -41.50
C ARG C 124 17.90 15.67 -41.77
N LEU C 125 17.14 15.25 -40.77
CA LEU C 125 16.27 14.07 -40.89
C LEU C 125 14.95 14.50 -41.53
N GLU C 126 14.71 14.00 -42.74
CA GLU C 126 13.57 14.42 -43.56
C GLU C 126 12.32 13.59 -43.33
N ASP C 127 12.44 12.27 -43.45
CA ASP C 127 11.31 11.35 -43.30
C ASP C 127 11.78 9.97 -42.82
N MET C 128 10.86 9.25 -42.17
CA MET C 128 11.15 7.95 -41.60
C MET C 128 10.03 6.95 -41.90
N ARG C 129 10.41 5.76 -42.35
CA ARG C 129 9.47 4.66 -42.60
C ARG C 129 9.46 3.70 -41.42
N PHE C 130 8.25 3.41 -40.93
CA PHE C 130 8.06 2.38 -39.91
C PHE C 130 7.34 1.18 -40.51
N PRO C 131 7.90 -0.03 -40.33
CA PRO C 131 7.23 -1.27 -40.74
C PRO C 131 6.00 -1.59 -39.89
N VAL C 132 5.12 -2.43 -40.44
CA VAL C 132 3.89 -2.86 -39.76
C VAL C 132 4.21 -3.62 -38.46
N ALA C 133 5.34 -4.33 -38.47
CA ALA C 133 5.84 -5.07 -37.31
C ALA C 133 6.21 -4.17 -36.13
N TYR C 134 6.64 -2.95 -36.42
CA TYR C 134 7.09 -2.01 -35.40
C TYR C 134 5.97 -1.13 -34.84
N VAL C 135 4.99 -0.78 -35.67
CA VAL C 135 3.87 0.08 -35.23
C VAL C 135 2.89 -0.62 -34.28
N LYS C 136 2.80 -1.95 -34.40
CA LYS C 136 1.88 -2.76 -33.60
C LYS C 136 2.30 -2.91 -32.13
N THR C 137 3.59 -2.68 -31.85
CA THR C 137 4.11 -2.72 -30.48
C THR C 137 3.63 -1.54 -29.64
N TYR C 138 3.32 -0.43 -30.31
CA TYR C 138 2.80 0.78 -29.68
C TYR C 138 1.28 0.75 -29.55
N LYS C 139 0.78 1.37 -28.48
CA LYS C 139 -0.66 1.42 -28.19
C LYS C 139 -1.39 2.40 -29.09
N GLY C 140 -0.75 3.54 -29.38
CA GLY C 140 -1.35 4.62 -30.18
C GLY C 140 -2.11 5.63 -29.34
N PRO C 141 -2.79 6.60 -29.99
CA PRO C 141 -3.58 7.64 -29.30
C PRO C 141 -4.73 7.08 -28.46
N PRO C 142 -4.98 7.66 -27.27
CA PRO C 142 -6.02 7.21 -26.33
C PRO C 142 -7.43 7.12 -26.94
N THR C 143 -7.84 8.13 -27.70
CA THR C 143 -9.19 8.17 -28.28
C THR C 143 -9.18 8.25 -29.80
N GLY C 144 -8.44 9.21 -30.35
CA GLY C 144 -8.42 9.48 -31.78
C GLY C 144 -9.41 10.53 -32.22
N ILE C 145 -9.64 10.63 -33.53
CA ILE C 145 -10.63 11.56 -34.11
C ILE C 145 -12.05 11.04 -33.88
N VAL C 146 -12.26 9.75 -34.17
CA VAL C 146 -13.55 9.07 -34.01
C VAL C 146 -13.99 9.05 -32.54
N GLY C 147 -13.09 8.64 -31.65
CA GLY C 147 -13.37 8.51 -30.21
C GLY C 147 -13.70 9.80 -29.49
N GLU C 148 -13.06 10.90 -29.92
CA GLU C 148 -13.25 12.21 -29.29
C GLU C 148 -14.58 12.87 -29.66
N ARG C 149 -14.92 12.85 -30.95
CA ARG C 149 -16.14 13.46 -31.47
C ARG C 149 -17.42 12.81 -30.94
N GLU C 150 -17.35 11.51 -30.65
CA GLU C 150 -18.46 10.76 -30.06
C GLU C 150 -18.70 11.15 -28.59
N ARG C 151 -17.62 11.53 -27.90
CA ARG C 151 -17.68 11.96 -26.50
C ARG C 151 -18.28 13.35 -26.33
N LEU C 152 -17.99 14.24 -27.28
CA LEU C 152 -18.45 15.62 -27.25
C LEU C 152 -19.77 15.84 -28.01
N ASP C 153 -20.15 14.86 -28.81
CA ASP C 153 -21.35 14.89 -29.69
C ASP C 153 -21.37 16.07 -30.66
N LYS C 154 -20.21 16.35 -31.25
CA LYS C 154 -20.03 17.44 -32.21
C LYS C 154 -19.46 16.93 -33.53
N PHE C 155 -20.25 17.09 -34.59
CA PHE C 155 -19.92 16.54 -35.91
C PHE C 155 -20.15 17.56 -37.03
N GLY C 156 -19.32 17.47 -38.08
CA GLY C 156 -19.56 18.19 -39.34
C GLY C 156 -18.86 19.52 -39.56
N LYS C 157 -18.00 19.91 -38.62
CA LYS C 157 -17.25 21.16 -38.68
C LYS C 157 -16.02 21.12 -37.76
N PRO C 158 -15.04 22.03 -37.96
CA PRO C 158 -13.91 22.12 -37.02
C PRO C 158 -14.32 22.56 -35.61
N LEU C 159 -13.69 21.97 -34.60
CA LEU C 159 -13.89 22.35 -33.21
C LEU C 159 -13.16 23.66 -32.92
N LEU C 160 -13.85 24.60 -32.27
CA LEU C 160 -13.29 25.93 -32.00
C LEU C 160 -12.64 26.05 -30.63
N GLY C 161 -11.51 26.76 -30.59
CA GLY C 161 -10.76 26.99 -29.36
C GLY C 161 -10.28 28.42 -29.20
N ALA C 162 -9.83 28.75 -27.98
CA ALA C 162 -9.25 30.06 -27.66
C ALA C 162 -8.30 29.95 -26.47
N THR C 163 -7.15 30.61 -26.60
CA THR C 163 -6.17 30.69 -25.52
C THR C 163 -6.53 31.86 -24.61
N THR C 164 -6.53 31.61 -23.30
CA THR C 164 -6.86 32.62 -22.28
C THR C 164 -5.76 33.69 -22.22
N LYS C 165 -6.13 34.90 -22.60
CA LYS C 165 -5.21 36.04 -22.68
C LYS C 165 -5.49 37.05 -21.54
N PRO C 166 -4.45 37.64 -20.93
CA PRO C 166 -3.04 37.46 -21.29
C PRO C 166 -2.45 36.12 -20.84
N LYS C 167 -1.23 35.82 -21.31
CA LYS C 167 -0.53 34.56 -21.03
C LYS C 167 -0.38 34.34 -19.53
N LEU C 168 0.37 35.22 -18.85
CA LEU C 168 0.54 35.17 -17.40
C LEU C 168 -0.02 36.44 -16.76
N GLY C 169 -0.45 36.32 -15.50
CA GLY C 169 -0.90 37.49 -14.73
C GLY C 169 -2.21 37.34 -13.98
N LEU C 170 -3.19 36.71 -14.63
CA LEU C 170 -4.55 36.58 -14.09
C LEU C 170 -4.63 35.64 -12.89
N SER C 171 -5.36 36.08 -11.87
CA SER C 171 -5.63 35.27 -10.67
C SER C 171 -6.73 34.25 -10.93
N GLY C 172 -6.83 33.24 -10.06
CA GLY C 172 -7.78 32.14 -10.18
C GLY C 172 -9.25 32.51 -10.40
N LYS C 173 -9.70 33.55 -9.71
CA LYS C 173 -11.07 34.06 -9.83
C LYS C 173 -11.34 34.66 -11.22
N ASN C 174 -10.43 35.52 -11.68
CA ASN C 174 -10.58 36.23 -12.96
C ASN C 174 -10.29 35.35 -14.18
N TYR C 175 -9.43 34.36 -14.00
CA TYR C 175 -9.06 33.42 -15.05
C TYR C 175 -10.26 32.62 -15.55
N GLY C 176 -11.07 32.15 -14.59
CA GLY C 176 -12.31 31.42 -14.88
C GLY C 176 -13.40 32.27 -15.52
N ARG C 177 -13.38 33.58 -15.24
CA ARG C 177 -14.34 34.52 -15.81
C ARG C 177 -14.15 34.70 -17.32
N VAL C 178 -12.90 34.69 -17.77
CA VAL C 178 -12.55 34.75 -19.20
C VAL C 178 -12.97 33.44 -19.88
N VAL C 179 -12.74 32.32 -19.19
CA VAL C 179 -13.16 30.98 -19.66
C VAL C 179 -14.68 30.87 -19.78
N TYR C 180 -15.39 31.41 -18.79
CA TYR C 180 -16.86 31.41 -18.77
C TYR C 180 -17.48 32.21 -19.92
N GLU C 181 -16.92 33.39 -20.18
CA GLU C 181 -17.40 34.28 -21.25
C GLU C 181 -17.08 33.74 -22.64
N GLY C 182 -15.99 32.98 -22.75
CA GLY C 182 -15.57 32.35 -24.00
C GLY C 182 -16.47 31.21 -24.42
N LEU C 183 -16.68 30.26 -23.50
CA LEU C 183 -17.47 29.06 -23.76
C LEU C 183 -18.96 29.33 -23.98
N LYS C 184 -19.51 30.31 -23.26
CA LYS C 184 -20.92 30.68 -23.40
C LYS C 184 -21.21 31.40 -24.71
N GLY C 185 -20.20 32.11 -25.23
CA GLY C 185 -20.30 32.85 -26.49
C GLY C 185 -20.47 31.97 -27.72
N GLY C 186 -19.79 30.82 -27.72
CA GLY C 186 -19.90 29.86 -28.82
C GLY C 186 -18.71 28.93 -29.02
N LEU C 187 -17.66 29.13 -28.23
CA LEU C 187 -16.44 28.31 -28.32
C LEU C 187 -16.62 26.94 -27.69
N ASP C 188 -16.02 25.94 -28.32
CA ASP C 188 -16.06 24.56 -27.83
C ASP C 188 -15.01 24.31 -26.76
N PHE C 189 -13.86 24.97 -26.88
CA PHE C 189 -12.75 24.82 -25.94
C PHE C 189 -12.11 26.15 -25.54
N MET C 190 -11.67 26.20 -24.29
CA MET C 190 -10.74 27.21 -23.81
C MET C 190 -9.47 26.48 -23.35
N ASP C 192 -5.31 26.66 -21.24
CA ASP C 192 -4.19 27.26 -20.54
C ASP C 192 -3.06 27.54 -21.53
N ASP C 193 -2.28 28.58 -21.23
CA ASP C 193 -1.07 28.89 -21.98
C ASP C 193 0.04 27.90 -21.62
N GLU C 194 0.97 27.68 -22.54
CA GLU C 194 2.05 26.69 -22.37
C GLU C 194 3.01 26.96 -21.20
N ASN C 195 3.16 28.23 -20.83
CA ASN C 195 4.03 28.64 -19.72
C ASN C 195 3.33 28.67 -18.36
N ILE C 196 1.99 28.67 -18.36
CA ILE C 196 1.18 28.63 -17.14
C ILE C 196 1.25 27.24 -16.51
N ASN C 197 1.74 27.20 -15.27
CA ASN C 197 1.81 25.96 -14.49
C ASN C 197 1.39 26.19 -13.03
N SER C 198 2.35 26.53 -12.17
CA SER C 198 2.08 26.80 -10.76
C SER C 198 2.91 27.99 -10.26
N GLN C 199 2.65 29.15 -10.84
CA GLN C 199 3.35 30.39 -10.55
C GLN C 199 2.95 31.00 -9.19
N PRO C 200 3.80 31.88 -8.61
CA PRO C 200 3.49 32.53 -7.32
C PRO C 200 2.18 33.34 -7.27
N PHE C 201 1.76 33.90 -8.40
CA PHE C 201 0.54 34.72 -8.45
C PHE C 201 -0.76 33.90 -8.44
N MET C 202 -0.70 32.69 -9.01
CA MET C 202 -1.85 31.79 -9.08
C MET C 202 -1.42 30.32 -9.03
N HIS C 203 -1.86 29.63 -7.97
CA HIS C 203 -1.58 28.21 -7.78
C HIS C 203 -2.45 27.36 -8.69
N TRP C 204 -1.91 26.22 -9.13
CA TRP C 204 -2.59 25.34 -10.08
C TRP C 204 -3.91 24.76 -9.57
N ARG C 205 -3.93 24.35 -8.30
CA ARG C 205 -5.10 23.70 -7.69
C ARG C 205 -6.28 24.67 -7.53
N ASP C 206 -5.97 25.96 -7.42
CA ASP C 206 -6.98 27.02 -7.41
C ASP C 206 -7.56 27.24 -8.81
N ARG C 207 -6.69 27.27 -9.83
CA ARG C 207 -7.09 27.43 -11.23
C ARG C 207 -8.04 26.31 -11.68
N PHE C 208 -7.65 25.07 -11.39
CA PHE C 208 -8.42 23.86 -11.74
C PHE C 208 -9.86 23.89 -11.20
N LEU C 209 -10.03 24.40 -9.98
CA LEU C 209 -11.35 24.50 -9.35
C LEU C 209 -12.26 25.54 -10.00
N TYR C 210 -11.71 26.72 -10.29
CA TYR C 210 -12.48 27.85 -10.81
C TYR C 210 -12.88 27.71 -12.28
N VAL C 211 -12.05 27.04 -13.08
CA VAL C 211 -12.38 26.81 -14.49
C VAL C 211 -13.45 25.73 -14.68
N MET C 212 -13.45 24.74 -13.79
CA MET C 212 -14.43 23.65 -13.84
C MET C 212 -15.83 24.11 -13.47
N GLU C 213 -15.93 25.10 -12.59
CA GLU C 213 -17.19 25.78 -12.27
C GLU C 213 -17.67 26.60 -13.47
N ALA C 214 -16.71 27.20 -14.18
CA ALA C 214 -16.99 27.99 -15.38
C ALA C 214 -17.41 27.13 -16.58
N VAL C 215 -16.87 25.92 -16.65
CA VAL C 215 -17.20 24.95 -17.70
C VAL C 215 -18.65 24.47 -17.55
N ASN C 216 -19.01 24.05 -16.33
CA ASN C 216 -20.34 23.51 -16.04
C ASN C 216 -21.46 24.55 -16.09
N LEU C 217 -21.14 25.80 -15.73
CA LEU C 217 -22.08 26.92 -15.86
C LEU C 217 -22.37 27.25 -17.32
N ALA C 218 -21.35 27.15 -18.15
CA ALA C 218 -21.48 27.35 -19.60
C ALA C 218 -22.20 26.19 -20.27
N SER C 219 -21.97 24.98 -19.77
CA SER C 219 -22.60 23.76 -20.29
C SER C 219 -24.11 23.72 -20.02
N ALA C 220 -24.52 24.28 -18.88
CA ALA C 220 -25.93 24.35 -18.49
C ALA C 220 -26.70 25.41 -19.29
N GLN C 221 -26.02 26.48 -19.66
CA GLN C 221 -26.64 27.63 -20.34
C GLN C 221 -26.68 27.52 -21.87
N THR C 222 -25.80 26.69 -22.42
CA THR C 222 -25.73 26.48 -23.88
C THR C 222 -26.30 25.13 -24.31
N GLY C 223 -26.18 24.13 -23.44
CA GLY C 223 -26.63 22.77 -23.73
C GLY C 223 -25.61 21.93 -24.47
N GLU C 224 -24.37 22.40 -24.50
CA GLU C 224 -23.26 21.69 -25.15
C GLU C 224 -22.23 21.21 -24.13
N VAL C 225 -21.49 20.16 -24.48
CA VAL C 225 -20.39 19.67 -23.67
C VAL C 225 -19.18 20.57 -23.93
N LYS C 226 -18.77 21.31 -22.89
CA LYS C 226 -17.63 22.23 -22.98
C LYS C 226 -16.40 21.65 -22.29
N GLY C 227 -15.23 22.19 -22.65
CA GLY C 227 -13.97 21.73 -22.08
C GLY C 227 -12.91 22.81 -21.95
N HIS C 228 -11.95 22.56 -21.06
CA HIS C 228 -10.79 23.42 -20.88
C HIS C 228 -9.54 22.56 -20.81
N TYR C 229 -8.55 22.88 -21.65
CA TYR C 229 -7.29 22.15 -21.66
C TYR C 229 -6.48 22.53 -20.42
N LEU C 230 -6.48 21.62 -19.44
CA LEU C 230 -5.79 21.84 -18.17
C LEU C 230 -4.32 21.45 -18.28
N ASN C 231 -3.44 22.43 -18.08
CA ASN C 231 -2.00 22.23 -18.18
C ASN C 231 -1.48 21.52 -16.95
N ILE C 232 -0.88 20.35 -17.17
CA ILE C 232 -0.36 19.51 -16.07
C ILE C 232 1.18 19.47 -15.99
N THR C 233 1.84 20.21 -16.89
CA THR C 233 3.30 20.27 -16.97
C THR C 233 3.92 20.68 -15.63
N ALA C 234 4.79 19.81 -15.11
CA ALA C 234 5.44 20.00 -13.82
C ALA C 234 6.94 19.66 -13.87
N GLY C 235 7.64 19.94 -12.77
CA GLY C 235 9.06 19.65 -12.64
C GLY C 235 9.37 18.16 -12.55
N THR C 236 8.61 17.44 -11.73
CA THR C 236 8.77 16.00 -11.54
C THR C 236 7.52 15.24 -11.97
N MET C 237 7.65 13.92 -12.12
CA MET C 237 6.53 13.04 -12.47
C MET C 237 5.55 12.85 -11.32
N GLU C 238 6.06 12.88 -10.09
CA GLU C 238 5.25 12.77 -8.87
C GLU C 238 4.25 13.91 -8.74
N GLU C 239 4.70 15.12 -9.07
CA GLU C 239 3.84 16.31 -9.14
C GLU C 239 2.89 16.25 -10.32
N MET C 240 3.35 15.67 -11.42
CA MET C 240 2.60 15.58 -12.68
C MET C 240 1.42 14.61 -12.61
N TYR C 241 1.61 13.48 -11.93
CA TYR C 241 0.53 12.51 -11.70
C TYR C 241 -0.54 13.05 -10.75
N ARG C 242 -0.11 13.82 -9.75
CA ARG C 242 -1.02 14.43 -8.77
C ARG C 242 -1.92 15.50 -9.39
N ARG C 243 -1.40 16.20 -10.40
CA ARG C 243 -2.16 17.21 -11.14
C ARG C 243 -3.19 16.57 -12.08
N ALA C 244 -2.82 15.42 -12.65
CA ALA C 244 -3.69 14.67 -13.55
C ALA C 244 -4.84 13.98 -12.81
N GLU C 245 -4.52 13.38 -11.66
CA GLU C 245 -5.50 12.69 -10.82
C GLU C 245 -6.56 13.63 -10.25
N PHE C 246 -6.16 14.87 -9.95
CA PHE C 246 -7.09 15.92 -9.50
C PHE C 246 -7.96 16.44 -10.65
N ALA C 247 -7.40 16.46 -11.86
CA ALA C 247 -8.13 16.85 -13.07
C ALA C 247 -9.22 15.83 -13.42
N LYS C 248 -8.92 14.55 -13.21
CA LYS C 248 -9.89 13.46 -13.35
C LYS C 248 -10.97 13.56 -12.27
N SER C 249 -10.56 13.90 -11.05
CA SER C 249 -11.44 14.01 -9.88
C SER C 249 -12.51 15.10 -10.03
N LEU C 250 -12.18 16.17 -10.75
CA LEU C 250 -13.13 17.25 -11.04
C LEU C 250 -14.09 16.87 -12.17
N GLY C 251 -13.64 15.98 -13.04
CA GLY C 251 -14.44 15.48 -14.16
C GLY C 251 -14.17 16.23 -15.45
N SER C 252 -12.89 16.54 -15.69
CA SER C 252 -12.46 17.23 -16.91
C SER C 252 -12.45 16.27 -18.09
N VAL C 253 -12.72 16.82 -19.28
CA VAL C 253 -12.80 16.05 -20.53
C VAL C 253 -11.40 15.83 -21.11
N ILE C 254 -10.55 16.86 -21.04
CA ILE C 254 -9.27 16.90 -21.76
C ILE C 254 -8.20 17.71 -21.01
N VAL C 255 -6.99 17.13 -20.94
CA VAL C 255 -5.81 17.80 -20.37
C VAL C 255 -4.69 18.00 -21.39
N MET C 256 -3.96 19.12 -21.27
CA MET C 256 -2.85 19.44 -22.18
C MET C 256 -1.46 19.25 -21.58
N VAL C 257 -0.50 18.97 -22.45
CA VAL C 257 0.88 18.61 -22.09
C VAL C 257 1.84 19.29 -23.07
N ASP C 258 2.93 19.84 -22.56
CA ASP C 258 3.99 20.43 -23.38
C ASP C 258 4.97 19.38 -23.92
N LEU C 259 5.56 19.65 -25.09
CA LEU C 259 6.49 18.73 -25.76
C LEU C 259 7.84 18.61 -25.04
N ILE C 260 8.22 19.66 -24.32
CA ILE C 260 9.50 19.77 -23.59
C ILE C 260 9.74 18.63 -22.60
N ILE C 261 8.68 18.20 -21.92
CA ILE C 261 8.73 17.19 -20.85
C ILE C 261 9.44 15.87 -21.21
N GLY C 262 9.49 15.56 -22.51
CA GLY C 262 10.21 14.40 -23.02
C GLY C 262 9.34 13.20 -23.32
N TYR C 263 9.78 12.42 -24.32
CA TYR C 263 9.03 11.27 -24.84
C TYR C 263 8.78 10.18 -23.81
N THR C 264 9.73 9.99 -22.89
CA THR C 264 9.60 9.05 -21.77
C THR C 264 8.49 9.48 -20.82
N ALA C 265 8.42 10.78 -20.56
CA ALA C 265 7.35 11.36 -19.74
C ALA C 265 6.01 11.40 -20.47
N ILE C 266 6.04 11.59 -21.80
CA ILE C 266 4.84 11.62 -22.66
C ILE C 266 4.14 10.26 -22.73
N GLN C 267 4.91 9.20 -22.98
CA GLN C 267 4.41 7.83 -23.05
C GLN C 267 3.78 7.34 -21.75
N SER C 268 4.19 7.93 -20.63
CA SER C 268 3.63 7.62 -19.32
C SER C 268 2.21 8.16 -19.13
N ILE C 269 1.94 9.34 -19.69
CA ILE C 269 0.61 9.95 -19.63
C ILE C 269 -0.35 9.27 -20.60
N SER C 270 0.17 8.84 -21.76
CA SER C 270 -0.59 8.11 -22.76
C SER C 270 -1.14 6.78 -22.21
N GLU C 271 -0.33 6.12 -21.38
CA GLU C 271 -0.73 4.92 -20.65
C GLU C 271 -1.76 5.27 -19.57
N TRP C 272 -1.60 6.44 -18.94
CA TRP C 272 -2.49 6.92 -17.88
C TRP C 272 -3.86 7.37 -18.42
N CYS C 273 -3.85 8.08 -19.56
CA CYS C 273 -5.07 8.63 -20.17
C CYS C 273 -6.03 7.56 -20.69
N ARG C 274 -5.48 6.48 -21.23
CA ARG C 274 -6.25 5.33 -21.70
C ARG C 274 -6.90 4.60 -20.52
N GLN C 275 -6.17 4.49 -19.42
CA GLN C 275 -6.63 3.78 -18.22
C GLN C 275 -7.53 4.63 -17.29
N ASN C 276 -7.81 5.87 -17.70
CA ASN C 276 -8.66 6.78 -16.92
C ASN C 276 -9.65 7.60 -17.78
N ASP C 277 -9.77 7.23 -19.06
CA ASP C 277 -10.65 7.88 -20.05
C ASP C 277 -10.45 9.40 -20.17
N MET C 278 -9.26 9.78 -20.65
CA MET C 278 -8.89 11.18 -20.82
C MET C 278 -8.34 11.41 -22.23
N ILE C 279 -8.64 12.58 -22.78
CA ILE C 279 -8.13 13.00 -24.09
C ILE C 279 -6.85 13.82 -23.86
N LEU C 280 -5.80 13.50 -24.62
CA LEU C 280 -4.50 14.15 -24.47
C LEU C 280 -4.22 15.18 -25.57
N HIS C 281 -3.82 16.38 -25.14
CA HIS C 281 -3.47 17.48 -26.04
C HIS C 281 -1.97 17.75 -25.94
N MET C 282 -1.31 17.87 -27.10
CA MET C 282 0.11 18.18 -27.16
C MET C 282 0.32 19.59 -27.66
N HIS C 283 1.07 20.37 -26.89
CA HIS C 283 1.53 21.68 -27.31
C HIS C 283 3.02 21.61 -27.60
N ARG C 284 3.39 21.95 -28.84
CA ARG C 284 4.78 21.93 -29.27
C ARG C 284 5.51 23.22 -28.86
N ALA C 285 6.02 23.21 -27.64
CA ALA C 285 6.88 24.28 -27.14
C ALA C 285 8.33 23.91 -27.38
N GLY C 286 9.08 24.85 -27.94
CA GLY C 286 10.50 24.67 -28.24
C GLY C 286 10.81 23.70 -29.37
N HIS C 287 9.83 23.51 -30.26
CA HIS C 287 10.00 22.65 -31.43
C HIS C 287 10.85 23.35 -32.50
N GLY C 288 10.64 24.66 -32.64
CA GLY C 288 11.30 25.48 -33.67
C GLY C 288 12.80 25.65 -33.49
N THR C 289 13.32 25.07 -32.42
CA THR C 289 14.75 25.06 -32.13
C THR C 289 15.50 24.11 -33.08
N TYR C 290 14.84 23.03 -33.48
CA TYR C 290 15.43 21.98 -34.31
C TYR C 290 14.56 21.56 -35.50
N THR C 291 13.59 22.42 -35.86
CA THR C 291 12.62 22.11 -36.92
C THR C 291 12.64 23.16 -38.04
N ARG C 292 12.79 24.44 -37.66
CA ARG C 292 12.65 25.56 -38.59
C ARG C 292 13.68 25.59 -39.73
N GLN C 293 14.93 25.24 -39.40
CA GLN C 293 16.02 25.26 -40.37
C GLN C 293 15.92 24.11 -41.38
N LYS C 294 16.03 24.45 -42.66
CA LYS C 294 15.86 23.50 -43.77
C LYS C 294 17.10 22.61 -43.99
N ASN C 295 18.26 23.10 -43.56
CA ASN C 295 19.53 22.40 -43.77
C ASN C 295 19.97 21.53 -42.59
N HIS C 296 19.47 21.83 -41.40
CA HIS C 296 19.85 21.11 -40.18
C HIS C 296 18.69 20.93 -39.20
N GLY C 297 18.62 19.74 -38.62
CA GLY C 297 17.62 19.42 -37.59
C GLY C 297 16.80 18.17 -37.87
N ILE C 298 15.55 18.19 -37.41
CA ILE C 298 14.57 17.14 -37.69
C ILE C 298 13.27 17.80 -38.17
N SER C 299 12.78 17.37 -39.33
CA SER C 299 11.49 17.83 -39.87
C SER C 299 10.33 17.39 -38.98
N PHE C 300 9.30 18.24 -38.88
CA PHE C 300 8.17 18.01 -37.97
C PHE C 300 7.37 16.74 -38.27
N ARG C 301 7.36 16.32 -39.53
CA ARG C 301 6.67 15.10 -39.96
C ARG C 301 7.21 13.84 -39.29
N VAL C 302 8.50 13.85 -38.94
CA VAL C 302 9.14 12.76 -38.21
C VAL C 302 8.73 12.81 -36.72
N ILE C 303 8.64 14.03 -36.18
CA ILE C 303 8.23 14.26 -34.80
C ILE C 303 6.74 13.88 -34.63
N ALA C 304 5.93 14.21 -35.63
CA ALA C 304 4.51 13.86 -35.67
C ALA C 304 4.29 12.34 -35.73
N LYS C 305 5.17 11.65 -36.46
CA LYS C 305 5.17 10.18 -36.53
C LYS C 305 5.51 9.54 -35.20
N TRP C 306 6.47 10.13 -34.48
CA TRP C 306 6.84 9.65 -33.14
C TRP C 306 5.73 9.91 -32.12
N LEU C 307 5.08 11.07 -32.23
CA LEU C 307 4.02 11.47 -31.31
C LEU C 307 2.72 10.67 -31.50
N ARG C 308 2.48 10.21 -32.73
CA ARG C 308 1.36 9.31 -33.03
C ARG C 308 1.59 7.94 -32.38
N LEU C 309 2.83 7.46 -32.45
CA LEU C 309 3.23 6.19 -31.83
C LEU C 309 3.28 6.26 -30.30
N ALA C 310 3.67 7.42 -29.78
CA ALA C 310 3.70 7.67 -28.34
C ALA C 310 2.29 7.66 -27.75
N GLY C 311 1.36 8.33 -28.43
CA GLY C 311 -0.05 8.29 -28.08
C GLY C 311 -0.64 9.62 -27.64
N VAL C 312 -0.80 10.53 -28.59
CA VAL C 312 -1.42 11.83 -28.34
C VAL C 312 -2.60 12.04 -29.29
N ASP C 313 -3.71 12.58 -28.77
CA ASP C 313 -4.93 12.79 -29.55
C ASP C 313 -4.92 14.11 -30.32
N HIS C 314 -4.32 15.15 -29.73
CA HIS C 314 -4.19 16.45 -30.38
C HIS C 314 -2.75 16.84 -30.57
N LEU C 315 -2.47 17.50 -31.70
CA LEU C 315 -1.14 18.02 -32.01
C LEU C 315 -1.22 19.28 -32.85
N HIS C 316 -0.50 20.31 -32.42
CA HIS C 316 -0.32 21.53 -33.21
C HIS C 316 0.58 21.20 -34.41
N CYS C 317 0.04 21.39 -35.61
CA CYS C 317 0.77 21.07 -36.84
C CYS C 317 1.18 22.31 -37.62
N GLY C 318 0.51 23.43 -37.36
CA GLY C 318 0.87 24.72 -37.95
C GLY C 318 -0.17 25.28 -38.88
N THR C 319 -0.10 26.60 -39.06
CA THR C 319 -0.98 27.34 -39.96
C THR C 319 -0.16 27.97 -41.08
N ALA C 320 -0.64 27.79 -42.31
CA ALA C 320 0.00 28.34 -43.51
C ALA C 320 -0.14 29.86 -43.60
N VAL C 321 -1.29 30.37 -43.13
CA VAL C 321 -1.62 31.80 -43.22
C VAL C 321 -1.38 32.58 -41.91
N GLY C 322 -1.02 31.86 -40.85
CA GLY C 322 -0.82 32.44 -39.51
C GLY C 322 0.45 33.22 -39.32
N LYS C 323 0.68 33.64 -38.07
CA LYS C 323 1.85 34.45 -37.69
C LYS C 323 3.16 33.66 -37.62
N LEU C 324 3.06 32.35 -37.44
CA LEU C 324 4.20 31.45 -37.29
C LEU C 324 4.58 30.78 -38.62
N GLU C 325 5.81 30.27 -38.68
CA GLU C 325 6.38 29.64 -39.88
C GLU C 325 5.56 28.44 -40.38
N GLY C 326 5.34 28.39 -41.69
CA GLY C 326 4.59 27.31 -42.34
C GLY C 326 4.32 27.57 -43.81
N ASP C 327 4.68 26.58 -44.63
CA ASP C 327 4.45 26.62 -46.08
C ASP C 327 3.28 25.70 -46.45
N PRO C 328 2.25 26.23 -47.16
CA PRO C 328 0.98 25.54 -47.47
C PRO C 328 1.07 24.06 -47.85
N LEU C 329 2.00 23.71 -48.75
CA LEU C 329 2.19 22.34 -49.19
C LEU C 329 2.88 21.46 -48.14
N THR C 330 3.87 22.04 -47.45
CA THR C 330 4.62 21.35 -46.39
C THR C 330 3.74 21.15 -45.14
N VAL C 331 2.85 22.10 -44.88
CA VAL C 331 1.91 22.04 -43.75
C VAL C 331 0.91 20.89 -43.96
N GLN C 332 0.34 20.80 -45.18
CA GLN C 332 -0.56 19.72 -45.57
C GLN C 332 0.06 18.32 -45.41
N GLY C 333 1.39 18.26 -45.54
CA GLY C 333 2.16 17.04 -45.29
C GLY C 333 2.04 16.56 -43.86
N TYR C 334 2.14 17.49 -42.90
CA TYR C 334 2.02 17.17 -41.47
C TYR C 334 0.62 16.72 -41.09
N TYR C 335 -0.38 17.29 -41.78
CA TYR C 335 -1.79 16.94 -41.58
C TYR C 335 -2.13 15.52 -42.08
N ASN C 336 -1.53 15.14 -43.20
CA ASN C 336 -1.70 13.81 -43.80
C ASN C 336 -1.01 12.71 -43.01
N VAL C 337 0.06 13.07 -42.31
CA VAL C 337 0.82 12.15 -41.46
C VAL C 337 0.00 11.70 -40.25
N CYS C 338 -0.70 12.64 -39.62
CA CYS C 338 -1.43 12.37 -38.38
C CYS C 338 -2.90 11.95 -38.57
N ARG C 339 -3.43 12.13 -39.79
CA ARG C 339 -4.84 11.79 -40.07
C ARG C 339 -5.04 10.54 -40.92
N GLU C 340 -4.37 10.47 -42.06
CA GLU C 340 -4.56 9.38 -43.03
C GLU C 340 -3.99 8.03 -42.54
N PRO C 341 -4.78 6.94 -42.68
CA PRO C 341 -4.33 5.61 -42.25
C PRO C 341 -3.24 5.01 -43.14
N PHE C 342 -3.27 5.38 -44.43
CA PHE C 342 -2.25 4.97 -45.39
C PHE C 342 -1.99 6.14 -46.34
N ASN C 343 -0.74 6.63 -46.33
CA ASN C 343 -0.32 7.74 -47.19
C ASN C 343 0.73 7.32 -48.21
N THR C 344 0.47 7.68 -49.47
CA THR C 344 1.37 7.38 -50.58
C THR C 344 2.48 8.43 -50.71
N VAL C 345 3.54 8.07 -51.43
CA VAL C 345 4.69 8.95 -51.66
C VAL C 345 4.31 10.17 -52.53
N ASP C 346 4.51 11.36 -51.96
CA ASP C 346 4.24 12.63 -52.63
C ASP C 346 5.34 13.64 -52.32
N LEU C 347 6.16 13.92 -53.33
CA LEU C 347 7.32 14.81 -53.21
C LEU C 347 7.01 16.31 -52.95
N PRO C 348 5.91 16.86 -53.56
CA PRO C 348 5.57 18.25 -53.22
C PRO C 348 5.13 18.48 -51.77
N ARG C 349 4.51 17.48 -51.16
CA ARG C 349 4.03 17.56 -49.78
C ARG C 349 5.05 17.04 -48.75
N GLY C 350 6.22 16.60 -49.24
CA GLY C 350 7.32 16.18 -48.38
C GLY C 350 7.28 14.75 -47.88
N ILE C 351 6.40 13.94 -48.45
CA ILE C 351 6.31 12.51 -48.11
C ILE C 351 7.21 11.71 -49.06
N PHE C 352 8.13 10.94 -48.48
CA PHE C 352 9.13 10.20 -49.24
C PHE C 352 8.94 8.67 -49.17
N PHE C 353 8.33 8.21 -48.08
CA PHE C 353 8.10 6.79 -47.85
C PHE C 353 6.61 6.48 -47.78
N GLU C 354 6.24 5.29 -48.27
CA GLU C 354 4.87 4.79 -48.16
C GLU C 354 4.64 4.20 -46.77
N GLN C 355 3.92 4.95 -45.93
CA GLN C 355 3.68 4.59 -44.54
C GLN C 355 2.32 3.90 -44.37
N ASP C 356 2.36 2.73 -43.72
CA ASP C 356 1.15 1.99 -43.36
C ASP C 356 1.06 1.91 -41.84
N TRP C 357 0.08 2.61 -41.29
CA TRP C 357 -0.11 2.70 -39.83
C TRP C 357 -0.77 1.47 -39.21
N ALA C 358 -1.55 0.76 -40.03
CA ALA C 358 -2.28 -0.46 -39.65
C ALA C 358 -3.13 -0.29 -38.38
N ASP C 359 -4.23 0.43 -38.53
CA ASP C 359 -5.28 0.61 -37.52
C ASP C 359 -4.81 1.25 -36.20
N LEU C 360 -3.99 2.28 -36.33
CA LEU C 360 -3.69 3.18 -35.22
C LEU C 360 -4.60 4.39 -35.30
N ARG C 361 -5.03 4.87 -34.13
CA ARG C 361 -5.99 5.96 -34.02
C ARG C 361 -5.49 7.26 -34.66
N LYS C 362 -6.42 8.00 -35.26
CA LYS C 362 -6.10 9.22 -36.01
C LYS C 362 -5.92 10.41 -35.06
N VAL C 363 -4.76 11.06 -35.15
CA VAL C 363 -4.46 12.26 -34.36
C VAL C 363 -5.14 13.46 -35.00
N MET C 364 -5.91 14.20 -34.20
CA MET C 364 -6.56 15.43 -34.68
C MET C 364 -5.60 16.61 -34.64
N PRO C 365 -5.30 17.19 -35.82
CA PRO C 365 -4.38 18.33 -35.90
C PRO C 365 -5.01 19.66 -35.50
N VAL C 366 -4.23 20.52 -34.86
CA VAL C 366 -4.70 21.81 -34.35
C VAL C 366 -4.01 22.96 -35.08
N ALA C 367 -4.83 23.83 -35.69
CA ALA C 367 -4.35 25.05 -36.34
C ALA C 367 -4.48 26.23 -35.37
N SER C 368 -3.35 26.84 -35.05
CA SER C 368 -3.29 27.95 -34.08
C SER C 368 -2.14 28.91 -34.37
N GLY C 369 -2.32 30.16 -33.95
CA GLY C 369 -1.26 31.17 -34.02
C GLY C 369 -1.48 32.23 -35.08
N GLY C 370 -2.12 33.32 -34.69
CA GLY C 370 -2.31 34.49 -35.55
C GLY C 370 -3.35 34.29 -36.64
N ILE C 371 -4.53 33.82 -36.25
CA ILE C 371 -5.67 33.68 -37.17
C ILE C 371 -6.93 34.37 -36.64
N HIS C 372 -7.83 34.73 -37.55
CA HIS C 372 -9.09 35.41 -37.23
C HIS C 372 -10.24 34.98 -38.14
N ALA C 373 -11.35 35.71 -38.07
CA ALA C 373 -12.57 35.42 -38.86
C ALA C 373 -12.38 35.64 -40.37
N GLY C 374 -11.47 36.53 -40.74
CA GLY C 374 -11.15 36.81 -42.14
C GLY C 374 -10.34 35.73 -42.85
N GLN C 375 -9.73 34.84 -42.06
CA GLN C 375 -8.89 33.75 -42.57
C GLN C 375 -9.66 32.42 -42.69
N MET C 376 -10.96 32.46 -42.37
CA MET C 376 -11.81 31.27 -42.25
C MET C 376 -11.97 30.47 -43.54
N HIS C 377 -12.03 31.17 -44.68
CA HIS C 377 -12.19 30.53 -46.00
C HIS C 377 -10.94 29.79 -46.46
N GLN C 378 -9.77 30.29 -46.08
CA GLN C 378 -8.48 29.69 -46.42
C GLN C 378 -8.18 28.45 -45.57
N LEU C 379 -8.63 28.47 -44.32
CA LEU C 379 -8.42 27.36 -43.38
C LEU C 379 -9.26 26.13 -43.73
N LEU C 380 -10.51 26.36 -44.15
CA LEU C 380 -11.45 25.29 -44.50
C LEU C 380 -11.08 24.61 -45.83
N SER C 381 -10.47 25.36 -46.73
CA SER C 381 -10.06 24.85 -48.06
C SER C 381 -8.79 23.99 -48.00
N LEU C 382 -7.85 24.38 -47.14
CA LEU C 382 -6.56 23.70 -47.04
C LEU C 382 -6.59 22.38 -46.27
N PHE C 383 -7.36 22.34 -45.19
CA PHE C 383 -7.35 21.19 -44.29
C PHE C 383 -8.62 20.33 -44.39
N GLY C 384 -9.75 20.88 -43.94
CA GLY C 384 -11.03 20.18 -44.02
C GLY C 384 -11.89 20.32 -42.77
N ASP C 385 -12.40 19.19 -42.29
CA ASP C 385 -13.34 19.15 -41.16
C ASP C 385 -12.72 18.71 -39.84
N ASP C 386 -11.91 17.64 -39.88
CA ASP C 386 -11.34 17.03 -38.67
C ASP C 386 -10.11 17.79 -38.15
N VAL C 387 -10.33 19.07 -37.85
CA VAL C 387 -9.28 19.97 -37.33
C VAL C 387 -9.79 20.78 -36.14
N VAL C 388 -8.86 21.37 -35.37
CA VAL C 388 -9.20 22.29 -34.29
C VAL C 388 -8.61 23.67 -34.60
N LEU C 389 -9.48 24.65 -34.74
CA LEU C 389 -9.08 26.03 -34.99
C LEU C 389 -9.10 26.84 -33.70
N GLN C 390 -7.95 27.42 -33.35
CA GLN C 390 -7.80 28.20 -32.13
C GLN C 390 -7.58 29.67 -32.39
N PHE C 391 -8.44 30.50 -31.80
CA PHE C 391 -8.37 31.95 -31.92
C PHE C 391 -8.09 32.59 -30.55
N GLY C 392 -6.81 32.74 -30.24
CA GLY C 392 -6.37 33.33 -28.97
C GLY C 392 -6.62 34.81 -28.88
N GLY C 393 -6.04 35.55 -29.83
CA GLY C 393 -6.20 37.00 -29.91
C GLY C 393 -7.50 37.44 -30.59
N GLY C 394 -7.92 36.66 -31.58
CA GLY C 394 -9.12 36.97 -32.39
C GLY C 394 -10.46 36.87 -31.70
N THR C 395 -10.48 36.41 -30.45
CA THR C 395 -11.70 36.26 -29.67
C THR C 395 -11.80 37.31 -28.56
N ILE C 396 -10.76 37.40 -27.73
CA ILE C 396 -10.74 38.30 -26.57
C ILE C 396 -10.42 39.74 -27.00
N GLY C 397 -9.62 39.88 -28.05
CA GLY C 397 -9.26 41.19 -28.61
C GLY C 397 -10.37 41.88 -29.41
N HIS C 398 -11.57 41.32 -29.35
CA HIS C 398 -12.76 41.89 -29.99
C HIS C 398 -13.22 43.14 -29.22
N PRO C 399 -13.56 44.23 -29.96
CA PRO C 399 -13.95 45.52 -29.37
C PRO C 399 -15.19 45.49 -28.46
N MET C 400 -16.13 44.60 -28.75
CA MET C 400 -17.38 44.49 -27.99
C MET C 400 -17.22 43.73 -26.67
N GLY C 401 -16.51 42.60 -26.71
CA GLY C 401 -16.26 41.79 -25.53
C GLY C 401 -15.63 40.45 -25.86
N ILE C 402 -15.93 39.45 -25.02
CA ILE C 402 -15.45 38.08 -25.23
C ILE C 402 -16.57 37.23 -25.84
N GLN C 403 -17.80 37.43 -25.35
CA GLN C 403 -18.99 36.72 -25.84
C GLN C 403 -19.28 37.01 -27.32
N ALA C 404 -19.11 38.28 -27.72
CA ALA C 404 -19.31 38.71 -29.11
C ALA C 404 -18.22 38.16 -30.04
N GLY C 405 -16.98 38.14 -29.54
CA GLY C 405 -15.84 37.58 -30.28
C GLY C 405 -15.96 36.09 -30.54
N ALA C 406 -16.51 35.38 -29.56
CA ALA C 406 -16.78 33.93 -29.67
C ALA C 406 -17.93 33.63 -30.61
N THR C 407 -18.91 34.53 -30.66
CA THR C 407 -20.06 34.43 -31.56
C THR C 407 -19.64 34.73 -33.02
N ALA C 408 -18.77 35.74 -33.17
CA ALA C 408 -18.27 36.16 -34.49
C ALA C 408 -17.52 35.04 -35.23
N ASN C 409 -16.68 34.31 -34.50
CA ASN C 409 -15.92 33.18 -35.07
C ASN C 409 -16.79 31.97 -35.35
N ARG C 410 -17.82 31.76 -34.53
CA ARG C 410 -18.75 30.64 -34.67
C ARG C 410 -19.68 30.82 -35.87
N VAL C 411 -20.18 32.04 -36.04
CA VAL C 411 -21.05 32.40 -37.18
C VAL C 411 -20.29 32.32 -38.51
N ALA C 412 -19.04 32.79 -38.50
CA ALA C 412 -18.16 32.77 -39.66
C ALA C 412 -17.87 31.35 -40.16
N LEU C 413 -17.61 30.43 -39.24
CA LEU C 413 -17.34 29.03 -39.56
C LEU C 413 -18.59 28.29 -40.04
N GLU C 414 -19.72 28.54 -39.38
CA GLU C 414 -21.01 27.93 -39.75
C GLU C 414 -21.52 28.36 -41.12
N ALA C 415 -21.21 29.60 -41.51
CA ALA C 415 -21.56 30.13 -42.82
C ALA C 415 -20.73 29.51 -43.95
N MET C 416 -19.46 29.20 -43.65
CA MET C 416 -18.55 28.61 -44.63
C MET C 416 -18.84 27.14 -44.91
N VAL C 417 -19.12 26.37 -43.85
CA VAL C 417 -19.46 24.94 -43.96
C VAL C 417 -20.77 24.77 -44.74
N LEU C 418 -21.74 25.64 -44.47
CA LEU C 418 -23.03 25.63 -45.18
C LEU C 418 -22.88 25.96 -46.67
N ALA C 419 -21.99 26.90 -46.99
CA ALA C 419 -21.71 27.30 -48.38
C ALA C 419 -20.93 26.24 -49.15
N ARG C 420 -20.00 25.56 -48.46
CA ARG C 420 -19.16 24.50 -49.04
C ARG C 420 -19.99 23.27 -49.45
N ASN C 421 -20.92 22.87 -48.59
CA ASN C 421 -21.75 21.69 -48.80
C ASN C 421 -22.83 21.89 -49.87
N GLU C 422 -23.27 23.14 -50.04
CA GLU C 422 -24.26 23.50 -51.06
C GLU C 422 -23.72 23.44 -52.48
N GLY C 423 -22.44 23.75 -52.64
CA GLY C 423 -21.75 23.69 -53.93
C GLY C 423 -21.06 24.97 -54.37
N ARG C 424 -20.95 25.93 -53.44
CA ARG C 424 -20.26 27.19 -53.70
C ARG C 424 -18.76 27.06 -53.44
N ASN C 425 -17.97 27.67 -54.31
CA ASN C 425 -16.50 27.64 -54.20
C ASN C 425 -16.04 28.57 -53.09
N ILE C 426 -15.44 27.98 -52.06
CA ILE C 426 -15.03 28.71 -50.84
C ILE C 426 -13.70 29.45 -50.97
N ASP C 427 -12.98 29.19 -52.05
CA ASP C 427 -11.68 29.83 -52.33
C ASP C 427 -11.84 31.22 -52.96
N VAL C 428 -12.83 31.36 -53.85
CA VAL C 428 -13.06 32.61 -54.58
C VAL C 428 -14.17 33.44 -53.92
N GLU C 429 -15.33 32.81 -53.69
CA GLU C 429 -16.50 33.48 -53.09
C GLU C 429 -16.38 33.69 -51.57
N GLY C 430 -15.37 33.05 -50.96
CA GLY C 430 -15.08 33.13 -49.52
C GLY C 430 -15.28 34.47 -48.80
N PRO C 431 -14.62 35.55 -49.27
CA PRO C 431 -14.83 36.89 -48.68
C PRO C 431 -16.26 37.43 -48.81
N GLU C 432 -16.95 37.08 -49.90
CA GLU C 432 -18.33 37.53 -50.15
C GLU C 432 -19.34 36.86 -49.23
N ILE C 433 -19.10 35.59 -48.90
CA ILE C 433 -19.95 34.80 -47.98
C ILE C 433 -19.90 35.38 -46.56
N LEU C 434 -18.70 35.78 -46.13
CA LEU C 434 -18.49 36.41 -44.81
C LEU C 434 -19.14 37.80 -44.70
N ARG C 435 -19.13 38.54 -45.81
CA ARG C 435 -19.78 39.86 -45.90
C ARG C 435 -21.30 39.76 -45.88
N ALA C 436 -21.83 38.73 -46.54
CA ALA C 436 -23.27 38.47 -46.61
C ALA C 436 -23.85 38.02 -45.26
N ALA C 437 -23.04 37.33 -44.47
CA ALA C 437 -23.41 36.89 -43.12
C ALA C 437 -23.36 38.03 -42.11
N ALA C 438 -22.58 39.08 -42.43
CA ALA C 438 -22.42 40.26 -41.57
C ALA C 438 -23.65 41.19 -41.55
N LYS C 439 -24.57 41.00 -42.51
CA LYS C 439 -25.80 41.78 -42.57
C LYS C 439 -26.75 41.53 -41.39
N TRP C 440 -26.84 40.26 -40.97
CA TRP C 440 -27.69 39.88 -39.83
C TRP C 440 -26.90 39.69 -38.53
N CYS C 441 -25.61 39.34 -38.66
CA CYS C 441 -24.73 39.18 -37.50
C CYS C 441 -23.85 40.41 -37.30
N LYS C 442 -24.12 41.13 -36.20
CA LYS C 442 -23.40 42.37 -35.86
C LYS C 442 -22.00 42.19 -35.27
N PRO C 443 -21.76 41.15 -34.41
CA PRO C 443 -20.40 40.92 -33.91
C PRO C 443 -19.38 40.51 -34.98
N LEU C 444 -19.85 39.87 -36.05
CA LEU C 444 -19.00 39.47 -37.17
C LEU C 444 -18.52 40.66 -38.00
N GLU C 445 -19.39 41.66 -38.17
CA GLU C 445 -19.08 42.88 -38.92
C GLU C 445 -17.98 43.70 -38.25
N ALA C 446 -18.02 43.77 -36.91
CA ALA C 446 -17.01 44.47 -36.11
C ALA C 446 -15.65 43.76 -36.13
N ALA C 447 -15.68 42.44 -36.22
CA ALA C 447 -14.47 41.62 -36.27
C ALA C 447 -13.73 41.71 -37.60
N LEU C 448 -14.49 41.89 -38.68
CA LEU C 448 -13.93 42.03 -40.04
C LEU C 448 -13.29 43.39 -40.29
N ASP C 449 -13.83 44.42 -39.63
CA ASP C 449 -13.29 45.79 -39.72
C ASP C 449 -11.98 45.97 -38.95
N THR C 450 -11.83 45.23 -37.85
CA THR C 450 -10.64 45.29 -37.01
C THR C 450 -9.44 44.58 -37.66
N TRP C 451 -9.67 43.38 -38.18
CA TRP C 451 -8.62 42.58 -38.80
C TRP C 451 -8.97 42.23 -40.25
N GLY C 452 -8.93 43.26 -41.11
CA GLY C 452 -9.25 43.12 -42.53
C GLY C 452 -8.01 43.13 -43.40
N ASN C 453 -7.11 44.06 -43.11
CA ASN C 453 -5.87 44.18 -43.87
C ASN C 453 -4.70 43.52 -43.15
N ILE C 454 -4.94 43.10 -41.92
CA ILE C 454 -3.91 42.47 -41.10
C ILE C 454 -3.64 41.03 -41.56
N THR C 455 -2.52 40.84 -42.26
CA THR C 455 -2.14 39.52 -42.73
C THR C 455 -0.65 39.29 -42.56
N PHE C 456 -0.30 38.12 -42.03
CA PHE C 456 1.11 37.77 -41.81
C PHE C 456 1.68 37.04 -43.01
N ASN C 457 2.43 37.77 -43.83
CA ASN C 457 3.05 37.19 -45.02
C ASN C 457 4.57 37.34 -45.00
N TYR C 458 5.27 36.22 -44.96
CA TYR C 458 6.72 36.20 -44.96
C TYR C 458 7.26 34.97 -45.69
N THR C 459 8.51 35.05 -46.11
CA THR C 459 9.14 33.94 -46.83
C THR C 459 9.33 32.74 -45.92
N SER C 460 8.76 31.60 -46.30
CA SER C 460 8.88 30.38 -45.52
C SER C 460 10.31 29.82 -45.58
N THR C 461 10.80 29.35 -44.44
CA THR C 461 12.14 28.79 -44.37
C THR C 461 12.11 27.29 -44.69
N ASP C 462 11.15 26.58 -44.12
CA ASP C 462 10.99 25.15 -44.38
C ASP C 462 10.13 24.94 -45.62
N THR C 463 10.78 24.84 -46.78
CA THR C 463 10.07 24.72 -48.04
C THR C 463 10.40 23.40 -48.75
N SER C 464 9.62 23.09 -49.79
CA SER C 464 9.83 21.89 -50.58
C SER C 464 10.98 22.08 -51.56
N ASP C 465 11.52 20.96 -52.06
CA ASP C 465 12.63 21.01 -53.00
C ASP C 465 12.22 20.51 -54.38
N PHE C 466 10.94 20.15 -54.52
CA PHE C 466 10.42 19.64 -55.77
C PHE C 466 9.25 20.48 -56.27
N VAL C 467 9.50 21.78 -56.45
CA VAL C 467 8.46 22.69 -56.92
C VAL C 467 8.95 23.53 -58.08
N MET D 1 -32.96 31.24 -23.74
CA MET D 1 -32.40 29.86 -23.74
C MET D 1 -32.60 29.17 -25.09
N ARG D 2 -31.49 28.68 -25.65
CA ARG D 2 -31.50 27.93 -26.91
C ARG D 2 -30.37 26.89 -26.89
N ILE D 3 -30.75 25.63 -27.06
CA ILE D 3 -29.81 24.51 -27.03
C ILE D 3 -29.06 24.41 -28.37
N THR D 4 -27.74 24.58 -28.30
CA THR D 4 -26.88 24.66 -29.49
C THR D 4 -26.18 23.33 -29.82
N GLN D 5 -26.81 22.22 -29.44
CA GLN D 5 -26.28 20.88 -29.67
C GLN D 5 -26.35 20.52 -31.16
N GLY D 6 -25.17 20.48 -31.81
CA GLY D 6 -25.06 20.15 -33.23
C GLY D 6 -24.61 21.31 -34.10
N CYS D 7 -24.49 21.03 -35.40
CA CYS D 7 -24.05 22.01 -36.39
C CYS D 7 -25.19 22.94 -36.82
N PHE D 8 -24.82 24.09 -37.40
CA PHE D 8 -25.74 25.12 -37.90
C PHE D 8 -26.72 25.71 -36.86
N SER D 9 -26.31 25.67 -35.58
CA SER D 9 -27.15 26.10 -34.46
C SER D 9 -27.25 27.62 -34.33
N PHE D 10 -26.12 28.30 -34.52
CA PHE D 10 -26.04 29.77 -34.44
C PHE D 10 -26.67 30.47 -35.65
N LEU D 11 -26.70 29.77 -36.78
CA LEU D 11 -27.42 30.21 -37.97
C LEU D 11 -28.94 30.11 -37.75
N PRO D 12 -29.74 30.95 -38.45
CA PRO D 12 -31.21 30.83 -38.39
C PRO D 12 -31.74 29.48 -38.89
N ASP D 13 -32.95 29.11 -38.45
CA ASP D 13 -33.57 27.82 -38.75
C ASP D 13 -33.60 27.50 -40.25
N LEU D 14 -33.11 26.31 -40.59
CA LEU D 14 -32.93 25.89 -41.98
C LEU D 14 -34.25 25.57 -42.67
N THR D 15 -34.45 26.17 -43.84
CA THR D 15 -35.61 25.90 -44.69
C THR D 15 -35.44 24.58 -45.44
N ASP D 16 -36.56 24.02 -45.92
CA ASP D 16 -36.59 22.73 -46.62
C ASP D 16 -35.70 22.67 -47.87
N GLU D 17 -35.50 23.82 -48.51
CA GLU D 17 -34.60 23.96 -49.66
C GLU D 17 -33.12 23.83 -49.24
N GLN D 18 -32.79 24.35 -48.06
CA GLN D 18 -31.44 24.28 -47.50
C GLN D 18 -31.09 22.90 -46.96
N ILE D 19 -32.08 22.24 -46.34
CA ILE D 19 -31.95 20.88 -45.82
C ILE D 19 -31.71 19.89 -46.96
N SER D 20 -32.47 20.04 -48.05
CA SER D 20 -32.32 19.22 -49.26
C SER D 20 -30.93 19.32 -49.89
N ALA D 21 -30.33 20.51 -49.81
CA ALA D 21 -28.98 20.76 -50.29
C ALA D 21 -27.90 20.12 -49.42
N GLN D 22 -28.15 20.06 -48.10
CA GLN D 22 -27.21 19.47 -47.14
C GLN D 22 -27.21 17.94 -47.18
N VAL D 23 -28.38 17.35 -47.41
CA VAL D 23 -28.54 15.90 -47.58
C VAL D 23 -27.89 15.44 -48.90
N ASP D 24 -28.01 16.26 -49.94
CA ASP D 24 -27.40 16.02 -51.25
C ASP D 24 -25.87 15.90 -51.19
N TYR D 25 -25.25 16.64 -50.27
CA TYR D 25 -23.82 16.55 -49.98
C TYR D 25 -23.48 15.22 -49.29
N CYS D 26 -24.33 14.79 -48.37
CA CYS D 26 -24.14 13.55 -47.61
C CYS D 26 -24.29 12.29 -48.47
N LEU D 27 -25.28 12.32 -49.38
CA LEU D 27 -25.53 11.21 -50.30
C LEU D 27 -24.49 11.14 -51.43
N GLY D 28 -23.93 12.29 -51.78
CA GLY D 28 -22.88 12.40 -52.80
C GLY D 28 -21.57 11.78 -52.38
N ARG D 29 -21.21 11.95 -51.12
CA ARG D 29 -20.00 11.36 -50.54
C ARG D 29 -20.18 9.89 -50.14
N GLY D 30 -21.45 9.47 -50.02
CA GLY D 30 -21.80 8.09 -49.72
C GLY D 30 -21.99 7.83 -48.24
N TRP D 31 -22.91 8.58 -47.63
CA TRP D 31 -23.24 8.42 -46.22
C TRP D 31 -24.70 8.02 -46.02
N ALA D 32 -24.95 7.22 -44.99
CA ALA D 32 -26.29 6.78 -44.63
C ALA D 32 -26.99 7.84 -43.78
N VAL D 33 -28.14 8.31 -44.26
CA VAL D 33 -28.90 9.38 -43.61
C VAL D 33 -29.97 8.78 -42.69
N SER D 34 -29.94 9.21 -41.42
CA SER D 34 -30.88 8.73 -40.40
C SER D 34 -31.51 9.88 -39.62
N LEU D 35 -32.80 9.72 -39.29
CA LEU D 35 -33.54 10.69 -38.49
C LEU D 35 -33.68 10.21 -37.04
N GLU D 36 -33.46 11.14 -36.11
CA GLU D 36 -33.53 10.85 -34.68
C GLU D 36 -34.29 11.95 -33.96
N HIS D 37 -35.08 11.55 -32.95
CA HIS D 37 -35.88 12.50 -32.17
C HIS D 37 -35.85 12.22 -30.66
N THR D 38 -35.97 13.28 -29.86
CA THR D 38 -36.08 13.17 -28.39
C THR D 38 -36.79 14.38 -27.76
N ASP D 39 -37.31 14.16 -26.55
CA ASP D 39 -37.85 15.23 -25.71
C ASP D 39 -36.88 15.61 -24.59
N ASP D 40 -35.81 14.82 -24.45
CA ASP D 40 -34.75 15.04 -23.47
C ASP D 40 -33.44 15.41 -24.16
N PRO D 41 -33.17 16.73 -24.34
CA PRO D 41 -32.00 17.21 -25.07
C PRO D 41 -30.80 17.52 -24.17
N HIS D 42 -30.49 16.58 -23.27
CA HIS D 42 -29.35 16.68 -22.35
C HIS D 42 -28.02 16.68 -23.10
N PRO D 43 -27.02 17.45 -22.62
CA PRO D 43 -25.65 17.30 -23.12
C PRO D 43 -25.13 15.90 -22.80
N ARG D 44 -24.27 15.38 -23.68
CA ARG D 44 -23.71 14.01 -23.58
C ARG D 44 -24.73 12.84 -23.53
N ASN D 45 -26.01 13.16 -23.74
CA ASN D 45 -27.05 12.14 -23.96
C ASN D 45 -26.88 11.59 -25.37
N THR D 46 -26.46 10.33 -25.44
CA THR D 46 -25.98 9.71 -26.68
C THR D 46 -27.11 9.26 -27.62
N TYR D 47 -28.08 8.53 -27.08
CA TYR D 47 -29.05 7.80 -27.90
C TYR D 47 -30.43 8.46 -27.94
N TRP D 48 -30.81 8.89 -29.14
CA TRP D 48 -32.13 9.47 -29.42
C TRP D 48 -32.99 8.40 -30.08
N GLU D 49 -34.32 8.60 -30.05
CA GLU D 49 -35.26 7.65 -30.67
C GLU D 49 -35.18 7.71 -32.19
N MET D 50 -34.76 6.60 -32.79
CA MET D 50 -34.61 6.49 -34.24
C MET D 50 -35.95 6.38 -34.95
N TRP D 51 -36.11 7.18 -36.00
CA TRP D 51 -37.28 7.11 -36.88
C TRP D 51 -37.01 6.11 -38.00
N GLY D 52 -37.34 4.85 -37.72
CA GLY D 52 -37.10 3.74 -38.66
C GLY D 52 -35.62 3.39 -38.80
N MET D 53 -35.29 2.81 -39.95
CA MET D 53 -33.91 2.39 -40.28
C MET D 53 -33.20 3.47 -41.11
N PRO D 54 -31.86 3.60 -40.95
CA PRO D 54 -31.07 4.54 -41.77
C PRO D 54 -31.13 4.22 -43.26
N MET D 55 -31.17 5.27 -44.08
CA MET D 55 -31.24 5.13 -45.54
C MET D 55 -29.85 4.95 -46.13
N PHE D 56 -29.47 3.69 -46.34
CA PHE D 56 -28.13 3.33 -46.82
C PHE D 56 -27.96 3.55 -48.32
N ASP D 57 -28.78 2.88 -49.12
CA ASP D 57 -28.70 2.97 -50.58
C ASP D 57 -29.88 3.76 -51.15
N LEU D 58 -29.79 5.09 -51.00
CA LEU D 58 -30.77 6.02 -51.54
C LEU D 58 -30.05 7.15 -52.25
N ARG D 59 -30.25 7.24 -53.56
CA ARG D 59 -29.57 8.24 -54.41
C ARG D 59 -30.49 9.41 -54.79
N ASP D 60 -31.43 9.73 -53.90
CA ASP D 60 -32.37 10.82 -54.09
C ASP D 60 -32.57 11.59 -52.79
N PRO D 61 -32.29 12.92 -52.80
CA PRO D 61 -32.47 13.76 -51.61
C PRO D 61 -33.94 14.02 -51.24
N LYS D 62 -34.84 13.86 -52.22
CA LYS D 62 -36.28 14.05 -52.02
C LYS D 62 -36.91 12.95 -51.15
N GLY D 63 -36.35 11.74 -51.24
CA GLY D 63 -36.81 10.58 -50.47
C GLY D 63 -36.63 10.70 -48.96
N VAL D 64 -35.58 11.42 -48.56
CA VAL D 64 -35.31 11.72 -47.14
C VAL D 64 -36.33 12.74 -46.61
N MET D 65 -36.66 13.73 -47.45
CA MET D 65 -37.57 14.83 -47.09
C MET D 65 -39.00 14.39 -46.81
N ILE D 66 -39.43 13.30 -47.45
CA ILE D 66 -40.75 12.70 -47.22
C ILE D 66 -40.82 12.09 -45.81
N GLU D 67 -39.75 11.39 -45.42
CA GLU D 67 -39.62 10.79 -44.09
C GLU D 67 -39.47 11.84 -42.97
N LEU D 68 -38.89 12.99 -43.34
CA LEU D 68 -38.73 14.12 -42.42
C LEU D 68 -40.07 14.79 -42.09
N ASP D 69 -40.92 14.96 -43.11
CA ASP D 69 -42.26 15.53 -42.95
C ASP D 69 -43.22 14.59 -42.22
N GLU D 70 -42.99 13.28 -42.39
CA GLU D 70 -43.74 12.24 -41.68
C GLU D 70 -43.41 12.22 -40.19
N CYS D 71 -42.13 12.48 -39.86
CA CYS D 71 -41.66 12.52 -38.48
C CYS D 71 -42.15 13.78 -37.74
N ARG D 72 -42.28 14.88 -38.47
CA ARG D 72 -42.80 16.15 -37.93
C ARG D 72 -44.28 16.07 -37.54
N LYS D 73 -45.05 15.32 -38.33
CA LYS D 73 -46.48 15.10 -38.07
C LYS D 73 -46.72 14.22 -36.85
N ALA D 74 -45.86 13.21 -36.67
CA ALA D 74 -45.94 12.28 -35.54
C ALA D 74 -45.43 12.91 -34.24
N TRP D 75 -44.33 13.65 -34.33
CA TRP D 75 -43.72 14.30 -33.17
C TRP D 75 -43.52 15.80 -33.44
N PRO D 76 -44.52 16.64 -33.07
CA PRO D 76 -44.41 18.09 -33.29
C PRO D 76 -43.49 18.79 -32.29
N GLY D 77 -43.62 18.44 -31.00
CA GLY D 77 -42.82 19.07 -29.94
C GLY D 77 -41.61 18.28 -29.52
N ARG D 78 -40.79 17.92 -30.50
CA ARG D 78 -39.56 17.15 -30.28
C ARG D 78 -38.40 17.66 -31.12
N TYR D 79 -37.17 17.38 -30.66
CA TYR D 79 -35.96 17.72 -31.39
C TYR D 79 -35.64 16.67 -32.45
N ILE D 80 -35.85 17.03 -33.71
CA ILE D 80 -35.52 16.14 -34.84
C ILE D 80 -34.15 16.54 -35.41
N ARG D 81 -33.27 15.54 -35.55
CA ARG D 81 -31.95 15.75 -36.15
C ARG D 81 -31.63 14.76 -37.27
N ILE D 82 -30.73 15.16 -38.17
CA ILE D 82 -30.27 14.31 -39.26
C ILE D 82 -28.83 13.87 -38.97
N ASN D 83 -28.62 12.55 -39.00
CA ASN D 83 -27.29 11.97 -38.79
C ASN D 83 -26.81 11.24 -40.03
N ALA D 84 -25.69 11.71 -40.58
CA ALA D 84 -25.04 11.09 -41.73
C ALA D 84 -23.93 10.14 -41.25
N PHE D 85 -24.05 8.87 -41.62
CA PHE D 85 -23.15 7.83 -41.15
C PHE D 85 -22.17 7.37 -42.22
N ASP D 86 -20.88 7.47 -41.90
CA ASP D 86 -19.80 7.02 -42.79
C ASP D 86 -19.47 5.55 -42.57
N SER D 87 -19.29 4.82 -43.67
CA SER D 87 -19.01 3.38 -43.62
C SER D 87 -17.75 3.02 -44.41
N THR D 88 -16.61 3.53 -43.94
CA THR D 88 -15.30 3.29 -44.56
C THR D 88 -14.45 2.39 -43.65
N ARG D 89 -13.18 2.21 -43.99
CA ARG D 89 -12.25 1.31 -43.28
C ARG D 89 -11.88 1.82 -41.88
N GLY D 90 -11.66 3.13 -41.76
CA GLY D 90 -11.17 3.73 -40.52
C GLY D 90 -12.20 4.50 -39.70
N PHE D 91 -13.15 5.13 -40.38
CA PHE D 91 -14.15 5.99 -39.74
C PHE D 91 -15.21 5.20 -38.97
N GLU D 92 -16.16 4.60 -39.70
CA GLU D 92 -17.29 3.82 -39.14
C GLU D 92 -18.12 4.59 -38.10
N THR D 93 -18.29 5.89 -38.33
CA THR D 93 -18.95 6.79 -37.38
C THR D 93 -19.82 7.85 -38.06
N VAL D 94 -20.51 8.65 -37.25
CA VAL D 94 -21.32 9.78 -37.71
C VAL D 94 -20.39 10.91 -38.19
N THR D 95 -20.76 11.54 -39.31
CA THR D 95 -19.99 12.64 -39.88
C THR D 95 -20.69 13.99 -39.76
N MET D 96 -22.00 14.02 -39.98
CA MET D 96 -22.80 15.25 -39.88
C MET D 96 -23.99 15.09 -38.94
N SER D 97 -24.24 16.12 -38.14
CA SER D 97 -25.35 16.16 -37.20
C SER D 97 -25.86 17.59 -37.05
N PHE D 98 -27.14 17.79 -37.38
CA PHE D 98 -27.79 19.10 -37.25
C PHE D 98 -29.29 19.00 -36.98
N ILE D 99 -29.75 19.81 -36.03
CA ILE D 99 -31.18 19.88 -35.67
C ILE D 99 -31.95 20.61 -36.76
N VAL D 100 -32.98 19.93 -37.28
CA VAL D 100 -33.87 20.50 -38.31
C VAL D 100 -35.19 21.01 -37.74
N ASN D 101 -35.66 20.37 -36.68
CA ASN D 101 -36.89 20.77 -36.00
C ASN D 101 -36.71 20.83 -34.49
N ARG D 102 -36.95 22.00 -33.92
CA ARG D 102 -36.92 22.21 -32.47
C ARG D 102 -38.26 22.78 -31.97
N PRO D 103 -38.70 22.39 -30.75
CA PRO D 103 -40.02 22.76 -30.20
C PRO D 103 -40.26 24.26 -30.05
N GLU D 104 -41.53 24.62 -29.83
CA GLU D 104 -41.99 26.02 -29.70
C GLU D 104 -41.21 26.83 -28.65
N VAL D 105 -40.93 26.21 -27.51
CA VAL D 105 -40.12 26.82 -26.46
C VAL D 105 -39.06 25.84 -25.93
N GLU D 106 -37.81 26.28 -25.94
CA GLU D 106 -36.67 25.47 -25.50
C GLU D 106 -36.60 25.38 -23.97
N PRO D 107 -36.45 24.15 -23.43
CA PRO D 107 -36.34 23.98 -21.98
C PRO D 107 -34.97 24.35 -21.43
N SER D 108 -34.96 24.95 -20.25
CA SER D 108 -33.73 25.37 -19.56
C SER D 108 -33.15 24.23 -18.71
N LEU D 109 -31.90 24.38 -18.30
CA LEU D 109 -31.22 23.39 -17.46
C LEU D 109 -30.94 23.92 -16.07
N ARG D 110 -31.36 23.15 -15.05
CA ARG D 110 -31.08 23.46 -13.66
C ARG D 110 -29.85 22.69 -13.18
N MET D 111 -28.94 23.40 -12.52
CA MET D 111 -27.70 22.81 -12.03
C MET D 111 -27.72 22.65 -10.51
N GLU D 112 -27.62 21.41 -10.06
CA GLU D 112 -27.58 21.08 -8.63
C GLU D 112 -26.14 20.81 -8.19
N ARG D 113 -25.74 21.46 -7.10
CA ARG D 113 -24.37 21.40 -6.59
C ARG D 113 -24.26 20.58 -5.32
N THR D 114 -23.64 19.40 -5.44
CA THR D 114 -23.40 18.51 -4.32
C THR D 114 -21.98 18.70 -3.79
N GLU D 115 -21.88 19.08 -2.52
CA GLU D 115 -20.60 19.34 -1.88
C GLU D 115 -19.98 18.05 -1.36
N VAL D 116 -18.80 17.72 -1.88
CA VAL D 116 -18.09 16.49 -1.53
C VAL D 116 -16.84 16.83 -0.69
N ASP D 117 -15.74 16.10 -0.90
CA ASP D 117 -14.50 16.29 -0.14
C ASP D 117 -13.75 17.54 -0.57
N GLY D 118 -13.35 18.34 0.42
CA GLY D 118 -12.64 19.60 0.19
C GLY D 118 -13.56 20.67 -0.35
N ARG D 119 -13.19 21.19 -1.53
CA ARG D 119 -13.98 22.23 -2.20
C ARG D 119 -14.57 21.73 -3.53
N SER D 120 -14.42 20.42 -3.78
CA SER D 120 -14.90 19.78 -5.00
C SER D 120 -16.42 19.66 -5.03
N ILE D 121 -17.00 19.91 -6.22
CA ILE D 121 -18.45 19.89 -6.42
C ILE D 121 -18.83 18.90 -7.53
N ARG D 122 -19.78 18.02 -7.23
CA ARG D 122 -20.41 17.19 -8.26
C ARG D 122 -21.60 17.95 -8.84
N TYR D 123 -21.61 18.08 -10.16
CA TYR D 123 -22.64 18.83 -10.88
C TYR D 123 -23.66 17.89 -11.52
N THR D 124 -24.93 18.29 -11.43
CA THR D 124 -26.03 17.52 -12.01
C THR D 124 -26.92 18.45 -12.86
N HIS D 125 -26.90 18.21 -14.16
CA HIS D 125 -27.71 18.97 -15.11
C HIS D 125 -29.05 18.26 -15.33
N SER D 126 -30.14 18.99 -15.12
CA SER D 126 -31.49 18.46 -15.26
C SER D 126 -32.40 19.38 -16.07
N ILE D 127 -33.20 18.77 -16.93
CA ILE D 127 -34.12 19.50 -17.82
C ILE D 127 -35.44 19.76 -17.09
N VAL D 128 -35.90 21.01 -17.17
CA VAL D 128 -37.16 21.45 -16.52
C VAL D 128 -38.42 20.79 -17.12
N ARG D 129 -38.37 20.46 -18.41
CA ARG D 129 -39.48 19.85 -19.14
C ARG D 129 -39.40 18.31 -19.04
N ARG E 1 7.77 -58.18 -4.47
CA ARG E 1 7.10 -57.21 -5.38
C ARG E 1 7.78 -55.83 -5.37
N TYR E 2 8.93 -55.74 -4.69
CA TYR E 2 9.70 -54.48 -4.61
C TYR E 2 11.12 -54.57 -5.18
N LYS E 3 11.44 -55.71 -5.80
CA LYS E 3 12.69 -55.91 -6.52
C LYS E 3 12.68 -55.13 -7.84
N ALA E 4 13.87 -54.78 -8.32
CA ALA E 4 14.03 -53.99 -9.56
C ALA E 4 13.60 -54.78 -10.80
N GLY E 5 12.74 -54.15 -11.60
CA GLY E 5 12.19 -54.77 -12.81
C GLY E 5 10.83 -54.22 -13.21
N VAL E 6 10.42 -54.51 -14.43
CA VAL E 6 9.15 -54.04 -14.99
C VAL E 6 8.05 -55.09 -14.74
N LEU E 7 7.02 -54.68 -14.02
CA LEU E 7 5.86 -55.52 -13.72
C LEU E 7 4.56 -54.89 -14.23
N LYS E 8 3.59 -55.74 -14.57
CA LYS E 8 2.27 -55.32 -15.04
C LYS E 8 1.47 -54.65 -13.92
N TYR E 9 0.60 -53.72 -14.31
CA TYR E 9 -0.19 -52.92 -13.37
C TYR E 9 -1.22 -53.73 -12.57
N ALA E 10 -1.73 -54.80 -13.18
CA ALA E 10 -2.64 -55.74 -12.50
C ALA E 10 -1.92 -56.56 -11.44
N GLN E 11 -0.67 -56.92 -11.72
CA GLN E 11 0.19 -57.67 -10.79
C GLN E 11 0.74 -56.79 -9.68
N MET E 12 0.92 -55.50 -9.98
CA MET E 12 1.48 -54.51 -9.05
C MET E 12 0.53 -54.14 -7.92
N GLY E 13 -0.77 -54.25 -8.18
CA GLY E 13 -1.81 -54.04 -7.16
C GLY E 13 -2.66 -52.82 -7.40
N TYR E 14 -3.35 -52.80 -8.54
CA TYR E 14 -4.23 -51.69 -8.94
C TYR E 14 -5.62 -52.17 -9.36
N TRP E 15 -5.72 -53.46 -9.69
CA TRP E 15 -6.99 -54.11 -9.99
C TRP E 15 -7.44 -54.96 -8.82
N ASP E 16 -8.68 -54.72 -8.37
CA ASP E 16 -9.31 -55.50 -7.30
C ASP E 16 -10.81 -55.58 -7.53
N GLY E 17 -11.27 -56.76 -7.96
CA GLY E 17 -12.67 -57.01 -8.28
C GLY E 17 -13.61 -57.04 -7.07
N ASP E 18 -13.07 -57.42 -5.92
CA ASP E 18 -13.83 -57.55 -4.67
C ASP E 18 -13.90 -56.24 -3.87
N TYR E 19 -13.24 -55.20 -4.37
CA TYR E 19 -13.20 -53.88 -3.72
C TYR E 19 -14.55 -53.17 -3.79
N VAL E 20 -15.00 -52.69 -2.64
CA VAL E 20 -16.22 -51.88 -2.54
C VAL E 20 -15.80 -50.46 -2.13
N PRO E 21 -16.15 -49.44 -2.96
CA PRO E 21 -15.75 -48.06 -2.68
C PRO E 21 -16.47 -47.45 -1.47
N LYS E 22 -15.71 -46.69 -0.69
CA LYS E 22 -16.22 -45.99 0.50
C LYS E 22 -16.97 -44.72 0.11
N ASP E 23 -17.69 -44.14 1.08
CA ASP E 23 -18.44 -42.89 0.89
C ASP E 23 -17.54 -41.68 0.64
N THR E 24 -16.31 -41.74 1.16
CA THR E 24 -15.31 -40.69 0.95
C THR E 24 -14.29 -41.12 -0.10
N ASP E 25 -14.77 -41.33 -1.32
CA ASP E 25 -13.93 -41.70 -2.47
C ASP E 25 -14.42 -41.05 -3.75
N VAL E 26 -13.48 -40.43 -4.48
CA VAL E 26 -13.75 -39.82 -5.77
C VAL E 26 -13.80 -40.93 -6.84
N LEU E 27 -14.97 -41.09 -7.45
CA LEU E 27 -15.18 -42.11 -8.47
C LEU E 27 -15.17 -41.51 -9.86
N ALA E 28 -14.56 -42.22 -10.81
CA ALA E 28 -14.47 -41.77 -12.20
C ALA E 28 -14.72 -42.91 -13.17
N LEU E 29 -15.53 -42.62 -14.20
CA LEU E 29 -15.76 -43.54 -15.30
C LEU E 29 -14.86 -43.25 -16.50
N PHE E 30 -14.42 -44.32 -17.14
CA PHE E 30 -13.61 -44.21 -18.35
C PHE E 30 -14.13 -45.16 -19.43
N ARG E 31 -14.45 -44.59 -20.58
CA ARG E 31 -14.83 -45.34 -21.77
C ARG E 31 -13.57 -45.64 -22.57
N ILE E 32 -12.98 -46.80 -22.29
CA ILE E 32 -11.67 -47.16 -22.84
C ILE E 32 -11.79 -48.11 -24.04
N THR E 33 -11.16 -47.70 -25.14
CA THR E 33 -10.95 -48.56 -26.30
C THR E 33 -9.49 -49.02 -26.26
N PRO E 34 -9.25 -50.31 -25.91
CA PRO E 34 -7.87 -50.81 -25.83
C PRO E 34 -7.32 -51.21 -27.19
N GLN E 35 -5.99 -51.27 -27.29
CA GLN E 35 -5.30 -51.72 -28.50
C GLN E 35 -5.46 -53.22 -28.73
N GLU E 36 -5.18 -53.67 -29.96
CA GLU E 36 -5.27 -55.09 -30.32
C GLU E 36 -4.22 -55.93 -29.59
N GLY E 37 -4.69 -56.72 -28.62
CA GLY E 37 -3.83 -57.54 -27.78
C GLY E 37 -3.88 -57.17 -26.30
N VAL E 38 -4.15 -55.90 -26.03
CA VAL E 38 -4.22 -55.37 -24.66
C VAL E 38 -5.53 -55.81 -24.00
N ASP E 39 -5.41 -56.44 -22.83
CA ASP E 39 -6.55 -56.90 -22.04
C ASP E 39 -7.25 -55.73 -21.36
N PRO E 40 -8.61 -55.73 -21.32
CA PRO E 40 -9.40 -54.67 -20.66
C PRO E 40 -9.10 -54.48 -19.16
N VAL E 41 -8.70 -55.57 -18.49
CA VAL E 41 -8.29 -55.54 -17.07
C VAL E 41 -6.97 -54.78 -16.92
N GLU E 42 -6.02 -55.07 -17.83
CA GLU E 42 -4.72 -54.38 -17.90
C GLU E 42 -4.89 -52.91 -18.31
N ALA E 43 -5.84 -52.67 -19.22
CA ALA E 43 -6.17 -51.32 -19.69
C ALA E 43 -6.76 -50.43 -18.58
N ALA E 44 -7.58 -51.04 -17.72
CA ALA E 44 -8.18 -50.35 -16.57
C ALA E 44 -7.14 -50.00 -15.52
N ALA E 45 -6.25 -50.97 -15.23
CA ALA E 45 -5.21 -50.82 -14.22
C ALA E 45 -4.13 -49.81 -14.62
N ALA E 46 -3.92 -49.66 -15.93
CA ALA E 46 -3.00 -48.66 -16.48
C ALA E 46 -3.53 -47.24 -16.28
N VAL E 47 -4.85 -47.09 -16.42
CA VAL E 47 -5.55 -45.83 -16.16
C VAL E 47 -5.57 -45.53 -14.65
N ALA E 48 -5.88 -46.56 -13.86
CA ALA E 48 -5.89 -46.46 -12.40
C ALA E 48 -4.50 -46.19 -11.81
N GLY E 49 -3.46 -46.68 -12.50
CA GLY E 49 -2.08 -46.53 -12.06
C GLY E 49 -1.54 -45.12 -12.17
N GLU E 50 -1.35 -44.67 -13.40
CA GLU E 50 -0.70 -43.37 -13.70
C GLU E 50 -1.44 -42.15 -13.16
N SER E 51 -2.75 -42.26 -13.03
CA SER E 51 -3.59 -41.17 -12.48
C SER E 51 -3.37 -40.91 -10.99
N SER E 52 -2.71 -41.84 -10.29
CA SER E 52 -2.43 -41.70 -8.87
C SER E 52 -0.93 -41.80 -8.53
N THR E 53 -0.46 -43.01 -8.24
CA THR E 53 0.88 -43.25 -7.67
C THR E 53 1.59 -44.43 -8.34
N ALA E 54 1.87 -44.31 -9.63
CA ALA E 54 2.55 -45.39 -10.38
C ALA E 54 3.50 -44.91 -11.46
N THR E 55 4.54 -45.72 -11.67
CA THR E 55 5.49 -45.57 -12.77
C THR E 55 5.76 -46.94 -13.42
N TRP E 56 6.35 -46.93 -14.61
CA TRP E 56 6.56 -48.14 -15.43
C TRP E 56 7.41 -49.24 -14.79
N THR E 57 8.33 -48.86 -13.91
CA THR E 57 9.16 -49.81 -13.16
C THR E 57 9.03 -49.62 -11.64
N VAL E 58 9.32 -50.69 -10.89
CA VAL E 58 9.17 -50.69 -9.43
C VAL E 58 10.32 -49.95 -8.74
N VAL E 59 9.96 -49.07 -7.80
CA VAL E 59 10.92 -48.30 -7.01
C VAL E 59 10.92 -48.73 -5.53
N TRP E 60 12.07 -48.62 -4.87
CA TRP E 60 12.21 -48.98 -3.46
C TRP E 60 11.60 -47.95 -2.50
N THR E 61 11.42 -46.72 -3.00
CA THR E 61 10.82 -45.62 -2.23
C THR E 61 9.32 -45.82 -1.94
N ASP E 62 8.71 -46.77 -2.64
CA ASP E 62 7.32 -47.20 -2.37
C ASP E 62 7.15 -47.82 -0.98
N ARG E 63 8.21 -48.44 -0.46
CA ARG E 63 8.20 -49.07 0.87
C ARG E 63 8.21 -48.07 2.02
N LEU E 64 8.58 -46.82 1.73
CA LEU E 64 8.60 -45.75 2.72
C LEU E 64 7.18 -45.29 3.09
N THR E 65 6.42 -44.85 2.10
CA THR E 65 5.01 -44.44 2.29
C THR E 65 4.06 -45.65 2.26
N ALA E 66 2.93 -45.53 2.96
CA ALA E 66 1.93 -46.59 3.00
C ALA E 66 1.11 -46.62 1.70
N CYS E 67 1.64 -47.35 0.71
CA CYS E 67 1.09 -47.39 -0.66
C CYS E 67 -0.34 -47.91 -0.79
N ASP E 68 -0.75 -48.78 0.13
CA ASP E 68 -2.10 -49.38 0.14
C ASP E 68 -3.24 -48.35 0.26
N SER E 69 -2.93 -47.18 0.81
CA SER E 69 -3.90 -46.09 0.95
C SER E 69 -3.88 -45.11 -0.23
N TYR E 70 -2.69 -44.86 -0.78
CA TYR E 70 -2.49 -43.84 -1.82
C TYR E 70 -2.82 -44.31 -3.24
N ARG E 71 -2.71 -45.60 -3.48
CA ARG E 71 -2.96 -46.19 -4.81
C ARG E 71 -4.44 -46.16 -5.18
N ALA E 72 -4.74 -45.71 -6.40
CA ALA E 72 -6.09 -45.76 -6.95
C ALA E 72 -6.43 -47.18 -7.41
N LYS E 73 -7.68 -47.57 -7.20
CA LYS E 73 -8.11 -48.93 -7.42
C LYS E 73 -9.29 -48.97 -8.38
N ALA E 74 -9.11 -49.69 -9.49
CA ALA E 74 -10.18 -49.98 -10.43
C ALA E 74 -10.95 -51.21 -9.93
N TYR E 75 -12.26 -51.06 -9.71
CA TYR E 75 -13.03 -52.10 -9.05
C TYR E 75 -13.92 -52.98 -9.93
N ARG E 76 -14.50 -52.40 -10.97
CA ARG E 76 -15.24 -53.21 -11.97
C ARG E 76 -15.12 -52.70 -13.40
N VAL E 77 -15.06 -53.64 -14.33
CA VAL E 77 -15.01 -53.37 -15.78
C VAL E 77 -16.16 -54.09 -16.46
N GLU E 78 -17.00 -53.32 -17.15
CA GLU E 78 -18.14 -53.86 -17.91
C GLU E 78 -18.10 -53.41 -19.38
N PRO E 79 -18.41 -54.33 -20.32
CA PRO E 79 -18.45 -53.97 -21.75
C PRO E 79 -19.62 -53.05 -22.09
N VAL E 80 -19.36 -52.07 -22.95
CA VAL E 80 -20.37 -51.12 -23.40
C VAL E 80 -21.32 -51.81 -24.40
N PRO E 81 -22.65 -51.76 -24.15
CA PRO E 81 -23.63 -52.34 -25.08
C PRO E 81 -23.70 -51.57 -26.41
N GLY E 82 -23.71 -52.32 -27.51
CA GLY E 82 -23.72 -51.75 -28.86
C GLY E 82 -22.37 -51.84 -29.55
N THR E 83 -21.32 -51.45 -28.84
CA THR E 83 -19.94 -51.48 -29.36
C THR E 83 -19.24 -52.80 -29.03
N PRO E 84 -18.59 -53.43 -30.03
CA PRO E 84 -17.91 -54.72 -29.84
C PRO E 84 -16.63 -54.63 -29.00
N GLY E 85 -15.87 -53.55 -29.17
CA GLY E 85 -14.57 -53.39 -28.50
C GLY E 85 -14.43 -52.09 -27.72
N GLN E 86 -15.26 -51.93 -26.69
CA GLN E 86 -15.24 -50.75 -25.83
C GLN E 86 -15.72 -51.13 -24.43
N TYR E 87 -15.07 -50.57 -23.41
CA TYR E 87 -15.32 -50.95 -22.01
C TYR E 87 -15.48 -49.75 -21.09
N PHE E 88 -16.41 -49.88 -20.14
CA PHE E 88 -16.53 -48.96 -19.01
C PHE E 88 -15.58 -49.38 -17.89
N CYS E 89 -14.87 -48.42 -17.31
CA CYS E 89 -13.96 -48.69 -16.21
C CYS E 89 -14.14 -47.72 -15.05
N TYR E 90 -14.46 -48.29 -13.89
CA TYR E 90 -14.74 -47.54 -12.67
C TYR E 90 -13.49 -47.48 -11.80
N VAL E 91 -12.95 -46.27 -11.63
CA VAL E 91 -11.73 -46.04 -10.85
C VAL E 91 -12.06 -45.25 -9.58
N ALA E 92 -11.56 -45.74 -8.44
CA ALA E 92 -11.75 -45.07 -7.16
C ALA E 92 -10.48 -44.38 -6.69
N TYR E 93 -10.62 -43.12 -6.28
CA TYR E 93 -9.52 -42.30 -5.77
C TYR E 93 -9.82 -41.85 -4.35
N ASP E 94 -8.79 -41.79 -3.51
CA ASP E 94 -8.93 -41.33 -2.12
C ASP E 94 -8.69 -39.83 -1.99
N LEU E 95 -9.35 -39.22 -0.99
CA LEU E 95 -9.27 -37.77 -0.72
C LEU E 95 -7.89 -37.26 -0.34
N ILE E 96 -7.01 -38.18 0.06
CA ILE E 96 -5.63 -37.88 0.44
C ILE E 96 -4.77 -37.36 -0.72
N LEU E 97 -5.24 -37.59 -1.94
CA LEU E 97 -4.53 -37.21 -3.17
C LEU E 97 -4.91 -35.83 -3.70
N PHE E 98 -6.05 -35.30 -3.23
CA PHE E 98 -6.58 -34.04 -3.75
C PHE E 98 -6.45 -32.87 -2.78
N GLU E 99 -6.13 -31.71 -3.35
CA GLU E 99 -6.02 -30.45 -2.61
C GLU E 99 -7.41 -29.87 -2.38
N GLU E 100 -7.61 -29.31 -1.18
CA GLU E 100 -8.89 -28.71 -0.78
C GLU E 100 -9.12 -27.37 -1.49
N GLY E 101 -10.18 -27.33 -2.30
CA GLY E 101 -10.60 -26.13 -3.02
C GLY E 101 -9.71 -25.77 -4.21
N SER E 102 -9.47 -26.75 -5.09
CA SER E 102 -8.67 -26.55 -6.30
C SER E 102 -9.13 -27.48 -7.42
N ILE E 103 -9.57 -26.87 -8.53
CA ILE E 103 -9.99 -27.60 -9.73
C ILE E 103 -8.75 -28.09 -10.49
N ALA E 104 -7.73 -27.23 -10.54
CA ALA E 104 -6.47 -27.51 -11.24
C ALA E 104 -5.74 -28.76 -10.73
N ASN E 105 -5.80 -28.99 -9.41
CA ASN E 105 -5.19 -30.16 -8.78
C ASN E 105 -5.96 -31.45 -9.09
N LEU E 106 -7.28 -31.34 -9.16
CA LEU E 106 -8.18 -32.45 -9.46
C LEU E 106 -7.98 -32.98 -10.88
N THR E 107 -7.77 -32.06 -11.83
CA THR E 107 -7.55 -32.38 -13.24
C THR E 107 -6.14 -32.90 -13.51
N ALA E 108 -5.16 -32.39 -12.75
CA ALA E 108 -3.76 -32.83 -12.85
C ALA E 108 -3.57 -34.30 -12.43
N SER E 109 -4.44 -34.76 -11.52
CA SER E 109 -4.41 -36.14 -11.06
C SER E 109 -5.13 -37.07 -12.04
N ILE E 110 -6.43 -36.84 -12.23
CA ILE E 110 -7.31 -37.77 -12.97
C ILE E 110 -7.05 -37.79 -14.48
N ILE E 111 -7.14 -36.62 -15.12
CA ILE E 111 -6.97 -36.52 -16.58
C ILE E 111 -5.54 -36.11 -17.01
N GLY E 112 -4.58 -36.36 -16.12
CA GLY E 112 -3.19 -35.95 -16.31
C GLY E 112 -2.47 -36.54 -17.51
N ASN E 113 -2.06 -37.80 -17.39
CA ASN E 113 -1.25 -38.47 -18.42
C ASN E 113 -1.88 -39.76 -18.98
N VAL E 114 -3.09 -40.07 -18.52
CA VAL E 114 -3.78 -41.33 -18.88
C VAL E 114 -4.27 -41.39 -20.34
N PHE E 115 -4.51 -40.23 -20.93
CA PHE E 115 -5.01 -40.12 -22.30
C PHE E 115 -3.95 -40.45 -23.35
N SER E 116 -2.72 -40.02 -23.10
CA SER E 116 -1.61 -40.15 -24.05
C SER E 116 -0.88 -41.50 -23.99
N PHE E 117 -1.52 -42.50 -23.37
CA PHE E 117 -0.97 -43.86 -23.26
C PHE E 117 -1.00 -44.62 -24.59
N LYS E 118 0.09 -45.33 -24.86
CA LYS E 118 0.21 -46.19 -26.04
C LYS E 118 -0.69 -47.45 -26.04
N PRO E 119 -0.89 -48.12 -24.87
CA PRO E 119 -1.77 -49.31 -24.88
C PRO E 119 -3.28 -49.03 -25.07
N LEU E 120 -3.67 -47.75 -25.07
CA LEU E 120 -5.06 -47.35 -25.29
C LEU E 120 -5.22 -46.61 -26.61
N LYS E 121 -6.23 -47.01 -27.39
CA LYS E 121 -6.56 -46.38 -28.67
C LYS E 121 -7.28 -45.04 -28.44
N ALA E 122 -8.35 -45.08 -27.64
CA ALA E 122 -9.14 -43.89 -27.29
C ALA E 122 -9.81 -44.05 -25.94
N ALA E 123 -9.62 -43.05 -25.08
CA ALA E 123 -10.25 -43.01 -23.76
C ALA E 123 -11.12 -41.78 -23.61
N ARG E 124 -12.28 -41.95 -22.98
CA ARG E 124 -13.19 -40.83 -22.70
C ARG E 124 -13.70 -40.85 -21.27
N LEU E 125 -13.65 -39.69 -20.63
CA LEU E 125 -14.18 -39.51 -19.28
C LEU E 125 -15.68 -39.21 -19.36
N GLU E 126 -16.49 -40.16 -18.87
CA GLU E 126 -17.95 -40.10 -19.00
C GLU E 126 -18.61 -39.33 -17.86
N ASP E 127 -18.33 -39.74 -16.62
CA ASP E 127 -18.95 -39.15 -15.43
C ASP E 127 -18.03 -39.26 -14.21
N MET E 128 -18.24 -38.38 -13.25
CA MET E 128 -17.43 -38.32 -12.04
C MET E 128 -18.30 -38.10 -10.80
N ARG E 129 -18.03 -38.91 -9.76
CA ARG E 129 -18.72 -38.77 -8.47
C ARG E 129 -17.84 -37.98 -7.50
N PHE E 130 -18.44 -36.97 -6.88
CA PHE E 130 -17.78 -36.23 -5.81
C PHE E 130 -18.48 -36.53 -4.48
N PRO E 131 -17.69 -36.90 -3.45
CA PRO E 131 -18.24 -37.09 -2.10
C PRO E 131 -18.65 -35.77 -1.44
N VAL E 132 -19.49 -35.86 -0.41
CA VAL E 132 -19.98 -34.71 0.34
C VAL E 132 -18.81 -33.98 1.04
N ALA E 133 -17.80 -34.75 1.44
CA ALA E 133 -16.58 -34.23 2.05
C ALA E 133 -15.75 -33.33 1.14
N TYR E 134 -15.83 -33.59 -0.16
CA TYR E 134 -15.05 -32.85 -1.16
C TYR E 134 -15.76 -31.61 -1.71
N VAL E 135 -17.08 -31.67 -1.81
CA VAL E 135 -17.87 -30.52 -2.34
C VAL E 135 -17.92 -29.33 -1.37
N LYS E 136 -17.81 -29.61 -0.07
CA LYS E 136 -17.90 -28.59 0.98
C LYS E 136 -16.67 -27.68 1.07
N THR E 137 -15.54 -28.14 0.55
CA THR E 137 -14.32 -27.34 0.49
C THR E 137 -14.43 -26.18 -0.51
N TYR E 138 -15.27 -26.35 -1.52
CA TYR E 138 -15.53 -25.32 -2.52
C TYR E 138 -16.64 -24.37 -2.10
N LYS E 139 -16.52 -23.11 -2.53
CA LYS E 139 -17.49 -22.06 -2.20
C LYS E 139 -18.79 -22.20 -2.98
N GLY E 140 -18.67 -22.58 -4.26
CA GLY E 140 -19.81 -22.69 -5.17
C GLY E 140 -20.10 -21.40 -5.92
N PRO E 141 -21.21 -21.36 -6.69
CA PRO E 141 -21.62 -20.17 -7.46
C PRO E 141 -21.92 -18.95 -6.59
N PRO E 142 -21.52 -17.74 -7.05
CA PRO E 142 -21.70 -16.48 -6.31
C PRO E 142 -23.14 -16.19 -5.87
N THR E 143 -24.10 -16.39 -6.76
CA THR E 143 -25.51 -16.09 -6.47
C THR E 143 -26.43 -17.31 -6.62
N GLY E 144 -26.34 -17.98 -7.77
CA GLY E 144 -27.22 -19.10 -8.10
C GLY E 144 -28.47 -18.69 -8.86
N ILE E 145 -29.44 -19.59 -8.93
CA ILE E 145 -30.74 -19.33 -9.58
C ILE E 145 -31.60 -18.44 -8.69
N VAL E 146 -31.69 -18.79 -7.41
CA VAL E 146 -32.48 -18.07 -6.41
C VAL E 146 -31.96 -16.64 -6.23
N GLY E 147 -30.65 -16.51 -6.02
CA GLY E 147 -30.00 -15.21 -5.78
C GLY E 147 -30.06 -14.21 -6.92
N GLU E 148 -30.03 -14.71 -8.15
CA GLU E 148 -30.05 -13.87 -9.35
C GLU E 148 -31.44 -13.29 -9.65
N ARG E 149 -32.46 -14.14 -9.60
CA ARG E 149 -33.84 -13.74 -9.89
C ARG E 149 -34.41 -12.72 -8.90
N GLU E 150 -33.93 -12.77 -7.66
CA GLU E 150 -34.30 -11.81 -6.62
C GLU E 150 -33.70 -10.42 -6.87
N ARG E 151 -32.52 -10.40 -7.50
CA ARG E 151 -31.82 -9.15 -7.86
C ARG E 151 -32.46 -8.42 -9.03
N LEU E 152 -32.97 -9.20 -10.00
CA LEU E 152 -33.57 -8.66 -11.21
C LEU E 152 -35.09 -8.49 -11.12
N ASP E 153 -35.68 -9.09 -10.09
CA ASP E 153 -37.14 -9.11 -9.83
C ASP E 153 -37.97 -9.71 -10.99
N LYS E 154 -37.44 -10.76 -11.59
CA LYS E 154 -38.07 -11.43 -12.72
C LYS E 154 -38.31 -12.92 -12.42
N PHE E 155 -39.59 -13.30 -12.41
CA PHE E 155 -40.02 -14.65 -12.02
C PHE E 155 -41.06 -15.23 -12.97
N GLY E 156 -41.02 -16.56 -13.15
CA GLY E 156 -42.08 -17.30 -13.82
C GLY E 156 -41.93 -17.64 -15.29
N LYS E 157 -40.77 -17.29 -15.86
CA LYS E 157 -40.46 -17.55 -17.27
C LYS E 157 -38.93 -17.50 -17.52
N PRO E 158 -38.46 -18.05 -18.66
CA PRO E 158 -37.04 -17.90 -19.01
C PRO E 158 -36.62 -16.46 -19.26
N LEU E 159 -35.40 -16.12 -18.84
CA LEU E 159 -34.80 -14.81 -19.10
C LEU E 159 -34.32 -14.74 -20.55
N LEU E 160 -34.65 -13.66 -21.24
CA LEU E 160 -34.30 -13.51 -22.66
C LEU E 160 -33.01 -12.75 -22.90
N GLY E 161 -32.24 -13.23 -23.88
CA GLY E 161 -30.96 -12.63 -24.26
C GLY E 161 -30.77 -12.50 -25.75
N ALA E 162 -29.77 -11.72 -26.14
CA ALA E 162 -29.37 -11.55 -27.54
C ALA E 162 -27.89 -11.15 -27.65
N THR E 163 -27.19 -11.78 -28.58
CA THR E 163 -25.80 -11.46 -28.88
C THR E 163 -25.76 -10.32 -29.89
N THR E 164 -24.93 -9.31 -29.60
CA THR E 164 -24.78 -8.13 -30.45
C THR E 164 -24.09 -8.50 -31.77
N LYS E 165 -24.84 -8.37 -32.87
CA LYS E 165 -24.37 -8.74 -34.21
C LYS E 165 -24.11 -7.50 -35.06
N PRO E 166 -23.05 -7.48 -35.89
CA PRO E 166 -22.12 -8.61 -36.07
C PRO E 166 -21.14 -8.82 -34.92
N LYS E 167 -20.41 -9.93 -34.98
CA LYS E 167 -19.46 -10.34 -33.94
C LYS E 167 -18.40 -9.26 -33.70
N LEU E 168 -17.58 -8.97 -34.72
CA LEU E 168 -16.58 -7.91 -34.66
C LEU E 168 -16.89 -6.84 -35.72
N GLY E 169 -16.45 -5.61 -35.46
CA GLY E 169 -16.56 -4.52 -36.44
C GLY E 169 -17.12 -3.21 -35.92
N LEU E 170 -18.16 -3.29 -35.09
CA LEU E 170 -18.88 -2.13 -34.58
C LEU E 170 -18.05 -1.28 -33.62
N SER E 171 -18.09 0.04 -33.82
CA SER E 171 -17.44 1.01 -32.94
C SER E 171 -18.27 1.24 -31.67
N GLY E 172 -17.63 1.82 -30.65
CA GLY E 172 -18.23 2.07 -29.34
C GLY E 172 -19.58 2.77 -29.31
N LYS E 173 -19.73 3.78 -30.17
CA LYS E 173 -20.96 4.55 -30.32
C LYS E 173 -22.11 3.68 -30.86
N ASN E 174 -21.86 2.95 -31.94
CA ASN E 174 -22.86 2.14 -32.63
C ASN E 174 -23.19 0.85 -31.90
N TYR E 175 -22.21 0.32 -31.16
CA TYR E 175 -22.37 -0.91 -30.39
C TYR E 175 -23.45 -0.77 -29.32
N GLY E 176 -23.44 0.38 -28.63
CA GLY E 176 -24.43 0.71 -27.61
C GLY E 176 -25.82 0.95 -28.17
N ARG E 177 -25.89 1.41 -29.43
CA ARG E 177 -27.17 1.66 -30.10
C ARG E 177 -27.94 0.36 -30.39
N VAL E 178 -27.22 -0.70 -30.72
CA VAL E 178 -27.80 -2.04 -30.91
C VAL E 178 -28.29 -2.59 -29.56
N VAL E 179 -27.50 -2.34 -28.52
CA VAL E 179 -27.82 -2.72 -27.14
C VAL E 179 -29.08 -1.99 -26.65
N TYR E 180 -29.16 -0.69 -26.94
CA TYR E 180 -30.30 0.16 -26.56
C TYR E 180 -31.62 -0.28 -27.22
N GLU E 181 -31.55 -0.59 -28.51
CA GLU E 181 -32.73 -1.03 -29.27
C GLU E 181 -33.20 -2.44 -28.89
N GLY E 182 -32.26 -3.27 -28.45
CA GLY E 182 -32.55 -4.63 -27.99
C GLY E 182 -33.28 -4.65 -26.67
N LEU E 183 -32.74 -3.96 -25.66
CA LEU E 183 -33.27 -3.94 -24.30
C LEU E 183 -34.62 -3.23 -24.18
N LYS E 184 -34.82 -2.17 -24.96
CA LYS E 184 -36.08 -1.42 -24.96
C LYS E 184 -37.22 -2.19 -25.63
N GLY E 185 -36.87 -3.04 -26.59
CA GLY E 185 -37.82 -3.87 -27.33
C GLY E 185 -38.51 -4.93 -26.48
N GLY E 186 -37.78 -5.49 -25.52
CA GLY E 186 -38.33 -6.50 -24.61
C GLY E 186 -37.34 -7.50 -24.03
N LEU E 187 -36.09 -7.42 -24.47
CA LEU E 187 -35.04 -8.33 -24.00
C LEU E 187 -34.54 -7.98 -22.61
N ASP E 188 -34.25 -9.00 -21.82
CA ASP E 188 -33.74 -8.84 -20.46
C ASP E 188 -32.23 -8.62 -20.45
N PHE E 189 -31.53 -9.25 -21.41
CA PHE E 189 -30.07 -9.15 -21.51
C PHE E 189 -29.59 -8.94 -22.95
N MET E 190 -28.51 -8.16 -23.07
CA MET E 190 -27.69 -8.12 -24.27
C MET E 190 -26.30 -8.60 -23.88
N ASP E 192 -21.82 -9.23 -25.10
CA ASP E 192 -20.64 -9.20 -25.95
C ASP E 192 -20.40 -10.58 -26.56
N ASP E 193 -19.81 -10.60 -27.75
CA ASP E 193 -19.36 -11.83 -28.39
C ASP E 193 -18.07 -12.33 -27.72
N GLU E 194 -17.85 -13.64 -27.75
CA GLU E 194 -16.72 -14.28 -27.06
C GLU E 194 -15.33 -13.87 -27.56
N ASN E 195 -15.25 -13.43 -28.82
CA ASN E 195 -13.99 -12.95 -29.40
C ASN E 195 -13.73 -11.45 -29.18
N ILE E 196 -14.79 -10.70 -28.86
CA ILE E 196 -14.69 -9.28 -28.55
C ILE E 196 -14.00 -9.06 -27.20
N ASN E 197 -12.88 -8.32 -27.24
CA ASN E 197 -12.13 -7.97 -26.04
C ASN E 197 -11.64 -6.52 -26.10
N SER E 198 -10.44 -6.30 -26.63
CA SER E 198 -9.88 -4.96 -26.79
C SER E 198 -9.15 -4.81 -28.12
N GLN E 199 -9.93 -4.93 -29.20
CA GLN E 199 -9.43 -4.86 -30.58
C GLN E 199 -9.05 -3.44 -31.00
N PRO E 200 -8.21 -3.30 -32.05
CA PRO E 200 -7.81 -1.97 -32.56
C PRO E 200 -8.95 -1.06 -33.02
N PHE E 201 -10.06 -1.62 -33.47
CA PHE E 201 -11.21 -0.83 -33.94
C PHE E 201 -12.02 -0.18 -32.82
N MET E 202 -12.13 -0.88 -31.69
CA MET E 202 -12.89 -0.42 -30.52
C MET E 202 -12.24 -0.90 -29.22
N HIS E 203 -11.82 0.07 -28.40
CA HIS E 203 -11.22 -0.19 -27.09
C HIS E 203 -12.28 -0.61 -26.07
N TRP E 204 -11.89 -1.48 -25.14
CA TRP E 204 -12.82 -2.02 -24.14
C TRP E 204 -13.44 -0.97 -23.21
N ARG E 205 -12.62 -0.01 -22.77
CA ARG E 205 -13.06 1.02 -21.82
C ARG E 205 -14.07 1.99 -22.42
N ASP E 206 -14.02 2.13 -23.75
CA ASP E 206 -15.02 2.90 -24.50
C ASP E 206 -16.34 2.14 -24.63
N ARG E 207 -16.26 0.84 -24.91
CA ARG E 207 -17.44 -0.04 -25.01
C ARG E 207 -18.23 -0.08 -23.69
N PHE E 208 -17.51 -0.26 -22.58
CA PHE E 208 -18.08 -0.33 -21.23
C PHE E 208 -18.89 0.91 -20.86
N LEU E 209 -18.42 2.09 -21.26
CA LEU E 209 -19.10 3.35 -20.98
C LEU E 209 -20.39 3.53 -21.78
N TYR E 210 -20.34 3.20 -23.07
CA TYR E 210 -21.47 3.42 -23.98
C TYR E 210 -22.62 2.43 -23.83
N VAL E 211 -22.32 1.20 -23.41
CA VAL E 211 -23.38 0.21 -23.16
C VAL E 211 -24.12 0.47 -21.84
N MET E 212 -23.40 1.01 -20.85
CA MET E 212 -23.98 1.32 -19.55
C MET E 212 -24.97 2.50 -19.61
N GLU E 213 -24.70 3.45 -20.51
CA GLU E 213 -25.63 4.53 -20.80
C GLU E 213 -26.87 3.99 -21.51
N ALA E 214 -26.67 3.00 -22.38
CA ALA E 214 -27.75 2.33 -23.10
C ALA E 214 -28.61 1.44 -22.20
N VAL E 215 -27.99 0.85 -21.18
CA VAL E 215 -28.68 0.02 -20.19
C VAL E 215 -29.64 0.87 -19.33
N ASN E 216 -29.12 1.99 -18.81
CA ASN E 216 -29.88 2.88 -17.93
C ASN E 216 -31.01 3.64 -18.65
N LEU E 217 -30.78 3.99 -19.91
CA LEU E 217 -31.81 4.62 -20.74
C LEU E 217 -32.96 3.66 -21.06
N ALA E 218 -32.63 2.39 -21.26
CA ALA E 218 -33.62 1.34 -21.46
C ALA E 218 -34.37 1.00 -20.17
N SER E 219 -33.66 1.06 -19.05
CA SER E 219 -34.22 0.79 -17.72
C SER E 219 -35.24 1.84 -17.29
N ALA E 220 -35.00 3.09 -17.68
CA ALA E 220 -35.89 4.21 -17.38
C ALA E 220 -37.17 4.19 -18.21
N GLN E 221 -37.07 3.69 -19.44
CA GLN E 221 -38.17 3.71 -20.40
C GLN E 221 -39.07 2.47 -20.37
N THR E 222 -38.56 1.39 -19.80
CA THR E 222 -39.33 0.13 -19.67
C THR E 222 -39.77 -0.13 -18.23
N GLY E 223 -38.97 0.33 -17.27
CA GLY E 223 -39.24 0.10 -15.84
C GLY E 223 -38.73 -1.23 -15.33
N GLU E 224 -37.85 -1.88 -16.11
CA GLU E 224 -37.24 -3.15 -15.74
C GLU E 224 -35.73 -2.98 -15.51
N VAL E 225 -35.16 -3.87 -14.69
CA VAL E 225 -33.72 -3.92 -14.49
C VAL E 225 -33.09 -4.65 -15.67
N LYS E 226 -32.30 -3.91 -16.46
CA LYS E 226 -31.64 -4.45 -17.65
C LYS E 226 -30.16 -4.70 -17.40
N GLY E 227 -29.56 -5.54 -18.23
CA GLY E 227 -28.13 -5.89 -18.09
C GLY E 227 -27.45 -6.19 -19.40
N HIS E 228 -26.12 -6.07 -19.38
CA HIS E 228 -25.26 -6.43 -20.51
C HIS E 228 -24.08 -7.24 -20.01
N TYR E 229 -23.88 -8.43 -20.58
CA TYR E 229 -22.74 -9.28 -20.21
C TYR E 229 -21.46 -8.66 -20.75
N LEU E 230 -20.70 -8.04 -19.85
CA LEU E 230 -19.45 -7.37 -20.20
C LEU E 230 -18.28 -8.35 -20.21
N ASN E 231 -17.67 -8.51 -21.39
CA ASN E 231 -16.56 -9.43 -21.58
C ASN E 231 -15.27 -8.86 -20.98
N ILE E 232 -14.73 -9.58 -20.01
CA ILE E 232 -13.52 -9.15 -19.29
C ILE E 232 -12.25 -9.93 -19.69
N THR E 233 -12.43 -10.93 -20.56
CA THR E 233 -11.34 -11.81 -21.02
C THR E 233 -10.13 -11.02 -21.52
N ALA E 234 -8.98 -11.25 -20.90
CA ALA E 234 -7.74 -10.55 -21.21
C ALA E 234 -6.54 -11.49 -21.28
N GLY E 235 -5.39 -10.95 -21.68
CA GLY E 235 -4.14 -11.70 -21.77
C GLY E 235 -3.57 -12.09 -20.42
N THR E 236 -3.54 -11.11 -19.50
CA THR E 236 -3.02 -11.32 -18.14
C THR E 236 -4.11 -11.10 -17.10
N MET E 237 -3.84 -11.54 -15.87
CA MET E 237 -4.75 -11.36 -14.73
C MET E 237 -4.81 -9.91 -14.25
N GLU E 238 -3.69 -9.20 -14.37
CA GLU E 238 -3.58 -7.78 -14.00
C GLU E 238 -4.51 -6.91 -14.85
N GLU E 239 -4.59 -7.20 -16.15
CA GLU E 239 -5.51 -6.56 -17.07
C GLU E 239 -6.95 -6.98 -16.79
N MET E 240 -7.13 -8.24 -16.40
CA MET E 240 -8.44 -8.84 -16.17
C MET E 240 -9.14 -8.29 -14.92
N TYR E 241 -8.37 -8.05 -13.85
CA TYR E 241 -8.90 -7.43 -12.62
C TYR E 241 -9.27 -5.97 -12.82
N ARG E 242 -8.50 -5.26 -13.65
CA ARG E 242 -8.74 -3.86 -13.97
C ARG E 242 -10.02 -3.65 -14.78
N ARG E 243 -10.34 -4.62 -15.64
CA ARG E 243 -11.58 -4.60 -16.43
C ARG E 243 -12.80 -4.89 -15.58
N ALA E 244 -12.64 -5.77 -14.59
CA ALA E 244 -13.71 -6.15 -13.67
C ALA E 244 -14.04 -5.03 -12.68
N GLU E 245 -12.99 -4.39 -12.15
CA GLU E 245 -13.14 -3.29 -11.20
C GLU E 245 -13.81 -2.06 -11.79
N PHE E 246 -13.56 -1.81 -13.08
CA PHE E 246 -14.21 -0.75 -13.83
C PHE E 246 -15.67 -1.08 -14.17
N ALA E 247 -15.95 -2.36 -14.38
CA ALA E 247 -17.31 -2.87 -14.58
C ALA E 247 -18.18 -2.70 -13.33
N LYS E 248 -17.57 -2.94 -12.17
CA LYS E 248 -18.20 -2.70 -10.87
C LYS E 248 -18.44 -1.20 -10.65
N SER E 249 -17.45 -0.38 -11.04
CA SER E 249 -17.49 1.07 -10.88
C SER E 249 -18.61 1.75 -11.65
N LEU E 250 -18.99 1.18 -12.79
CA LEU E 250 -20.10 1.67 -13.60
C LEU E 250 -21.45 1.25 -13.03
N GLY E 251 -21.45 0.12 -12.32
CA GLY E 251 -22.65 -0.42 -11.68
C GLY E 251 -23.33 -1.48 -12.51
N SER E 252 -22.54 -2.34 -13.16
CA SER E 252 -23.06 -3.44 -13.96
C SER E 252 -23.57 -4.58 -13.09
N VAL E 253 -24.58 -5.27 -13.59
CA VAL E 253 -25.23 -6.36 -12.87
C VAL E 253 -24.44 -7.66 -13.03
N ILE E 254 -23.94 -7.90 -14.25
CA ILE E 254 -23.37 -9.20 -14.64
C ILE E 254 -22.24 -9.06 -15.69
N VAL E 255 -21.13 -9.78 -15.45
CA VAL E 255 -20.00 -9.86 -16.39
C VAL E 255 -19.75 -11.28 -16.91
N MET E 256 -19.32 -11.38 -18.17
CA MET E 256 -19.07 -12.68 -18.81
C MET E 256 -17.58 -13.02 -18.97
N VAL E 257 -17.29 -14.32 -18.97
CA VAL E 257 -15.93 -14.88 -18.97
C VAL E 257 -15.90 -16.10 -19.89
N ASP E 258 -14.83 -16.20 -20.70
CA ASP E 258 -14.61 -17.36 -21.57
C ASP E 258 -13.97 -18.54 -20.83
N LEU E 259 -14.25 -19.75 -21.29
CA LEU E 259 -13.75 -20.99 -20.68
C LEU E 259 -12.25 -21.22 -20.89
N ILE E 260 -11.72 -20.65 -21.98
CA ILE E 260 -10.31 -20.78 -22.38
C ILE E 260 -9.32 -20.32 -21.29
N ILE E 261 -9.67 -19.25 -20.60
CA ILE E 261 -8.80 -18.59 -19.60
C ILE E 261 -8.20 -19.50 -18.52
N GLY E 262 -8.87 -20.63 -18.27
CA GLY E 262 -8.37 -21.66 -17.36
C GLY E 262 -9.02 -21.63 -15.99
N TYR E 263 -9.12 -22.82 -15.39
CA TYR E 263 -9.80 -23.04 -14.11
C TYR E 263 -9.17 -22.26 -12.94
N THR E 264 -7.85 -22.10 -12.99
CA THR E 264 -7.11 -21.31 -12.00
C THR E 264 -7.49 -19.83 -12.09
N ALA E 265 -7.65 -19.34 -13.32
CA ALA E 265 -8.10 -17.98 -13.57
C ALA E 265 -9.60 -17.80 -13.29
N ILE E 266 -10.39 -18.84 -13.53
CA ILE E 266 -11.85 -18.84 -13.28
C ILE E 266 -12.18 -18.75 -11.78
N GLN E 267 -11.52 -19.59 -10.98
CA GLN E 267 -11.69 -19.61 -9.51
C GLN E 267 -11.33 -18.30 -8.83
N SER E 268 -10.45 -17.52 -9.47
CA SER E 268 -10.05 -16.20 -8.98
C SER E 268 -11.15 -15.15 -9.12
N ILE E 269 -11.92 -15.23 -10.21
CA ILE E 269 -13.05 -14.32 -10.45
C ILE E 269 -14.25 -14.69 -9.57
N SER E 270 -14.44 -15.99 -9.35
CA SER E 270 -15.49 -16.51 -8.46
C SER E 270 -15.34 -16.00 -7.03
N GLU E 271 -14.09 -15.91 -6.58
CA GLU E 271 -13.74 -15.31 -5.29
C GLU E 271 -13.98 -13.79 -5.31
N TRP E 272 -13.71 -13.17 -6.46
CA TRP E 272 -13.87 -11.74 -6.65
C TRP E 272 -15.34 -11.31 -6.76
N CYS E 273 -16.14 -12.10 -7.48
CA CYS E 273 -17.56 -11.80 -7.71
C CYS E 273 -18.41 -11.86 -6.45
N ARG E 274 -18.11 -12.82 -5.58
CA ARG E 274 -18.78 -12.95 -4.28
C ARG E 274 -18.44 -11.78 -3.35
N GLN E 275 -17.20 -11.31 -3.41
CA GLN E 275 -16.72 -10.22 -2.56
C GLN E 275 -17.02 -8.82 -3.11
N ASN E 276 -17.72 -8.76 -4.24
CA ASN E 276 -18.11 -7.49 -4.88
C ASN E 276 -19.53 -7.48 -5.46
N ASP E 277 -20.31 -8.51 -5.11
CA ASP E 277 -21.72 -8.68 -5.53
C ASP E 277 -21.94 -8.63 -7.04
N MET E 278 -21.34 -9.59 -7.74
CA MET E 278 -21.42 -9.70 -9.20
C MET E 278 -21.87 -11.09 -9.62
N ILE E 279 -22.67 -11.14 -10.68
CA ILE E 279 -23.11 -12.42 -11.27
C ILE E 279 -22.12 -12.80 -12.38
N LEU E 280 -21.70 -14.07 -12.39
CA LEU E 280 -20.72 -14.55 -13.35
C LEU E 280 -21.33 -15.41 -14.45
N HIS E 281 -21.00 -15.08 -15.70
CA HIS E 281 -21.46 -15.80 -16.88
C HIS E 281 -20.28 -16.52 -17.53
N MET E 282 -20.48 -17.80 -17.85
CA MET E 282 -19.46 -18.59 -18.53
C MET E 282 -19.86 -18.86 -19.96
N HIS E 283 -18.97 -18.52 -20.88
CA HIS E 283 -19.11 -18.88 -22.28
C HIS E 283 -18.11 -19.98 -22.60
N ARG E 284 -18.62 -21.11 -23.08
CA ARG E 284 -17.78 -22.25 -23.43
C ARG E 284 -17.21 -22.13 -24.86
N ALA E 285 -16.10 -21.42 -24.95
CA ALA E 285 -15.34 -21.31 -26.19
C ALA E 285 -14.26 -22.40 -26.21
N GLY E 286 -14.19 -23.10 -27.34
CA GLY E 286 -13.20 -24.17 -27.53
C GLY E 286 -13.47 -25.44 -26.72
N HIS E 287 -14.72 -25.63 -26.30
CA HIS E 287 -15.12 -26.83 -25.57
C HIS E 287 -15.22 -28.03 -26.51
N GLY E 288 -15.71 -27.78 -27.73
CA GLY E 288 -15.95 -28.82 -28.73
C GLY E 288 -14.72 -29.50 -29.27
N THR E 289 -13.56 -29.05 -28.81
CA THR E 289 -12.26 -29.62 -29.15
C THR E 289 -12.06 -30.98 -28.48
N TYR E 290 -12.62 -31.13 -27.28
CA TYR E 290 -12.45 -32.33 -26.45
C TYR E 290 -13.76 -32.86 -25.86
N THR E 291 -14.88 -32.45 -26.44
CA THR E 291 -16.22 -32.81 -25.94
C THR E 291 -17.06 -33.54 -26.98
N ARG E 292 -16.96 -33.09 -28.23
CA ARG E 292 -17.84 -33.56 -29.32
C ARG E 292 -17.70 -35.04 -29.67
N GLN E 293 -16.46 -35.55 -29.63
CA GLN E 293 -16.19 -36.94 -29.97
C GLN E 293 -16.65 -37.91 -28.88
N LYS E 294 -17.40 -38.92 -29.27
CA LYS E 294 -18.00 -39.89 -28.36
C LYS E 294 -17.00 -40.93 -27.84
N ASN E 295 -15.93 -41.16 -28.60
CA ASN E 295 -14.93 -42.17 -28.27
C ASN E 295 -13.72 -41.64 -27.48
N HIS E 296 -13.46 -40.34 -27.59
CA HIS E 296 -12.30 -39.71 -26.96
C HIS E 296 -12.58 -38.30 -26.46
N GLY E 297 -12.06 -37.99 -25.27
CA GLY E 297 -12.17 -36.66 -24.67
C GLY E 297 -12.74 -36.64 -23.26
N ILE E 298 -13.46 -35.56 -22.94
CA ILE E 298 -14.20 -35.42 -21.67
C ILE E 298 -15.61 -34.95 -21.99
N SER E 299 -16.60 -35.69 -21.48
CA SER E 299 -18.03 -35.32 -21.60
C SER E 299 -18.31 -34.03 -20.84
N PHE E 300 -19.22 -33.22 -21.40
CA PHE E 300 -19.52 -31.89 -20.84
C PHE E 300 -20.10 -31.90 -19.42
N ARG E 301 -20.77 -33.00 -19.05
CA ARG E 301 -21.34 -33.17 -17.72
C ARG E 301 -20.27 -33.17 -16.61
N VAL E 302 -19.06 -33.61 -16.95
CA VAL E 302 -17.92 -33.57 -16.04
C VAL E 302 -17.37 -32.14 -15.93
N ILE E 303 -17.34 -31.44 -17.06
CA ILE E 303 -16.89 -30.04 -17.13
C ILE E 303 -17.88 -29.14 -16.37
N ALA E 304 -19.18 -29.41 -16.51
CA ALA E 304 -20.24 -28.72 -15.80
C ALA E 304 -20.16 -28.92 -14.28
N LYS E 305 -19.78 -30.13 -13.87
CA LYS E 305 -19.55 -30.46 -12.47
C LYS E 305 -18.36 -29.71 -11.88
N TRP E 306 -17.29 -29.56 -12.67
CA TRP E 306 -16.12 -28.77 -12.26
C TRP E 306 -16.44 -27.28 -12.17
N LEU E 307 -17.23 -26.79 -13.12
CA LEU E 307 -17.58 -25.37 -13.20
C LEU E 307 -18.56 -24.93 -12.10
N ARG E 308 -19.40 -25.86 -11.65
CA ARG E 308 -20.27 -25.65 -10.50
C ARG E 308 -19.45 -25.50 -9.21
N LEU E 309 -18.43 -26.35 -9.07
CA LEU E 309 -17.52 -26.31 -7.92
C LEU E 309 -16.58 -25.10 -7.96
N ALA E 310 -16.19 -24.69 -9.16
CA ALA E 310 -15.35 -23.49 -9.36
C ALA E 310 -16.10 -22.23 -8.96
N GLY E 311 -17.36 -22.12 -9.40
CA GLY E 311 -18.24 -21.04 -8.97
C GLY E 311 -18.69 -20.12 -10.08
N VAL E 312 -19.56 -20.63 -10.95
CA VAL E 312 -20.15 -19.83 -12.03
C VAL E 312 -21.68 -19.90 -11.97
N ASP E 313 -22.32 -18.75 -12.18
CA ASP E 313 -23.79 -18.64 -12.10
C ASP E 313 -24.50 -19.04 -13.40
N HIS E 314 -23.88 -18.72 -14.53
CA HIS E 314 -24.40 -19.07 -15.85
C HIS E 314 -23.46 -19.98 -16.61
N LEU E 315 -24.04 -20.92 -17.36
CA LEU E 315 -23.27 -21.82 -18.22
C LEU E 315 -24.08 -22.23 -19.44
N HIS E 316 -23.46 -22.11 -20.61
CA HIS E 316 -24.03 -22.64 -21.85
C HIS E 316 -23.98 -24.16 -21.81
N CYS E 317 -25.14 -24.79 -21.89
CA CYS E 317 -25.24 -26.24 -21.82
C CYS E 317 -25.62 -26.88 -23.17
N GLY E 318 -26.20 -26.08 -24.05
CA GLY E 318 -26.52 -26.50 -25.40
C GLY E 318 -27.99 -26.57 -25.72
N THR E 319 -28.29 -26.55 -27.02
CA THR E 319 -29.65 -26.64 -27.53
C THR E 319 -29.80 -27.90 -28.38
N ALA E 320 -30.87 -28.65 -28.12
CA ALA E 320 -31.19 -29.86 -28.87
C ALA E 320 -31.64 -29.58 -30.30
N VAL E 321 -32.35 -28.46 -30.48
CA VAL E 321 -32.94 -28.08 -31.77
C VAL E 321 -32.13 -27.02 -32.53
N GLY E 322 -31.07 -26.51 -31.90
CA GLY E 322 -30.24 -25.43 -32.46
C GLY E 322 -29.27 -25.86 -33.55
N LYS E 323 -28.44 -24.92 -33.97
CA LYS E 323 -27.45 -25.12 -35.05
C LYS E 323 -26.22 -25.94 -34.61
N LEU E 324 -25.97 -25.98 -33.31
CA LEU E 324 -24.81 -26.67 -32.73
C LEU E 324 -25.17 -28.07 -32.23
N GLU E 325 -24.15 -28.91 -32.07
CA GLU E 325 -24.29 -30.32 -31.66
C GLU E 325 -24.99 -30.47 -30.30
N GLY E 326 -25.93 -31.41 -30.24
CA GLY E 326 -26.69 -31.70 -29.03
C GLY E 326 -27.82 -32.69 -29.25
N ASP E 327 -27.86 -33.74 -28.43
CA ASP E 327 -28.90 -34.76 -28.46
C ASP E 327 -29.86 -34.56 -27.27
N PRO E 328 -31.19 -34.47 -27.54
CA PRO E 328 -32.25 -34.13 -26.57
C PRO E 328 -32.09 -34.74 -25.16
N LEU E 329 -31.84 -36.04 -25.10
CA LEU E 329 -31.70 -36.75 -23.82
C LEU E 329 -30.36 -36.46 -23.14
N THR E 330 -29.30 -36.35 -23.94
CA THR E 330 -27.95 -36.06 -23.44
C THR E 330 -27.84 -34.61 -22.97
N VAL E 331 -28.56 -33.71 -23.63
CA VAL E 331 -28.62 -32.29 -23.29
C VAL E 331 -29.32 -32.09 -21.94
N GLN E 332 -30.46 -32.75 -21.75
CA GLN E 332 -31.20 -32.77 -20.47
C GLN E 332 -30.35 -33.23 -19.29
N GLY E 333 -29.38 -34.09 -19.58
CA GLY E 333 -28.40 -34.55 -18.60
C GLY E 333 -27.54 -33.43 -18.05
N TYR E 334 -27.07 -32.54 -18.93
CA TYR E 334 -26.27 -31.38 -18.55
C TYR E 334 -27.05 -30.36 -17.74
N TYR E 335 -28.34 -30.25 -18.03
CA TYR E 335 -29.26 -29.36 -17.32
C TYR E 335 -29.54 -29.83 -15.89
N ASN E 336 -29.69 -31.15 -15.72
CA ASN E 336 -29.92 -31.76 -14.42
C ASN E 336 -28.70 -31.73 -13.51
N VAL E 337 -27.51 -31.70 -14.12
CA VAL E 337 -26.24 -31.62 -13.40
C VAL E 337 -26.08 -30.27 -12.69
N CYS E 338 -26.43 -29.19 -13.39
CA CYS E 338 -26.22 -27.84 -12.89
C CYS E 338 -27.41 -27.23 -12.12
N ARG E 339 -28.57 -27.86 -12.19
CA ARG E 339 -29.78 -27.37 -11.52
C ARG E 339 -30.20 -28.15 -10.28
N GLU E 340 -30.34 -29.47 -10.43
CA GLU E 340 -30.85 -30.34 -9.35
C GLU E 340 -29.87 -30.50 -8.20
N PRO E 341 -30.35 -30.38 -6.94
CA PRO E 341 -29.49 -30.53 -5.76
C PRO E 341 -29.05 -31.98 -5.51
N PHE E 342 -29.90 -32.94 -5.90
CA PHE E 342 -29.61 -34.35 -5.80
C PHE E 342 -30.18 -35.06 -7.03
N ASN E 343 -29.30 -35.68 -7.81
CA ASN E 343 -29.70 -36.40 -9.02
C ASN E 343 -29.40 -37.90 -8.94
N THR E 344 -30.41 -38.69 -9.27
CA THR E 344 -30.31 -40.16 -9.25
C THR E 344 -29.71 -40.68 -10.56
N VAL E 345 -29.23 -41.93 -10.52
CA VAL E 345 -28.64 -42.59 -11.68
C VAL E 345 -29.68 -42.86 -12.79
N ASP E 346 -29.42 -42.28 -13.96
CA ASP E 346 -30.28 -42.45 -15.13
C ASP E 346 -29.43 -42.64 -16.39
N LEU E 347 -29.44 -43.86 -16.90
CA LEU E 347 -28.63 -44.26 -18.06
C LEU E 347 -29.01 -43.63 -19.42
N PRO E 348 -30.33 -43.38 -19.68
CA PRO E 348 -30.66 -42.67 -20.93
C PRO E 348 -30.18 -41.21 -20.98
N ARG E 349 -30.12 -40.55 -19.83
CA ARG E 349 -29.68 -39.15 -19.73
C ARG E 349 -28.18 -38.99 -19.47
N GLY E 350 -27.47 -40.12 -19.37
CA GLY E 350 -26.02 -40.13 -19.23
C GLY E 350 -25.48 -39.96 -17.82
N ILE E 351 -26.35 -40.07 -16.82
CA ILE E 351 -25.95 -40.00 -15.41
C ILE E 351 -25.65 -41.42 -14.91
N PHE E 352 -24.45 -41.61 -14.38
CA PHE E 352 -23.97 -42.93 -13.95
C PHE E 352 -23.80 -43.04 -12.43
N PHE E 353 -23.53 -41.90 -11.79
CA PHE E 353 -23.30 -41.85 -10.35
C PHE E 353 -24.37 -41.00 -9.65
N GLU E 354 -24.72 -41.41 -8.44
CA GLU E 354 -25.64 -40.64 -7.58
C GLU E 354 -24.88 -39.49 -6.91
N GLN E 355 -25.11 -38.29 -7.41
CA GLN E 355 -24.39 -37.09 -6.95
C GLN E 355 -25.21 -36.30 -5.93
N ASP E 356 -24.58 -36.03 -4.79
CA ASP E 356 -25.16 -35.18 -3.75
C ASP E 356 -24.32 -33.93 -3.61
N TRP E 357 -24.90 -32.79 -3.98
CA TRP E 357 -24.20 -31.51 -3.99
C TRP E 357 -24.12 -30.85 -2.61
N ALA E 358 -25.07 -31.21 -1.74
CA ALA E 358 -25.18 -30.71 -0.36
C ALA E 358 -25.12 -29.18 -0.25
N ASP E 359 -26.22 -28.55 -0.68
CA ASP E 359 -26.47 -27.11 -0.53
C ASP E 359 -25.44 -26.20 -1.20
N LEU E 360 -25.08 -26.56 -2.44
CA LEU E 360 -24.36 -25.67 -3.33
C LEU E 360 -25.36 -24.99 -4.26
N ARG E 361 -25.08 -23.73 -4.59
CA ARG E 361 -25.98 -22.89 -5.39
C ARG E 361 -26.22 -23.48 -6.78
N LYS E 362 -27.43 -23.28 -7.29
CA LYS E 362 -27.86 -23.84 -8.57
C LYS E 362 -27.40 -22.97 -9.73
N VAL E 363 -26.64 -23.57 -10.66
CA VAL E 363 -26.17 -22.88 -11.86
C VAL E 363 -27.32 -22.80 -12.87
N MET E 364 -27.59 -21.60 -13.37
CA MET E 364 -28.62 -21.38 -14.38
C MET E 364 -28.07 -21.68 -15.78
N PRO E 365 -28.64 -22.69 -16.46
CA PRO E 365 -28.20 -23.08 -17.80
C PRO E 365 -28.70 -22.14 -18.89
N VAL E 366 -27.87 -21.93 -19.91
CA VAL E 366 -28.18 -21.01 -21.01
C VAL E 366 -28.30 -21.77 -22.34
N ALA E 367 -29.46 -21.65 -22.98
CA ALA E 367 -29.71 -22.21 -24.30
C ALA E 367 -29.47 -21.15 -25.38
N SER E 368 -28.51 -21.42 -26.25
CA SER E 368 -28.10 -20.48 -27.30
C SER E 368 -27.54 -21.19 -28.53
N GLY E 369 -27.68 -20.52 -29.69
CA GLY E 369 -27.08 -20.99 -30.93
C GLY E 369 -28.07 -21.53 -31.94
N GLY E 370 -28.55 -20.65 -32.82
CA GLY E 370 -29.44 -21.01 -33.92
C GLY E 370 -30.85 -21.34 -33.50
N ILE E 371 -31.47 -20.44 -32.73
CA ILE E 371 -32.88 -20.57 -32.33
C ILE E 371 -33.68 -19.31 -32.62
N HIS E 372 -35.00 -19.48 -32.76
CA HIS E 372 -35.92 -18.38 -33.08
C HIS E 372 -37.29 -18.55 -32.40
N ALA E 373 -38.26 -17.73 -32.81
CA ALA E 373 -39.61 -17.73 -32.26
C ALA E 373 -40.41 -19.02 -32.56
N GLY E 374 -40.08 -19.67 -33.68
CA GLY E 374 -40.71 -20.93 -34.08
C GLY E 374 -40.29 -22.14 -33.26
N GLN E 375 -39.17 -22.01 -32.55
CA GLN E 375 -38.62 -23.10 -31.72
C GLN E 375 -39.02 -22.99 -30.25
N MET E 376 -39.87 -22.00 -29.94
CA MET E 376 -40.24 -21.65 -28.56
C MET E 376 -40.98 -22.74 -27.80
N HIS E 377 -41.83 -23.49 -28.49
CA HIS E 377 -42.62 -24.57 -27.89
C HIS E 377 -41.77 -25.80 -27.52
N GLN E 378 -40.72 -26.04 -28.29
CA GLN E 378 -39.81 -27.16 -28.06
C GLN E 378 -38.83 -26.88 -26.91
N LEU E 379 -38.44 -25.61 -26.77
CA LEU E 379 -37.51 -25.18 -25.71
C LEU E 379 -38.14 -25.20 -24.32
N LEU E 380 -39.41 -24.80 -24.23
CA LEU E 380 -40.14 -24.75 -22.97
C LEU E 380 -40.51 -26.14 -22.45
N SER E 381 -40.73 -27.08 -23.37
CA SER E 381 -41.09 -28.46 -23.04
C SER E 381 -39.90 -29.30 -22.54
N LEU E 382 -38.73 -29.07 -23.13
CA LEU E 382 -37.52 -29.84 -22.81
C LEU E 382 -36.87 -29.45 -21.49
N PHE E 383 -36.79 -28.15 -21.21
CA PHE E 383 -36.03 -27.64 -20.06
C PHE E 383 -36.91 -27.16 -18.91
N GLY E 384 -37.65 -26.06 -19.12
CA GLY E 384 -38.55 -25.52 -18.11
C GLY E 384 -38.52 -24.01 -17.98
N ASP E 385 -38.40 -23.53 -16.75
CA ASP E 385 -38.48 -22.10 -16.44
C ASP E 385 -37.12 -21.47 -16.11
N ASP E 386 -36.32 -22.16 -15.30
CA ASP E 386 -35.04 -21.62 -14.82
C ASP E 386 -33.91 -21.75 -15.86
N VAL E 387 -34.14 -21.15 -17.03
CA VAL E 387 -33.18 -21.15 -18.14
C VAL E 387 -33.03 -19.77 -18.76
N VAL E 388 -31.97 -19.57 -19.54
CA VAL E 388 -31.77 -18.34 -20.30
C VAL E 388 -31.74 -18.66 -21.79
N LEU E 389 -32.71 -18.10 -22.52
CA LEU E 389 -32.80 -18.29 -23.97
C LEU E 389 -32.20 -17.08 -24.69
N GLN E 390 -31.21 -17.35 -25.54
CA GLN E 390 -30.51 -16.30 -26.28
C GLN E 390 -30.78 -16.37 -27.78
N PHE E 391 -31.26 -15.26 -28.32
CA PHE E 391 -31.56 -15.14 -29.75
C PHE E 391 -30.65 -14.09 -30.40
N GLY E 392 -29.50 -14.53 -30.88
CA GLY E 392 -28.51 -13.66 -31.51
C GLY E 392 -28.94 -13.17 -32.88
N GLY E 393 -29.17 -14.12 -33.77
CA GLY E 393 -29.63 -13.82 -35.13
C GLY E 393 -31.13 -13.56 -35.24
N GLY E 394 -31.90 -14.26 -34.40
CA GLY E 394 -33.37 -14.18 -34.42
C GLY E 394 -34.00 -12.88 -33.95
N THR E 395 -33.18 -11.97 -33.45
CA THR E 395 -33.65 -10.66 -32.95
C THR E 395 -33.27 -9.53 -33.91
N ILE E 396 -31.98 -9.43 -34.23
CA ILE E 396 -31.45 -8.34 -35.06
C ILE E 396 -31.74 -8.60 -36.55
N GLY E 397 -31.73 -9.87 -36.94
CA GLY E 397 -32.05 -10.28 -38.32
C GLY E 397 -33.51 -10.19 -38.72
N HIS E 398 -34.32 -9.56 -37.87
CA HIS E 398 -35.74 -9.30 -38.12
C HIS E 398 -35.88 -8.21 -39.19
N PRO E 399 -36.78 -8.41 -40.18
CA PRO E 399 -36.99 -7.47 -41.30
C PRO E 399 -37.41 -6.04 -40.91
N MET E 400 -38.16 -5.90 -39.82
CA MET E 400 -38.66 -4.61 -39.37
C MET E 400 -37.63 -3.78 -38.61
N GLY E 401 -36.86 -4.43 -37.74
CA GLY E 401 -35.81 -3.76 -36.96
C GLY E 401 -35.25 -4.62 -35.84
N ILE E 402 -34.81 -3.95 -34.77
CA ILE E 402 -34.31 -4.64 -33.57
C ILE E 402 -35.38 -4.65 -32.49
N GLN E 403 -36.09 -3.53 -32.33
CA GLN E 403 -37.19 -3.39 -31.37
C GLN E 403 -38.34 -4.37 -31.63
N ALA E 404 -38.69 -4.54 -32.90
CA ALA E 404 -39.73 -5.47 -33.33
C ALA E 404 -39.32 -6.93 -33.12
N GLY E 405 -38.05 -7.24 -33.40
CA GLY E 405 -37.48 -8.56 -33.18
C GLY E 405 -37.45 -8.98 -31.72
N ALA E 406 -37.17 -8.01 -30.85
CA ALA E 406 -37.18 -8.22 -29.40
C ALA E 406 -38.58 -8.38 -28.84
N THR E 407 -39.54 -7.69 -29.45
CA THR E 407 -40.96 -7.80 -29.08
C THR E 407 -41.54 -9.15 -29.53
N ALA E 408 -41.16 -9.59 -30.74
CA ALA E 408 -41.62 -10.86 -31.31
C ALA E 408 -41.26 -12.07 -30.47
N ASN E 409 -40.03 -12.10 -29.94
CA ASN E 409 -39.56 -13.17 -29.08
C ASN E 409 -40.17 -13.14 -27.69
N ARG E 410 -40.45 -11.93 -27.20
CA ARG E 410 -41.05 -11.73 -25.88
C ARG E 410 -42.53 -12.13 -25.85
N VAL E 411 -43.26 -11.77 -26.91
CA VAL E 411 -44.68 -12.13 -27.06
C VAL E 411 -44.84 -13.65 -27.23
N ALA E 412 -43.95 -14.26 -28.03
CA ALA E 412 -43.94 -15.70 -28.26
C ALA E 412 -43.76 -16.51 -26.98
N LEU E 413 -42.83 -16.08 -26.13
CA LEU E 413 -42.54 -16.75 -24.86
C LEU E 413 -43.67 -16.56 -23.84
N GLU E 414 -44.21 -15.34 -23.77
CA GLU E 414 -45.32 -15.02 -22.86
C GLU E 414 -46.62 -15.77 -23.19
N ALA E 415 -46.85 -16.02 -24.47
CA ALA E 415 -48.00 -16.79 -24.94
C ALA E 415 -47.88 -18.28 -24.61
N MET E 416 -46.65 -18.81 -24.62
CA MET E 416 -46.40 -20.22 -24.33
C MET E 416 -46.51 -20.55 -22.84
N VAL E 417 -45.98 -19.67 -21.98
CA VAL E 417 -46.03 -19.82 -20.52
C VAL E 417 -47.49 -19.75 -20.03
N LEU E 418 -48.25 -18.83 -20.62
CA LEU E 418 -49.68 -18.68 -20.31
C LEU E 418 -50.52 -19.90 -20.71
N ALA E 419 -50.18 -20.49 -21.86
CA ALA E 419 -50.85 -21.69 -22.36
C ALA E 419 -50.49 -22.95 -21.57
N ARG E 420 -49.24 -23.04 -21.13
CA ARG E 420 -48.73 -24.17 -20.36
C ARG E 420 -49.38 -24.27 -18.97
N ASN E 421 -49.53 -23.12 -18.31
CA ASN E 421 -50.08 -23.04 -16.95
C ASN E 421 -51.60 -23.25 -16.90
N GLU E 422 -52.28 -22.93 -18.00
CA GLU E 422 -53.72 -23.11 -18.12
C GLU E 422 -54.13 -24.59 -18.26
N GLY E 423 -53.26 -25.38 -18.89
CA GLY E 423 -53.48 -26.82 -19.06
C GLY E 423 -53.45 -27.32 -20.49
N ARG E 424 -53.00 -26.47 -21.41
CA ARG E 424 -52.86 -26.83 -22.82
C ARG E 424 -51.50 -27.48 -23.08
N ASN E 425 -51.52 -28.54 -23.90
CA ASN E 425 -50.31 -29.28 -24.25
C ASN E 425 -49.46 -28.48 -25.24
N ILE E 426 -48.26 -28.09 -24.79
CA ILE E 426 -47.37 -27.21 -25.56
C ILE E 426 -46.54 -27.93 -26.62
N ASP E 427 -46.57 -29.26 -26.60
CA ASP E 427 -45.84 -30.09 -27.57
C ASP E 427 -46.60 -30.26 -28.88
N VAL E 428 -47.93 -30.41 -28.80
CA VAL E 428 -48.79 -30.62 -29.97
C VAL E 428 -49.41 -29.30 -30.45
N GLU E 429 -50.07 -28.59 -29.54
CA GLU E 429 -50.75 -27.32 -29.84
C GLU E 429 -49.80 -26.13 -30.02
N GLY E 430 -48.53 -26.33 -29.65
CA GLY E 430 -47.47 -25.32 -29.75
C GLY E 430 -47.44 -24.38 -30.95
N PRO E 431 -47.41 -24.94 -32.19
CA PRO E 431 -47.48 -24.10 -33.41
C PRO E 431 -48.78 -23.28 -33.55
N GLU E 432 -49.90 -23.84 -33.10
CA GLU E 432 -51.21 -23.18 -33.18
C GLU E 432 -51.33 -21.98 -32.22
N ILE E 433 -50.69 -22.08 -31.05
CA ILE E 433 -50.66 -21.02 -30.04
C ILE E 433 -49.90 -19.78 -30.57
N LEU E 434 -48.78 -20.03 -31.25
CA LEU E 434 -47.97 -18.98 -31.86
C LEU E 434 -48.68 -18.28 -33.03
N ARG E 435 -49.46 -19.04 -33.78
CA ARG E 435 -50.26 -18.52 -34.90
C ARG E 435 -51.43 -17.66 -34.41
N ALA E 436 -52.05 -18.08 -33.30
CA ALA E 436 -53.17 -17.36 -32.68
C ALA E 436 -52.74 -16.03 -32.03
N ALA E 437 -51.50 -15.99 -31.56
CA ALA E 437 -50.91 -14.77 -30.99
C ALA E 437 -50.48 -13.77 -32.06
N ALA E 438 -50.27 -14.28 -33.28
CA ALA E 438 -49.85 -13.46 -34.43
C ALA E 438 -50.98 -12.58 -35.01
N LYS E 439 -52.22 -12.86 -34.63
CA LYS E 439 -53.39 -12.09 -35.06
C LYS E 439 -53.38 -10.64 -34.52
N TRP E 440 -52.96 -10.48 -33.27
CA TRP E 440 -52.88 -9.17 -32.63
C TRP E 440 -51.46 -8.60 -32.60
N CYS E 441 -50.45 -9.48 -32.62
CA CYS E 441 -49.05 -9.08 -32.65
C CYS E 441 -48.47 -9.19 -34.06
N LYS E 442 -48.17 -8.03 -34.64
CA LYS E 442 -47.64 -7.94 -36.02
C LYS E 442 -46.16 -8.28 -36.19
N PRO E 443 -45.27 -7.91 -35.22
CA PRO E 443 -43.86 -8.32 -35.34
C PRO E 443 -43.61 -9.82 -35.24
N LEU E 444 -44.49 -10.55 -34.54
CA LEU E 444 -44.42 -12.00 -34.41
C LEU E 444 -44.76 -12.73 -35.72
N GLU E 445 -45.73 -12.17 -36.45
CA GLU E 445 -46.16 -12.72 -37.74
C GLU E 445 -45.06 -12.66 -38.81
N ALA E 446 -44.31 -11.55 -38.81
CA ALA E 446 -43.17 -11.35 -39.71
C ALA E 446 -41.98 -12.26 -39.39
N ALA E 447 -41.81 -12.56 -38.10
CA ALA E 447 -40.75 -13.44 -37.62
C ALA E 447 -40.97 -14.91 -37.98
N LEU E 448 -42.25 -15.32 -37.98
CA LEU E 448 -42.63 -16.71 -38.30
C LEU E 448 -42.54 -17.02 -39.80
N ASP E 449 -42.77 -16.00 -40.63
CA ASP E 449 -42.67 -16.14 -42.09
C ASP E 449 -41.22 -16.23 -42.58
N THR E 450 -40.32 -15.56 -41.86
CA THR E 450 -38.89 -15.54 -42.20
C THR E 450 -38.20 -16.86 -41.86
N TRP E 451 -38.47 -17.37 -40.66
CA TRP E 451 -37.86 -18.62 -40.18
C TRP E 451 -38.94 -19.64 -39.81
N GLY E 452 -39.60 -20.18 -40.83
CA GLY E 452 -40.66 -21.17 -40.66
C GLY E 452 -40.21 -22.57 -41.03
N ASN E 453 -39.51 -22.68 -42.15
CA ASN E 453 -39.02 -23.97 -42.62
C ASN E 453 -37.54 -24.16 -42.28
N ILE E 454 -36.92 -23.11 -41.76
CA ILE E 454 -35.51 -23.16 -41.38
C ILE E 454 -35.29 -23.93 -40.10
N THR E 455 -34.81 -25.17 -40.22
CA THR E 455 -34.54 -26.01 -39.06
C THR E 455 -33.22 -26.74 -39.23
N PHE E 456 -32.41 -26.74 -38.16
CA PHE E 456 -31.11 -27.41 -38.19
C PHE E 456 -31.23 -28.84 -37.68
N ASN E 457 -31.27 -29.79 -38.60
CA ASN E 457 -31.38 -31.20 -38.24
C ASN E 457 -30.22 -32.02 -38.79
N TYR E 458 -29.43 -32.59 -37.89
CA TYR E 458 -28.28 -33.40 -38.25
C TYR E 458 -28.08 -34.53 -37.24
N THR E 459 -27.34 -35.55 -37.64
CA THR E 459 -27.06 -36.69 -36.78
C THR E 459 -26.14 -36.29 -35.63
N SER E 460 -26.61 -36.48 -34.40
CA SER E 460 -25.81 -36.14 -33.22
C SER E 460 -24.63 -37.09 -33.05
N THR E 461 -23.48 -36.54 -32.69
CA THR E 461 -22.28 -37.34 -32.49
C THR E 461 -22.21 -37.86 -31.05
N ASP E 462 -22.49 -36.98 -30.10
CA ASP E 462 -22.51 -37.36 -28.69
C ASP E 462 -23.87 -37.92 -28.31
N THR E 463 -24.02 -39.23 -28.42
CA THR E 463 -25.31 -39.88 -28.16
C THR E 463 -25.21 -40.87 -27.00
N SER E 464 -26.38 -41.32 -26.55
CA SER E 464 -26.45 -42.29 -25.45
C SER E 464 -26.17 -43.70 -25.97
N ASP E 465 -25.84 -44.60 -25.05
CA ASP E 465 -25.53 -45.98 -25.43
C ASP E 465 -26.57 -46.95 -24.88
N PHE E 466 -27.58 -46.40 -24.20
CA PHE E 466 -28.64 -47.22 -23.62
C PHE E 466 -30.01 -46.79 -24.15
N VAL E 467 -30.17 -46.85 -25.47
CA VAL E 467 -31.44 -46.48 -26.10
C VAL E 467 -31.88 -47.54 -27.10
N MET F 1 -45.84 5.19 -22.35
CA MET F 1 -45.12 4.63 -21.17
C MET F 1 -45.94 3.52 -20.50
N ARG F 2 -45.32 2.35 -20.34
CA ARG F 2 -45.92 1.22 -19.66
C ARG F 2 -44.83 0.41 -18.95
N ILE F 3 -44.98 0.25 -17.63
CA ILE F 3 -44.01 -0.47 -16.80
C ILE F 3 -44.20 -1.98 -16.97
N THR F 4 -43.15 -2.63 -17.47
CA THR F 4 -43.19 -4.06 -17.81
C THR F 4 -42.60 -4.97 -16.72
N GLN F 5 -42.66 -4.51 -15.47
CA GLN F 5 -42.13 -5.25 -14.32
C GLN F 5 -43.00 -6.47 -14.02
N GLY F 6 -42.45 -7.66 -14.31
CA GLY F 6 -43.15 -8.93 -14.07
C GLY F 6 -43.54 -9.68 -15.33
N CYS F 7 -44.14 -10.85 -15.14
CA CYS F 7 -44.58 -11.72 -16.23
C CYS F 7 -45.91 -11.25 -16.84
N PHE F 8 -46.18 -11.70 -18.06
CA PHE F 8 -47.41 -11.37 -18.84
C PHE F 8 -47.66 -9.86 -19.03
N SER F 9 -46.57 -9.09 -19.13
CA SER F 9 -46.64 -7.64 -19.29
C SER F 9 -46.93 -7.21 -20.73
N PHE F 10 -46.29 -7.87 -21.69
CA PHE F 10 -46.46 -7.58 -23.11
C PHE F 10 -47.80 -8.06 -23.66
N LEU F 11 -48.37 -9.09 -23.03
CA LEU F 11 -49.73 -9.56 -23.31
C LEU F 11 -50.76 -8.54 -22.81
N PRO F 12 -51.96 -8.51 -23.44
CA PRO F 12 -53.06 -7.65 -22.94
C PRO F 12 -53.51 -8.01 -21.51
N ASP F 13 -54.13 -7.04 -20.83
CA ASP F 13 -54.54 -7.17 -19.43
C ASP F 13 -55.39 -8.41 -19.17
N LEU F 14 -54.98 -9.18 -18.15
CA LEU F 14 -55.58 -10.47 -17.85
C LEU F 14 -56.96 -10.34 -17.21
N THR F 15 -57.93 -11.06 -17.78
CA THR F 15 -59.29 -11.14 -17.24
C THR F 15 -59.34 -12.08 -16.04
N ASP F 16 -60.39 -11.93 -15.23
CA ASP F 16 -60.60 -12.72 -14.00
C ASP F 16 -60.63 -14.24 -14.23
N GLU F 17 -61.07 -14.66 -15.41
CA GLU F 17 -61.07 -16.07 -15.83
C GLU F 17 -59.65 -16.59 -16.06
N GLN F 18 -58.78 -15.72 -16.62
CA GLN F 18 -57.38 -16.05 -16.88
C GLN F 18 -56.54 -16.06 -15.61
N ILE F 19 -56.81 -15.13 -14.70
CA ILE F 19 -56.13 -15.03 -13.40
C ILE F 19 -56.44 -16.27 -12.54
N SER F 20 -57.70 -16.68 -12.53
CA SER F 20 -58.15 -17.89 -11.82
C SER F 20 -57.46 -19.17 -12.31
N ALA F 21 -57.16 -19.22 -13.60
CA ALA F 21 -56.44 -20.33 -14.22
C ALA F 21 -54.96 -20.35 -13.84
N GLN F 22 -54.36 -19.17 -13.68
CA GLN F 22 -52.95 -19.02 -13.32
C GLN F 22 -52.67 -19.33 -11.85
N VAL F 23 -53.62 -18.97 -10.98
CA VAL F 23 -53.55 -19.28 -9.55
C VAL F 23 -53.74 -20.79 -9.32
N ASP F 24 -54.61 -21.40 -10.12
CA ASP F 24 -54.87 -22.85 -10.09
C ASP F 24 -53.61 -23.69 -10.37
N TYR F 25 -52.72 -23.16 -11.22
CA TYR F 25 -51.41 -23.75 -11.49
C TYR F 25 -50.49 -23.65 -10.28
N CYS F 26 -50.53 -22.49 -9.59
CA CYS F 26 -49.69 -22.22 -8.43
C CYS F 26 -50.08 -23.05 -7.21
N LEU F 27 -51.38 -23.22 -7.01
CA LEU F 27 -51.91 -24.03 -5.90
C LEU F 27 -51.76 -25.54 -6.14
N GLY F 28 -51.76 -25.92 -7.42
CA GLY F 28 -51.56 -27.31 -7.84
C GLY F 28 -50.16 -27.83 -7.56
N ARG F 29 -49.16 -26.98 -7.78
CA ARG F 29 -47.76 -27.30 -7.50
C ARG F 29 -47.40 -27.14 -6.02
N GLY F 30 -48.24 -26.41 -5.28
CA GLY F 30 -48.07 -26.22 -3.85
C GLY F 30 -47.28 -24.98 -3.50
N TRP F 31 -47.78 -23.83 -3.97
CA TRP F 31 -47.17 -22.53 -3.67
C TRP F 31 -48.12 -21.62 -2.90
N ALA F 32 -47.54 -20.79 -2.02
CA ALA F 32 -48.31 -19.83 -1.24
C ALA F 32 -48.55 -18.55 -2.04
N VAL F 33 -49.83 -18.21 -2.22
CA VAL F 33 -50.24 -17.07 -3.03
C VAL F 33 -50.41 -15.82 -2.14
N SER F 34 -49.73 -14.74 -2.52
CA SER F 34 -49.77 -13.48 -1.78
C SER F 34 -50.02 -12.28 -2.69
N LEU F 35 -50.81 -11.32 -2.19
CA LEU F 35 -51.09 -10.08 -2.90
C LEU F 35 -50.26 -8.93 -2.36
N GLU F 36 -49.70 -8.14 -3.27
CA GLU F 36 -48.85 -6.99 -2.92
C GLU F 36 -49.23 -5.77 -3.75
N HIS F 37 -49.18 -4.59 -3.14
CA HIS F 37 -49.52 -3.33 -3.81
C HIS F 37 -48.56 -2.20 -3.50
N THR F 38 -48.38 -1.29 -4.45
CA THR F 38 -47.58 -0.07 -4.28
C THR F 38 -47.98 1.07 -5.22
N ASP F 39 -47.63 2.29 -4.84
CA ASP F 39 -47.77 3.46 -5.71
C ASP F 39 -46.41 3.89 -6.29
N ASP F 40 -45.34 3.25 -5.80
CA ASP F 40 -43.97 3.50 -6.25
C ASP F 40 -43.42 2.25 -6.99
N PRO F 41 -43.56 2.21 -8.33
CA PRO F 41 -43.19 1.05 -9.13
C PRO F 41 -41.76 1.15 -9.71
N HIS F 42 -40.81 1.52 -8.85
CA HIS F 42 -39.40 1.64 -9.22
C HIS F 42 -38.81 0.27 -9.58
N PRO F 43 -37.89 0.23 -10.57
CA PRO F 43 -37.09 -0.99 -10.80
C PRO F 43 -36.22 -1.27 -9.58
N ARG F 44 -35.96 -2.55 -9.31
CA ARG F 44 -35.20 -3.03 -8.14
C ARG F 44 -35.73 -2.59 -6.75
N ASN F 45 -36.93 -2.01 -6.72
CA ASN F 45 -37.66 -1.78 -5.47
C ASN F 45 -38.27 -3.12 -5.04
N THR F 46 -37.75 -3.63 -3.93
CA THR F 46 -38.00 -5.01 -3.51
C THR F 46 -39.35 -5.21 -2.81
N TYR F 47 -39.65 -4.35 -1.84
CA TYR F 47 -40.75 -4.59 -0.92
C TYR F 47 -41.99 -3.74 -1.18
N TRP F 48 -43.07 -4.41 -1.55
CA TRP F 48 -44.38 -3.80 -1.78
C TRP F 48 -45.26 -4.05 -0.54
N GLU F 49 -46.29 -3.24 -0.37
CA GLU F 49 -47.23 -3.38 0.76
C GLU F 49 -48.08 -4.64 0.62
N MET F 50 -47.90 -5.57 1.57
CA MET F 50 -48.61 -6.83 1.58
C MET F 50 -50.07 -6.67 2.02
N TRP F 51 -50.97 -7.27 1.25
CA TRP F 51 -52.39 -7.32 1.59
C TRP F 51 -52.65 -8.56 2.44
N GLY F 52 -52.51 -8.40 3.76
CA GLY F 52 -52.65 -9.48 4.73
C GLY F 52 -51.52 -10.49 4.68
N MET F 53 -51.83 -11.71 5.11
CA MET F 53 -50.86 -12.83 5.13
C MET F 53 -51.01 -13.71 3.90
N PRO F 54 -49.89 -14.31 3.41
CA PRO F 54 -49.94 -15.24 2.26
C PRO F 54 -50.81 -16.47 2.54
N MET F 55 -51.53 -16.92 1.52
CA MET F 55 -52.42 -18.08 1.62
C MET F 55 -51.64 -19.37 1.41
N PHE F 56 -51.24 -19.99 2.52
CA PHE F 56 -50.40 -21.19 2.50
C PHE F 56 -51.20 -22.46 2.17
N ASP F 57 -52.18 -22.78 3.01
CA ASP F 57 -53.00 -23.97 2.85
C ASP F 57 -54.41 -23.61 2.38
N LEU F 58 -54.51 -23.31 1.09
CA LEU F 58 -55.79 -23.02 0.44
C LEU F 58 -55.84 -23.79 -0.88
N ARG F 59 -56.80 -24.71 -0.97
CA ARG F 59 -56.96 -25.59 -2.13
C ARG F 59 -58.12 -25.17 -3.03
N ASP F 60 -58.39 -23.87 -3.06
CA ASP F 60 -59.46 -23.28 -3.87
C ASP F 60 -58.98 -21.99 -4.53
N PRO F 61 -59.03 -21.91 -5.88
CA PRO F 61 -58.62 -20.70 -6.60
C PRO F 61 -59.60 -19.52 -6.45
N LYS F 62 -60.85 -19.83 -6.09
CA LYS F 62 -61.90 -18.82 -5.89
C LYS F 62 -61.67 -17.97 -4.64
N GLY F 63 -61.05 -18.57 -3.63
CA GLY F 63 -60.74 -17.90 -2.35
C GLY F 63 -59.74 -16.77 -2.47
N VAL F 64 -58.80 -16.91 -3.42
CA VAL F 64 -57.81 -15.87 -3.73
C VAL F 64 -58.48 -14.68 -4.43
N MET F 65 -59.43 -14.99 -5.33
CA MET F 65 -60.14 -13.99 -6.14
C MET F 65 -60.99 -13.02 -5.33
N ILE F 66 -61.52 -13.48 -4.19
CA ILE F 66 -62.30 -12.65 -3.26
C ILE F 66 -61.40 -11.60 -2.61
N GLU F 67 -60.21 -12.02 -2.19
CA GLU F 67 -59.19 -11.14 -1.60
C GLU F 67 -58.61 -10.15 -2.61
N LEU F 68 -58.58 -10.55 -3.89
CA LEU F 68 -58.14 -9.69 -5.00
C LEU F 68 -59.12 -8.55 -5.27
N ASP F 69 -60.42 -8.86 -5.26
CA ASP F 69 -61.48 -7.87 -5.45
C ASP F 69 -61.62 -6.92 -4.27
N GLU F 70 -61.29 -7.41 -3.08
CA GLU F 70 -61.27 -6.61 -1.84
C GLU F 70 -60.12 -5.60 -1.85
N CYS F 71 -58.99 -6.01 -2.43
CA CYS F 71 -57.80 -5.15 -2.55
C CYS F 71 -57.98 -4.06 -3.60
N ARG F 72 -58.73 -4.37 -4.65
CA ARG F 72 -59.05 -3.41 -5.73
C ARG F 72 -59.97 -2.28 -5.26
N LYS F 73 -60.89 -2.61 -4.36
CA LYS F 73 -61.81 -1.63 -3.77
C LYS F 73 -61.12 -0.68 -2.80
N ALA F 74 -60.15 -1.21 -2.05
CA ALA F 74 -59.36 -0.42 -1.10
C ALA F 74 -58.31 0.46 -1.78
N TRP F 75 -57.64 -0.11 -2.80
CA TRP F 75 -56.60 0.60 -3.55
C TRP F 75 -56.89 0.56 -5.05
N PRO F 76 -57.61 1.58 -5.57
CA PRO F 76 -57.94 1.60 -7.01
C PRO F 76 -56.75 2.01 -7.89
N GLY F 77 -56.02 3.05 -7.49
CA GLY F 77 -54.90 3.57 -8.28
C GLY F 77 -53.54 3.08 -7.81
N ARG F 78 -53.40 1.75 -7.71
CA ARG F 78 -52.16 1.12 -7.28
C ARG F 78 -51.84 -0.13 -8.10
N TYR F 79 -50.56 -0.51 -8.12
CA TYR F 79 -50.11 -1.72 -8.80
C TYR F 79 -50.30 -2.94 -7.91
N ILE F 80 -51.26 -3.78 -8.25
CA ILE F 80 -51.51 -5.02 -7.51
C ILE F 80 -50.86 -6.18 -8.27
N ARG F 81 -50.06 -6.98 -7.56
CA ARG F 81 -49.42 -8.17 -8.12
C ARG F 81 -49.65 -9.43 -7.28
N ILE F 82 -49.55 -10.59 -7.93
CA ILE F 82 -49.67 -11.89 -7.27
C ILE F 82 -48.30 -12.55 -7.21
N ASN F 83 -47.90 -12.95 -6.00
CA ASN F 83 -46.63 -13.62 -5.77
C ASN F 83 -46.84 -15.03 -5.25
N ALA F 84 -46.37 -16.02 -6.02
CA ALA F 84 -46.42 -17.42 -5.62
C ALA F 84 -45.10 -17.81 -4.98
N PHE F 85 -45.17 -18.29 -3.74
CA PHE F 85 -43.98 -18.61 -2.95
C PHE F 85 -43.76 -20.12 -2.81
N ASP F 86 -42.57 -20.57 -3.20
CA ASP F 86 -42.18 -21.97 -3.10
C ASP F 86 -41.51 -22.25 -1.76
N SER F 87 -41.89 -23.37 -1.14
CA SER F 87 -41.37 -23.76 0.17
C SER F 87 -40.78 -25.17 0.15
N THR F 88 -39.70 -25.33 -0.61
CA THR F 88 -39.00 -26.61 -0.75
C THR F 88 -37.62 -26.54 -0.06
N ARG F 89 -36.81 -27.57 -0.23
CA ARG F 89 -35.49 -27.68 0.42
C ARG F 89 -34.46 -26.67 -0.12
N GLY F 90 -34.47 -26.47 -1.44
CA GLY F 90 -33.47 -25.63 -2.11
C GLY F 90 -33.93 -24.25 -2.55
N PHE F 91 -35.21 -24.14 -2.93
CA PHE F 91 -35.77 -22.90 -3.48
C PHE F 91 -35.99 -21.82 -2.42
N GLU F 92 -37.04 -21.99 -1.61
CA GLU F 92 -37.44 -21.04 -0.54
C GLU F 92 -37.64 -19.59 -1.02
N THR F 93 -38.15 -19.44 -2.24
CA THR F 93 -38.28 -18.14 -2.91
C THR F 93 -39.56 -18.01 -3.74
N VAL F 94 -39.76 -16.82 -4.30
CA VAL F 94 -40.88 -16.52 -5.20
C VAL F 94 -40.66 -17.24 -6.54
N THR F 95 -41.73 -17.80 -7.10
CA THR F 95 -41.67 -18.51 -8.38
C THR F 95 -42.40 -17.77 -9.50
N MET F 96 -43.57 -17.20 -9.19
CA MET F 96 -44.37 -16.45 -10.16
C MET F 96 -44.71 -15.04 -9.66
N SER F 97 -44.63 -14.07 -10.57
CA SER F 97 -44.97 -12.69 -10.28
C SER F 97 -45.56 -12.01 -11.52
N PHE F 98 -46.78 -11.52 -11.39
CA PHE F 98 -47.48 -10.82 -12.48
C PHE F 98 -48.45 -9.75 -11.98
N ILE F 99 -48.41 -8.58 -12.61
CA ILE F 99 -49.32 -7.47 -12.30
C ILE F 99 -50.71 -7.78 -12.83
N VAL F 100 -51.69 -7.73 -11.93
CA VAL F 100 -53.10 -7.96 -12.28
C VAL F 100 -53.92 -6.67 -12.38
N ASN F 101 -53.52 -5.66 -11.60
CA ASN F 101 -54.15 -4.34 -11.65
C ASN F 101 -53.12 -3.22 -11.69
N ARG F 102 -53.19 -2.41 -12.75
CA ARG F 102 -52.36 -1.22 -12.91
C ARG F 102 -53.23 0.04 -13.08
N PRO F 103 -52.76 1.19 -12.56
CA PRO F 103 -53.54 2.45 -12.57
C PRO F 103 -53.95 2.96 -13.95
N GLU F 104 -54.87 3.93 -13.96
CA GLU F 104 -55.43 4.55 -15.17
C GLU F 104 -54.36 5.08 -16.13
N VAL F 105 -53.34 5.74 -15.57
CA VAL F 105 -52.19 6.23 -16.34
C VAL F 105 -50.86 5.90 -15.63
N GLU F 106 -49.97 5.26 -16.39
CA GLU F 106 -48.66 4.82 -15.88
C GLU F 106 -47.70 6.01 -15.75
N PRO F 107 -47.02 6.13 -14.59
CA PRO F 107 -46.04 7.21 -14.40
C PRO F 107 -44.71 6.93 -15.12
N SER F 108 -44.11 7.99 -15.65
CA SER F 108 -42.82 7.92 -16.34
C SER F 108 -41.66 8.07 -15.37
N LEU F 109 -40.45 7.71 -15.83
CA LEU F 109 -39.23 7.83 -15.03
C LEU F 109 -38.28 8.90 -15.57
N ARG F 110 -37.88 9.80 -14.69
CA ARG F 110 -36.89 10.84 -15.01
C ARG F 110 -35.50 10.37 -14.57
N MET F 111 -34.52 10.53 -15.45
CA MET F 111 -33.15 10.12 -15.20
C MET F 111 -32.24 11.33 -14.99
N GLU F 112 -31.65 11.40 -13.80
CA GLU F 112 -30.72 12.47 -13.44
C GLU F 112 -29.28 11.98 -13.55
N ARG F 113 -28.45 12.75 -14.23
CA ARG F 113 -27.07 12.36 -14.52
C ARG F 113 -26.07 13.18 -13.70
N THR F 114 -25.43 12.52 -12.74
CA THR F 114 -24.41 13.13 -11.89
C THR F 114 -23.03 12.78 -12.42
N GLU F 115 -22.25 13.81 -12.77
CA GLU F 115 -20.91 13.65 -13.33
C GLU F 115 -19.88 13.49 -12.23
N VAL F 116 -19.20 12.35 -12.23
CA VAL F 116 -18.20 12.01 -11.21
C VAL F 116 -16.79 12.03 -11.86
N ASP F 117 -15.91 11.11 -11.45
CA ASP F 117 -14.53 11.04 -11.93
C ASP F 117 -14.44 10.52 -13.35
N GLY F 118 -13.69 11.24 -14.19
CA GLY F 118 -13.50 10.88 -15.60
C GLY F 118 -14.75 11.14 -16.42
N ARG F 119 -15.26 10.09 -17.05
CA ARG F 119 -16.47 10.19 -17.87
C ARG F 119 -17.62 9.35 -17.27
N SER F 120 -17.41 8.85 -16.05
CA SER F 120 -18.39 8.00 -15.36
C SER F 120 -19.58 8.82 -14.85
N ILE F 121 -20.78 8.25 -14.98
CA ILE F 121 -22.03 8.90 -14.59
C ILE F 121 -22.80 8.04 -13.58
N ARG F 122 -23.20 8.66 -12.47
CA ARG F 122 -24.15 8.04 -11.54
C ARG F 122 -25.56 8.38 -11.98
N TYR F 123 -26.38 7.34 -12.15
CA TYR F 123 -27.75 7.50 -12.63
C TYR F 123 -28.75 7.37 -11.50
N THR F 124 -29.77 8.22 -11.53
CA THR F 124 -30.83 8.24 -10.53
C THR F 124 -32.19 8.22 -11.22
N HIS F 125 -32.92 7.13 -11.04
CA HIS F 125 -34.26 6.97 -11.59
C HIS F 125 -35.30 7.40 -10.57
N SER F 126 -36.17 8.31 -10.99
CA SER F 126 -37.20 8.88 -10.11
C SER F 126 -38.58 8.89 -10.79
N ILE F 127 -39.60 8.54 -10.02
CA ILE F 127 -40.98 8.47 -10.51
C ILE F 127 -41.63 9.85 -10.39
N VAL F 128 -42.28 10.28 -11.47
CA VAL F 128 -42.97 11.59 -11.55
C VAL F 128 -44.19 11.70 -10.63
N ARG F 129 -44.85 10.58 -10.37
CA ARG F 129 -46.04 10.51 -9.51
C ARG F 129 -45.64 10.24 -8.05
N ARG G 1 14.52 -18.61 53.92
CA ARG G 1 13.26 -18.79 53.13
C ARG G 1 13.53 -18.93 51.62
N TYR G 2 14.81 -19.01 51.26
CA TYR G 2 15.23 -19.14 49.85
C TYR G 2 16.01 -20.42 49.55
N LYS G 3 16.12 -21.30 50.55
CA LYS G 3 16.71 -22.63 50.38
C LYS G 3 15.77 -23.55 49.60
N ALA G 4 16.34 -24.54 48.92
CA ALA G 4 15.59 -25.48 48.08
C ALA G 4 14.67 -26.38 48.91
N GLY G 5 13.40 -26.42 48.50
CA GLY G 5 12.37 -27.20 49.19
C GLY G 5 10.97 -26.65 49.00
N VAL G 6 9.98 -27.46 49.35
CA VAL G 6 8.56 -27.10 49.21
C VAL G 6 8.06 -26.47 50.52
N LEU G 7 7.60 -25.22 50.42
CA LEU G 7 7.02 -24.49 51.55
C LEU G 7 5.59 -24.05 51.26
N LYS G 8 4.78 -23.94 52.32
CA LYS G 8 3.39 -23.49 52.24
C LYS G 8 3.30 -22.01 51.85
N TYR G 9 2.22 -21.66 51.16
CA TYR G 9 2.00 -20.32 50.62
C TYR G 9 1.83 -19.23 51.70
N ALA G 10 1.27 -19.61 52.84
CA ALA G 10 1.13 -18.73 53.99
C ALA G 10 2.49 -18.43 54.65
N GLN G 11 3.37 -19.45 54.66
CA GLN G 11 4.73 -19.32 55.20
C GLN G 11 5.65 -18.58 54.24
N MET G 12 5.37 -18.69 52.94
CA MET G 12 6.18 -18.08 51.88
C MET G 12 6.04 -16.55 51.82
N GLY G 13 4.89 -16.04 52.26
CA GLY G 13 4.64 -14.60 52.36
C GLY G 13 3.60 -14.09 51.39
N TYR G 14 2.38 -14.62 51.51
CA TYR G 14 1.24 -14.22 50.66
C TYR G 14 0.01 -13.83 51.47
N TRP G 15 -0.05 -14.32 52.71
CA TRP G 15 -1.10 -13.97 53.65
C TRP G 15 -0.58 -12.91 54.64
N ASP G 16 -1.33 -11.82 54.75
CA ASP G 16 -1.04 -10.75 55.71
C ASP G 16 -2.34 -10.10 56.17
N GLY G 17 -2.73 -10.40 57.42
CA GLY G 17 -3.97 -9.91 58.01
C GLY G 17 -3.99 -8.42 58.33
N ASP G 18 -2.80 -7.87 58.61
CA ASP G 18 -2.63 -6.46 58.97
C ASP G 18 -2.47 -5.53 57.76
N TYR G 19 -2.44 -6.12 56.56
CA TYR G 19 -2.28 -5.37 55.30
C TYR G 19 -3.52 -4.54 54.97
N VAL G 20 -3.28 -3.27 54.65
CA VAL G 20 -4.32 -2.35 54.20
C VAL G 20 -4.02 -2.00 52.74
N PRO G 21 -4.98 -2.28 51.82
CA PRO G 21 -4.77 -2.03 50.39
C PRO G 21 -4.72 -0.54 50.03
N LYS G 22 -3.81 -0.20 49.12
CA LYS G 22 -3.65 1.17 48.63
C LYS G 22 -4.71 1.53 47.59
N ASP G 23 -4.80 2.81 47.25
CA ASP G 23 -5.74 3.30 46.23
C ASP G 23 -5.42 2.82 44.82
N THR G 24 -4.14 2.54 44.58
CA THR G 24 -3.68 1.98 43.30
C THR G 24 -3.41 0.48 43.42
N ASP G 25 -4.49 -0.27 43.69
CA ASP G 25 -4.43 -1.73 43.79
C ASP G 25 -5.69 -2.37 43.23
N VAL G 26 -5.50 -3.36 42.37
CA VAL G 26 -6.61 -4.14 41.80
C VAL G 26 -7.06 -5.16 42.83
N LEU G 27 -8.30 -5.03 43.29
CA LEU G 27 -8.87 -5.91 44.29
C LEU G 27 -9.81 -6.93 43.65
N ALA G 28 -9.76 -8.17 44.16
CA ALA G 28 -10.60 -9.25 43.65
C ALA G 28 -11.16 -10.09 44.78
N LEU G 29 -12.44 -10.43 44.67
CA LEU G 29 -13.10 -11.35 45.58
C LEU G 29 -13.17 -12.77 45.02
N PHE G 30 -13.01 -13.74 45.92
CA PHE G 30 -13.12 -15.14 45.57
C PHE G 30 -13.98 -15.89 46.57
N ARG G 31 -15.03 -16.52 46.06
CA ARG G 31 -15.88 -17.40 46.83
C ARG G 31 -15.29 -18.81 46.77
N ILE G 32 -14.47 -19.13 47.76
CA ILE G 32 -13.67 -20.36 47.76
C ILE G 32 -14.31 -21.44 48.65
N THR G 33 -14.54 -22.61 48.05
CA THR G 33 -14.89 -23.82 48.78
C THR G 33 -13.64 -24.71 48.84
N PRO G 34 -12.99 -24.79 50.02
CA PRO G 34 -11.78 -25.60 50.15
C PRO G 34 -12.08 -27.09 50.36
N GLN G 35 -11.10 -27.93 50.05
CA GLN G 35 -11.19 -29.38 50.26
C GLN G 35 -11.16 -29.75 51.75
N GLU G 36 -11.59 -30.97 52.07
CA GLU G 36 -11.61 -31.49 53.44
C GLU G 36 -10.19 -31.64 54.00
N GLY G 37 -9.85 -30.75 54.93
CA GLY G 37 -8.51 -30.70 55.53
C GLY G 37 -7.73 -29.42 55.23
N VAL G 38 -8.03 -28.81 54.08
CA VAL G 38 -7.38 -27.57 53.64
C VAL G 38 -7.93 -26.38 54.43
N ASP G 39 -7.02 -25.63 55.05
CA ASP G 39 -7.35 -24.43 55.83
C ASP G 39 -7.72 -23.26 54.89
N PRO G 40 -8.76 -22.47 55.25
CA PRO G 40 -9.18 -21.30 54.46
C PRO G 40 -8.10 -20.22 54.26
N VAL G 41 -7.17 -20.11 55.22
CA VAL G 41 -6.04 -19.20 55.13
C VAL G 41 -5.04 -19.69 54.06
N GLU G 42 -4.78 -21.00 54.07
CA GLU G 42 -3.95 -21.66 53.06
C GLU G 42 -4.60 -21.63 51.68
N ALA G 43 -5.93 -21.78 51.65
CA ALA G 43 -6.72 -21.73 50.42
C ALA G 43 -6.69 -20.34 49.76
N ALA G 44 -6.71 -19.29 50.59
CA ALA G 44 -6.64 -17.91 50.13
C ALA G 44 -5.26 -17.57 49.55
N ALA G 45 -4.21 -18.02 50.26
CA ALA G 45 -2.83 -17.78 49.89
C ALA G 45 -2.41 -18.51 48.60
N ALA G 46 -3.03 -19.67 48.36
CA ALA G 46 -2.84 -20.44 47.14
C ALA G 46 -3.41 -19.72 45.92
N VAL G 47 -4.55 -19.06 46.11
CA VAL G 47 -5.19 -18.23 45.08
C VAL G 47 -4.38 -16.95 44.86
N ALA G 48 -3.95 -16.33 45.95
CA ALA G 48 -3.11 -15.12 45.92
C ALA G 48 -1.73 -15.39 45.32
N GLY G 49 -1.24 -16.61 45.50
CA GLY G 49 0.09 -17.01 45.01
C GLY G 49 0.18 -17.15 43.50
N GLU G 50 -0.50 -18.17 42.97
CA GLU G 50 -0.41 -18.55 41.54
C GLU G 50 -0.90 -17.48 40.56
N SER G 51 -1.84 -16.64 41.02
CA SER G 51 -2.37 -15.54 40.21
C SER G 51 -1.37 -14.39 39.97
N SER G 52 -0.25 -14.40 40.71
CA SER G 52 0.78 -13.38 40.56
C SER G 52 2.18 -13.95 40.28
N THR G 53 2.95 -14.23 41.33
CA THR G 53 4.38 -14.57 41.22
C THR G 53 4.77 -15.72 42.15
N ALA G 54 4.19 -16.89 41.93
CA ALA G 54 4.48 -18.08 42.75
C ALA G 54 4.52 -19.40 42.00
N THR G 55 5.35 -20.30 42.51
CA THR G 55 5.42 -21.69 42.06
C THR G 55 5.51 -22.61 43.30
N TRP G 56 5.26 -23.92 43.09
CA TRP G 56 5.16 -24.91 44.17
C TRP G 56 6.41 -25.10 45.04
N THR G 57 7.58 -24.83 44.45
CA THR G 57 8.86 -24.87 45.19
C THR G 57 9.63 -23.53 45.09
N VAL G 58 10.49 -23.28 46.07
CA VAL G 58 11.24 -22.02 46.17
C VAL G 58 12.41 -21.98 45.17
N VAL G 59 12.50 -20.87 44.44
CA VAL G 59 13.60 -20.63 43.48
C VAL G 59 14.54 -19.52 43.97
N TRP G 60 15.82 -19.62 43.57
CA TRP G 60 16.83 -18.62 43.94
C TRP G 60 16.72 -17.33 43.13
N THR G 61 16.05 -17.39 41.99
CA THR G 61 15.84 -16.24 41.10
C THR G 61 14.89 -15.18 41.69
N ASP G 62 14.16 -15.57 42.75
CA ASP G 62 13.32 -14.65 43.52
C ASP G 62 14.12 -13.55 44.23
N ARG G 63 15.37 -13.85 44.56
CA ARG G 63 16.27 -12.89 45.23
C ARG G 63 16.78 -11.77 44.30
N LEU G 64 16.66 -11.99 42.98
CA LEU G 64 17.05 -11.01 41.98
C LEU G 64 16.08 -9.82 41.93
N THR G 65 14.80 -10.12 41.66
CA THR G 65 13.74 -9.11 41.64
C THR G 65 13.21 -8.80 43.06
N ALA G 66 12.71 -7.59 43.25
CA ALA G 66 12.14 -7.16 44.53
C ALA G 66 10.75 -7.76 44.74
N CYS G 67 10.72 -8.99 45.26
CA CYS G 67 9.49 -9.79 45.40
C CYS G 67 8.40 -9.19 46.29
N ASP G 68 8.79 -8.37 47.26
CA ASP G 68 7.87 -7.70 48.19
C ASP G 68 6.83 -6.80 47.51
N SER G 69 7.16 -6.31 46.32
CA SER G 69 6.27 -5.44 45.53
C SER G 69 5.40 -6.23 44.54
N TYR G 70 5.97 -7.29 43.95
CA TYR G 70 5.33 -8.05 42.88
C TYR G 70 4.31 -9.09 43.35
N ARG G 71 4.49 -9.59 44.57
CA ARG G 71 3.63 -10.62 45.15
C ARG G 71 2.25 -10.07 45.51
N ALA G 72 1.20 -10.81 45.10
CA ALA G 72 -0.18 -10.48 45.49
C ALA G 72 -0.44 -10.91 46.92
N LYS G 73 -1.21 -10.10 47.63
CA LYS G 73 -1.43 -10.30 49.05
C LYS G 73 -2.92 -10.41 49.37
N ALA G 74 -3.29 -11.54 49.97
CA ALA G 74 -4.63 -11.74 50.50
C ALA G 74 -4.69 -11.13 51.90
N TYR G 75 -5.61 -10.18 52.11
CA TYR G 75 -5.64 -9.41 53.34
C TYR G 75 -6.68 -9.79 54.39
N ARG G 76 -7.87 -10.19 53.95
CA ARG G 76 -8.88 -10.72 54.88
C ARG G 76 -9.73 -11.86 54.31
N VAL G 77 -10.06 -12.81 55.18
CA VAL G 77 -10.93 -13.95 54.85
C VAL G 77 -12.10 -13.98 55.83
N GLU G 78 -13.31 -13.92 55.28
CA GLU G 78 -14.54 -14.00 56.07
C GLU G 78 -15.47 -15.13 55.57
N PRO G 79 -16.11 -15.88 56.50
CA PRO G 79 -17.05 -16.93 56.12
C PRO G 79 -18.34 -16.37 55.54
N VAL G 80 -18.84 -17.04 54.49
CA VAL G 80 -20.09 -16.64 53.81
C VAL G 80 -21.28 -17.05 54.69
N PRO G 81 -22.18 -16.10 55.00
CA PRO G 81 -23.39 -16.40 55.78
C PRO G 81 -24.38 -17.30 55.01
N GLY G 82 -24.91 -18.30 55.70
CA GLY G 82 -25.82 -19.28 55.10
C GLY G 82 -25.16 -20.62 54.81
N THR G 83 -23.98 -20.57 54.19
CA THR G 83 -23.20 -21.76 53.84
C THR G 83 -22.21 -22.13 54.94
N PRO G 84 -22.17 -23.42 55.35
CA PRO G 84 -21.27 -23.87 56.43
C PRO G 84 -19.79 -23.94 56.03
N GLY G 85 -19.52 -24.27 54.77
CA GLY G 85 -18.14 -24.45 54.29
C GLY G 85 -17.81 -23.67 53.04
N GLN G 86 -17.87 -22.34 53.14
CA GLN G 86 -17.57 -21.43 52.03
C GLN G 86 -17.04 -20.11 52.57
N TYR G 87 -16.04 -19.55 51.90
CA TYR G 87 -15.33 -18.36 52.38
C TYR G 87 -15.13 -17.29 51.30
N PHE G 88 -15.28 -16.03 51.69
CA PHE G 88 -14.88 -14.88 50.88
C PHE G 88 -13.39 -14.60 51.09
N CYS G 89 -12.67 -14.36 49.99
CA CYS G 89 -11.24 -14.04 50.05
C CYS G 89 -10.90 -12.82 49.21
N TYR G 90 -10.35 -11.81 49.88
CA TYR G 90 -9.99 -10.54 49.26
C TYR G 90 -8.51 -10.53 48.91
N VAL G 91 -8.22 -10.48 47.61
CA VAL G 91 -6.84 -10.50 47.10
C VAL G 91 -6.50 -9.15 46.47
N ALA G 92 -5.35 -8.59 46.85
CA ALA G 92 -4.86 -7.33 46.30
C ALA G 92 -3.71 -7.55 45.31
N TYR G 93 -3.84 -6.92 44.14
CA TYR G 93 -2.83 -6.99 43.09
C TYR G 93 -2.30 -5.59 42.78
N ASP G 94 -1.01 -5.49 42.49
CA ASP G 94 -0.38 -4.21 42.15
C ASP G 94 -0.40 -3.94 40.63
N LEU G 95 -0.44 -2.66 40.26
CA LEU G 95 -0.49 -2.22 38.84
C LEU G 95 0.72 -2.61 37.99
N ILE G 96 1.82 -2.94 38.66
CA ILE G 96 3.07 -3.37 38.01
C ILE G 96 2.94 -4.70 37.25
N LEU G 97 1.90 -5.46 37.57
CA LEU G 97 1.66 -6.78 36.98
C LEU G 97 0.78 -6.74 35.72
N PHE G 98 0.08 -5.63 35.52
CA PHE G 98 -0.89 -5.50 34.44
C PHE G 98 -0.43 -4.60 33.30
N GLU G 99 -0.74 -5.02 32.07
CA GLU G 99 -0.46 -4.25 30.86
C GLU G 99 -1.52 -3.17 30.66
N GLU G 100 -1.08 -2.00 30.23
CA GLU G 100 -1.96 -0.85 29.99
C GLU G 100 -2.82 -1.05 28.74
N GLY G 101 -4.13 -1.09 28.94
CA GLY G 101 -5.11 -1.22 27.86
C GLY G 101 -5.19 -2.60 27.24
N SER G 102 -5.34 -3.63 28.09
CA SER G 102 -5.46 -5.02 27.65
C SER G 102 -6.32 -5.83 28.63
N ILE G 103 -7.44 -6.35 28.12
CA ILE G 103 -8.32 -7.22 28.89
C ILE G 103 -7.71 -8.62 29.01
N ALA G 104 -7.10 -9.07 27.92
CA ALA G 104 -6.47 -10.40 27.82
C ALA G 104 -5.38 -10.63 28.86
N ASN G 105 -4.59 -9.59 29.15
CA ASN G 105 -3.52 -9.65 30.15
C ASN G 105 -4.06 -9.69 31.58
N LEU G 106 -5.16 -8.96 31.81
CA LEU G 106 -5.84 -8.90 33.11
C LEU G 106 -6.43 -10.26 33.52
N THR G 107 -6.99 -10.96 32.54
CA THR G 107 -7.58 -12.28 32.74
C THR G 107 -6.54 -13.40 32.85
N ALA G 108 -5.41 -13.23 32.15
CA ALA G 108 -4.30 -14.18 32.20
C ALA G 108 -3.63 -14.22 33.58
N SER G 109 -3.68 -13.10 34.29
CA SER G 109 -3.13 -12.99 35.63
C SER G 109 -4.08 -13.54 36.69
N ILE G 110 -5.26 -12.92 36.80
CA ILE G 110 -6.22 -13.19 37.89
C ILE G 110 -6.90 -14.56 37.77
N ILE G 111 -7.57 -14.81 36.65
CA ILE G 111 -8.32 -16.06 36.45
C ILE G 111 -7.54 -17.13 35.67
N GLY G 112 -6.21 -17.02 35.70
CA GLY G 112 -5.31 -17.89 34.93
C GLY G 112 -5.35 -19.36 35.26
N ASN G 113 -4.72 -19.72 36.39
CA ASN G 113 -4.57 -21.13 36.78
C ASN G 113 -5.14 -21.46 38.16
N VAL G 114 -5.75 -20.47 38.81
CA VAL G 114 -6.27 -20.60 40.18
C VAL G 114 -7.50 -21.52 40.32
N PHE G 115 -8.27 -21.64 39.24
CA PHE G 115 -9.49 -22.45 39.22
C PHE G 115 -9.21 -23.95 39.23
N SER G 116 -8.18 -24.35 38.49
CA SER G 116 -7.84 -25.77 38.29
C SER G 116 -7.00 -26.39 39.42
N PHE G 117 -6.93 -25.71 40.56
CA PHE G 117 -6.20 -26.18 41.74
C PHE G 117 -6.86 -27.35 42.44
N LYS G 118 -6.04 -28.33 42.83
CA LYS G 118 -6.47 -29.50 43.59
C LYS G 118 -6.93 -29.23 45.04
N PRO G 119 -6.27 -28.29 45.78
CA PRO G 119 -6.75 -28.00 47.15
C PRO G 119 -8.10 -27.27 47.26
N LEU G 120 -8.63 -26.81 46.13
CA LEU G 120 -9.93 -26.13 46.09
C LEU G 120 -10.98 -26.98 45.39
N LYS G 121 -12.16 -27.10 46.02
CA LYS G 121 -13.29 -27.82 45.45
C LYS G 121 -13.97 -27.00 44.36
N ALA G 122 -14.32 -25.75 44.70
CA ALA G 122 -14.95 -24.81 43.76
C ALA G 122 -14.65 -23.37 44.15
N ALA G 123 -14.19 -22.60 43.16
CA ALA G 123 -13.90 -21.17 43.33
C ALA G 123 -14.72 -20.33 42.37
N ARG G 124 -15.23 -19.20 42.86
CA ARG G 124 -15.98 -18.26 42.03
C ARG G 124 -15.54 -16.82 42.24
N LEU G 125 -15.32 -16.12 41.13
CA LEU G 125 -14.97 -14.71 41.15
C LEU G 125 -16.24 -13.86 41.24
N GLU G 126 -16.42 -13.19 42.37
CA GLU G 126 -17.65 -12.47 42.69
C GLU G 126 -17.67 -11.03 42.18
N ASP G 127 -16.63 -10.27 42.55
CA ASP G 127 -16.52 -8.85 42.18
C ASP G 127 -15.06 -8.41 42.10
N MET G 128 -14.82 -7.36 41.32
CA MET G 128 -13.48 -6.83 41.09
C MET G 128 -13.46 -5.30 41.15
N ARG G 129 -12.50 -4.76 41.90
CA ARG G 129 -12.29 -3.31 41.99
C ARG G 129 -11.17 -2.88 41.04
N PHE G 130 -11.46 -1.86 40.23
CA PHE G 130 -10.46 -1.24 39.39
C PHE G 130 -10.16 0.16 39.91
N PRO G 131 -8.85 0.48 40.10
CA PRO G 131 -8.44 1.85 40.47
C PRO G 131 -8.62 2.85 39.33
N VAL G 132 -8.66 4.13 39.68
CA VAL G 132 -8.80 5.24 38.72
C VAL G 132 -7.63 5.27 37.74
N ALA G 133 -6.44 4.87 38.23
CA ALA G 133 -5.23 4.78 37.42
C ALA G 133 -5.31 3.74 36.30
N TYR G 134 -6.08 2.68 36.52
CA TYR G 134 -6.19 1.58 35.57
C TYR G 134 -7.31 1.78 34.53
N VAL G 135 -8.41 2.42 34.94
CA VAL G 135 -9.55 2.66 34.02
C VAL G 135 -9.26 3.70 32.94
N LYS G 136 -8.33 4.62 33.22
CA LYS G 136 -7.98 5.70 32.30
C LYS G 136 -7.14 5.24 31.10
N THR G 137 -6.48 4.10 31.23
CA THR G 137 -5.71 3.51 30.14
C THR G 137 -6.60 2.98 29.00
N TYR G 138 -7.83 2.61 29.36
CA TYR G 138 -8.83 2.13 28.40
C TYR G 138 -9.62 3.28 27.79
N LYS G 139 -10.02 3.09 26.52
CA LYS G 139 -10.78 4.09 25.77
C LYS G 139 -12.24 4.17 26.20
N GLY G 140 -12.84 3.02 26.50
CA GLY G 140 -14.24 2.92 26.88
C GLY G 140 -15.17 2.70 25.68
N PRO G 141 -16.51 2.72 25.91
CA PRO G 141 -17.50 2.54 24.85
C PRO G 141 -17.45 3.62 23.78
N PRO G 142 -17.64 3.25 22.49
CA PRO G 142 -17.58 4.17 21.35
C PRO G 142 -18.50 5.39 21.45
N THR G 143 -19.75 5.18 21.86
CA THR G 143 -20.74 6.26 21.94
C THR G 143 -21.30 6.47 23.35
N GLY G 144 -21.80 5.38 23.95
CA GLY G 144 -22.45 5.43 25.26
C GLY G 144 -23.97 5.57 25.15
N ILE G 145 -24.60 5.89 26.29
CA ILE G 145 -26.04 6.13 26.35
C ILE G 145 -26.38 7.50 25.75
N VAL G 146 -25.62 8.51 26.16
CA VAL G 146 -25.78 9.90 25.69
C VAL G 146 -25.54 10.01 24.19
N GLY G 147 -24.42 9.45 23.72
CA GLY G 147 -24.01 9.51 22.31
C GLY G 147 -24.93 8.82 21.32
N GLU G 148 -25.53 7.71 21.76
CA GLU G 148 -26.42 6.92 20.90
C GLU G 148 -27.79 7.57 20.70
N ARG G 149 -28.40 8.04 21.80
CA ARG G 149 -29.72 8.66 21.77
C ARG G 149 -29.78 9.95 20.97
N GLU G 150 -28.67 10.68 20.92
CA GLU G 150 -28.52 11.89 20.12
C GLU G 150 -28.47 11.60 18.63
N ARG G 151 -27.92 10.43 18.27
CA ARG G 151 -27.82 9.98 16.87
C ARG G 151 -29.15 9.53 16.29
N LEU G 152 -29.97 8.90 17.13
CA LEU G 152 -31.27 8.36 16.72
C LEU G 152 -32.44 9.33 16.96
N ASP G 153 -32.17 10.38 17.74
CA ASP G 153 -33.16 11.40 18.17
C ASP G 153 -34.39 10.81 18.87
N LYS G 154 -34.13 9.86 19.77
CA LYS G 154 -35.18 9.18 20.54
C LYS G 154 -34.90 9.30 22.04
N PHE G 155 -35.82 9.95 22.75
CA PHE G 155 -35.67 10.27 24.17
C PHE G 155 -36.93 9.98 24.98
N GLY G 156 -36.75 9.57 26.23
CA GLY G 156 -37.84 9.50 27.21
C GLY G 156 -38.52 8.16 27.44
N LYS G 157 -38.01 7.12 26.78
CA LYS G 157 -38.56 5.75 26.88
C LYS G 157 -37.52 4.70 26.43
N PRO G 158 -37.71 3.41 26.80
CA PRO G 158 -36.84 2.36 26.28
C PRO G 158 -36.94 2.18 24.77
N LEU G 159 -35.80 1.90 24.13
CA LEU G 159 -35.75 1.59 22.71
C LEU G 159 -36.23 0.16 22.47
N LEU G 160 -37.10 -0.02 21.48
CA LEU G 160 -37.71 -1.33 21.20
C LEU G 160 -36.97 -2.11 20.11
N GLY G 161 -36.86 -3.42 20.33
CA GLY G 161 -36.20 -4.34 19.41
C GLY G 161 -36.96 -5.62 19.18
N ALA G 162 -36.55 -6.36 18.15
CA ALA G 162 -37.10 -7.68 17.83
C ALA G 162 -36.08 -8.53 17.07
N THR G 163 -35.97 -9.79 17.47
CA THR G 163 -35.12 -10.76 16.79
C THR G 163 -35.90 -11.39 15.64
N THR G 164 -35.28 -11.43 14.46
CA THR G 164 -35.89 -11.99 13.25
C THR G 164 -36.06 -13.51 13.38
N LYS G 165 -37.32 -13.94 13.41
CA LYS G 165 -37.68 -15.35 13.60
C LYS G 165 -38.23 -15.96 12.29
N PRO G 166 -37.88 -17.22 11.97
CA PRO G 166 -37.06 -18.12 12.81
C PRO G 166 -35.57 -17.78 12.79
N LYS G 167 -34.82 -18.43 13.69
CA LYS G 167 -33.38 -18.20 13.87
C LYS G 167 -32.62 -18.42 12.55
N LEU G 168 -32.63 -19.64 12.04
CA LEU G 168 -32.02 -19.98 10.75
C LEU G 168 -33.09 -20.45 9.76
N GLY G 169 -32.83 -20.27 8.47
CA GLY G 169 -33.69 -20.79 7.41
C GLY G 169 -34.09 -19.82 6.31
N LEU G 170 -34.37 -18.58 6.69
CA LEU G 170 -34.87 -17.55 5.76
C LEU G 170 -33.80 -17.10 4.76
N SER G 171 -34.21 -16.99 3.51
CA SER G 171 -33.35 -16.47 2.43
C SER G 171 -33.30 -14.94 2.46
N GLY G 172 -32.30 -14.37 1.77
CA GLY G 172 -32.04 -12.93 1.75
C GLY G 172 -33.22 -12.02 1.41
N LYS G 173 -34.04 -12.45 0.45
CA LYS G 173 -35.24 -11.73 0.03
C LYS G 173 -36.29 -11.67 1.14
N ASN G 174 -36.59 -12.82 1.74
CA ASN G 174 -37.63 -12.96 2.75
C ASN G 174 -37.22 -12.42 4.12
N TYR G 175 -35.91 -12.47 4.40
CA TYR G 175 -35.34 -11.98 5.66
C TYR G 175 -35.57 -10.49 5.83
N GLY G 176 -35.37 -9.73 4.75
CA GLY G 176 -35.61 -8.29 4.72
C GLY G 176 -37.08 -7.91 4.83
N ARG G 177 -37.97 -8.78 4.36
CA ARG G 177 -39.42 -8.57 4.43
C ARG G 177 -39.94 -8.58 5.87
N VAL G 178 -39.37 -9.46 6.70
CA VAL G 178 -39.69 -9.53 8.13
C VAL G 178 -39.16 -8.27 8.84
N VAL G 179 -37.97 -7.83 8.44
CA VAL G 179 -37.34 -6.61 8.94
C VAL G 179 -38.16 -5.37 8.58
N TYR G 180 -38.65 -5.33 7.33
CA TYR G 180 -39.47 -4.22 6.83
C TYR G 180 -40.80 -4.07 7.57
N GLU G 181 -41.47 -5.21 7.81
CA GLU G 181 -42.76 -5.23 8.50
C GLU G 181 -42.64 -4.91 10.00
N GLY G 182 -41.48 -5.24 10.57
CA GLY G 182 -41.18 -4.96 11.97
C GLY G 182 -40.96 -3.49 12.24
N LEU G 183 -40.07 -2.88 11.47
CA LEU G 183 -39.68 -1.46 11.64
C LEU G 183 -40.80 -0.47 11.32
N LYS G 184 -41.63 -0.81 10.32
CA LYS G 184 -42.75 0.05 9.92
C LYS G 184 -43.89 0.02 10.94
N GLY G 185 -44.03 -1.10 11.63
CA GLY G 185 -45.06 -1.30 12.66
C GLY G 185 -44.89 -0.43 13.89
N GLY G 186 -43.64 -0.17 14.27
CA GLY G 186 -43.33 0.69 15.42
C GLY G 186 -42.04 0.41 16.14
N LEU G 187 -41.33 -0.65 15.73
CA LEU G 187 -40.07 -1.04 16.35
C LEU G 187 -38.91 -0.14 15.92
N ASP G 188 -38.02 0.14 16.87
CA ASP G 188 -36.85 0.98 16.63
C ASP G 188 -35.71 0.17 16.01
N PHE G 189 -35.61 -1.10 16.40
CA PHE G 189 -34.55 -2.00 15.93
C PHE G 189 -35.05 -3.39 15.54
N MET G 190 -34.43 -3.95 14.53
CA MET G 190 -34.51 -5.38 14.22
C MET G 190 -33.09 -5.93 14.34
N ASP G 192 -30.16 -9.53 13.73
CA ASP G 192 -29.76 -10.88 13.36
C ASP G 192 -29.67 -11.76 14.60
N ASP G 193 -29.92 -13.06 14.42
CA ASP G 193 -29.71 -14.05 15.47
C ASP G 193 -28.21 -14.32 15.66
N GLU G 194 -27.83 -14.73 16.86
CA GLU G 194 -26.41 -14.94 17.21
C GLU G 194 -25.68 -16.02 16.39
N ASN G 195 -26.44 -17.01 15.90
CA ASN G 195 -25.89 -18.10 15.09
C ASN G 195 -25.86 -17.80 13.59
N ILE G 196 -26.62 -16.80 13.15
CA ILE G 196 -26.64 -16.35 11.75
C ILE G 196 -25.34 -15.62 11.42
N ASN G 197 -24.62 -16.15 10.43
CA ASN G 197 -23.38 -15.53 9.94
C ASN G 197 -23.32 -15.60 8.40
N SER G 198 -22.75 -16.68 7.86
CA SER G 198 -22.64 -16.88 6.42
C SER G 198 -22.91 -18.35 6.03
N GLN G 199 -24.13 -18.79 6.31
CA GLN G 199 -24.57 -20.16 6.06
C GLN G 199 -24.79 -20.45 4.57
N PRO G 200 -24.78 -21.75 4.17
CA PRO G 200 -25.03 -22.13 2.77
C PRO G 200 -26.36 -21.67 2.16
N PHE G 201 -27.40 -21.54 2.99
CA PHE G 201 -28.72 -21.12 2.50
C PHE G 201 -28.84 -19.63 2.19
N MET G 202 -28.08 -18.81 2.92
CA MET G 202 -28.08 -17.35 2.74
C MET G 202 -26.71 -16.75 3.06
N HIS G 203 -26.09 -16.16 2.04
CA HIS G 203 -24.80 -15.50 2.18
C HIS G 203 -24.94 -14.15 2.88
N TRP G 204 -23.93 -13.77 3.65
CA TRP G 204 -23.95 -12.54 4.46
C TRP G 204 -24.10 -11.25 3.63
N ARG G 205 -23.37 -11.18 2.51
CA ARG G 205 -23.34 -9.99 1.67
C ARG G 205 -24.68 -9.74 0.96
N ASP G 206 -25.45 -10.80 0.75
CA ASP G 206 -26.81 -10.70 0.25
C ASP G 206 -27.77 -10.19 1.32
N ARG G 207 -27.64 -10.70 2.55
CA ARG G 207 -28.45 -10.27 3.69
C ARG G 207 -28.29 -8.78 3.99
N PHE G 208 -27.03 -8.33 4.04
CA PHE G 208 -26.66 -6.93 4.30
C PHE G 208 -27.31 -5.93 3.33
N LEU G 209 -27.41 -6.32 2.05
CA LEU G 209 -28.01 -5.49 1.01
C LEU G 209 -29.53 -5.36 1.15
N TYR G 210 -30.20 -6.47 1.41
CA TYR G 210 -31.66 -6.52 1.45
C TYR G 210 -32.27 -5.90 2.71
N VAL G 211 -31.57 -5.99 3.84
CA VAL G 211 -32.04 -5.37 5.09
C VAL G 211 -31.89 -3.85 5.08
N MET G 212 -30.85 -3.36 4.41
CA MET G 212 -30.61 -1.92 4.30
C MET G 212 -31.63 -1.20 3.43
N GLU G 213 -32.13 -1.90 2.42
CA GLU G 213 -33.25 -1.42 1.60
C GLU G 213 -34.54 -1.39 2.42
N ALA G 214 -34.70 -2.39 3.29
CA ALA G 214 -35.84 -2.49 4.20
C ALA G 214 -35.82 -1.43 5.29
N VAL G 215 -34.61 -1.06 5.74
CA VAL G 215 -34.41 -0.02 6.76
C VAL G 215 -34.83 1.35 6.22
N ASN G 216 -34.32 1.69 5.03
CA ASN G 216 -34.57 2.98 4.40
C ASN G 216 -36.01 3.18 3.92
N LEU G 217 -36.65 2.10 3.48
CA LEU G 217 -38.07 2.12 3.12
C LEU G 217 -38.97 2.35 4.33
N ALA G 218 -38.59 1.78 5.46
CA ALA G 218 -39.29 1.98 6.73
C ALA G 218 -39.04 3.37 7.31
N SER G 219 -37.83 3.89 7.09
CA SER G 219 -37.44 5.22 7.55
C SER G 219 -38.17 6.35 6.82
N ALA G 220 -38.46 6.13 5.55
CA ALA G 220 -39.19 7.08 4.71
C ALA G 220 -40.69 7.12 5.03
N GLN G 221 -41.23 5.97 5.44
CA GLN G 221 -42.68 5.83 5.67
C GLN G 221 -43.12 6.15 7.10
N THR G 222 -42.18 6.10 8.05
CA THR G 222 -42.45 6.41 9.45
C THR G 222 -41.90 7.77 9.87
N GLY G 223 -40.80 8.18 9.26
CA GLY G 223 -40.11 9.44 9.59
C GLY G 223 -39.15 9.33 10.75
N GLU G 224 -38.82 8.10 11.13
CA GLU G 224 -37.86 7.81 12.21
C GLU G 224 -36.58 7.17 11.67
N VAL G 225 -35.48 7.34 12.41
CA VAL G 225 -34.22 6.68 12.09
C VAL G 225 -34.30 5.23 12.59
N LYS G 226 -34.27 4.29 11.64
CA LYS G 226 -34.36 2.86 11.94
C LYS G 226 -33.00 2.19 11.79
N GLY G 227 -32.86 1.02 12.42
CA GLY G 227 -31.61 0.27 12.38
C GLY G 227 -31.79 -1.24 12.45
N HIS G 228 -30.76 -1.95 11.99
CA HIS G 228 -30.69 -3.40 12.08
C HIS G 228 -29.31 -3.82 12.56
N TYR G 229 -29.27 -4.61 13.64
CA TYR G 229 -28.00 -5.10 14.18
C TYR G 229 -27.43 -6.15 13.23
N LEU G 230 -26.43 -5.74 12.47
CA LEU G 230 -25.78 -6.60 11.48
C LEU G 230 -24.68 -7.45 12.13
N ASN G 231 -24.87 -8.77 12.07
CA ASN G 231 -23.95 -9.72 12.67
C ASN G 231 -22.69 -9.86 11.81
N ILE G 232 -21.55 -9.53 12.40
CA ILE G 232 -20.25 -9.57 11.69
C ILE G 232 -19.33 -10.72 12.14
N THR G 233 -19.82 -11.53 13.08
CA THR G 233 -19.07 -12.66 13.64
C THR G 233 -18.57 -13.60 12.53
N ALA G 234 -17.25 -13.78 12.48
CA ALA G 234 -16.60 -14.60 11.45
C ALA G 234 -15.52 -15.51 12.05
N GLY G 235 -14.97 -16.38 11.20
CA GLY G 235 -13.91 -17.31 11.60
C GLY G 235 -12.58 -16.62 11.87
N THR G 236 -12.20 -15.72 10.96
CA THR G 236 -10.95 -14.95 11.07
C THR G 236 -11.24 -13.45 11.19
N MET G 237 -10.21 -12.69 11.57
CA MET G 237 -10.29 -11.23 11.67
C MET G 237 -10.32 -10.55 10.31
N GLU G 238 -9.64 -11.16 9.33
CA GLU G 238 -9.62 -10.66 7.95
C GLU G 238 -11.01 -10.65 7.32
N GLU G 239 -11.78 -11.71 7.58
CA GLU G 239 -13.18 -11.81 7.16
C GLU G 239 -14.07 -10.86 7.95
N MET G 240 -13.73 -10.67 9.23
CA MET G 240 -14.50 -9.84 10.16
C MET G 240 -14.41 -8.35 9.86
N TYR G 241 -13.22 -7.88 9.47
CA TYR G 241 -13.03 -6.48 9.05
C TYR G 241 -13.72 -6.16 7.73
N ARG G 242 -13.73 -7.14 6.82
CA ARG G 242 -14.38 -7.00 5.51
C ARG G 242 -15.90 -6.88 5.62
N ARG G 243 -16.48 -7.58 6.61
CA ARG G 243 -17.92 -7.52 6.88
C ARG G 243 -18.32 -6.19 7.52
N ALA G 244 -17.43 -5.65 8.35
CA ALA G 244 -17.66 -4.37 9.04
C ALA G 244 -17.54 -3.19 8.08
N GLU G 245 -16.53 -3.23 7.20
CA GLU G 245 -16.29 -2.18 6.21
C GLU G 245 -17.41 -2.06 5.17
N PHE G 246 -18.02 -3.19 4.83
CA PHE G 246 -19.18 -3.23 3.94
C PHE G 246 -20.44 -2.73 4.63
N ALA G 247 -20.55 -2.98 5.94
CA ALA G 247 -21.65 -2.47 6.76
C ALA G 247 -21.61 -0.95 6.89
N LYS G 248 -20.40 -0.39 7.00
CA LYS G 248 -20.18 1.05 6.98
C LYS G 248 -20.52 1.64 5.60
N SER G 249 -20.12 0.92 4.54
CA SER G 249 -20.33 1.34 3.15
C SER G 249 -21.80 1.48 2.76
N LEU G 250 -22.66 0.66 3.37
CA LEU G 250 -24.10 0.73 3.16
C LEU G 250 -24.73 1.87 3.94
N GLY G 251 -24.09 2.24 5.06
CA GLY G 251 -24.55 3.33 5.91
C GLY G 251 -25.38 2.85 7.09
N SER G 252 -24.97 1.73 7.68
CA SER G 252 -25.65 1.17 8.85
C SER G 252 -25.31 1.96 10.12
N VAL G 253 -26.27 2.01 11.03
CA VAL G 253 -26.15 2.75 12.27
C VAL G 253 -25.38 1.93 13.33
N ILE G 254 -25.67 0.63 13.38
CA ILE G 254 -25.22 -0.26 14.47
C ILE G 254 -24.97 -1.70 13.99
N VAL G 255 -23.84 -2.26 14.42
CA VAL G 255 -23.48 -3.67 14.17
C VAL G 255 -23.33 -4.48 15.46
N MET G 256 -23.71 -5.76 15.40
CA MET G 256 -23.64 -6.66 16.56
C MET G 256 -22.51 -7.68 16.49
N VAL G 257 -22.04 -8.09 17.66
CA VAL G 257 -20.87 -8.97 17.84
C VAL G 257 -21.16 -9.97 18.97
N ASP G 258 -20.79 -11.23 18.77
CA ASP G 258 -20.91 -12.27 19.80
C ASP G 258 -19.74 -12.24 20.78
N LEU G 259 -20.00 -12.67 22.02
CA LEU G 259 -19.00 -12.68 23.10
C LEU G 259 -17.92 -13.74 22.91
N ILE G 260 -18.26 -14.82 22.20
CA ILE G 260 -17.38 -15.97 21.94
C ILE G 260 -16.05 -15.59 21.26
N ILE G 261 -16.10 -14.62 20.35
CA ILE G 261 -14.95 -14.20 19.53
C ILE G 261 -13.67 -13.82 20.31
N GLY G 262 -13.85 -13.46 21.58
CA GLY G 262 -12.73 -13.19 22.49
C GLY G 262 -12.42 -11.72 22.67
N TYR G 263 -11.91 -11.39 23.86
CA TYR G 263 -11.65 -10.01 24.28
C TYR G 263 -10.62 -9.29 23.42
N THR G 264 -9.64 -10.03 22.92
CA THR G 264 -8.62 -9.52 21.99
C THR G 264 -9.26 -9.10 20.66
N ALA G 265 -10.19 -9.91 20.18
CA ALA G 265 -10.95 -9.61 18.98
C ALA G 265 -11.99 -8.50 19.21
N ILE G 266 -12.56 -8.44 20.41
CA ILE G 266 -13.55 -7.42 20.80
C ILE G 266 -12.94 -6.01 20.86
N GLN G 267 -11.79 -5.89 21.53
CA GLN G 267 -11.05 -4.62 21.64
C GLN G 267 -10.62 -4.03 20.30
N SER G 268 -10.45 -4.89 19.30
CA SER G 268 -10.09 -4.49 17.95
C SER G 268 -11.24 -3.80 17.22
N ILE G 269 -12.47 -4.25 17.45
CA ILE G 269 -13.67 -3.64 16.85
C ILE G 269 -14.02 -2.33 17.55
N SER G 270 -13.79 -2.29 18.87
CA SER G 270 -14.00 -1.08 19.68
C SER G 270 -13.13 0.09 19.19
N GLU G 271 -11.90 -0.23 18.79
CA GLU G 271 -10.97 0.72 18.18
C GLU G 271 -11.47 1.12 16.78
N TRP G 272 -12.04 0.15 16.07
CA TRP G 272 -12.55 0.35 14.71
C TRP G 272 -13.85 1.18 14.67
N CYS G 273 -14.76 0.90 15.61
CA CYS G 273 -16.06 1.57 15.69
C CYS G 273 -15.98 3.06 16.03
N ARG G 274 -15.03 3.41 16.90
CA ARG G 274 -14.76 4.80 17.26
C ARG G 274 -14.19 5.58 16.07
N GLN G 275 -13.32 4.92 15.30
CA GLN G 275 -12.66 5.53 14.15
C GLN G 275 -13.49 5.53 12.86
N ASN G 276 -14.72 5.02 12.94
CA ASN G 276 -15.63 4.96 11.79
C ASN G 276 -17.10 5.33 12.12
N ASP G 277 -17.30 5.84 13.34
CA ASP G 277 -18.62 6.24 13.87
C ASP G 277 -19.69 5.14 13.79
N MET G 278 -19.47 4.08 14.57
CA MET G 278 -20.37 2.93 14.64
C MET G 278 -20.71 2.59 16.07
N ILE G 279 -21.95 2.16 16.30
CA ILE G 279 -22.40 1.72 17.63
C ILE G 279 -22.22 0.20 17.70
N LEU G 280 -21.65 -0.27 18.81
CA LEU G 280 -21.34 -1.70 18.99
C LEU G 280 -22.32 -2.39 19.94
N HIS G 281 -22.87 -3.51 19.48
CA HIS G 281 -23.79 -4.34 20.25
C HIS G 281 -23.11 -5.66 20.62
N MET G 282 -23.23 -6.04 21.89
CA MET G 282 -22.67 -7.31 22.37
C MET G 282 -23.78 -8.29 22.68
N HIS G 283 -23.69 -9.47 22.08
CA HIS G 283 -24.56 -10.58 22.42
C HIS G 283 -23.76 -11.61 23.22
N ARG G 284 -24.22 -11.89 24.43
CA ARG G 284 -23.55 -12.87 25.31
C ARG G 284 -23.97 -14.30 24.96
N ALA G 285 -23.27 -14.88 24.00
CA ALA G 285 -23.43 -16.29 23.64
C ALA G 285 -22.41 -17.11 24.41
N GLY G 286 -22.88 -18.19 25.02
CA GLY G 286 -22.04 -19.10 25.80
C GLY G 286 -21.52 -18.53 27.11
N HIS G 287 -22.22 -17.52 27.64
CA HIS G 287 -21.88 -16.93 28.93
C HIS G 287 -22.27 -17.85 30.09
N GLY G 288 -23.43 -18.50 29.94
CA GLY G 288 -24.01 -19.36 30.97
C GLY G 288 -23.23 -20.62 31.28
N THR G 289 -22.14 -20.81 30.55
CA THR G 289 -21.22 -21.93 30.75
C THR G 289 -20.41 -21.75 32.04
N TYR G 290 -20.10 -20.50 32.37
CA TYR G 290 -19.26 -20.14 33.51
C TYR G 290 -19.83 -19.03 34.38
N THR G 291 -21.14 -18.79 34.26
CA THR G 291 -21.81 -17.70 34.98
C THR G 291 -22.96 -18.19 35.86
N ARG G 292 -23.71 -19.17 35.35
CA ARG G 292 -24.94 -19.64 35.99
C ARG G 292 -24.76 -20.26 37.39
N GLN G 293 -23.68 -21.03 37.55
CA GLN G 293 -23.39 -21.71 38.82
C GLN G 293 -22.92 -20.74 39.89
N LYS G 294 -23.54 -20.82 41.07
CA LYS G 294 -23.28 -19.92 42.19
C LYS G 294 -21.98 -20.25 42.93
N ASN G 295 -21.56 -21.51 42.86
CA ASN G 295 -20.38 -21.99 43.60
C ASN G 295 -19.08 -21.95 42.78
N HIS G 296 -19.20 -21.95 41.46
CA HIS G 296 -18.04 -21.98 40.57
C HIS G 296 -18.23 -21.16 39.29
N GLY G 297 -17.17 -20.44 38.90
CA GLY G 297 -17.16 -19.65 37.66
C GLY G 297 -16.77 -18.20 37.84
N ILE G 298 -17.35 -17.33 37.02
CA ILE G 298 -17.19 -15.88 37.12
C ILE G 298 -18.58 -15.24 37.03
N SER G 299 -18.91 -14.39 38.02
CA SER G 299 -20.17 -13.63 38.03
C SER G 299 -20.18 -12.62 36.88
N PHE G 300 -21.37 -12.41 36.32
CA PHE G 300 -21.53 -11.55 35.13
C PHE G 300 -21.14 -10.09 35.35
N ARG G 301 -21.26 -9.61 36.59
CA ARG G 301 -20.88 -8.24 36.95
C ARG G 301 -19.39 -7.95 36.71
N VAL G 302 -18.55 -8.99 36.80
CA VAL G 302 -17.12 -8.88 36.51
C VAL G 302 -16.90 -8.86 35.00
N ILE G 303 -17.68 -9.66 34.27
CA ILE G 303 -17.63 -9.70 32.80
C ILE G 303 -18.13 -8.38 32.21
N ALA G 304 -19.17 -7.82 32.82
CA ALA G 304 -19.72 -6.50 32.43
C ALA G 304 -18.72 -5.37 32.66
N LYS G 305 -17.95 -5.47 33.75
CA LYS G 305 -16.87 -4.52 34.04
C LYS G 305 -15.74 -4.59 33.02
N TRP G 306 -15.40 -5.80 32.58
CA TRP G 306 -14.38 -5.99 31.54
C TRP G 306 -14.87 -5.48 30.18
N LEU G 307 -16.15 -5.71 29.88
CA LEU G 307 -16.75 -5.31 28.60
C LEU G 307 -16.95 -3.79 28.47
N ARG G 308 -17.15 -3.13 29.60
CA ARG G 308 -17.20 -1.66 29.65
C ARG G 308 -15.81 -1.06 29.35
N LEU G 309 -14.77 -1.67 29.91
CA LEU G 309 -13.39 -1.26 29.67
C LEU G 309 -12.91 -1.59 28.25
N ALA G 310 -13.39 -2.72 27.72
CA ALA G 310 -13.08 -3.13 26.34
C ALA G 310 -13.67 -2.15 25.33
N GLY G 311 -14.93 -1.77 25.55
CA GLY G 311 -15.59 -0.73 24.75
C GLY G 311 -16.78 -1.21 23.94
N VAL G 312 -17.87 -1.51 24.63
CA VAL G 312 -19.12 -1.91 23.98
C VAL G 312 -20.26 -1.00 24.44
N ASP G 313 -21.12 -0.60 23.50
CA ASP G 313 -22.24 0.30 23.79
C ASP G 313 -23.49 -0.42 24.30
N HIS G 314 -23.73 -1.61 23.78
CA HIS G 314 -24.86 -2.45 24.22
C HIS G 314 -24.40 -3.76 24.82
N LEU G 315 -25.12 -4.21 25.85
CA LEU G 315 -24.85 -5.49 26.50
C LEU G 315 -26.13 -6.09 27.07
N HIS G 316 -26.36 -7.36 26.74
CA HIS G 316 -27.44 -8.14 27.35
C HIS G 316 -27.09 -8.42 28.80
N CYS G 317 -27.94 -7.94 29.72
CA CYS G 317 -27.69 -8.09 31.15
C CYS G 317 -28.67 -9.07 31.81
N GLY G 318 -29.80 -9.31 31.15
CA GLY G 318 -30.77 -10.30 31.61
C GLY G 318 -32.10 -9.73 32.04
N THR G 319 -33.11 -10.60 32.05
CA THR G 319 -34.46 -10.26 32.48
C THR G 319 -34.85 -11.10 33.70
N ALA G 320 -35.38 -10.42 34.71
CA ALA G 320 -35.84 -11.07 35.94
C ALA G 320 -37.09 -11.91 35.74
N VAL G 321 -37.97 -11.45 34.84
CA VAL G 321 -39.26 -12.09 34.57
C VAL G 321 -39.29 -12.97 33.31
N GLY G 322 -38.19 -12.94 32.56
CA GLY G 322 -38.07 -13.68 31.30
C GLY G 322 -37.87 -15.18 31.41
N LYS G 323 -37.64 -15.82 30.25
CA LYS G 323 -37.47 -17.28 30.16
C LYS G 323 -36.11 -17.78 30.66
N LEU G 324 -35.12 -16.88 30.67
CA LEU G 324 -33.74 -17.21 31.05
C LEU G 324 -33.47 -16.86 32.52
N GLU G 325 -32.40 -17.45 33.07
CA GLU G 325 -32.00 -17.29 34.47
C GLU G 325 -31.73 -15.83 34.86
N GLY G 326 -32.24 -15.43 36.02
CA GLY G 326 -32.06 -14.07 36.54
C GLY G 326 -32.89 -13.80 37.78
N ASP G 327 -32.22 -13.31 38.83
CA ASP G 327 -32.86 -12.92 40.08
C ASP G 327 -32.95 -11.39 40.18
N PRO G 328 -34.17 -10.84 40.42
CA PRO G 328 -34.47 -9.40 40.39
C PRO G 328 -33.43 -8.46 41.01
N LEU G 329 -32.94 -8.80 42.21
CA LEU G 329 -31.94 -7.99 42.91
C LEU G 329 -30.54 -8.13 42.29
N THR G 330 -30.19 -9.34 41.88
CA THR G 330 -28.90 -9.65 41.26
C THR G 330 -28.81 -9.06 39.85
N VAL G 331 -29.95 -9.03 39.15
CA VAL G 331 -30.06 -8.46 37.80
C VAL G 331 -29.83 -6.95 37.84
N GLN G 332 -30.48 -6.26 38.79
CA GLN G 332 -30.31 -4.82 39.03
C GLN G 332 -28.86 -4.43 39.31
N GLY G 333 -28.10 -5.37 39.88
CA GLY G 333 -26.66 -5.22 40.09
C GLY G 333 -25.89 -5.05 38.80
N TYR G 334 -26.21 -5.88 37.80
CA TYR G 334 -25.57 -5.82 36.48
C TYR G 334 -25.89 -4.53 35.73
N TYR G 335 -27.11 -4.03 35.95
CA TYR G 335 -27.57 -2.77 35.36
C TYR G 335 -26.86 -1.54 35.93
N ASN G 336 -26.62 -1.56 37.24
CA ASN G 336 -25.92 -0.48 37.94
C ASN G 336 -24.42 -0.43 37.62
N VAL G 337 -23.86 -1.59 37.27
CA VAL G 337 -22.45 -1.71 36.89
C VAL G 337 -22.17 -1.00 35.56
N CYS G 338 -23.07 -1.17 34.58
CA CYS G 338 -22.87 -0.64 33.24
C CYS G 338 -23.44 0.77 32.99
N ARG G 339 -24.28 1.25 33.91
CA ARG G 339 -24.92 2.57 33.76
C ARG G 339 -24.37 3.66 34.69
N GLU G 340 -24.33 3.37 35.99
CA GLU G 340 -23.93 4.37 37.00
C GLU G 340 -22.43 4.71 36.95
N PRO G 341 -22.08 6.02 36.99
CA PRO G 341 -20.68 6.46 36.96
C PRO G 341 -19.92 6.15 38.26
N PHE G 342 -20.63 6.14 39.37
CA PHE G 342 -20.08 5.80 40.68
C PHE G 342 -21.13 5.00 41.45
N ASN G 343 -20.77 3.76 41.80
CA ASN G 343 -21.66 2.88 42.56
C ASN G 343 -21.09 2.50 43.92
N THR G 344 -21.92 2.66 44.95
CA THR G 344 -21.56 2.35 46.33
C THR G 344 -21.77 0.86 46.64
N VAL G 345 -21.14 0.41 47.72
CA VAL G 345 -21.23 -1.00 48.17
C VAL G 345 -22.65 -1.34 48.65
N ASP G 346 -23.25 -2.34 48.00
CA ASP G 346 -24.58 -2.83 48.34
C ASP G 346 -24.62 -4.36 48.26
N LEU G 347 -24.70 -4.99 49.42
CA LEU G 347 -24.68 -6.46 49.55
C LEU G 347 -25.90 -7.20 48.97
N PRO G 348 -27.14 -6.63 49.07
CA PRO G 348 -28.28 -7.31 48.42
C PRO G 348 -28.22 -7.36 46.89
N ARG G 349 -27.59 -6.34 46.29
CA ARG G 349 -27.46 -6.25 44.83
C ARG G 349 -26.15 -6.85 44.28
N GLY G 350 -25.34 -7.39 45.19
CA GLY G 350 -24.11 -8.10 44.82
C GLY G 350 -22.89 -7.24 44.57
N ILE G 351 -22.96 -5.96 44.94
CA ILE G 351 -21.82 -5.04 44.82
C ILE G 351 -21.03 -5.06 46.14
N PHE G 352 -19.73 -5.36 46.01
CA PHE G 352 -18.86 -5.52 47.19
C PHE G 352 -17.79 -4.42 47.29
N PHE G 353 -17.42 -3.85 46.16
CA PHE G 353 -16.40 -2.80 46.09
C PHE G 353 -16.98 -1.49 45.58
N GLU G 354 -16.45 -0.38 46.11
CA GLU G 354 -16.82 0.96 45.64
C GLU G 354 -16.05 1.30 44.36
N GLN G 355 -16.75 1.22 43.23
CA GLN G 355 -16.13 1.42 41.91
C GLN G 355 -16.32 2.84 41.41
N ASP G 356 -15.22 3.46 41.00
CA ASP G 356 -15.22 4.78 40.39
C ASP G 356 -14.70 4.67 38.95
N TRP G 357 -15.60 4.88 38.00
CA TRP G 357 -15.30 4.72 36.58
C TRP G 357 -14.54 5.90 35.98
N ALA G 358 -14.71 7.07 36.60
CA ALA G 358 -14.07 8.33 36.19
C ALA G 358 -14.25 8.68 34.71
N ASP G 359 -15.48 9.08 34.38
CA ASP G 359 -15.87 9.59 33.05
C ASP G 359 -15.64 8.63 31.88
N LEU G 360 -16.02 7.37 32.10
CA LEU G 360 -16.15 6.40 31.02
C LEU G 360 -17.62 6.33 30.60
N ARG G 361 -17.83 6.15 29.29
CA ARG G 361 -19.17 6.17 28.70
C ARG G 361 -20.08 5.07 29.26
N LYS G 362 -21.36 5.40 29.36
CA LYS G 362 -22.35 4.50 29.97
C LYS G 362 -22.84 3.45 28.96
N VAL G 363 -22.68 2.19 29.32
CA VAL G 363 -23.16 1.07 28.49
C VAL G 363 -24.67 0.91 28.68
N MET G 364 -25.40 0.90 27.56
CA MET G 364 -26.85 0.69 27.60
C MET G 364 -27.19 -0.79 27.69
N PRO G 365 -27.85 -1.20 28.79
CA PRO G 365 -28.22 -2.60 29.00
C PRO G 365 -29.45 -3.03 28.19
N VAL G 366 -29.45 -4.28 27.73
CA VAL G 366 -30.51 -4.82 26.89
C VAL G 366 -31.24 -5.96 27.61
N ALA G 367 -32.56 -5.79 27.76
CA ALA G 367 -33.42 -6.83 28.32
C ALA G 367 -34.07 -7.63 27.21
N SER G 368 -33.79 -8.93 27.18
CA SER G 368 -34.26 -9.83 26.14
C SER G 368 -34.43 -11.27 26.63
N GLY G 369 -35.35 -12.00 25.99
CA GLY G 369 -35.53 -13.42 26.24
C GLY G 369 -36.81 -13.77 26.98
N GLY G 370 -37.86 -14.05 26.22
CA GLY G 370 -39.14 -14.49 26.77
C GLY G 370 -39.95 -13.40 27.48
N ILE G 371 -40.12 -12.28 26.80
CA ILE G 371 -40.96 -11.18 27.30
C ILE G 371 -42.02 -10.76 26.27
N HIS G 372 -43.10 -10.15 26.78
CA HIS G 372 -44.22 -9.70 25.95
C HIS G 372 -44.85 -8.41 26.49
N ALA G 373 -46.00 -8.03 25.95
CA ALA G 373 -46.73 -6.81 26.33
C ALA G 373 -47.29 -6.84 27.75
N GLY G 374 -47.58 -8.05 28.26
CA GLY G 374 -48.07 -8.24 29.62
C GLY G 374 -47.03 -8.04 30.71
N GLN G 375 -45.75 -8.08 30.32
CA GLN G 375 -44.62 -7.94 31.25
C GLN G 375 -44.09 -6.50 31.31
N MET G 376 -44.75 -5.60 30.59
CA MET G 376 -44.30 -4.21 30.39
C MET G 376 -44.21 -3.38 31.67
N HIS G 377 -45.15 -3.59 32.59
CA HIS G 377 -45.21 -2.86 33.86
C HIS G 377 -44.09 -3.26 34.84
N GLN G 378 -43.68 -4.52 34.77
CA GLN G 378 -42.61 -5.06 35.62
C GLN G 378 -41.22 -4.64 35.13
N LEU G 379 -41.07 -4.51 33.81
CA LEU G 379 -39.82 -4.10 33.18
C LEU G 379 -39.46 -2.63 33.43
N LEU G 380 -40.48 -1.77 33.38
CA LEU G 380 -40.31 -0.33 33.56
C LEU G 380 -40.04 0.04 35.02
N SER G 381 -40.56 -0.75 35.95
CA SER G 381 -40.38 -0.52 37.39
C SER G 381 -39.00 -0.95 37.90
N LEU G 382 -38.47 -2.04 37.35
CA LEU G 382 -37.20 -2.61 37.80
C LEU G 382 -35.97 -1.87 37.28
N PHE G 383 -36.01 -1.44 36.03
CA PHE G 383 -34.83 -0.85 35.38
C PHE G 383 -34.94 0.66 35.19
N GLY G 384 -35.83 1.11 34.30
CA GLY G 384 -36.05 2.53 34.06
C GLY G 384 -36.24 2.89 32.60
N ASP G 385 -35.51 3.91 32.16
CA ASP G 385 -35.65 4.48 30.81
C ASP G 385 -34.53 4.07 29.86
N ASP G 386 -33.28 4.16 30.33
CA ASP G 386 -32.09 3.92 29.50
C ASP G 386 -31.81 2.43 29.29
N VAL G 387 -32.79 1.73 28.73
CA VAL G 387 -32.70 0.28 28.44
C VAL G 387 -33.20 -0.04 27.04
N VAL G 388 -32.87 -1.23 26.55
CA VAL G 388 -33.39 -1.73 25.28
C VAL G 388 -34.21 -3.00 25.53
N LEU G 389 -35.49 -2.95 25.20
CA LEU G 389 -36.39 -4.09 25.36
C LEU G 389 -36.58 -4.78 24.02
N GLN G 390 -36.26 -6.08 23.99
CA GLN G 390 -36.35 -6.88 22.78
C GLN G 390 -37.44 -7.96 22.86
N PHE G 391 -38.35 -7.92 21.89
CA PHE G 391 -39.45 -8.88 21.80
C PHE G 391 -39.31 -9.71 20.52
N GLY G 392 -38.62 -10.84 20.63
CA GLY G 392 -38.38 -11.74 19.50
C GLY G 392 -39.62 -12.52 19.10
N GLY G 393 -40.16 -13.28 20.04
CA GLY G 393 -41.38 -14.06 19.84
C GLY G 393 -42.66 -13.25 19.97
N GLY G 394 -42.64 -12.27 20.88
CA GLY G 394 -43.81 -11.44 21.19
C GLY G 394 -44.27 -10.47 20.12
N THR G 395 -43.52 -10.36 19.04
CA THR G 395 -43.83 -9.47 17.92
C THR G 395 -44.33 -10.23 16.69
N ILE G 396 -43.53 -11.21 16.25
CA ILE G 396 -43.82 -11.98 15.04
C ILE G 396 -44.87 -13.06 15.31
N GLY G 397 -44.86 -13.61 16.52
CA GLY G 397 -45.84 -14.62 16.95
C GLY G 397 -47.24 -14.09 17.22
N HIS G 398 -47.48 -12.83 16.86
CA HIS G 398 -48.79 -12.19 16.97
C HIS G 398 -49.75 -12.75 15.91
N PRO G 399 -51.00 -13.08 16.31
CA PRO G 399 -52.00 -13.70 15.42
C PRO G 399 -52.38 -12.89 14.18
N MET G 400 -52.35 -11.56 14.28
CA MET G 400 -52.72 -10.68 13.17
C MET G 400 -51.62 -10.53 12.11
N GLY G 401 -50.38 -10.34 12.56
CA GLY G 401 -49.23 -10.20 11.67
C GLY G 401 -47.96 -9.77 12.39
N ILE G 402 -47.10 -9.04 11.68
CA ILE G 402 -45.86 -8.50 12.25
C ILE G 402 -46.05 -7.01 12.59
N GLN G 403 -46.74 -6.29 11.69
CA GLN G 403 -47.05 -4.86 11.88
C GLN G 403 -47.91 -4.59 13.11
N ALA G 404 -48.91 -5.46 13.33
CA ALA G 404 -49.80 -5.37 14.49
C ALA G 404 -49.08 -5.69 15.79
N GLY G 405 -48.20 -6.69 15.75
CA GLY G 405 -47.38 -7.09 16.90
C GLY G 405 -46.39 -6.01 17.34
N ALA G 406 -45.85 -5.29 16.36
CA ALA G 406 -44.95 -4.16 16.60
C ALA G 406 -45.69 -2.94 17.15
N THR G 407 -46.94 -2.76 16.73
CA THR G 407 -47.79 -1.68 17.22
C THR G 407 -48.26 -1.95 18.65
N ALA G 408 -48.59 -3.22 18.92
CA ALA G 408 -49.07 -3.67 20.24
C ALA G 408 -48.05 -3.41 21.36
N ASN G 409 -46.78 -3.69 21.07
CA ASN G 409 -45.68 -3.47 22.02
C ASN G 409 -45.35 -1.99 22.20
N ARG G 410 -45.50 -1.22 21.12
CA ARG G 410 -45.23 0.22 21.13
C ARG G 410 -46.29 1.01 21.91
N VAL G 411 -47.57 0.64 21.71
CA VAL G 411 -48.69 1.26 22.42
C VAL G 411 -48.64 0.94 23.93
N ALA G 412 -48.30 -0.32 24.24
CA ALA G 412 -48.15 -0.78 25.63
C ALA G 412 -47.09 -0.01 26.42
N LEU G 413 -45.94 0.23 25.79
CA LEU G 413 -44.84 0.98 26.40
C LEU G 413 -45.15 2.46 26.56
N GLU G 414 -45.76 3.06 25.53
CA GLU G 414 -46.15 4.47 25.54
C GLU G 414 -47.21 4.80 26.58
N ALA G 415 -48.11 3.84 26.84
CA ALA G 415 -49.15 3.98 27.87
C ALA G 415 -48.57 3.93 29.28
N MET G 416 -47.53 3.11 29.48
CA MET G 416 -46.88 2.95 30.79
C MET G 416 -46.02 4.14 31.18
N VAL G 417 -45.27 4.68 30.22
CA VAL G 417 -44.42 5.86 30.43
C VAL G 417 -45.28 7.09 30.77
N LEU G 418 -46.40 7.24 30.05
CA LEU G 418 -47.35 8.32 30.30
C LEU G 418 -48.01 8.24 31.68
N ALA G 419 -48.32 7.01 32.11
CA ALA G 419 -48.92 6.77 33.43
C ALA G 419 -47.94 6.98 34.58
N ARG G 420 -46.67 6.61 34.35
CA ARG G 420 -45.60 6.74 35.34
C ARG G 420 -45.27 8.20 35.65
N ASN G 421 -45.21 9.02 34.60
CA ASN G 421 -44.86 10.44 34.72
C ASN G 421 -45.98 11.29 35.32
N GLU G 422 -47.22 10.86 35.15
CA GLU G 422 -48.40 11.55 35.70
C GLU G 422 -48.51 11.40 37.22
N GLY G 423 -48.08 10.25 37.73
CA GLY G 423 -48.07 9.99 39.17
C GLY G 423 -48.80 8.72 39.60
N ARG G 424 -49.13 7.87 38.63
CA ARG G 424 -49.79 6.59 38.88
C ARG G 424 -48.76 5.50 39.16
N ASN G 425 -49.05 4.65 40.15
CA ASN G 425 -48.17 3.55 40.53
C ASN G 425 -48.24 2.42 39.51
N ILE G 426 -47.12 2.18 38.84
CA ILE G 426 -47.04 1.22 37.73
C ILE G 426 -46.89 -0.24 38.17
N ASP G 427 -46.63 -0.45 39.46
CA ASP G 427 -46.48 -1.79 40.04
C ASP G 427 -47.83 -2.45 40.36
N VAL G 428 -48.78 -1.65 40.85
CA VAL G 428 -50.11 -2.14 41.24
C VAL G 428 -51.14 -1.94 40.11
N GLU G 429 -51.25 -0.71 39.62
CA GLU G 429 -52.21 -0.34 38.56
C GLU G 429 -51.80 -0.81 37.16
N GLY G 430 -50.55 -1.27 37.03
CA GLY G 430 -49.96 -1.78 35.78
C GLY G 430 -50.84 -2.57 34.82
N PRO G 431 -51.44 -3.69 35.31
CA PRO G 431 -52.37 -4.47 34.47
C PRO G 431 -53.63 -3.71 34.03
N GLU G 432 -54.13 -2.81 34.87
CA GLU G 432 -55.33 -2.01 34.58
C GLU G 432 -55.09 -0.95 33.50
N ILE G 433 -53.88 -0.39 33.47
CA ILE G 433 -53.47 0.60 32.46
C ILE G 433 -53.42 -0.03 31.06
N LEU G 434 -52.90 -1.25 30.98
CA LEU G 434 -52.82 -2.01 29.73
C LEU G 434 -54.18 -2.43 29.19
N ARG G 435 -55.11 -2.74 30.11
CA ARG G 435 -56.49 -3.08 29.77
C ARG G 435 -57.28 -1.87 29.27
N ALA G 436 -57.02 -0.71 29.87
CA ALA G 436 -57.67 0.56 29.50
C ALA G 436 -57.22 1.07 28.12
N ALA G 437 -55.96 0.78 27.77
CA ALA G 437 -55.40 1.11 26.46
C ALA G 437 -55.89 0.18 25.35
N ALA G 438 -56.35 -1.01 25.73
CA ALA G 438 -56.86 -2.01 24.80
C ALA G 438 -58.26 -1.69 24.23
N LYS G 439 -58.95 -0.72 24.85
CA LYS G 439 -60.26 -0.26 24.39
C LYS G 439 -60.22 0.42 23.02
N TRP G 440 -59.17 1.22 22.78
CA TRP G 440 -58.98 1.93 21.52
C TRP G 440 -57.97 1.25 20.59
N CYS G 441 -57.02 0.52 21.19
CA CYS G 441 -56.00 -0.23 20.43
C CYS G 441 -56.37 -1.72 20.33
N LYS G 442 -56.70 -2.14 19.11
CA LYS G 442 -57.12 -3.52 18.83
C LYS G 442 -56.00 -4.57 18.77
N PRO G 443 -54.79 -4.22 18.22
CA PRO G 443 -53.68 -5.20 18.24
C PRO G 443 -53.15 -5.52 19.64
N LEU G 444 -53.29 -4.59 20.58
CA LEU G 444 -52.87 -4.80 21.98
C LEU G 444 -53.79 -5.78 22.72
N GLU G 445 -55.09 -5.73 22.41
CA GLU G 445 -56.09 -6.62 23.01
C GLU G 445 -55.86 -8.09 22.62
N ALA G 446 -55.48 -8.31 21.36
CA ALA G 446 -55.17 -9.64 20.83
C ALA G 446 -53.88 -10.22 21.42
N ALA G 447 -52.92 -9.34 21.70
CA ALA G 447 -51.62 -9.73 22.29
C ALA G 447 -51.73 -10.14 23.75
N LEU G 448 -52.66 -9.50 24.49
CA LEU G 448 -52.89 -9.80 25.90
C LEU G 448 -53.65 -11.10 26.13
N ASP G 449 -54.52 -11.47 25.18
CA ASP G 449 -55.27 -12.73 25.22
C ASP G 449 -54.41 -13.95 24.92
N THR G 450 -53.40 -13.76 24.06
CA THR G 450 -52.48 -14.83 23.65
C THR G 450 -51.50 -15.19 24.77
N TRP G 451 -50.89 -14.17 25.39
CA TRP G 451 -49.90 -14.35 26.44
C TRP G 451 -50.33 -13.63 27.73
N GLY G 452 -51.35 -14.19 28.38
CA GLY G 452 -51.89 -13.63 29.62
C GLY G 452 -51.50 -14.44 30.83
N ASN G 453 -51.59 -15.76 30.71
CA ASN G 453 -51.23 -16.65 31.80
C ASN G 453 -49.84 -17.23 31.62
N ILE G 454 -49.24 -16.98 30.47
CA ILE G 454 -47.92 -17.49 30.16
C ILE G 454 -46.83 -16.71 30.90
N THR G 455 -46.28 -17.32 31.95
CA THR G 455 -45.23 -16.69 32.74
C THR G 455 -44.14 -17.70 33.10
N PHE G 456 -42.90 -17.30 32.91
CA PHE G 456 -41.77 -18.18 33.22
C PHE G 456 -41.29 -17.96 34.66
N ASN G 457 -41.69 -18.86 35.54
CA ASN G 457 -41.29 -18.77 36.95
C ASN G 457 -40.54 -20.01 37.40
N TYR G 458 -39.28 -19.83 37.79
CA TYR G 458 -38.44 -20.92 38.26
C TYR G 458 -37.47 -20.43 39.31
N THR G 459 -36.95 -21.35 40.12
CA THR G 459 -36.00 -21.00 41.17
C THR G 459 -34.67 -20.53 40.57
N SER G 460 -34.27 -19.33 40.94
CA SER G 460 -33.02 -18.76 40.44
C SER G 460 -31.81 -19.46 41.06
N THR G 461 -30.80 -19.74 40.23
CA THR G 461 -29.59 -20.39 40.69
C THR G 461 -28.59 -19.37 41.23
N ASP G 462 -28.40 -18.29 40.49
CA ASP G 462 -27.50 -17.21 40.90
C ASP G 462 -28.24 -16.24 41.82
N THR G 463 -28.18 -16.48 43.12
CA THR G 463 -28.91 -15.66 44.09
C THR G 463 -27.97 -14.95 45.06
N SER G 464 -28.51 -14.02 45.82
CA SER G 464 -27.75 -13.28 46.81
C SER G 464 -27.57 -14.11 48.08
N ASP G 465 -26.58 -13.73 48.89
CA ASP G 465 -26.30 -14.45 50.13
C ASP G 465 -26.61 -13.60 51.35
N PHE G 466 -27.10 -12.38 51.12
CA PHE G 466 -27.43 -11.47 52.20
C PHE G 466 -28.89 -11.04 52.13
N VAL G 467 -29.78 -12.01 52.18
CA VAL G 467 -31.22 -11.74 52.12
C VAL G 467 -31.96 -12.46 53.24
N MET H 1 -50.11 8.84 6.19
CA MET H 1 -48.74 9.28 6.59
C MET H 1 -48.79 10.09 7.89
N ARG H 2 -47.98 9.66 8.85
CA ARG H 2 -47.82 10.34 10.14
C ARG H 2 -46.40 10.14 10.66
N ILE H 3 -45.72 11.26 10.90
CA ILE H 3 -44.32 11.24 11.35
C ILE H 3 -44.28 10.96 12.86
N THR H 4 -43.63 9.84 13.20
CA THR H 4 -43.59 9.33 14.57
C THR H 4 -42.32 9.69 15.34
N GLN H 5 -41.71 10.82 14.96
CA GLN H 5 -40.48 11.31 15.57
C GLN H 5 -40.75 11.82 17.00
N GLY H 6 -40.23 11.08 17.98
CA GLY H 6 -40.39 11.43 19.39
C GLY H 6 -41.29 10.49 20.17
N CYS H 7 -41.46 10.79 21.45
CA CYS H 7 -42.28 10.01 22.37
C CYS H 7 -43.77 10.34 22.24
N PHE H 8 -44.62 9.42 22.71
CA PHE H 8 -46.09 9.55 22.70
C PHE H 8 -46.74 9.75 21.31
N SER H 9 -46.06 9.26 20.28
CA SER H 9 -46.49 9.44 18.88
C SER H 9 -47.65 8.52 18.50
N PHE H 10 -47.58 7.26 18.93
CA PHE H 10 -48.62 6.26 18.65
C PHE H 10 -49.90 6.48 19.45
N LEU H 11 -49.77 7.12 20.61
CA LEU H 11 -50.91 7.59 21.41
C LEU H 11 -51.61 8.75 20.71
N PRO H 12 -52.93 8.94 20.96
CA PRO H 12 -53.66 10.11 20.43
C PRO H 12 -53.10 11.45 20.95
N ASP H 13 -53.37 12.53 20.20
CA ASP H 13 -52.84 13.87 20.48
C ASP H 13 -53.11 14.33 21.91
N LEU H 14 -52.05 14.78 22.57
CA LEU H 14 -52.08 15.13 23.99
C LEU H 14 -52.81 16.44 24.25
N THR H 15 -53.77 16.40 25.18
CA THR H 15 -54.50 17.58 25.64
C THR H 15 -53.65 18.40 26.60
N ASP H 16 -54.03 19.68 26.76
CA ASP H 16 -53.31 20.64 27.62
C ASP H 16 -53.18 20.20 29.09
N GLU H 17 -54.14 19.42 29.57
CA GLU H 17 -54.11 18.82 30.90
C GLU H 17 -53.04 17.74 31.02
N GLN H 18 -52.86 16.97 29.94
CA GLN H 18 -51.86 15.90 29.88
C GLN H 18 -50.44 16.43 29.71
N ILE H 19 -50.30 17.50 28.93
CA ILE H 19 -49.01 18.19 28.69
C ILE H 19 -48.50 18.82 30.00
N SER H 20 -49.40 19.47 30.73
CA SER H 20 -49.10 20.07 32.04
C SER H 20 -48.61 19.06 33.07
N ALA H 21 -49.14 17.83 33.00
CA ALA H 21 -48.73 16.73 33.86
C ALA H 21 -47.35 16.18 33.50
N GLN H 22 -47.02 16.19 32.20
CA GLN H 22 -45.72 15.72 31.71
C GLN H 22 -44.57 16.68 32.01
N VAL H 23 -44.87 17.98 31.93
CA VAL H 23 -43.91 19.04 32.26
C VAL H 23 -43.62 19.05 33.77
N ASP H 24 -44.67 18.80 34.57
CA ASP H 24 -44.57 18.69 36.04
C ASP H 24 -43.58 17.61 36.49
N TYR H 25 -43.51 16.52 35.72
CA TYR H 25 -42.52 15.46 35.94
C TYR H 25 -41.09 15.93 35.63
N CYS H 26 -40.95 16.71 34.56
CA CYS H 26 -39.66 17.23 34.12
C CYS H 26 -39.08 18.28 35.08
N LEU H 27 -39.95 19.15 35.59
CA LEU H 27 -39.55 20.20 36.54
C LEU H 27 -39.29 19.63 37.94
N GLY H 28 -39.97 18.54 38.27
CA GLY H 28 -39.80 17.84 39.54
C GLY H 28 -38.45 17.17 39.70
N ARG H 29 -37.95 16.60 38.60
CA ARG H 29 -36.63 15.96 38.56
C ARG H 29 -35.50 16.96 38.35
N GLY H 30 -35.85 18.17 37.90
CA GLY H 30 -34.90 19.26 37.73
C GLY H 30 -34.32 19.33 36.33
N TRP H 31 -35.20 19.44 35.34
CA TRP H 31 -34.80 19.58 33.94
C TRP H 31 -35.27 20.90 33.34
N ALA H 32 -34.46 21.43 32.42
CA ALA H 32 -34.77 22.67 31.71
C ALA H 32 -35.68 22.40 30.52
N VAL H 33 -36.85 23.05 30.51
CA VAL H 33 -37.86 22.84 29.49
C VAL H 33 -37.71 23.88 28.38
N SER H 34 -37.60 23.39 27.14
CA SER H 34 -37.44 24.24 25.95
C SER H 34 -38.40 23.87 24.83
N LEU H 35 -38.90 24.89 24.13
CA LEU H 35 -39.78 24.71 22.97
C LEU H 35 -39.02 24.89 21.67
N GLU H 36 -39.28 23.98 20.73
CA GLU H 36 -38.62 23.98 19.41
C GLU H 36 -39.64 23.75 18.31
N HIS H 37 -39.46 24.42 17.18
CA HIS H 37 -40.37 24.31 16.03
C HIS H 37 -39.65 24.22 14.69
N THR H 38 -40.26 23.52 13.73
CA THR H 38 -39.75 23.44 12.36
C THR H 38 -40.85 23.10 11.33
N ASP H 39 -40.58 23.44 10.07
CA ASP H 39 -41.43 23.02 8.94
C ASP H 39 -40.79 21.86 8.16
N ASP H 40 -39.55 21.53 8.52
CA ASP H 40 -38.78 20.44 7.92
C ASP H 40 -38.56 19.31 8.94
N PRO H 41 -39.47 18.31 8.96
CA PRO H 41 -39.42 17.24 9.97
C PRO H 41 -38.67 15.99 9.47
N HIS H 42 -37.47 16.20 8.91
CA HIS H 42 -36.61 15.15 8.40
C HIS H 42 -36.10 14.26 9.54
N PRO H 43 -35.96 12.93 9.30
CA PRO H 43 -35.23 12.07 10.25
C PRO H 43 -33.78 12.52 10.35
N ARG H 44 -33.18 12.34 11.52
CA ARG H 44 -31.80 12.77 11.85
C ARG H 44 -31.48 14.27 11.65
N ASN H 45 -32.51 15.08 11.37
CA ASN H 45 -32.40 16.54 11.39
C ASN H 45 -32.35 17.00 12.85
N THR H 46 -31.19 17.50 13.25
CA THR H 46 -30.86 17.73 14.65
C THR H 46 -31.47 19.01 15.22
N TYR H 47 -31.29 20.12 14.51
CA TYR H 47 -31.56 21.45 15.06
C TYR H 47 -32.84 22.09 14.54
N TRP H 48 -33.79 22.27 15.45
CA TRP H 48 -35.06 22.95 15.20
C TRP H 48 -34.96 24.39 15.69
N GLU H 49 -35.85 25.27 15.20
CA GLU H 49 -35.88 26.67 15.62
C GLU H 49 -36.37 26.82 17.05
N MET H 50 -35.50 27.31 17.93
CA MET H 50 -35.80 27.50 19.34
C MET H 50 -36.72 28.70 19.57
N TRP H 51 -37.76 28.48 20.37
CA TRP H 51 -38.66 29.54 20.81
C TRP H 51 -38.12 30.14 22.10
N GLY H 52 -37.27 31.16 21.95
CA GLY H 52 -36.60 31.82 23.08
C GLY H 52 -35.55 30.96 23.76
N MET H 53 -35.31 31.24 25.03
CA MET H 53 -34.33 30.52 25.85
C MET H 53 -35.01 29.43 26.70
N PRO H 54 -34.30 28.31 26.97
CA PRO H 54 -34.84 27.25 27.84
C PRO H 54 -35.13 27.74 29.27
N MET H 55 -36.21 27.23 29.85
CA MET H 55 -36.63 27.61 31.21
C MET H 55 -35.90 26.75 32.24
N PHE H 56 -34.81 27.31 32.77
CA PHE H 56 -33.94 26.60 33.71
C PHE H 56 -34.51 26.56 35.13
N ASP H 57 -34.73 27.74 35.71
CA ASP H 57 -35.24 27.86 37.08
C ASP H 57 -36.70 28.34 37.09
N LEU H 58 -37.59 27.41 36.78
CA LEU H 58 -39.03 27.64 36.81
C LEU H 58 -39.71 26.48 37.52
N ARG H 59 -40.34 26.78 38.66
CA ARG H 59 -40.98 25.77 39.51
C ARG H 59 -42.51 25.79 39.37
N ASP H 60 -42.98 26.14 38.19
CA ASP H 60 -44.40 26.21 37.87
C ASP H 60 -44.67 25.65 36.46
N PRO H 61 -45.52 24.60 36.35
CA PRO H 61 -45.86 24.01 35.05
C PRO H 61 -46.76 24.90 34.19
N LYS H 62 -47.47 25.83 34.82
CA LYS H 62 -48.36 26.77 34.13
C LYS H 62 -47.60 27.81 33.30
N GLY H 63 -46.40 28.17 33.75
CA GLY H 63 -45.54 29.13 33.07
C GLY H 63 -45.04 28.68 31.71
N VAL H 64 -44.83 27.37 31.56
CA VAL H 64 -44.45 26.75 30.29
C VAL H 64 -45.61 26.78 29.29
N MET H 65 -46.82 26.54 29.80
CA MET H 65 -48.05 26.46 28.99
C MET H 65 -48.44 27.79 28.32
N ILE H 66 -48.06 28.91 28.95
CA ILE H 66 -48.28 30.25 28.39
C ILE H 66 -47.40 30.46 27.16
N GLU H 67 -46.14 30.04 27.26
CA GLU H 67 -45.18 30.11 26.16
C GLU H 67 -45.51 29.15 25.01
N LEU H 68 -46.16 28.04 25.36
CA LEU H 68 -46.62 27.05 24.38
C LEU H 68 -47.78 27.59 23.52
N ASP H 69 -48.72 28.27 24.16
CA ASP H 69 -49.86 28.90 23.48
C ASP H 69 -49.45 30.11 22.64
N GLU H 70 -48.39 30.79 23.07
CA GLU H 70 -47.80 31.91 22.33
C GLU H 70 -47.11 31.43 21.05
N CYS H 71 -46.46 30.27 21.12
CA CYS H 71 -45.78 29.66 19.98
C CYS H 71 -46.75 29.11 18.93
N ARG H 72 -47.90 28.62 19.40
CA ARG H 72 -48.97 28.11 18.53
C ARG H 72 -49.62 29.22 17.69
N LYS H 73 -49.75 30.40 18.29
CA LYS H 73 -50.32 31.58 17.61
C LYS H 73 -49.37 32.14 16.54
N ALA H 74 -48.07 32.09 16.81
CA ALA H 74 -47.04 32.56 15.89
C ALA H 74 -46.80 31.58 14.74
N TRP H 75 -46.76 30.28 15.08
CA TRP H 75 -46.52 29.23 14.09
C TRP H 75 -47.63 28.16 14.16
N PRO H 76 -48.71 28.34 13.35
CA PRO H 76 -49.81 27.37 13.35
C PRO H 76 -49.49 26.06 12.61
N GLY H 77 -48.87 26.17 11.44
CA GLY H 77 -48.55 25.00 10.61
C GLY H 77 -47.12 24.53 10.75
N ARG H 78 -46.71 24.28 11.99
CA ARG H 78 -45.35 23.82 12.30
C ARG H 78 -45.35 22.75 13.39
N TYR H 79 -44.28 21.94 13.41
CA TYR H 79 -44.10 20.92 14.44
C TYR H 79 -43.48 21.52 15.70
N ILE H 80 -44.28 21.66 16.75
CA ILE H 80 -43.79 22.16 18.04
C ILE H 80 -43.51 20.97 18.96
N ARG H 81 -42.31 20.96 19.54
CA ARG H 81 -41.92 19.92 20.51
C ARG H 81 -41.36 20.49 21.82
N ILE H 82 -41.47 19.71 22.89
CA ILE H 82 -40.92 20.07 24.19
C ILE H 82 -39.68 19.21 24.48
N ASN H 83 -38.57 19.88 24.79
CA ASN H 83 -37.33 19.22 25.13
C ASN H 83 -36.91 19.51 26.56
N ALA H 84 -36.82 18.44 27.35
CA ALA H 84 -36.35 18.52 28.74
C ALA H 84 -34.85 18.22 28.80
N PHE H 85 -34.09 19.17 29.33
CA PHE H 85 -32.64 19.08 29.36
C PHE H 85 -32.10 18.80 30.76
N ASP H 86 -31.32 17.72 30.87
CA ASP H 86 -30.68 17.33 32.13
C ASP H 86 -29.30 17.98 32.26
N SER H 87 -29.01 18.47 33.46
CA SER H 87 -27.75 19.17 33.74
C SER H 87 -27.03 18.57 34.95
N THR H 88 -26.62 17.31 34.79
CA THR H 88 -25.91 16.57 35.84
C THR H 88 -24.44 16.36 35.43
N ARG H 89 -23.70 15.57 36.22
CA ARG H 89 -22.27 15.33 36.00
C ARG H 89 -21.97 14.50 34.74
N GLY H 90 -22.79 13.48 34.49
CA GLY H 90 -22.57 12.53 33.39
C GLY H 90 -23.45 12.69 32.17
N PHE H 91 -24.70 13.11 32.39
CA PHE H 91 -25.70 13.21 31.32
C PHE H 91 -25.45 14.40 30.38
N GLU H 92 -25.77 15.62 30.84
CA GLU H 92 -25.63 16.87 30.06
C GLU H 92 -26.34 16.85 28.70
N THR H 93 -27.49 16.19 28.65
CA THR H 93 -28.22 15.96 27.41
C THR H 93 -29.75 16.06 27.57
N VAL H 94 -30.47 15.93 26.46
CA VAL H 94 -31.94 15.90 26.45
C VAL H 94 -32.42 14.56 27.03
N THR H 95 -33.47 14.62 27.84
CA THR H 95 -34.06 13.44 28.46
C THR H 95 -35.44 13.08 27.90
N MET H 96 -36.28 14.10 27.66
CA MET H 96 -37.61 13.90 27.11
C MET H 96 -37.86 14.75 25.86
N SER H 97 -38.50 14.16 24.87
CA SER H 97 -38.86 14.84 23.62
C SER H 97 -40.17 14.30 23.08
N PHE H 98 -41.16 15.18 22.92
CA PHE H 98 -42.47 14.82 22.39
C PHE H 98 -43.15 15.97 21.64
N ILE H 99 -43.71 15.66 20.48
CA ILE H 99 -44.43 16.64 19.66
C ILE H 99 -45.79 16.93 20.30
N VAL H 100 -46.03 18.21 20.56
CA VAL H 100 -47.30 18.69 21.13
C VAL H 100 -48.25 19.27 20.09
N ASN H 101 -47.68 19.87 19.04
CA ASN H 101 -48.47 20.43 17.94
C ASN H 101 -47.90 20.01 16.59
N ARG H 102 -48.74 19.34 15.79
CA ARG H 102 -48.40 18.96 14.42
C ARG H 102 -49.42 19.54 13.43
N PRO H 103 -48.97 19.91 12.20
CA PRO H 103 -49.83 20.59 11.21
C PRO H 103 -51.05 19.79 10.74
N GLU H 104 -51.97 20.48 10.05
CA GLU H 104 -53.24 19.92 9.56
C GLU H 104 -53.07 18.65 8.73
N VAL H 105 -52.06 18.65 7.84
CA VAL H 105 -51.71 17.48 7.03
C VAL H 105 -50.20 17.22 7.05
N GLU H 106 -49.83 15.99 7.41
CA GLU H 106 -48.42 15.58 7.52
C GLU H 106 -47.82 15.34 6.13
N PRO H 107 -46.62 15.92 5.86
CA PRO H 107 -45.94 15.73 4.58
C PRO H 107 -45.27 14.35 4.47
N SER H 108 -45.33 13.78 3.27
CA SER H 108 -44.72 12.49 2.97
C SER H 108 -43.25 12.63 2.56
N LEU H 109 -42.51 11.53 2.57
CA LEU H 109 -41.11 11.51 2.17
C LEU H 109 -40.89 10.73 0.88
N ARG H 110 -40.21 11.37 -0.08
CA ARG H 110 -39.82 10.74 -1.33
C ARG H 110 -38.39 10.24 -1.24
N MET H 111 -38.18 8.99 -1.67
CA MET H 111 -36.88 8.35 -1.62
C MET H 111 -36.27 8.21 -3.02
N GLU H 112 -35.12 8.86 -3.22
CA GLU H 112 -34.38 8.82 -4.47
C GLU H 112 -33.22 7.83 -4.38
N ARG H 113 -33.13 6.95 -5.37
CA ARG H 113 -32.14 5.87 -5.37
C ARG H 113 -31.03 6.11 -6.39
N THR H 114 -29.84 6.41 -5.88
CA THR H 114 -28.66 6.63 -6.72
C THR H 114 -27.82 5.35 -6.76
N GLU H 115 -27.62 4.83 -7.96
CA GLU H 115 -26.87 3.58 -8.18
C GLU H 115 -25.37 3.86 -8.25
N VAL H 116 -24.63 3.26 -7.33
CA VAL H 116 -23.17 3.45 -7.23
C VAL H 116 -22.45 2.15 -7.64
N ASP H 117 -21.36 1.79 -6.96
CA ASP H 117 -20.55 0.62 -7.29
C ASP H 117 -21.23 -0.67 -6.84
N GLY H 118 -21.26 -1.64 -7.76
CA GLY H 118 -21.89 -2.94 -7.52
C GLY H 118 -23.39 -2.84 -7.48
N ARG H 119 -23.97 -3.26 -6.36
CA ARG H 119 -25.43 -3.21 -6.14
C ARG H 119 -25.81 -2.24 -5.02
N SER H 120 -24.82 -1.47 -4.55
CA SER H 120 -25.01 -0.50 -3.46
C SER H 120 -25.79 0.73 -3.92
N ILE H 121 -26.70 1.19 -3.06
CA ILE H 121 -27.58 2.34 -3.35
C ILE H 121 -27.41 3.43 -2.29
N ARG H 122 -27.19 4.66 -2.73
CA ARG H 122 -27.26 5.83 -1.85
C ARG H 122 -28.70 6.34 -1.82
N TYR H 123 -29.24 6.46 -0.62
CA TYR H 123 -30.63 6.87 -0.42
C TYR H 123 -30.72 8.34 -0.01
N THR H 124 -31.70 9.03 -0.56
CA THR H 124 -31.94 10.45 -0.26
C THR H 124 -33.41 10.66 0.08
N HIS H 125 -33.66 11.01 1.34
CA HIS H 125 -35.01 11.29 1.84
C HIS H 125 -35.29 12.78 1.72
N SER H 126 -36.40 13.11 1.05
CA SER H 126 -36.79 14.50 0.82
C SER H 126 -38.27 14.72 1.13
N ILE H 127 -38.56 15.86 1.76
CA ILE H 127 -39.92 16.23 2.17
C ILE H 127 -40.62 16.94 1.01
N VAL H 128 -41.86 16.51 0.73
CA VAL H 128 -42.69 17.08 -0.36
C VAL H 128 -43.10 18.55 -0.12
N ARG H 129 -43.26 18.91 1.16
CA ARG H 129 -43.66 20.26 1.56
C ARG H 129 -42.44 21.17 1.75
N ARG I 1 -26.36 34.93 39.35
CA ARG I 1 -24.94 34.88 38.89
C ARG I 1 -24.83 34.49 37.40
N TYR I 2 -25.99 34.38 36.73
CA TYR I 2 -26.04 34.02 35.31
C TYR I 2 -26.68 35.10 34.40
N LYS I 3 -26.98 36.25 35.00
CA LYS I 3 -27.46 37.42 34.25
C LYS I 3 -26.32 38.07 33.47
N ALA I 4 -26.67 38.74 32.37
CA ALA I 4 -25.70 39.40 31.48
C ALA I 4 -24.97 40.55 32.15
N GLY I 5 -23.63 40.51 32.07
CA GLY I 5 -22.77 41.51 32.69
C GLY I 5 -21.39 40.99 33.05
N VAL I 6 -20.48 41.92 33.32
CA VAL I 6 -19.09 41.60 33.66
C VAL I 6 -18.95 41.46 35.18
N LEU I 7 -18.51 40.27 35.62
CA LEU I 7 -18.27 39.98 37.03
C LEU I 7 -16.82 39.53 37.27
N LYS I 8 -16.32 39.82 38.47
CA LYS I 8 -14.97 39.43 38.90
C LYS I 8 -14.85 37.91 39.05
N TYR I 9 -13.65 37.39 38.80
CA TYR I 9 -13.36 35.96 38.82
C TYR I 9 -13.50 35.31 40.20
N ALA I 10 -13.22 36.09 41.25
CA ALA I 10 -13.41 35.65 42.63
C ALA I 10 -14.89 35.53 43.00
N GLN I 11 -15.71 36.43 42.46
CA GLN I 11 -17.16 36.44 42.65
C GLN I 11 -17.86 35.38 41.81
N MET I 12 -17.26 35.06 40.65
CA MET I 12 -17.81 34.10 39.69
C MET I 12 -17.71 32.64 40.18
N GLY I 13 -16.73 32.37 41.04
CA GLY I 13 -16.57 31.05 41.66
C GLY I 13 -15.34 30.30 41.21
N TYR I 14 -14.17 30.89 41.43
CA TYR I 14 -12.88 30.30 41.07
C TYR I 14 -11.89 30.27 42.23
N TRP I 15 -12.14 31.12 43.23
CA TRP I 15 -11.37 31.15 44.47
C TRP I 15 -12.15 30.46 45.58
N ASP I 16 -11.49 29.49 46.23
CA ASP I 16 -12.05 28.79 47.39
C ASP I 16 -10.94 28.39 48.35
N GLY I 17 -10.85 29.11 49.47
CA GLY I 17 -9.81 28.89 50.48
C GLY I 17 -9.93 27.60 51.27
N ASP I 18 -11.17 27.11 51.41
CA ASP I 18 -11.48 25.90 52.18
C ASP I 18 -11.39 24.61 51.34
N TYR I 19 -11.10 24.76 50.04
CA TYR I 19 -10.98 23.64 49.11
C TYR I 19 -9.74 22.80 49.38
N VAL I 20 -9.95 21.48 49.48
CA VAL I 20 -8.87 20.51 49.61
C VAL I 20 -8.81 19.69 48.32
N PRO I 21 -7.66 19.69 47.62
CA PRO I 21 -7.51 18.96 46.36
C PRO I 21 -7.55 17.44 46.51
N LYS I 22 -8.21 16.77 45.58
CA LYS I 22 -8.31 15.31 45.55
C LYS I 22 -7.04 14.68 44.98
N ASP I 23 -6.92 13.37 45.13
CA ASP I 23 -5.80 12.59 44.60
C ASP I 23 -5.75 12.55 43.07
N THR I 24 -6.92 12.69 42.44
CA THR I 24 -7.04 12.76 40.98
C THR I 24 -7.26 14.21 40.53
N ASP I 25 -6.26 15.05 40.79
CA ASP I 25 -6.27 16.46 40.37
C ASP I 25 -4.89 16.93 39.94
N VAL I 26 -4.83 17.59 38.79
CA VAL I 26 -3.60 18.19 38.27
C VAL I 26 -3.37 19.52 39.00
N LEU I 27 -2.27 19.59 39.74
CA LEU I 27 -1.92 20.79 40.50
C LEU I 27 -0.81 21.57 39.81
N ALA I 28 -0.93 22.90 39.83
CA ALA I 28 0.04 23.79 39.21
C ALA I 28 0.35 24.99 40.10
N LEU I 29 1.64 25.30 40.21
CA LEU I 29 2.09 26.51 40.88
C LEU I 29 2.35 27.66 39.92
N PHE I 30 2.02 28.86 40.37
CA PHE I 30 2.27 30.07 39.60
C PHE I 30 2.91 31.14 40.47
N ARG I 31 4.08 31.60 40.05
CA ARG I 31 4.76 32.73 40.67
C ARG I 31 4.26 34.02 40.01
N ILE I 32 3.22 34.60 40.59
CA ILE I 32 2.51 35.73 40.00
C ILE I 32 2.97 37.06 40.60
N THR I 33 3.37 37.97 39.71
CA THR I 33 3.61 39.37 40.06
C THR I 33 2.42 40.19 39.52
N PRO I 34 1.51 40.63 40.41
CA PRO I 34 0.34 41.37 39.97
C PRO I 34 0.64 42.86 39.73
N GLN I 35 -0.21 43.51 38.93
CA GLN I 35 -0.11 44.95 38.65
C GLN I 35 -0.48 45.79 39.88
N GLU I 36 -0.09 47.06 39.86
CA GLU I 36 -0.38 48.00 40.96
C GLU I 36 -1.89 48.28 41.07
N GLY I 37 -2.48 47.72 42.13
CA GLY I 37 -3.93 47.83 42.37
C GLY I 37 -4.66 46.49 42.33
N VAL I 38 -4.13 45.54 41.57
CA VAL I 38 -4.71 44.20 41.42
C VAL I 38 -4.41 43.36 42.67
N ASP I 39 -5.47 42.82 43.27
CA ASP I 39 -5.39 41.97 44.46
C ASP I 39 -4.85 40.58 44.08
N PRO I 40 -3.96 40.00 44.93
CA PRO I 40 -3.41 38.65 44.71
C PRO I 40 -4.46 37.53 44.62
N VAL I 41 -5.58 37.70 45.30
CA VAL I 41 -6.71 36.76 45.25
C VAL I 41 -7.39 36.83 43.88
N GLU I 42 -7.59 38.05 43.37
CA GLU I 42 -8.13 38.30 42.03
C GLU I 42 -7.16 37.83 40.93
N ALA I 43 -5.86 38.02 41.19
CA ALA I 43 -4.80 37.60 40.28
C ALA I 43 -4.72 36.08 40.14
N ALA I 44 -4.95 35.37 41.25
CA ALA I 44 -4.98 33.90 41.27
C ALA I 44 -6.19 33.35 40.52
N ALA I 45 -7.34 33.96 40.76
CA ALA I 45 -8.61 33.55 40.17
C ALA I 45 -8.67 33.80 38.66
N ALA I 46 -7.95 34.83 38.20
CA ALA I 46 -7.82 35.13 36.77
C ALA I 46 -7.00 34.07 36.04
N VAL I 47 -5.97 33.56 36.71
CA VAL I 47 -5.14 32.45 36.21
C VAL I 47 -5.93 31.15 36.24
N ALA I 48 -6.63 30.91 37.34
CA ALA I 48 -7.50 29.74 37.51
C ALA I 48 -8.68 29.73 36.54
N GLY I 49 -9.15 30.92 36.16
CA GLY I 49 -10.28 31.08 35.27
C GLY I 49 -10.00 30.68 33.83
N GLU I 50 -9.17 31.50 33.16
CA GLU I 50 -8.90 31.37 31.72
C GLU I 50 -8.23 30.05 31.32
N SER I 51 -7.47 29.46 32.23
CA SER I 51 -6.80 28.17 31.99
C SER I 51 -7.76 26.97 31.92
N SER I 52 -9.01 27.18 32.31
CA SER I 52 -10.03 26.12 32.27
C SER I 52 -11.28 26.52 31.48
N THR I 53 -12.28 27.07 32.16
CA THR I 53 -13.62 27.30 31.59
C THR I 53 -14.19 28.69 31.97
N ALA I 54 -13.52 29.74 31.52
CA ALA I 54 -13.95 31.11 31.80
C ALA I 54 -13.75 32.10 30.65
N THR I 55 -14.64 33.08 30.61
CA THR I 55 -14.53 34.25 29.73
C THR I 55 -14.88 35.52 30.53
N TRP I 56 -14.52 36.69 29.97
CA TRP I 56 -14.65 37.99 30.64
C TRP I 56 -16.08 38.39 31.07
N THR I 57 -17.08 37.90 30.34
CA THR I 57 -18.49 38.12 30.68
C THR I 57 -19.27 36.82 30.86
N VAL I 58 -20.37 36.87 31.61
CA VAL I 58 -21.17 35.69 31.94
C VAL I 58 -22.07 35.27 30.77
N VAL I 59 -22.03 33.97 30.44
CA VAL I 59 -22.86 33.38 29.39
C VAL I 59 -23.94 32.46 29.97
N TRP I 60 -25.07 32.36 29.27
CA TRP I 60 -26.19 31.51 29.70
C TRP I 60 -25.94 30.02 29.43
N THR I 61 -25.01 29.73 28.52
CA THR I 61 -24.63 28.36 28.15
C THR I 61 -23.89 27.60 29.27
N ASP I 62 -23.44 28.34 30.29
CA ASP I 62 -22.84 27.78 31.50
C ASP I 62 -23.84 26.94 32.31
N ARG I 63 -25.12 27.28 32.20
CA ARG I 63 -26.20 26.56 32.91
C ARG I 63 -26.52 25.19 32.31
N LEU I 64 -26.06 24.96 31.08
CA LEU I 64 -26.25 23.67 30.40
C LEU I 64 -25.34 22.58 30.98
N THR I 65 -24.03 22.82 30.96
CA THR I 65 -23.03 21.90 31.54
C THR I 65 -22.88 22.12 33.06
N ALA I 66 -22.49 21.05 33.77
CA ALA I 66 -22.28 21.12 35.22
C ALA I 66 -20.95 21.80 35.55
N CYS I 67 -20.99 23.14 35.61
CA CYS I 67 -19.79 23.98 35.76
C CYS I 67 -18.97 23.78 37.04
N ASP I 68 -19.63 23.32 38.11
CA ASP I 68 -18.98 23.04 39.39
C ASP I 68 -17.86 22.00 39.34
N SER I 69 -17.90 21.13 38.32
CA SER I 69 -16.90 20.09 38.11
C SER I 69 -15.79 20.52 37.15
N TYR I 70 -16.15 21.31 36.13
CA TYR I 70 -15.23 21.70 35.05
C TYR I 70 -14.32 22.88 35.38
N ARG I 71 -14.76 23.75 36.29
CA ARG I 71 -14.01 24.95 36.67
C ARG I 71 -12.78 24.62 37.51
N ALA I 72 -11.65 25.23 37.16
CA ALA I 72 -10.42 25.13 37.95
C ALA I 72 -10.51 26.03 39.18
N LYS I 73 -9.95 25.54 40.29
CA LYS I 73 -10.09 26.21 41.57
C LYS I 73 -8.72 26.48 42.18
N ALA I 74 -8.46 27.77 42.45
CA ALA I 74 -7.29 28.19 43.20
C ALA I 74 -7.60 28.06 44.69
N TYR I 75 -6.78 27.29 45.41
CA TYR I 75 -7.09 26.95 46.80
C TYR I 75 -6.32 27.69 47.88
N ARG I 76 -5.04 27.98 47.64
CA ARG I 76 -4.26 28.84 48.55
C ARG I 76 -3.25 29.75 47.85
N VAL I 77 -3.10 30.95 48.41
CA VAL I 77 -2.13 31.95 47.93
C VAL I 77 -1.23 32.36 49.09
N GLU I 78 0.07 32.16 48.90
CA GLU I 78 1.08 32.55 49.90
C GLU I 78 2.15 33.47 49.29
N PRO I 79 2.57 34.53 50.03
CA PRO I 79 3.62 35.43 49.56
C PRO I 79 4.99 34.76 49.53
N VAL I 80 5.77 35.07 48.48
CA VAL I 80 7.11 34.52 48.30
C VAL I 80 8.07 35.25 49.26
N PRO I 81 8.83 34.48 50.08
CA PRO I 81 9.83 35.08 50.98
C PRO I 81 11.00 35.70 50.23
N GLY I 82 11.40 36.90 50.64
CA GLY I 82 12.46 37.66 50.00
C GLY I 82 11.95 38.80 49.13
N THR I 83 10.97 38.49 48.28
CA THR I 83 10.35 39.47 47.37
C THR I 83 9.13 40.16 48.02
N PRO I 84 9.06 41.51 47.94
CA PRO I 84 7.95 42.26 48.54
C PRO I 84 6.61 42.09 47.81
N GLY I 85 6.64 42.02 46.48
CA GLY I 85 5.42 41.95 45.67
C GLY I 85 5.38 40.78 44.69
N GLN I 86 5.36 39.56 45.24
CA GLN I 86 5.30 38.33 44.46
C GLN I 86 4.60 37.24 45.27
N TYR I 87 3.76 36.45 44.59
CA TYR I 87 2.91 35.45 45.26
C TYR I 87 2.94 34.08 44.59
N PHE I 88 2.94 33.04 45.41
CA PHE I 88 2.70 31.66 44.96
C PHE I 88 1.20 31.40 44.88
N CYS I 89 0.75 30.79 43.79
CA CYS I 89 -0.66 30.46 43.61
C CYS I 89 -0.86 29.01 43.16
N TYR I 90 -1.58 28.26 43.98
CA TYR I 90 -1.84 26.85 43.76
C TYR I 90 -3.20 26.66 43.08
N VAL I 91 -3.17 26.16 41.85
CA VAL I 91 -4.37 25.95 41.05
C VAL I 91 -4.62 24.46 40.83
N ALA I 92 -5.85 24.02 41.09
CA ALA I 92 -6.24 22.62 40.88
C ALA I 92 -7.10 22.44 39.64
N TYR I 93 -6.73 21.46 38.81
CA TYR I 93 -7.44 21.11 37.58
C TYR I 93 -7.94 19.67 37.65
N ASP I 94 -9.12 19.42 37.09
CA ASP I 94 -9.68 18.07 37.06
C ASP I 94 -9.31 17.33 35.76
N LEU I 95 -9.22 16.00 35.86
CA LEU I 95 -8.85 15.11 34.75
C LEU I 95 -9.80 15.14 33.55
N ILE I 96 -11.01 15.64 33.77
CA ILE I 96 -12.06 15.76 32.75
C ILE I 96 -11.70 16.75 31.63
N LEU I 97 -10.73 17.63 31.91
CA LEU I 97 -10.31 18.68 30.99
C LEU I 97 -9.15 18.26 30.07
N PHE I 98 -8.48 17.17 30.43
CA PHE I 98 -7.27 16.73 29.72
C PHE I 98 -7.47 15.48 28.88
N GLU I 99 -6.86 15.48 27.70
CA GLU I 99 -6.87 14.33 26.78
C GLU I 99 -5.84 13.30 27.23
N GLU I 100 -6.21 12.03 27.11
CA GLU I 100 -5.35 10.91 27.49
C GLU I 100 -4.21 10.71 26.50
N GLY I 101 -2.98 10.88 26.99
CA GLY I 101 -1.76 10.68 26.20
C GLY I 101 -1.48 11.79 25.19
N SER I 102 -1.50 13.03 25.67
CA SER I 102 -1.22 14.21 24.83
C SER I 102 -0.59 15.33 25.65
N ILE I 103 0.64 15.70 25.29
CA ILE I 103 1.36 16.81 25.92
C ILE I 103 0.80 18.15 25.41
N ALA I 104 0.49 18.18 24.11
CA ALA I 104 -0.04 19.37 23.44
C ALA I 104 -1.34 19.90 24.03
N ASN I 105 -2.21 18.98 24.44
CA ASN I 105 -3.49 19.32 25.07
C ASN I 105 -3.31 19.87 26.49
N LEU I 106 -2.35 19.31 27.22
CA LEU I 106 -2.01 19.71 28.59
C LEU I 106 -1.48 21.15 28.65
N THR I 107 -0.66 21.50 27.67
CA THR I 107 -0.06 22.84 27.54
C THR I 107 -1.06 23.88 27.03
N ALA I 108 -1.99 23.44 26.17
CA ALA I 108 -3.04 24.30 25.63
C ALA I 108 -4.01 24.79 26.70
N SER I 109 -4.19 23.98 27.74
CA SER I 109 -5.06 24.30 28.86
C SER I 109 -4.36 25.22 29.86
N ILE I 110 -3.28 24.72 30.46
CA ILE I 110 -2.62 25.37 31.60
C ILE I 110 -1.85 26.65 31.21
N ILE I 111 -0.92 26.53 30.27
CA ILE I 111 -0.09 27.67 29.85
C ILE I 111 -0.62 28.38 28.59
N GLY I 112 -1.92 28.23 28.33
CA GLY I 112 -2.58 28.74 27.12
C GLY I 112 -2.56 30.25 26.94
N ASN I 113 -3.41 30.94 27.69
CA ASN I 113 -3.60 32.39 27.54
C ASN I 113 -3.36 33.19 28.83
N VAL I 114 -2.98 32.50 29.90
CA VAL I 114 -2.79 33.11 31.23
C VAL I 114 -1.60 34.07 31.34
N PHE I 115 -0.58 33.84 30.51
CA PHE I 115 0.64 34.65 30.51
C PHE I 115 0.43 36.05 29.94
N SER I 116 -0.37 36.15 28.88
CA SER I 116 -0.60 37.39 28.15
C SER I 116 -1.66 38.32 28.76
N PHE I 117 -2.03 38.06 30.02
CA PHE I 117 -3.01 38.87 30.74
C PHE I 117 -2.49 40.24 31.15
N LYS I 118 -3.35 41.25 30.99
CA LYS I 118 -3.06 42.62 31.39
C LYS I 118 -2.97 42.87 32.91
N PRO I 119 -3.83 42.22 33.74
CA PRO I 119 -3.72 42.42 35.20
C PRO I 119 -2.47 41.82 35.87
N LEU I 120 -1.69 41.04 35.11
CA LEU I 120 -0.46 40.44 35.63
C LEU I 120 0.77 41.05 34.95
N LYS I 121 1.75 41.42 35.77
CA LYS I 121 3.02 41.96 35.28
C LYS I 121 3.92 40.84 34.75
N ALA I 122 4.12 39.80 35.56
CA ALA I 122 4.92 38.63 35.18
C ALA I 122 4.46 37.39 35.93
N ALA I 123 4.23 36.31 35.17
CA ALA I 123 3.85 35.02 35.74
C ALA I 123 4.86 33.93 35.35
N ARG I 124 5.17 33.07 36.30
CA ARG I 124 6.08 31.94 36.05
C ARG I 124 5.52 30.64 36.61
N LEU I 125 5.55 29.60 35.78
CA LEU I 125 5.14 28.26 36.17
C LEU I 125 6.32 27.56 36.86
N GLU I 126 6.18 27.29 38.15
CA GLU I 126 7.26 26.77 38.99
C GLU I 126 7.33 25.25 39.01
N ASP I 127 6.21 24.61 39.35
CA ASP I 127 6.14 23.15 39.46
C ASP I 127 4.73 22.64 39.17
N MET I 128 4.63 21.38 38.77
CA MET I 128 3.37 20.76 38.41
C MET I 128 3.26 19.34 38.97
N ARG I 129 2.12 19.04 39.58
CA ARG I 129 1.83 17.71 40.11
C ARG I 129 0.97 16.92 39.11
N PHE I 130 1.41 15.71 38.80
CA PHE I 130 0.62 14.79 38.00
C PHE I 130 0.15 13.63 38.86
N PRO I 131 -1.17 13.33 38.84
CA PRO I 131 -1.72 12.16 39.52
C PRO I 131 -1.30 10.84 38.86
N VAL I 132 -1.41 9.75 39.62
CA VAL I 132 -1.08 8.40 39.15
C VAL I 132 -1.99 7.99 37.98
N ALA I 133 -3.23 8.49 38.01
CA ALA I 133 -4.22 8.25 36.95
C ALA I 133 -3.84 8.86 35.61
N TYR I 134 -3.09 9.96 35.64
CA TYR I 134 -2.70 10.68 34.43
C TYR I 134 -1.38 10.20 33.82
N VAL I 135 -0.44 9.78 34.66
CA VAL I 135 0.88 9.30 34.19
C VAL I 135 0.81 7.94 33.47
N LYS I 136 -0.18 7.13 33.82
CA LYS I 136 -0.35 5.78 33.26
C LYS I 136 -0.86 5.77 31.81
N THR I 137 -1.46 6.87 31.38
CA THR I 137 -1.93 7.03 30.00
C THR I 137 -0.77 7.17 29.01
N TYR I 138 0.36 7.69 29.50
CA TYR I 138 1.57 7.87 28.71
C TYR I 138 2.45 6.62 28.73
N LYS I 139 3.15 6.39 27.62
CA LYS I 139 4.03 5.23 27.45
C LYS I 139 5.34 5.37 28.23
N GLY I 140 5.87 6.59 28.27
CA GLY I 140 7.15 6.88 28.91
C GLY I 140 8.35 6.72 27.97
N PRO I 141 9.59 6.84 28.50
CA PRO I 141 10.82 6.69 27.71
C PRO I 141 10.98 5.29 27.10
N PRO I 142 11.49 5.22 25.84
CA PRO I 142 11.67 3.96 25.10
C PRO I 142 12.48 2.89 25.84
N THR I 143 13.61 3.28 26.44
CA THR I 143 14.49 2.33 27.13
C THR I 143 14.69 2.67 28.61
N GLY I 144 15.08 3.91 28.89
CA GLY I 144 15.41 4.34 30.25
C GLY I 144 16.89 4.22 30.58
N ILE I 145 17.21 4.31 31.88
CA ILE I 145 18.58 4.16 32.36
C ILE I 145 18.99 2.68 32.36
N VAL I 146 18.11 1.83 32.88
CA VAL I 146 18.32 0.38 32.96
C VAL I 146 18.45 -0.24 31.57
N GLY I 147 17.50 0.08 30.69
CA GLY I 147 17.43 -0.48 29.33
C GLY I 147 18.60 -0.12 28.42
N GLU I 148 19.13 1.10 28.58
CA GLU I 148 20.22 1.60 27.75
C GLU I 148 21.58 0.99 28.12
N ARG I 149 21.88 0.93 29.42
CA ARG I 149 23.15 0.40 29.94
C ARG I 149 23.35 -1.09 29.65
N GLU I 150 22.25 -1.83 29.58
CA GLU I 150 22.26 -3.26 29.23
C GLU I 150 22.59 -3.48 27.75
N ARG I 151 22.19 -2.53 26.91
CA ARG I 151 22.45 -2.58 25.46
C ARG I 151 23.90 -2.29 25.10
N LEU I 152 24.52 -1.38 25.86
CA LEU I 152 25.90 -0.95 25.61
C LEU I 152 26.92 -1.72 26.45
N ASP I 153 26.43 -2.47 27.45
CA ASP I 153 27.24 -3.25 28.41
C ASP I 153 28.28 -2.42 29.17
N LYS I 154 27.86 -1.22 29.58
CA LYS I 154 28.71 -0.27 30.31
C LYS I 154 28.08 0.10 31.65
N PHE I 155 28.78 -0.23 32.74
CA PHE I 155 28.26 -0.05 34.10
C PHE I 155 29.30 0.54 35.05
N GLY I 156 28.84 1.33 36.00
CA GLY I 156 29.66 1.78 37.13
C GLY I 156 30.32 3.14 37.06
N LYS I 157 30.04 3.88 35.99
CA LYS I 157 30.59 5.23 35.77
C LYS I 157 29.74 6.02 34.75
N PRO I 158 29.89 7.37 34.71
CA PRO I 158 29.21 8.15 33.67
C PRO I 158 29.68 7.81 32.25
N LEU I 159 28.75 7.82 31.31
CA LEU I 159 29.05 7.63 29.88
C LEU I 159 29.63 8.91 29.31
N LEU I 160 30.74 8.79 28.57
CA LEU I 160 31.44 9.95 28.03
C LEU I 160 31.03 10.29 26.60
N GLY I 161 30.92 11.59 26.34
CA GLY I 161 30.53 12.12 25.03
C GLY I 161 31.38 13.29 24.57
N ALA I 162 31.28 13.62 23.28
CA ALA I 162 31.94 14.78 22.69
C ALA I 162 31.19 15.28 21.46
N THR I 163 31.04 16.59 21.36
CA THR I 163 30.42 17.24 20.21
C THR I 163 31.48 17.48 19.15
N THR I 164 31.17 17.10 17.90
CA THR I 164 32.07 17.25 16.75
C THR I 164 32.27 18.73 16.42
N LYS I 165 33.51 19.20 16.61
CA LYS I 165 33.87 20.61 16.39
C LYS I 165 34.74 20.76 15.14
N PRO I 166 34.54 21.83 14.34
CA PRO I 166 33.58 22.91 14.60
C PRO I 166 32.12 22.52 14.34
N LYS I 167 31.21 23.41 14.75
CA LYS I 167 29.76 23.19 14.63
C LYS I 167 29.34 22.91 13.18
N LEU I 168 29.53 23.90 12.31
CA LEU I 168 29.27 23.76 10.87
C LEU I 168 30.57 23.92 10.07
N GLY I 169 30.62 23.31 8.89
CA GLY I 169 31.74 23.49 7.97
C GLY I 169 32.35 22.22 7.38
N LEU I 170 32.48 21.19 8.22
CA LEU I 170 33.13 19.94 7.83
C LEU I 170 32.33 19.12 6.82
N SER I 171 33.03 18.62 5.81
CA SER I 171 32.44 17.74 4.80
C SER I 171 32.32 16.31 5.33
N GLY I 172 31.49 15.50 4.65
CA GLY I 172 31.18 14.11 5.04
C GLY I 172 32.37 13.20 5.32
N LYS I 173 33.42 13.31 4.51
CA LYS I 173 34.66 12.55 4.66
C LYS I 173 35.40 12.91 5.95
N ASN I 174 35.58 14.21 6.18
CA ASN I 174 36.36 14.73 7.31
C ASN I 174 35.59 14.66 8.63
N TYR I 175 34.26 14.74 8.55
CA TYR I 175 33.38 14.68 9.72
C TYR I 175 33.50 13.33 10.43
N GLY I 176 33.55 12.25 9.65
CA GLY I 176 33.73 10.90 10.17
C GLY I 176 35.11 10.65 10.75
N ARG I 177 36.12 11.36 10.25
CA ARG I 177 37.49 11.25 10.74
C ARG I 177 37.66 11.78 12.16
N VAL I 178 36.92 12.84 12.48
CA VAL I 178 36.88 13.41 13.84
C VAL I 178 36.15 12.43 14.78
N VAL I 179 35.08 11.82 14.27
CA VAL I 179 34.30 10.81 14.99
C VAL I 179 35.15 9.56 15.28
N TYR I 180 35.91 9.12 14.28
CA TYR I 180 36.78 7.95 14.38
C TYR I 180 37.90 8.13 15.43
N GLU I 181 38.52 9.30 15.44
CA GLU I 181 39.60 9.62 16.37
C GLU I 181 39.11 9.83 17.80
N GLY I 182 37.85 10.26 17.93
CA GLY I 182 37.22 10.44 19.22
C GLY I 182 36.88 9.14 19.92
N LEU I 183 36.18 8.26 19.20
CA LEU I 183 35.71 6.98 19.74
C LEU I 183 36.82 5.98 20.05
N LYS I 184 37.88 5.99 19.22
CA LYS I 184 39.03 5.10 19.43
C LYS I 184 39.90 5.53 20.61
N GLY I 185 39.90 6.83 20.89
CA GLY I 185 40.65 7.40 22.00
C GLY I 185 40.16 6.98 23.39
N GLY I 186 38.85 6.83 23.52
CA GLY I 186 38.24 6.39 24.78
C GLY I 186 36.81 6.83 25.03
N LEU I 187 36.28 7.65 24.13
CA LEU I 187 34.90 8.16 24.26
C LEU I 187 33.86 7.12 23.90
N ASP I 188 32.75 7.13 24.65
CA ASP I 188 31.63 6.21 24.41
C ASP I 188 30.71 6.72 23.32
N PHE I 189 30.57 8.05 23.22
CA PHE I 189 29.70 8.68 22.23
C PHE I 189 30.34 9.88 21.55
N MET I 190 30.01 10.04 20.27
CA MET I 190 30.23 11.29 19.53
C MET I 190 28.84 11.79 19.10
N ASP I 192 26.32 14.85 16.64
CA ASP I 192 26.07 15.98 15.74
C ASP I 192 25.71 17.22 16.56
N ASP I 193 26.05 18.39 16.02
CA ASP I 193 25.64 19.66 16.61
C ASP I 193 24.16 19.93 16.31
N GLU I 194 23.51 20.71 17.18
CA GLU I 194 22.07 20.96 17.08
C GLU I 194 21.61 21.67 15.80
N ASN I 195 22.49 22.48 15.21
CA ASN I 195 22.21 23.20 13.97
C ASN I 195 22.49 22.40 12.69
N ILE I 196 23.34 21.36 12.82
CA ILE I 196 23.67 20.45 11.71
C ILE I 196 22.46 19.61 11.32
N ASN I 197 22.01 19.74 10.08
CA ASN I 197 20.91 18.95 9.52
C ASN I 197 21.22 18.50 8.09
N SER I 198 20.84 19.31 7.11
CA SER I 198 21.09 19.01 5.69
C SER I 198 21.50 20.27 4.92
N GLN I 199 22.63 20.83 5.32
CA GLN I 199 23.18 22.06 4.74
C GLN I 199 23.77 21.84 3.34
N PRO I 200 23.92 22.92 2.54
CA PRO I 200 24.51 22.81 1.19
C PRO I 200 25.93 22.26 1.11
N PHE I 201 26.73 22.43 2.17
CA PHE I 201 28.11 21.95 2.19
C PHE I 201 28.26 20.45 2.44
N MET I 202 27.31 19.87 3.18
CA MET I 202 27.30 18.45 3.51
C MET I 202 25.86 17.95 3.67
N HIS I 203 25.48 17.02 2.78
CA HIS I 203 24.16 16.38 2.81
C HIS I 203 24.08 15.35 3.95
N TRP I 204 22.88 15.21 4.51
CA TRP I 204 22.66 14.32 5.67
C TRP I 204 22.95 12.84 5.38
N ARG I 205 22.51 12.37 4.21
CA ARG I 205 22.63 10.96 3.83
C ARG I 205 24.09 10.54 3.60
N ASP I 206 24.94 11.51 3.25
CA ASP I 206 26.37 11.31 3.16
C ASP I 206 27.03 11.24 4.54
N ARG I 207 26.60 12.11 5.45
CA ARG I 207 27.10 12.14 6.84
C ARG I 207 26.80 10.82 7.56
N PHE I 208 25.56 10.35 7.45
CA PHE I 208 25.09 9.10 8.05
C PHE I 208 25.91 7.88 7.67
N LEU I 209 26.33 7.81 6.40
CA LEU I 209 27.14 6.70 5.89
C LEU I 209 28.58 6.70 6.43
N TYR I 210 29.20 7.87 6.45
CA TYR I 210 30.61 8.00 6.83
C TYR I 210 30.87 7.91 8.32
N VAL I 211 29.90 8.29 9.15
CA VAL I 211 30.04 8.16 10.61
C VAL I 211 29.85 6.70 11.06
N MET I 212 28.99 5.97 10.37
CA MET I 212 28.70 4.57 10.70
C MET I 212 29.88 3.64 10.39
N GLU I 213 30.65 3.98 9.35
CA GLU I 213 31.90 3.30 9.05
C GLU I 213 32.95 3.61 10.12
N ALA I 214 32.93 4.84 10.62
CA ALA I 214 33.83 5.29 11.68
C ALA I 214 33.48 4.68 13.04
N VAL I 215 32.20 4.42 13.27
CA VAL I 215 31.72 3.77 14.50
C VAL I 215 32.19 2.31 14.56
N ASN I 216 31.98 1.58 13.47
CA ASN I 216 32.31 0.15 13.39
C ASN I 216 33.81 -0.14 13.37
N LEU I 217 34.59 0.77 12.78
CA LEU I 217 36.05 0.68 12.79
C LEU I 217 36.62 0.91 14.19
N ALA I 218 35.98 1.81 14.93
CA ALA I 218 36.34 2.09 16.33
C ALA I 218 35.91 0.95 17.25
N SER I 219 34.78 0.33 16.94
CA SER I 219 34.22 -0.79 17.71
C SER I 219 35.07 -2.05 17.60
N ALA I 220 35.67 -2.26 16.42
CA ALA I 220 36.54 -3.40 16.16
C ALA I 220 37.91 -3.28 16.83
N GLN I 221 38.38 -2.04 16.97
CA GLN I 221 39.73 -1.77 17.48
C GLN I 221 39.80 -1.54 18.99
N THR I 222 38.66 -1.26 19.60
CA THR I 222 38.58 -1.06 21.06
C THR I 222 37.88 -2.22 21.76
N GLY I 223 36.94 -2.86 21.07
CA GLY I 223 36.15 -3.95 21.62
C GLY I 223 34.94 -3.50 22.41
N GLU I 224 34.57 -2.23 22.25
CA GLU I 224 33.41 -1.64 22.91
C GLU I 224 32.33 -1.26 21.91
N VAL I 225 31.08 -1.24 22.36
CA VAL I 225 29.96 -0.77 21.55
C VAL I 225 29.96 0.76 21.53
N LYS I 226 30.23 1.32 20.36
CA LYS I 226 30.30 2.78 20.18
C LYS I 226 29.04 3.30 19.50
N GLY I 227 28.79 4.61 19.65
CA GLY I 227 27.62 5.24 19.06
C GLY I 227 27.84 6.68 18.66
N HIS I 228 26.98 7.15 17.75
CA HIS I 228 26.96 8.54 17.32
C HIS I 228 25.52 9.04 17.29
N TYR I 229 25.25 10.15 17.99
CA TYR I 229 23.91 10.75 18.00
C TYR I 229 23.63 11.39 16.65
N LEU I 230 22.83 10.69 15.84
CA LEU I 230 22.48 11.16 14.50
C LEU I 230 21.30 12.13 14.54
N ASN I 231 21.55 13.36 14.08
CA ASN I 231 20.54 14.42 14.09
C ASN I 231 19.54 14.21 12.95
N ILE I 232 18.28 14.01 13.33
CA ILE I 232 17.20 13.76 12.35
C ILE I 232 16.29 14.98 12.13
N THR I 233 16.53 16.05 12.87
CA THR I 233 15.72 17.29 12.81
C THR I 233 15.55 17.79 11.37
N ALA I 234 14.29 17.88 10.95
CA ALA I 234 13.95 18.29 9.58
C ALA I 234 12.79 19.30 9.56
N GLY I 235 12.50 19.81 8.36
CA GLY I 235 11.40 20.77 8.15
C GLY I 235 10.03 20.15 8.30
N THR I 236 9.84 18.99 7.68
CA THR I 236 8.57 18.25 7.73
C THR I 236 8.74 16.89 8.40
N MET I 237 7.62 16.27 8.76
CA MET I 237 7.60 14.93 9.37
C MET I 237 7.94 13.83 8.36
N GLU I 238 7.56 14.04 7.10
CA GLU I 238 7.84 13.11 6.00
C GLU I 238 9.35 12.95 5.76
N GLU I 239 10.07 14.07 5.84
CA GLU I 239 11.53 14.08 5.77
C GLU I 239 12.15 13.47 7.03
N MET I 240 11.51 13.71 8.17
CA MET I 240 12.00 13.28 9.48
C MET I 240 11.92 11.77 9.69
N TYR I 241 10.84 11.15 9.19
CA TYR I 241 10.69 9.68 9.23
C TYR I 241 11.68 8.97 8.31
N ARG I 242 11.95 9.58 7.15
CA ARG I 242 12.89 9.05 6.17
C ARG I 242 14.34 9.05 6.67
N ARG I 243 14.68 10.05 7.49
CA ARG I 243 16.00 10.15 8.11
C ARG I 243 16.19 9.14 9.23
N ALA I 244 15.10 8.86 9.95
CA ALA I 244 15.10 7.90 11.05
C ALA I 244 15.17 6.46 10.54
N GLU I 245 14.41 6.16 9.48
CA GLU I 245 14.37 4.83 8.87
C GLU I 245 15.70 4.42 8.23
N PHE I 246 16.43 5.41 7.70
CA PHE I 246 17.77 5.19 7.16
C PHE I 246 18.81 5.02 8.27
N ALA I 247 18.59 5.68 9.40
CA ALA I 247 19.44 5.53 10.59
C ALA I 247 19.30 4.14 11.21
N LYS I 248 18.08 3.59 11.19
CA LYS I 248 17.80 2.21 11.60
C LYS I 248 18.45 1.23 10.63
N SER I 249 18.36 1.52 9.33
CA SER I 249 18.88 0.68 8.25
C SER I 249 20.40 0.48 8.29
N LEU I 250 21.11 1.49 8.79
CA LEU I 250 22.57 1.40 8.97
C LEU I 250 22.94 0.62 10.23
N GLY I 251 22.04 0.63 11.21
CA GLY I 251 22.22 -0.09 12.46
C GLY I 251 22.76 0.78 13.58
N SER I 252 22.27 2.02 13.64
CA SER I 252 22.67 2.97 14.68
C SER I 252 22.00 2.63 16.02
N VAL I 253 22.71 2.93 17.10
CA VAL I 253 22.26 2.65 18.46
C VAL I 253 21.29 3.73 18.95
N ILE I 254 21.60 4.98 18.63
CA ILE I 254 20.93 6.16 19.20
C ILE I 254 20.87 7.36 18.24
N VAL I 255 19.69 7.98 18.16
CA VAL I 255 19.47 9.21 17.37
C VAL I 255 19.05 10.40 18.23
N MET I 256 19.50 11.60 17.86
CA MET I 256 19.19 12.83 18.59
C MET I 256 18.14 13.71 17.90
N VAL I 257 17.42 14.48 18.71
CA VAL I 257 16.28 15.30 18.29
C VAL I 257 16.31 16.62 19.07
N ASP I 258 16.07 17.74 18.37
CA ASP I 258 15.98 19.06 19.00
C ASP I 258 14.61 19.33 19.62
N LEU I 259 14.59 20.16 20.66
CA LEU I 259 13.36 20.49 21.40
C LEU I 259 12.39 21.37 20.60
N ILE I 260 12.94 22.16 19.67
CA ILE I 260 12.20 23.10 18.83
C ILE I 260 11.05 22.45 18.04
N ILE I 261 11.28 21.24 17.54
CA ILE I 261 10.35 20.52 16.65
C ILE I 261 8.91 20.40 17.18
N GLY I 262 8.74 20.48 18.50
CA GLY I 262 7.43 20.50 19.14
C GLY I 262 7.01 19.16 19.73
N TYR I 263 6.22 19.23 20.80
CA TYR I 263 5.81 18.06 21.58
C TYR I 263 4.99 17.05 20.79
N THR I 264 4.19 17.54 19.83
CA THR I 264 3.41 16.71 18.92
C THR I 264 4.34 15.89 18.01
N ALA I 265 5.39 16.53 17.53
CA ALA I 265 6.41 15.87 16.72
C ALA I 265 7.33 14.95 17.55
N ILE I 266 7.56 15.34 18.81
CA ILE I 266 8.38 14.54 19.75
C ILE I 266 7.72 13.22 20.13
N GLN I 267 6.44 13.26 20.48
CA GLN I 267 5.64 12.08 20.84
C GLN I 267 5.51 11.05 19.70
N SER I 268 5.65 11.52 18.46
CA SER I 268 5.62 10.68 17.28
C SER I 268 6.88 9.82 17.14
N ILE I 269 8.04 10.38 17.49
CA ILE I 269 9.31 9.65 17.44
C ILE I 269 9.42 8.67 18.61
N SER I 270 8.88 9.06 19.76
CA SER I 270 8.82 8.20 20.95
C SER I 270 8.05 6.90 20.69
N GLU I 271 6.97 7.02 19.92
CA GLU I 271 6.20 5.87 19.45
C GLU I 271 6.99 5.05 18.43
N TRP I 272 7.76 5.75 17.59
CA TRP I 272 8.59 5.13 16.55
C TRP I 272 9.81 4.39 17.12
N CYS I 273 10.47 5.01 18.10
CA CYS I 273 11.69 4.47 18.72
C CYS I 273 11.47 3.19 19.50
N ARG I 274 10.31 3.10 20.17
CA ARG I 274 9.90 1.89 20.90
C ARG I 274 9.61 0.74 19.94
N GLN I 275 8.99 1.07 18.80
CA GLN I 275 8.60 0.08 17.80
C GLN I 275 9.71 -0.31 16.83
N ASN I 276 10.91 0.25 17.03
CA ASN I 276 12.09 -0.05 16.19
C ASN I 276 13.40 -0.20 16.98
N ASP I 277 13.28 -0.27 18.31
CA ASP I 277 14.41 -0.43 19.24
C ASP I 277 15.52 0.62 19.07
N MET I 278 15.17 1.86 19.36
CA MET I 278 16.07 3.01 19.24
C MET I 278 16.06 3.83 20.52
N ILE I 279 17.23 4.35 20.89
CA ILE I 279 17.36 5.23 22.05
C ILE I 279 17.23 6.67 21.58
N LEU I 280 16.43 7.47 22.29
CA LEU I 280 16.16 8.85 21.90
C LEU I 280 16.89 9.87 22.78
N HIS I 281 17.58 10.80 22.11
CA HIS I 281 18.32 11.88 22.76
C HIS I 281 17.63 13.22 22.48
N MET I 282 17.44 14.00 23.54
CA MET I 282 16.84 15.33 23.42
C MET I 282 17.88 16.41 23.65
N HIS I 283 17.98 17.32 22.69
CA HIS I 283 18.79 18.51 22.84
C HIS I 283 17.88 19.72 23.01
N ARG I 284 18.04 20.40 24.14
CA ARG I 284 17.23 21.59 24.45
C ARG I 284 17.78 22.83 23.76
N ALA I 285 17.36 23.03 22.51
CA ALA I 285 17.67 24.23 21.75
C ALA I 285 16.53 25.22 21.92
N GLY I 286 16.89 26.47 22.25
CA GLY I 286 15.91 27.54 22.45
C GLY I 286 15.07 27.42 23.71
N HIS I 287 15.57 26.69 24.70
CA HIS I 287 14.90 26.54 25.99
C HIS I 287 15.05 27.81 26.83
N GLY I 288 16.23 28.43 26.75
CA GLY I 288 16.58 29.61 27.55
C GLY I 288 15.80 30.86 27.22
N THR I 289 14.92 30.77 26.22
CA THR I 289 14.04 31.85 25.81
C THR I 289 12.92 32.07 26.85
N TYR I 290 12.49 30.98 27.48
CA TYR I 290 11.38 31.00 28.43
C TYR I 290 11.67 30.27 29.76
N THR I 291 12.96 30.07 30.05
CA THR I 291 13.39 29.31 31.23
C THR I 291 14.31 30.11 32.14
N ARG I 292 15.20 30.90 31.54
CA ARG I 292 16.26 31.60 32.25
C ARG I 292 15.78 32.66 33.26
N GLN I 293 14.72 33.38 32.90
CA GLN I 293 14.17 34.43 33.75
C GLN I 293 13.41 33.85 34.96
N LYS I 294 13.73 34.36 36.14
CA LYS I 294 13.17 33.87 37.40
C LYS I 294 11.75 34.38 37.66
N ASN I 295 11.41 35.54 37.07
CA ASN I 295 10.12 36.17 37.28
C ASN I 295 9.05 35.78 36.25
N HIS I 296 9.48 35.36 35.06
CA HIS I 296 8.58 35.04 33.96
C HIS I 296 9.02 33.84 33.13
N GLY I 297 8.06 33.00 32.76
CA GLY I 297 8.30 31.84 31.89
C GLY I 297 7.83 30.51 32.45
N ILE I 298 8.56 29.45 32.12
CA ILE I 298 8.33 28.11 32.67
C ILE I 298 9.67 27.54 33.14
N SER I 299 9.72 27.09 34.39
CA SER I 299 10.90 26.43 34.96
C SER I 299 11.16 25.09 34.26
N PHE I 300 12.43 24.75 34.09
CA PHE I 300 12.84 23.56 33.34
C PHE I 300 12.35 22.23 33.94
N ARG I 301 12.13 22.21 35.26
CA ARG I 301 11.61 21.03 35.96
C ARG I 301 10.21 20.61 35.48
N VAL I 302 9.43 21.58 35.00
CA VAL I 302 8.11 21.33 34.42
C VAL I 302 8.26 20.78 33.00
N ILE I 303 9.23 21.32 32.25
CA ILE I 303 9.53 20.87 30.88
C ILE I 303 10.11 19.44 30.91
N ALA I 304 10.96 19.16 31.91
CA ALA I 304 11.52 17.83 32.14
C ALA I 304 10.44 16.79 32.49
N LYS I 305 9.43 17.23 33.25
CA LYS I 305 8.27 16.40 33.59
C LYS I 305 7.43 16.06 32.36
N TRP I 306 7.27 17.04 31.46
CA TRP I 306 6.54 16.81 30.20
C TRP I 306 7.32 15.89 29.26
N LEU I 307 8.64 16.06 29.22
CA LEU I 307 9.50 15.29 28.33
C LEU I 307 9.68 13.84 28.78
N ARG I 308 9.56 13.60 30.08
CA ARG I 308 9.53 12.24 30.64
C ARG I 308 8.25 11.52 30.22
N LEU I 309 7.13 12.24 30.26
CA LEU I 309 5.83 11.73 29.85
C LEU I 309 5.73 11.53 28.33
N ALA I 310 6.36 12.42 27.57
CA ALA I 310 6.41 12.33 26.11
C ALA I 310 7.19 11.10 25.66
N GLY I 311 8.35 10.87 26.29
CA GLY I 311 9.13 9.65 26.07
C GLY I 311 10.49 9.87 25.45
N VAL I 312 11.40 10.43 26.25
CA VAL I 312 12.80 10.64 25.83
C VAL I 312 13.76 9.99 26.83
N ASP I 313 14.79 9.34 26.32
CA ASP I 313 15.77 8.63 27.15
C ASP I 313 16.88 9.52 27.68
N HIS I 314 17.30 10.49 26.87
CA HIS I 314 18.32 11.46 27.25
C HIS I 314 17.79 12.89 27.24
N LEU I 315 18.25 13.67 28.21
CA LEU I 315 17.88 15.09 28.30
C LEU I 315 19.00 15.91 28.93
N HIS I 316 19.36 17.00 28.27
CA HIS I 316 20.29 17.98 28.83
C HIS I 316 19.60 18.71 29.97
N CYS I 317 20.19 18.62 31.17
CA CYS I 317 19.61 19.24 32.37
C CYS I 317 20.43 20.42 32.88
N GLY I 318 21.70 20.46 32.48
CA GLY I 318 22.57 21.59 32.80
C GLY I 318 23.74 21.26 33.71
N THR I 319 24.75 22.12 33.67
CA THR I 319 25.95 21.99 34.50
C THR I 319 26.05 23.20 35.43
N ALA I 320 26.31 22.93 36.71
CA ALA I 320 26.47 23.96 37.72
C ALA I 320 27.78 24.74 37.56
N VAL I 321 28.83 24.04 37.11
CA VAL I 321 30.17 24.62 36.97
C VAL I 321 30.54 25.01 35.53
N GLY I 322 29.65 24.71 34.59
CA GLY I 322 29.87 24.96 33.16
C GLY I 322 29.72 26.40 32.72
N LYS I 323 29.81 26.61 31.40
CA LYS I 323 29.72 27.94 30.79
C LYS I 323 28.30 28.52 30.73
N LEU I 324 27.31 27.63 30.79
CA LEU I 324 25.89 28.01 30.71
C LEU I 324 25.27 28.17 32.10
N GLU I 325 24.12 28.85 32.14
CA GLU I 325 23.38 29.16 33.37
C GLU I 325 22.96 27.90 34.14
N GLY I 326 23.17 27.94 35.46
CA GLY I 326 22.81 26.83 36.36
C GLY I 326 23.30 27.02 37.78
N ASP I 327 22.38 26.88 38.73
CA ASP I 327 22.68 26.96 40.16
C ASP I 327 22.68 25.55 40.78
N PRO I 328 23.76 25.16 41.48
CA PRO I 328 24.00 23.80 42.01
C PRO I 328 22.79 23.10 42.64
N LEU I 329 22.06 23.80 43.49
CA LEU I 329 20.87 23.24 44.16
C LEU I 329 19.68 23.10 43.21
N THR I 330 19.49 24.09 42.34
CA THR I 330 18.40 24.11 41.36
C THR I 330 18.63 23.08 40.24
N VAL I 331 19.91 22.87 39.88
CA VAL I 331 20.31 21.89 38.88
C VAL I 331 20.03 20.45 39.37
N GLN I 332 20.41 20.17 40.62
CA GLN I 332 20.11 18.89 41.29
C GLN I 332 18.61 18.56 41.32
N GLY I 333 17.79 19.61 41.33
CA GLY I 333 16.34 19.48 41.23
C GLY I 333 15.89 18.85 39.93
N TYR I 334 16.48 19.29 38.82
CA TYR I 334 16.16 18.76 37.48
C TYR I 334 16.61 17.32 37.32
N TYR I 335 17.71 16.96 37.96
CA TYR I 335 18.26 15.61 37.96
C TYR I 335 17.37 14.62 38.73
N ASN I 336 16.82 15.08 39.85
CA ASN I 336 15.92 14.28 40.69
C ASN I 336 14.55 14.06 40.05
N VAL I 337 14.14 15.00 39.19
CA VAL I 337 12.87 14.93 38.46
C VAL I 337 12.90 13.78 37.44
N CYS I 338 14.00 13.65 36.71
CA CYS I 338 14.09 12.69 35.61
C CYS I 338 14.67 11.31 35.99
N ARG I 339 15.24 11.20 37.19
CA ARG I 339 15.85 9.94 37.65
C ARG I 339 15.04 9.21 38.73
N GLU I 340 14.69 9.91 39.80
CA GLU I 340 14.02 9.30 40.96
C GLU I 340 12.56 8.89 40.66
N PRO I 341 12.17 7.65 41.06
CA PRO I 341 10.80 7.17 40.83
C PRO I 341 9.76 7.87 41.71
N PHE I 342 10.18 8.27 42.91
CA PHE I 342 9.33 9.02 43.84
C PHE I 342 10.19 10.06 44.55
N ASN I 343 9.82 11.33 44.37
CA ASN I 343 10.54 12.45 44.97
C ASN I 343 9.67 13.24 45.95
N THR I 344 10.23 13.46 47.15
CA THR I 344 9.55 14.20 48.21
C THR I 344 9.73 15.71 48.04
N VAL I 345 8.88 16.47 48.72
CA VAL I 345 8.93 17.94 48.68
C VAL I 345 10.20 18.49 49.35
N ASP I 346 10.98 19.24 48.56
CA ASP I 346 12.21 19.87 49.04
C ASP I 346 12.33 21.28 48.45
N LEU I 347 12.16 22.27 49.32
CA LEU I 347 12.17 23.69 48.94
C LEU I 347 13.53 24.25 48.46
N PRO I 348 14.67 23.81 49.05
CA PRO I 348 15.96 24.28 48.51
C PRO I 348 16.28 23.80 47.09
N ARG I 349 15.78 22.62 46.73
CA ARG I 349 16.01 22.04 45.40
C ARG I 349 14.91 22.37 44.38
N GLY I 350 13.91 23.14 44.82
CA GLY I 350 12.84 23.64 43.96
C GLY I 350 11.68 22.69 43.72
N ILE I 351 11.60 21.61 44.50
CA ILE I 351 10.48 20.67 44.42
C ILE I 351 9.40 21.10 45.41
N PHE I 352 8.18 21.28 44.89
CA PHE I 352 7.05 21.77 45.69
C PHE I 352 5.95 20.75 45.90
N PHE I 353 5.83 19.80 44.97
CA PHE I 353 4.82 18.75 45.01
C PHE I 353 5.45 17.36 45.13
N GLU I 354 4.76 16.47 45.85
CA GLU I 354 5.16 15.08 45.96
C GLU I 354 4.71 14.31 44.72
N GLN I 355 5.67 14.01 43.84
CA GLN I 355 5.40 13.37 42.56
C GLN I 355 5.64 11.86 42.62
N ASP I 356 4.64 11.11 42.19
CA ASP I 356 4.73 9.66 42.06
C ASP I 356 4.59 9.28 40.59
N TRP I 357 5.68 8.78 40.01
CA TRP I 357 5.73 8.45 38.59
C TRP I 357 5.09 7.11 38.26
N ALA I 358 5.05 6.21 39.25
CA ALA I 358 4.48 4.87 39.14
C ALA I 358 5.01 4.06 37.96
N ASP I 359 6.27 3.64 38.09
CA ASP I 359 6.97 2.73 37.17
C ASP I 359 7.06 3.21 35.72
N LEU I 360 7.40 4.48 35.56
CA LEU I 360 7.84 5.03 34.28
C LEU I 360 9.36 5.01 34.24
N ARG I 361 9.90 4.77 33.05
CA ARG I 361 11.34 4.60 32.83
C ARG I 361 12.13 5.87 33.20
N LYS I 362 13.32 5.66 33.73
CA LYS I 362 14.18 6.75 34.22
C LYS I 362 14.94 7.42 33.09
N VAL I 363 14.77 8.73 32.94
CA VAL I 363 15.47 9.51 31.93
C VAL I 363 16.91 9.79 32.41
N MET I 364 17.89 9.46 31.57
CA MET I 364 19.28 9.73 31.88
C MET I 364 19.65 11.18 31.54
N PRO I 365 20.04 11.97 32.57
CA PRO I 365 20.40 13.37 32.37
C PRO I 365 21.80 13.56 31.80
N VAL I 366 21.96 14.58 30.97
CA VAL I 366 23.23 14.85 30.27
C VAL I 366 23.81 16.20 30.73
N ALA I 367 25.04 16.15 31.25
CA ALA I 367 25.79 17.34 31.62
C ALA I 367 26.72 17.75 30.50
N SER I 368 26.51 18.95 29.97
CA SER I 368 27.28 19.47 28.82
C SER I 368 27.38 20.99 28.82
N GLY I 369 28.46 21.49 28.23
CA GLY I 369 28.64 22.93 28.02
C GLY I 369 29.71 23.56 28.89
N GLY I 370 30.93 23.61 28.37
CA GLY I 370 32.06 24.28 29.03
C GLY I 370 32.62 23.53 30.22
N ILE I 371 32.93 22.26 30.02
CA ILE I 371 33.56 21.41 31.06
C ILE I 371 34.80 20.68 30.54
N HIS I 372 35.69 20.33 31.46
CA HIS I 372 36.96 19.66 31.13
C HIS I 372 37.40 18.68 32.22
N ALA I 373 38.64 18.19 32.11
CA ALA I 373 39.21 17.21 33.05
C ALA I 373 39.40 17.74 34.47
N GLY I 374 39.60 19.05 34.59
CA GLY I 374 39.76 19.71 35.89
C GLY I 374 38.47 19.86 36.69
N GLN I 375 37.33 19.69 36.02
CA GLN I 375 36.00 19.83 36.64
C GLN I 375 35.41 18.46 37.04
N MET I 376 36.19 17.39 36.84
CA MET I 376 35.73 16.01 37.02
C MET I 376 35.30 15.65 38.44
N HIS I 377 36.01 16.19 39.44
CA HIS I 377 35.71 15.94 40.85
C HIS I 377 34.42 16.59 41.33
N GLN I 378 34.08 17.74 40.75
CA GLN I 378 32.87 18.48 41.08
C GLN I 378 31.62 17.86 40.45
N LEU I 379 31.78 17.28 39.25
CA LEU I 379 30.69 16.65 38.51
C LEU I 379 30.24 15.33 39.14
N LEU I 380 31.21 14.54 39.62
CA LEU I 380 30.93 13.24 40.24
C LEU I 380 30.30 13.36 41.62
N SER I 381 30.62 14.45 42.33
CA SER I 381 30.09 14.72 43.67
C SER I 381 28.65 15.23 43.65
N LEU I 382 28.31 16.06 42.67
CA LEU I 382 26.99 16.68 42.57
C LEU I 382 25.89 15.74 42.08
N PHE I 383 26.22 14.93 41.06
CA PHE I 383 25.20 14.11 40.38
C PHE I 383 25.29 12.62 40.75
N GLY I 384 26.35 11.94 40.30
CA GLY I 384 26.55 10.53 40.61
C GLY I 384 27.08 9.71 39.44
N ASP I 385 26.43 8.57 39.20
CA ASP I 385 26.88 7.60 38.20
C ASP I 385 26.04 7.60 36.92
N ASP I 386 24.71 7.64 37.09
CA ASP I 386 23.78 7.55 35.96
C ASP I 386 23.60 8.87 35.20
N VAL I 387 24.72 9.40 34.70
CA VAL I 387 24.77 10.65 33.94
C VAL I 387 25.61 10.51 32.67
N VAL I 388 25.45 11.46 31.74
CA VAL I 388 26.29 11.53 30.54
C VAL I 388 27.06 12.84 30.55
N LEU I 389 28.39 12.74 30.59
CA LEU I 389 29.27 13.90 30.57
C LEU I 389 29.81 14.11 29.16
N GLN I 390 29.56 15.31 28.62
CA GLN I 390 29.98 15.66 27.26
C GLN I 390 31.06 16.73 27.24
N PHE I 391 32.18 16.41 26.59
CA PHE I 391 33.31 17.33 26.46
C PHE I 391 33.54 17.68 24.99
N GLY I 392 32.88 18.75 24.54
CA GLY I 392 32.96 19.21 23.15
C GLY I 392 34.30 19.85 22.83
N GLY I 393 34.62 20.91 23.58
CA GLY I 393 35.88 21.63 23.42
C GLY I 393 37.06 20.97 24.11
N GLY I 394 36.78 20.35 25.27
CA GLY I 394 37.82 19.72 26.11
C GLY I 394 38.48 18.46 25.57
N THR I 395 38.00 17.98 24.42
CA THR I 395 38.54 16.77 23.79
C THR I 395 39.34 17.10 22.52
N ILE I 396 38.71 17.83 21.60
CA ILE I 396 39.30 18.17 20.30
C ILE I 396 40.32 19.32 20.46
N GLY I 397 40.03 20.24 21.37
CA GLY I 397 40.93 21.37 21.67
C GLY I 397 42.20 21.03 22.43
N HIS I 398 42.47 19.73 22.57
CA HIS I 398 43.69 19.22 23.21
C HIS I 398 44.90 19.47 22.29
N PRO I 399 46.03 19.95 22.86
CA PRO I 399 47.24 20.27 22.09
C PRO I 399 47.88 19.11 21.31
N MET I 400 47.75 17.89 21.83
CA MET I 400 48.35 16.70 21.21
C MET I 400 47.53 16.15 20.05
N GLY I 401 46.21 16.09 20.21
CA GLY I 401 45.29 15.61 19.16
C GLY I 401 43.88 15.39 19.65
N ILE I 402 43.19 14.43 19.05
CA ILE I 402 41.83 14.05 19.46
C ILE I 402 41.88 12.76 20.30
N GLN I 403 42.72 11.81 19.89
CA GLN I 403 42.92 10.55 20.61
C GLN I 403 43.45 10.75 22.03
N ALA I 404 44.40 11.68 22.18
CA ALA I 404 44.98 12.02 23.47
C ALA I 404 43.97 12.75 24.39
N GLY I 405 43.16 13.62 23.78
CA GLY I 405 42.11 14.34 24.49
C GLY I 405 41.02 13.43 25.02
N ALA I 406 40.68 12.40 24.25
CA ALA I 406 39.70 11.39 24.64
C ALA I 406 40.24 10.45 25.73
N THR I 407 41.55 10.20 25.69
CA THR I 407 42.23 9.38 26.71
C THR I 407 42.34 10.15 28.03
N ALA I 408 42.63 11.44 27.94
CA ALA I 408 42.79 12.32 29.11
C ALA I 408 41.52 12.41 29.96
N ASN I 409 40.37 12.51 29.30
CA ASN I 409 39.08 12.58 29.98
C ASN I 409 38.64 11.23 30.56
N ARG I 410 39.02 10.15 29.88
CA ARG I 410 38.70 8.79 30.30
C ARG I 410 39.51 8.35 31.52
N VAL I 411 40.80 8.69 31.53
CA VAL I 411 41.70 8.40 32.65
C VAL I 411 41.30 9.21 33.90
N ALA I 412 40.93 10.47 33.69
CA ALA I 412 40.47 11.37 34.76
C ALA I 412 39.22 10.85 35.47
N LEU I 413 38.26 10.36 34.70
CA LEU I 413 37.00 9.83 35.23
C LEU I 413 37.21 8.49 35.96
N GLU I 414 38.03 7.61 35.37
CA GLU I 414 38.34 6.30 35.95
C GLU I 414 39.11 6.39 37.27
N ALA I 415 39.94 7.41 37.40
CA ALA I 415 40.69 7.67 38.63
C ALA I 415 39.79 8.19 39.77
N MET I 416 38.77 8.96 39.41
CA MET I 416 37.83 9.52 40.39
C MET I 416 36.86 8.48 40.95
N VAL I 417 36.34 7.63 40.08
CA VAL I 417 35.41 6.54 40.46
C VAL I 417 36.12 5.54 41.38
N LEU I 418 37.37 5.22 41.05
CA LEU I 418 38.20 4.32 41.86
C LEU I 418 38.50 4.88 43.25
N ALA I 419 38.74 6.20 43.32
CA ALA I 419 39.01 6.89 44.57
C ALA I 419 37.78 7.03 45.45
N ARG I 420 36.62 7.26 44.81
CA ARG I 420 35.34 7.42 45.50
C ARG I 420 34.88 6.13 46.19
N ASN I 421 35.04 5.00 45.51
CA ASN I 421 34.60 3.70 46.00
C ASN I 421 35.51 3.14 47.11
N GLU I 422 36.78 3.53 47.10
CA GLU I 422 37.75 3.12 48.12
C GLU I 422 37.50 3.79 49.48
N GLY I 423 36.98 5.01 49.46
CA GLY I 423 36.64 5.75 50.68
C GLY I 423 37.29 7.11 50.82
N ARG I 424 37.91 7.59 49.74
CA ARG I 424 38.54 8.91 49.70
C ARG I 424 37.53 9.98 49.33
N ASN I 425 37.60 11.12 50.02
CA ASN I 425 36.71 12.25 49.79
C ASN I 425 37.07 12.97 48.50
N ILE I 426 36.15 12.93 47.54
CA ILE I 426 36.38 13.45 46.17
C ILE I 426 36.19 14.98 46.06
N ASP I 427 35.64 15.59 47.11
CA ASP I 427 35.42 17.04 47.15
C ASP I 427 36.67 17.82 47.53
N VAL I 428 37.45 17.29 48.47
CA VAL I 428 38.66 17.94 48.99
C VAL I 428 39.92 17.41 48.28
N GLU I 429 40.09 16.09 48.28
CA GLU I 429 41.26 15.44 47.67
C GLU I 429 41.22 15.37 46.15
N GLY I 430 40.06 15.71 45.57
CA GLY I 430 39.81 15.73 44.11
C GLY I 430 40.93 16.21 43.19
N PRO I 431 41.45 17.45 43.40
CA PRO I 431 42.58 17.95 42.60
C PRO I 431 43.88 17.15 42.77
N GLU I 432 44.12 16.60 43.96
CA GLU I 432 45.32 15.80 44.25
C GLU I 432 45.31 14.43 43.56
N ILE I 433 44.11 13.85 43.42
CA ILE I 433 43.90 12.56 42.73
C ILE I 433 44.23 12.68 41.24
N LEU I 434 43.80 13.79 40.62
CA LEU I 434 44.06 14.07 39.20
C LEU I 434 45.55 14.35 38.93
N ARG I 435 46.22 14.98 39.88
CA ARG I 435 47.67 15.24 39.80
C ARG I 435 48.50 13.97 39.93
N ALA I 436 48.06 13.07 40.81
CA ALA I 436 48.72 11.78 41.05
C ALA I 436 48.59 10.82 39.86
N ALA I 437 47.47 10.93 39.13
CA ALA I 437 47.21 10.15 37.92
C ALA I 437 48.01 10.67 36.72
N ALA I 438 48.41 11.94 36.77
CA ALA I 438 49.18 12.60 35.71
C ALA I 438 50.65 12.16 35.64
N LYS I 439 51.14 11.49 36.70
CA LYS I 439 52.51 10.96 36.75
C LYS I 439 52.76 9.85 35.72
N TRP I 440 51.77 8.99 35.52
CA TRP I 440 51.86 7.88 34.56
C TRP I 440 51.12 8.16 33.24
N CYS I 441 50.11 9.02 33.31
CA CYS I 441 49.33 9.43 32.12
C CYS I 441 49.79 10.80 31.62
N LYS I 442 50.41 10.81 30.45
CA LYS I 442 50.94 12.03 29.84
C LYS I 442 49.90 12.95 29.15
N PRO I 443 48.86 12.38 28.48
CA PRO I 443 47.81 13.25 27.91
C PRO I 443 46.99 14.03 28.94
N LEU I 444 46.84 13.48 30.15
CA LEU I 444 46.11 14.12 31.24
C LEU I 444 46.86 15.33 31.81
N GLU I 445 48.19 15.23 31.86
CA GLU I 445 49.05 16.32 32.34
C GLU I 445 48.99 17.55 31.45
N ALA I 446 48.93 17.32 30.14
CA ALA I 446 48.82 18.38 29.13
C ALA I 446 47.45 19.07 29.15
N ALA I 447 46.41 18.30 29.48
CA ALA I 447 45.04 18.81 29.58
C ALA I 447 44.82 19.70 30.80
N LEU I 448 45.49 19.38 31.90
CA LEU I 448 45.39 20.13 33.15
C LEU I 448 46.12 21.48 33.11
N ASP I 449 47.21 21.53 32.33
CA ASP I 449 47.99 22.76 32.14
C ASP I 449 47.28 23.77 31.23
N THR I 450 46.50 23.27 30.28
CA THR I 450 45.76 24.10 29.33
C THR I 450 44.56 24.77 29.99
N TRP I 451 43.77 23.99 30.73
CA TRP I 451 42.56 24.48 31.39
C TRP I 451 42.63 24.26 32.90
N GLY I 452 43.50 25.02 33.55
CA GLY I 452 43.71 24.93 35.00
C GLY I 452 43.04 26.09 35.74
N ASN I 453 43.22 27.29 35.22
CA ASN I 453 42.65 28.48 35.84
C ASN I 453 41.37 28.91 35.14
N ILE I 454 41.06 28.25 34.03
CA ILE I 454 39.86 28.57 33.25
C ILE I 454 38.61 28.04 33.92
N THR I 455 37.85 28.94 34.54
CA THR I 455 36.61 28.56 35.21
C THR I 455 35.51 29.59 34.94
N PHE I 456 34.32 29.11 34.60
CA PHE I 456 33.20 29.98 34.32
C PHE I 456 32.36 30.23 35.57
N ASN I 457 32.57 31.40 36.18
CA ASN I 457 31.86 31.76 37.40
C ASN I 457 31.06 33.06 37.22
N TYR I 458 29.75 32.95 37.31
CA TYR I 458 28.87 34.11 37.17
C TYR I 458 27.64 33.96 38.07
N THR I 459 26.99 35.06 38.36
CA THR I 459 25.80 35.05 39.20
C THR I 459 24.64 34.36 38.50
N SER I 460 24.10 33.32 39.13
CA SER I 460 22.98 32.57 38.56
C SER I 460 21.70 33.39 38.60
N THR I 461 20.94 33.32 37.51
CA THR I 461 19.67 34.04 37.42
C THR I 461 18.53 33.22 38.01
N ASP I 462 18.49 31.94 37.65
CA ASP I 462 17.46 31.03 38.17
C ASP I 462 17.91 30.45 39.50
N THR I 463 17.55 31.11 40.60
CA THR I 463 17.98 30.69 41.92
C THR I 463 16.80 30.32 42.82
N SER I 464 17.11 29.71 43.96
CA SER I 464 16.09 29.31 44.92
C SER I 464 15.64 30.51 45.76
N ASP I 465 14.48 30.39 46.38
CA ASP I 465 13.94 31.46 47.20
C ASP I 465 13.91 31.09 48.68
N PHE I 466 14.38 29.88 48.98
CA PHE I 466 14.41 29.40 50.36
C PHE I 466 15.83 29.04 50.79
N VAL I 467 16.72 30.02 50.73
CA VAL I 467 18.12 29.80 51.12
C VAL I 467 18.60 30.89 52.07
N MET J 1 46.70 -4.16 20.76
CA MET J 1 45.25 -4.48 20.94
C MET J 1 44.93 -4.80 22.40
N ARG J 2 43.94 -4.10 22.93
CA ARG J 2 43.45 -4.31 24.30
C ARG J 2 41.95 -4.02 24.35
N ILE J 3 41.18 -5.01 24.78
CA ILE J 3 39.72 -4.90 24.87
C ILE J 3 39.32 -4.12 26.11
N THR J 4 38.66 -2.99 25.90
CA THR J 4 38.31 -2.04 26.97
C THR J 4 36.86 -2.20 27.48
N GLN J 5 36.33 -3.41 27.36
CA GLN J 5 34.96 -3.72 27.78
C GLN J 5 34.84 -3.71 29.31
N GLY J 6 34.17 -2.69 29.83
CA GLY J 6 33.96 -2.54 31.28
C GLY J 6 34.69 -1.35 31.89
N CYS J 7 34.52 -1.20 33.21
CA CYS J 7 35.13 -0.11 33.97
C CYS J 7 36.58 -0.42 34.34
N PHE J 8 37.34 0.64 34.67
CA PHE J 8 38.76 0.58 35.05
C PHE J 8 39.69 -0.08 34.02
N SER J 9 39.32 0.04 32.73
CA SER J 9 40.07 -0.58 31.64
C SER J 9 41.32 0.19 31.25
N PHE J 10 41.22 1.53 31.22
CA PHE J 10 42.34 2.41 30.88
C PHE J 10 43.38 2.53 31.99
N LEU J 11 42.94 2.30 33.23
CA LEU J 11 43.82 2.18 34.38
C LEU J 11 44.63 0.88 34.31
N PRO J 12 45.84 0.84 34.92
CA PRO J 12 46.62 -0.41 35.02
C PRO J 12 45.90 -1.52 35.79
N ASP J 13 46.29 -2.77 35.54
CA ASP J 13 45.66 -3.96 36.12
C ASP J 13 45.55 -3.91 37.64
N LEU J 14 44.35 -4.15 38.15
CA LEU J 14 44.02 -4.00 39.56
C LEU J 14 44.61 -5.12 40.42
N THR J 15 45.30 -4.72 41.48
CA THR J 15 45.86 -5.66 42.46
C THR J 15 44.76 -6.16 43.40
N ASP J 16 45.03 -7.29 44.06
CA ASP J 16 44.09 -7.93 45.00
C ASP J 16 43.62 -7.03 46.15
N GLU J 17 44.47 -6.10 46.56
CA GLU J 17 44.16 -5.09 47.58
C GLU J 17 43.13 -4.07 47.06
N GLN J 18 43.25 -3.72 45.78
CA GLN J 18 42.34 -2.77 45.12
C GLN J 18 40.97 -3.39 44.81
N ILE J 19 40.99 -4.66 44.41
CA ILE J 19 39.76 -5.44 44.11
C ILE J 19 38.93 -5.62 45.39
N SER J 20 39.60 -5.95 46.49
CA SER J 20 38.98 -6.10 47.81
C SER J 20 38.28 -4.81 48.30
N ALA J 21 38.87 -3.67 47.94
CA ALA J 21 38.30 -2.35 48.25
C ALA J 21 37.06 -2.03 47.42
N GLN J 22 37.05 -2.48 46.16
CA GLN J 22 35.93 -2.25 45.24
C GLN J 22 34.71 -3.10 45.55
N VAL J 23 34.96 -4.34 45.98
CA VAL J 23 33.89 -5.28 46.41
C VAL J 23 33.26 -4.79 47.72
N ASP J 24 34.10 -4.25 48.61
CA ASP J 24 33.66 -3.66 49.89
C ASP J 24 32.64 -2.53 49.71
N TYR J 25 32.79 -1.76 48.63
CA TYR J 25 31.84 -0.72 48.23
C TYR J 25 30.50 -1.33 47.76
N CYS J 26 30.59 -2.42 47.01
CA CYS J 26 29.42 -3.12 46.46
C CYS J 26 28.59 -3.81 47.54
N LEU J 27 29.26 -4.42 48.50
CA LEU J 27 28.60 -5.11 49.63
C LEU J 27 28.04 -4.13 50.66
N GLY J 28 28.67 -2.95 50.75
CA GLY J 28 28.22 -1.87 51.64
C GLY J 28 26.90 -1.26 51.23
N ARG J 29 26.71 -1.10 49.92
CA ARG J 29 25.47 -0.58 49.35
C ARG J 29 24.37 -1.64 49.23
N GLY J 30 24.78 -2.91 49.30
CA GLY J 30 23.86 -4.04 49.27
C GLY J 30 23.63 -4.59 47.88
N TRP J 31 24.72 -5.00 47.23
CA TRP J 31 24.66 -5.61 45.91
C TRP J 31 25.20 -7.04 45.91
N ALA J 32 24.62 -7.88 45.05
CA ALA J 32 25.04 -9.26 44.89
C ALA J 32 26.22 -9.35 43.94
N VAL J 33 27.33 -9.91 44.43
CA VAL J 33 28.57 -10.01 43.67
C VAL J 33 28.65 -11.36 42.97
N SER J 34 28.87 -11.33 41.65
CA SER J 34 28.96 -12.52 40.82
C SER J 34 30.18 -12.51 39.90
N LEU J 35 30.80 -13.68 39.74
CA LEU J 35 31.93 -13.85 38.83
C LEU J 35 31.51 -14.49 37.52
N GLU J 36 32.01 -13.95 36.42
CA GLU J 36 31.71 -14.42 35.08
C GLU J 36 32.98 -14.53 34.23
N HIS J 37 33.04 -15.56 33.39
CA HIS J 37 34.21 -15.79 32.53
C HIS J 37 33.83 -16.19 31.10
N THR J 38 34.68 -15.81 30.14
CA THR J 38 34.53 -16.22 28.73
C THR J 38 35.86 -16.20 27.96
N ASP J 39 35.89 -16.96 26.86
CA ASP J 39 37.01 -16.92 25.91
C ASP J 39 36.63 -16.12 24.65
N ASP J 40 35.35 -15.75 24.57
CA ASP J 40 34.82 -14.95 23.46
C ASP J 40 34.39 -13.56 23.96
N PRO J 41 35.29 -12.56 23.87
CA PRO J 41 35.06 -11.22 24.40
C PRO J 41 34.50 -10.24 23.36
N HIS J 42 33.49 -10.69 22.63
CA HIS J 42 32.81 -9.90 21.60
C HIS J 42 32.06 -8.71 22.22
N PRO J 43 32.05 -7.55 21.53
CA PRO J 43 31.15 -6.45 21.93
C PRO J 43 29.69 -6.89 21.81
N ARG J 44 28.84 -6.36 22.68
CA ARG J 44 27.40 -6.72 22.78
C ARG J 44 27.08 -8.22 23.02
N ASN J 45 28.11 -9.02 23.28
CA ASN J 45 27.93 -10.39 23.76
C ASN J 45 27.52 -10.34 25.22
N THR J 46 26.28 -10.73 25.48
CA THR J 46 25.61 -10.47 26.75
C THR J 46 26.01 -11.46 27.86
N TYR J 47 25.96 -12.76 27.55
CA TYR J 47 26.03 -13.81 28.56
C TYR J 47 27.37 -14.55 28.61
N TRP J 48 28.07 -14.36 29.73
CA TRP J 48 29.33 -15.03 30.02
C TRP J 48 29.04 -16.24 30.92
N GLU J 49 29.99 -17.18 30.99
CA GLU J 49 29.86 -18.36 31.85
C GLU J 49 29.98 -17.99 33.33
N MET J 50 28.90 -18.20 34.07
CA MET J 50 28.85 -17.89 35.50
C MET J 50 29.63 -18.90 36.34
N TRP J 51 30.46 -18.38 37.25
CA TRP J 51 31.18 -19.20 38.22
C TRP J 51 30.31 -19.36 39.47
N GLY J 52 29.48 -20.40 39.45
CA GLY J 52 28.53 -20.68 40.54
C GLY J 52 27.39 -19.69 40.62
N MET J 53 26.82 -19.55 41.81
CA MET J 53 25.70 -18.64 42.08
C MET J 53 26.20 -17.31 42.66
N PRO J 54 25.50 -16.19 42.36
CA PRO J 54 25.85 -14.87 42.93
C PRO J 54 25.77 -14.84 44.45
N MET J 55 26.70 -14.13 45.08
CA MET J 55 26.77 -14.01 46.54
C MET J 55 25.84 -12.90 47.02
N PHE J 56 24.63 -13.30 47.42
CA PHE J 56 23.59 -12.35 47.83
C PHE J 56 23.80 -11.81 49.25
N ASP J 57 23.81 -12.70 50.23
CA ASP J 57 23.97 -12.33 51.63
C ASP J 57 25.36 -12.72 52.15
N LEU J 58 26.35 -11.92 51.78
CA LEU J 58 27.73 -12.08 52.24
C LEU J 58 28.26 -10.71 52.67
N ARG J 59 28.58 -10.59 53.95
CA ARG J 59 29.04 -9.34 54.55
C ARG J 59 30.55 -9.32 54.80
N ASP J 60 31.28 -10.04 53.95
CA ASP J 60 32.74 -10.14 54.03
C ASP J 60 33.36 -10.07 52.63
N PRO J 61 34.24 -9.08 52.39
CA PRO J 61 34.92 -8.94 51.09
C PRO J 61 35.96 -10.03 50.81
N LYS J 62 36.46 -10.66 51.87
CA LYS J 62 37.45 -11.74 51.78
C LYS J 62 36.88 -13.03 51.17
N GLY J 63 35.58 -13.26 51.42
CA GLY J 63 34.86 -14.44 50.91
C GLY J 63 34.73 -14.49 49.40
N VAL J 64 34.63 -13.32 48.78
CA VAL J 64 34.58 -13.17 47.32
C VAL J 64 35.96 -13.50 46.71
N MET J 65 37.02 -13.03 47.39
CA MET J 65 38.40 -13.19 46.92
C MET J 65 38.89 -14.63 46.85
N ILE J 66 38.34 -15.49 47.70
CA ILE J 66 38.63 -16.94 47.70
C ILE J 66 38.06 -17.59 46.42
N GLU J 67 36.83 -17.21 46.08
CA GLU J 67 36.15 -17.68 44.86
C GLU J 67 36.79 -17.15 43.58
N LEU J 68 37.39 -15.96 43.67
CA LEU J 68 38.13 -15.33 42.57
C LEU J 68 39.42 -16.07 42.24
N ASP J 69 40.15 -16.47 43.28
CA ASP J 69 41.40 -17.24 43.15
C ASP J 69 41.16 -18.68 42.69
N GLU J 70 39.99 -19.22 43.05
CA GLU J 70 39.55 -20.54 42.62
C GLU J 70 39.20 -20.56 41.12
N CYS J 71 38.62 -19.46 40.64
CA CYS J 71 38.26 -19.28 39.24
C CYS J 71 39.47 -19.09 38.33
N ARG J 72 40.50 -18.42 38.87
CA ARG J 72 41.77 -18.20 38.15
C ARG J 72 42.56 -19.49 37.93
N LYS J 73 42.49 -20.41 38.90
CA LYS J 73 43.15 -21.71 38.81
C LYS J 73 42.47 -22.64 37.80
N ALA J 74 41.14 -22.55 37.72
CA ALA J 74 40.35 -23.34 36.78
C ALA J 74 40.43 -22.82 35.35
N TRP J 75 40.38 -21.49 35.21
CA TRP J 75 40.43 -20.83 33.91
C TRP J 75 41.54 -19.76 33.88
N PRO J 76 42.76 -20.14 33.46
CA PRO J 76 43.88 -19.19 33.41
C PRO J 76 43.79 -18.22 32.22
N GLY J 77 43.47 -18.73 31.03
CA GLY J 77 43.42 -17.93 29.81
C GLY J 77 42.02 -17.49 29.43
N ARG J 78 41.32 -16.86 30.38
CA ARG J 78 39.95 -16.37 30.17
C ARG J 78 39.74 -14.99 30.80
N TYR J 79 38.73 -14.28 30.31
CA TYR J 79 38.35 -12.99 30.85
C TYR J 79 37.41 -13.16 32.05
N ILE J 80 37.93 -12.88 33.24
CA ILE J 80 37.12 -12.94 34.46
C ILE J 80 36.69 -11.52 34.84
N ARG J 81 35.38 -11.36 35.08
CA ARG J 81 34.81 -10.08 35.52
C ARG J 81 33.93 -10.21 36.76
N ILE J 82 33.80 -9.10 37.50
CA ILE J 82 32.94 -9.03 38.68
C ILE J 82 31.70 -8.19 38.34
N ASN J 83 30.52 -8.77 38.57
CA ASN J 83 29.26 -8.09 38.35
C ASN J 83 28.50 -7.89 39.66
N ALA J 84 28.25 -6.62 39.99
CA ALA J 84 27.47 -6.25 41.17
C ALA J 84 26.02 -6.02 40.77
N PHE J 85 25.11 -6.79 41.37
CA PHE J 85 23.69 -6.76 41.01
C PHE J 85 22.86 -6.04 42.07
N ASP J 86 22.10 -5.04 41.61
CA ASP J 86 21.20 -4.27 42.48
C ASP J 86 19.81 -4.89 42.49
N SER J 87 19.22 -4.98 43.68
CA SER J 87 17.90 -5.59 43.88
C SER J 87 16.94 -4.64 44.60
N THR J 88 16.63 -3.53 43.94
CA THR J 88 15.72 -2.51 44.47
C THR J 88 14.40 -2.52 43.67
N ARG J 89 13.53 -1.53 43.93
CA ARG J 89 12.20 -1.44 43.32
C ARG J 89 12.25 -1.11 41.81
N GLY J 90 13.15 -0.20 41.44
CA GLY J 90 13.23 0.31 40.06
C GLY J 90 14.39 -0.20 39.22
N PHE J 91 15.52 -0.48 39.87
CA PHE J 91 16.75 -0.88 39.17
C PHE J 91 16.70 -2.31 38.65
N GLU J 92 16.83 -3.29 39.55
CA GLU J 92 16.82 -4.74 39.24
C GLU J 92 17.83 -5.16 38.17
N THR J 93 19.00 -4.51 38.18
CA THR J 93 20.02 -4.68 37.14
C THR J 93 21.46 -4.62 37.70
N VAL J 94 22.43 -4.84 36.81
CA VAL J 94 23.86 -4.75 37.14
C VAL J 94 24.24 -3.28 37.34
N THR J 95 25.07 -3.02 38.35
CA THR J 95 25.54 -1.66 38.67
C THR J 95 27.02 -1.46 38.37
N MET J 96 27.84 -2.46 38.69
CA MET J 96 29.29 -2.41 38.44
C MET J 96 29.79 -3.62 37.66
N SER J 97 30.69 -3.36 36.71
CA SER J 97 31.30 -4.40 35.89
C SER J 97 32.74 -4.01 35.54
N PHE J 98 33.69 -4.86 35.93
CA PHE J 98 35.11 -4.64 35.65
C PHE J 98 35.91 -5.93 35.52
N ILE J 99 36.76 -6.00 34.50
CA ILE J 99 37.61 -7.17 34.26
C ILE J 99 38.76 -7.18 35.27
N VAL J 100 38.87 -8.30 35.98
CA VAL J 100 39.94 -8.51 36.97
C VAL J 100 41.08 -9.39 36.46
N ASN J 101 40.76 -10.30 35.56
CA ASN J 101 41.76 -11.16 34.92
C ASN J 101 41.55 -11.26 33.42
N ARG J 102 42.57 -10.86 32.67
CA ARG J 102 42.60 -10.97 31.21
C ARG J 102 43.81 -11.80 30.75
N PRO J 103 43.66 -12.57 29.65
CA PRO J 103 44.70 -13.50 29.17
C PRO J 103 46.03 -12.87 28.80
N GLU J 104 47.05 -13.71 28.62
CA GLU J 104 48.43 -13.29 28.29
C GLU J 104 48.53 -12.38 27.06
N VAL J 105 47.76 -12.72 26.02
CA VAL J 105 47.68 -11.91 24.80
C VAL J 105 46.21 -11.74 24.36
N GLU J 106 45.82 -10.47 24.21
CA GLU J 106 44.44 -10.11 23.81
C GLU J 106 44.20 -10.37 22.33
N PRO J 107 43.08 -11.05 21.98
CA PRO J 107 42.75 -11.32 20.59
C PRO J 107 42.19 -10.09 19.86
N SER J 108 42.55 -9.95 18.59
CA SER J 108 42.09 -8.85 17.74
C SER J 108 40.75 -9.20 17.06
N LEU J 109 40.10 -8.17 16.51
CA LEU J 109 38.83 -8.35 15.80
C LEU J 109 38.96 -8.07 14.31
N ARG J 110 38.52 -9.03 13.50
CA ARG J 110 38.47 -8.87 12.04
C ARG J 110 37.08 -8.43 11.61
N MET J 111 37.04 -7.41 10.75
CA MET J 111 35.79 -6.84 10.26
C MET J 111 35.55 -7.21 8.80
N GLU J 112 34.45 -7.93 8.56
CA GLU J 112 34.03 -8.33 7.22
C GLU J 112 32.93 -7.42 6.71
N ARG J 113 33.12 -6.91 5.49
CA ARG J 113 32.20 -5.94 4.89
C ARG J 113 31.36 -6.56 3.78
N THR J 114 30.07 -6.71 4.05
CA THR J 114 29.11 -7.25 3.07
C THR J 114 28.37 -6.10 2.41
N GLU J 115 28.50 -6.02 1.08
CA GLU J 115 27.88 -4.95 0.28
C GLU J 115 26.44 -5.31 -0.05
N VAL J 116 25.51 -4.47 0.41
CA VAL J 116 24.07 -4.68 0.20
C VAL J 116 23.53 -3.61 -0.78
N ASP J 117 22.32 -3.11 -0.54
CA ASP J 117 21.66 -2.15 -1.43
C ASP J 117 22.25 -0.76 -1.30
N GLY J 118 22.55 -0.15 -2.45
CA GLY J 118 23.15 1.19 -2.51
C GLY J 118 24.60 1.17 -2.09
N ARG J 119 24.91 1.96 -1.05
CA ARG J 119 26.26 2.05 -0.51
C ARG J 119 26.33 1.54 0.94
N SER J 120 25.23 0.93 1.40
CA SER J 120 25.11 0.40 2.76
C SER J 120 25.93 -0.89 2.94
N ILE J 121 26.58 -0.99 4.11
CA ILE J 121 27.44 -2.13 4.44
C ILE J 121 26.98 -2.81 5.73
N ARG J 122 26.82 -4.13 5.67
CA ARG J 122 26.63 -4.95 6.88
C ARG J 122 27.99 -5.34 7.42
N TYR J 123 28.21 -5.05 8.71
CA TYR J 123 29.49 -5.32 9.36
C TYR J 123 29.41 -6.55 10.25
N THR J 124 30.47 -7.35 10.21
CA THR J 124 30.57 -8.57 11.01
C THR J 124 31.91 -8.59 11.75
N HIS J 125 31.83 -8.49 13.08
CA HIS J 125 33.01 -8.53 13.94
C HIS J 125 33.26 -9.97 14.41
N SER J 126 34.47 -10.45 14.19
CA SER J 126 34.86 -11.81 14.53
C SER J 126 36.21 -11.88 15.24
N ILE J 127 36.29 -12.71 16.27
CA ILE J 127 37.48 -12.88 17.09
C ILE J 127 38.41 -13.91 16.46
N VAL J 128 39.70 -13.55 16.35
CA VAL J 128 40.74 -14.41 15.76
C VAL J 128 41.06 -15.67 16.58
N ARG J 129 40.86 -15.58 17.89
CA ARG J 129 41.10 -16.69 18.81
C ARG J 129 39.83 -17.54 18.99
N ARG K 1 -3.96 52.91 -25.42
CA ARG K 1 -3.13 51.72 -25.77
C ARG K 1 -3.85 50.39 -25.46
N TYR K 2 -5.14 50.49 -25.09
CA TYR K 2 -5.95 49.31 -24.78
C TYR K 2 -7.19 49.14 -25.68
N LYS K 3 -7.29 49.99 -26.69
CA LYS K 3 -8.33 49.88 -27.73
C LYS K 3 -8.03 48.72 -28.67
N ALA K 4 -9.08 48.17 -29.27
CA ALA K 4 -8.97 47.01 -30.18
C ALA K 4 -8.22 47.34 -31.46
N GLY K 5 -7.21 46.53 -31.78
CA GLY K 5 -6.36 46.72 -32.95
C GLY K 5 -4.98 46.13 -32.79
N VAL K 6 -4.27 46.01 -33.91
CA VAL K 6 -2.92 45.44 -33.95
C VAL K 6 -1.89 46.56 -33.81
N LEU K 7 -1.06 46.46 -32.76
CA LEU K 7 0.03 47.40 -32.50
C LEU K 7 1.38 46.69 -32.43
N LYS K 8 2.43 47.43 -32.79
CA LYS K 8 3.81 46.93 -32.76
C LYS K 8 4.28 46.71 -31.33
N TYR K 9 5.17 45.73 -31.15
CA TYR K 9 5.68 45.32 -29.83
C TYR K 9 6.52 46.40 -29.13
N ALA K 10 7.21 47.22 -29.91
CA ALA K 10 7.97 48.37 -29.39
C ALA K 10 7.05 49.48 -28.87
N GLN K 11 5.91 49.66 -29.55
CA GLN K 11 4.89 50.65 -29.17
C GLN K 11 4.05 50.17 -27.99
N MET K 12 3.90 48.84 -27.88
CA MET K 12 3.08 48.21 -26.84
C MET K 12 3.72 48.28 -25.46
N GLY K 13 5.06 48.37 -25.41
CA GLY K 13 5.79 48.55 -24.16
C GLY K 13 6.63 47.35 -23.78
N TYR K 14 7.57 46.98 -24.65
CA TYR K 14 8.46 45.84 -24.42
C TYR K 14 9.94 46.20 -24.63
N TRP K 15 10.18 47.31 -25.33
CA TRP K 15 11.50 47.87 -25.52
C TRP K 15 11.70 49.08 -24.61
N ASP K 16 12.78 49.07 -23.83
CA ASP K 16 13.16 50.19 -22.96
C ASP K 16 14.68 50.25 -22.83
N GLY K 17 15.27 51.23 -23.51
CA GLY K 17 16.72 51.42 -23.54
C GLY K 17 17.33 51.89 -22.23
N ASP K 18 16.54 52.62 -21.43
CA ASP K 18 16.99 53.17 -20.16
C ASP K 18 16.81 52.23 -18.97
N TYR K 19 16.24 51.04 -19.23
CA TYR K 19 15.99 50.02 -18.21
C TYR K 19 17.29 49.39 -17.71
N VAL K 20 17.43 49.35 -16.39
CA VAL K 20 18.54 48.67 -15.73
C VAL K 20 17.97 47.45 -15.00
N PRO K 21 18.48 46.23 -15.32
CA PRO K 21 17.97 45.00 -14.70
C PRO K 21 18.34 44.87 -13.22
N LYS K 22 17.38 44.37 -12.43
CA LYS K 22 17.57 44.14 -11.00
C LYS K 22 18.35 42.85 -10.75
N ASP K 23 18.77 42.67 -9.49
CA ASP K 23 19.49 41.46 -9.07
C ASP K 23 18.63 40.20 -9.10
N THR K 24 17.31 40.38 -8.95
CA THR K 24 16.34 39.28 -9.05
C THR K 24 15.62 39.30 -10.40
N ASP K 25 16.40 39.10 -11.46
CA ASP K 25 15.89 39.02 -12.82
C ASP K 25 16.63 37.98 -13.66
N VAL K 26 15.86 37.15 -14.35
CA VAL K 26 16.40 36.15 -15.26
C VAL K 26 16.75 36.85 -16.58
N LEU K 27 18.04 36.84 -16.91
CA LEU K 27 18.54 37.48 -18.13
C LEU K 27 18.84 36.44 -19.21
N ALA K 28 18.51 36.78 -20.45
CA ALA K 28 18.73 35.88 -21.59
C ALA K 28 19.28 36.64 -22.79
N LEU K 29 20.29 36.06 -23.43
CA LEU K 29 20.82 36.57 -24.69
C LEU K 29 20.23 35.85 -25.90
N PHE K 30 20.00 36.63 -26.95
CA PHE K 30 19.52 36.08 -28.21
C PHE K 30 20.33 36.63 -29.38
N ARG K 31 20.91 35.71 -30.15
CA ARG K 31 21.60 36.03 -31.38
C ARG K 31 20.58 36.01 -32.52
N ILE K 32 20.01 37.18 -32.80
CA ILE K 32 18.88 37.31 -33.73
C ILE K 32 19.33 37.77 -35.12
N THR K 33 18.96 36.99 -36.12
CA THR K 33 19.07 37.39 -37.53
C THR K 33 17.66 37.77 -38.02
N PRO K 34 17.39 39.07 -38.18
CA PRO K 34 16.05 39.52 -38.61
C PRO K 34 15.87 39.41 -40.12
N GLN K 35 14.61 39.37 -40.55
CA GLN K 35 14.24 39.35 -41.97
C GLN K 35 14.52 40.70 -42.65
N GLU K 36 14.57 40.70 -43.98
CA GLU K 36 14.81 41.90 -44.77
C GLU K 36 13.66 42.90 -44.63
N GLY K 37 13.92 43.99 -43.91
CA GLY K 37 12.91 45.01 -43.63
C GLY K 37 12.58 45.16 -42.15
N VAL K 38 12.71 44.06 -41.40
CA VAL K 38 12.43 44.04 -39.96
C VAL K 38 13.57 44.72 -39.18
N ASP K 39 13.19 45.71 -38.37
CA ASP K 39 14.12 46.46 -37.52
C ASP K 39 14.59 45.60 -36.33
N PRO K 40 15.89 45.67 -35.97
CA PRO K 40 16.44 44.92 -34.82
C PRO K 40 15.79 45.25 -33.47
N VAL K 41 15.28 46.48 -33.33
CA VAL K 41 14.55 46.90 -32.12
C VAL K 41 13.19 46.19 -32.06
N GLU K 42 12.50 46.12 -33.20
CA GLU K 42 11.24 45.39 -33.34
C GLU K 42 11.44 43.87 -33.19
N ALA K 43 12.57 43.38 -33.70
CA ALA K 43 12.96 41.98 -33.60
C ALA K 43 13.21 41.55 -32.15
N ALA K 44 13.82 42.43 -31.37
CA ALA K 44 14.09 42.20 -29.95
C ALA K 44 12.81 42.17 -29.13
N ALA K 45 11.93 43.14 -29.42
CA ALA K 45 10.66 43.30 -28.70
C ALA K 45 9.67 42.16 -28.99
N ALA K 46 9.77 41.57 -30.18
CA ALA K 46 8.97 40.40 -30.57
C ALA K 46 9.38 39.16 -29.78
N VAL K 47 10.69 39.03 -29.53
CA VAL K 47 11.25 37.96 -28.71
C VAL K 47 10.89 38.19 -27.23
N ALA K 48 11.04 39.44 -26.78
CA ALA K 48 10.68 39.85 -25.43
C ALA K 48 9.18 39.73 -25.14
N GLY K 49 8.36 39.90 -26.18
CA GLY K 49 6.91 39.85 -26.06
C GLY K 49 6.36 38.45 -25.81
N GLU K 50 6.46 37.59 -26.83
CA GLU K 50 5.85 36.26 -26.81
C GLU K 50 6.39 35.32 -25.73
N SER K 51 7.64 35.52 -25.33
CA SER K 51 8.26 34.72 -24.27
C SER K 51 7.71 34.99 -22.86
N SER K 52 6.92 36.07 -22.72
CA SER K 52 6.30 36.41 -21.45
C SER K 52 4.76 36.54 -21.54
N THR K 53 4.28 37.76 -21.78
CA THR K 53 2.85 38.09 -21.67
C THR K 53 2.38 38.96 -22.84
N ALA K 54 2.43 38.41 -24.05
CA ALA K 54 1.99 39.14 -25.25
C ALA K 54 1.29 38.27 -26.30
N THR K 55 0.36 38.92 -27.02
CA THR K 55 -0.29 38.36 -28.21
C THR K 55 -0.32 39.43 -29.31
N TRP K 56 -0.61 38.99 -30.55
CA TRP K 56 -0.56 39.84 -31.74
C TRP K 56 -1.48 41.07 -31.74
N THR K 57 -2.62 40.96 -31.05
CA THR K 57 -3.56 42.08 -30.88
C THR K 57 -3.77 42.44 -29.39
N VAL K 58 -4.26 43.65 -29.14
CA VAL K 58 -4.46 44.16 -27.78
C VAL K 58 -5.77 43.64 -27.18
N VAL K 59 -5.67 43.12 -25.95
CA VAL K 59 -6.84 42.63 -25.19
C VAL K 59 -7.17 43.55 -24.00
N TRP K 60 -8.44 43.62 -23.64
CA TRP K 60 -8.91 44.43 -22.51
C TRP K 60 -8.58 43.81 -21.14
N THR K 61 -8.35 42.50 -21.14
CA THR K 61 -8.01 41.72 -19.92
C THR K 61 -6.62 42.06 -19.36
N ASP K 62 -5.81 42.76 -20.16
CA ASP K 62 -4.51 43.31 -19.74
C ASP K 62 -4.65 44.37 -18.64
N ARG K 63 -5.78 45.07 -18.62
CA ARG K 63 -6.06 46.12 -17.62
C ARG K 63 -6.40 45.56 -16.24
N LEU K 64 -6.73 44.27 -16.18
CA LEU K 64 -7.04 43.58 -14.92
C LEU K 64 -5.78 43.35 -14.08
N THR K 65 -4.81 42.63 -14.65
CA THR K 65 -3.52 42.36 -14.00
C THR K 65 -2.53 43.53 -14.20
N ALA K 66 -1.62 43.71 -13.25
CA ALA K 66 -0.61 44.76 -13.33
C ALA K 66 0.50 44.40 -14.32
N CYS K 67 0.26 44.71 -15.59
CA CYS K 67 1.12 44.31 -16.72
C CYS K 67 2.57 44.82 -16.67
N ASP K 68 2.77 45.97 -16.02
CA ASP K 68 4.09 46.61 -15.89
C ASP K 68 5.14 45.75 -15.16
N SER K 69 4.67 44.80 -14.35
CA SER K 69 5.53 43.86 -13.62
C SER K 69 5.75 42.56 -14.37
N TYR K 70 4.70 42.08 -15.07
CA TYR K 70 4.71 40.77 -15.72
C TYR K 70 5.39 40.72 -17.08
N ARG K 71 5.42 41.87 -17.77
CA ARG K 71 6.01 41.98 -19.12
C ARG K 71 7.52 41.90 -19.09
N ALA K 72 8.08 41.09 -19.99
CA ALA K 72 9.53 41.02 -20.18
C ALA K 72 10.02 42.22 -20.98
N LYS K 73 11.21 42.70 -20.62
CA LYS K 73 11.74 43.93 -21.18
C LYS K 73 13.12 43.71 -21.78
N ALA K 74 13.23 44.01 -23.08
CA ALA K 74 14.51 44.03 -23.77
C ALA K 74 15.19 45.38 -23.52
N TYR K 75 16.40 45.34 -22.96
CA TYR K 75 17.05 46.58 -22.50
C TYR K 75 18.15 47.15 -23.38
N ARG K 76 18.95 46.28 -24.01
CA ARG K 76 19.94 46.73 -25.01
C ARG K 76 20.15 45.77 -26.17
N VAL K 77 20.36 46.36 -27.35
CA VAL K 77 20.64 45.62 -28.59
C VAL K 77 21.96 46.11 -29.18
N GLU K 78 22.91 45.19 -29.33
CA GLU K 78 24.21 45.47 -29.93
C GLU K 78 24.51 44.55 -31.12
N PRO K 79 25.08 45.10 -32.22
CA PRO K 79 25.45 44.30 -33.38
C PRO K 79 26.63 43.38 -33.10
N VAL K 80 26.56 42.15 -33.62
CA VAL K 80 27.61 41.14 -33.48
C VAL K 80 28.79 41.51 -34.38
N PRO K 81 30.01 41.60 -33.80
CA PRO K 81 31.22 41.87 -34.61
C PRO K 81 31.57 40.71 -35.55
N GLY K 82 31.88 41.04 -36.81
CA GLY K 82 32.20 40.05 -37.83
C GLY K 82 31.07 39.86 -38.83
N THR K 83 29.86 39.65 -38.30
CA THR K 83 28.65 39.45 -39.12
C THR K 83 27.95 40.78 -39.43
N PRO K 84 27.59 41.02 -40.71
CA PRO K 84 26.93 42.27 -41.13
C PRO K 84 25.48 42.41 -40.65
N GLY K 85 24.74 41.31 -40.62
CA GLY K 85 23.31 41.34 -40.28
C GLY K 85 22.92 40.36 -39.17
N GLN K 86 23.47 40.60 -37.98
CA GLN K 86 23.20 39.77 -36.80
C GLN K 86 23.34 40.62 -35.53
N TYR K 87 22.43 40.41 -34.58
CA TYR K 87 22.36 41.24 -33.37
C TYR K 87 22.23 40.45 -32.08
N PHE K 88 22.92 40.91 -31.05
CA PHE K 88 22.72 40.43 -29.68
C PHE K 88 21.55 41.17 -29.03
N CYS K 89 20.67 40.44 -28.36
CA CYS K 89 19.52 41.03 -27.67
C CYS K 89 19.39 40.53 -26.25
N TYR K 90 19.43 41.47 -25.31
CA TYR K 90 19.37 41.18 -23.88
C TYR K 90 17.95 41.36 -23.37
N VAL K 91 17.34 40.27 -22.93
CA VAL K 91 15.96 40.27 -22.44
C VAL K 91 15.92 39.94 -20.95
N ALA K 92 15.19 40.76 -20.19
CA ALA K 92 15.03 40.57 -18.75
C ALA K 92 13.65 40.00 -18.40
N TYR K 93 13.64 38.96 -17.57
CA TYR K 93 12.42 38.30 -17.10
C TYR K 93 12.36 38.37 -15.58
N ASP K 94 11.15 38.54 -15.05
CA ASP K 94 10.93 38.58 -13.60
C ASP K 94 10.60 37.21 -13.02
N LEU K 95 10.98 36.99 -11.76
CA LEU K 95 10.78 35.70 -11.04
C LEU K 95 9.32 35.29 -10.86
N ILE K 96 8.40 36.25 -11.02
CA ILE K 96 6.95 36.03 -10.91
C ILE K 96 6.39 35.10 -11.99
N LEU K 97 7.15 34.95 -13.09
CA LEU K 97 6.74 34.16 -14.25
C LEU K 97 7.18 32.69 -14.17
N PHE K 98 8.13 32.39 -13.28
CA PHE K 98 8.74 31.07 -13.20
C PHE K 98 8.32 30.28 -11.96
N GLU K 99 8.09 28.98 -12.16
CA GLU K 99 7.76 28.05 -11.09
C GLU K 99 9.03 27.63 -10.35
N GLU K 100 8.92 27.51 -9.02
CA GLU K 100 10.03 27.13 -8.15
C GLU K 100 10.38 25.65 -8.31
N GLY K 101 11.59 25.39 -8.77
CA GLY K 101 12.11 24.03 -8.93
C GLY K 101 11.52 23.26 -10.10
N SER K 102 11.54 23.88 -11.29
CA SER K 102 11.05 23.27 -12.52
C SER K 102 11.82 23.79 -13.74
N ILE K 103 12.49 22.86 -14.43
CA ILE K 103 13.22 23.17 -15.66
C ILE K 103 12.23 23.31 -16.83
N ALA K 104 11.21 22.44 -16.84
CA ALA K 104 10.17 22.41 -17.86
C ALA K 104 9.40 23.73 -18.01
N ASN K 105 9.14 24.39 -16.88
CA ASN K 105 8.44 25.68 -16.84
C ASN K 105 9.32 26.82 -17.37
N LEU K 106 10.61 26.75 -17.06
CA LEU K 106 11.60 27.75 -17.50
C LEU K 106 11.78 27.76 -19.01
N THR K 107 11.78 26.56 -19.60
CA THR K 107 11.92 26.37 -21.06
C THR K 107 10.63 26.71 -21.82
N ALA K 108 9.49 26.45 -21.19
CA ALA K 108 8.17 26.76 -21.77
C ALA K 108 7.95 28.27 -21.93
N SER K 109 8.58 29.05 -21.05
CA SER K 109 8.50 30.51 -21.10
C SER K 109 9.47 31.08 -22.13
N ILE K 110 10.77 30.87 -21.92
CA ILE K 110 11.83 31.54 -22.68
C ILE K 110 11.96 31.03 -24.13
N ILE K 111 12.15 29.72 -24.29
CA ILE K 111 12.34 29.13 -25.63
C ILE K 111 11.05 28.53 -26.22
N GLY K 112 9.90 29.02 -25.74
CA GLY K 112 8.58 28.50 -26.10
C GLY K 112 8.20 28.62 -27.57
N ASN K 113 7.83 29.83 -27.98
CA ASN K 113 7.33 30.08 -29.34
C ASN K 113 8.12 31.14 -30.13
N VAL K 114 9.19 31.66 -29.52
CA VAL K 114 9.99 32.75 -30.11
C VAL K 114 10.82 32.34 -31.34
N PHE K 115 11.16 31.05 -31.43
CA PHE K 115 11.97 30.52 -32.53
C PHE K 115 11.20 30.43 -33.84
N SER K 116 9.94 30.04 -33.76
CA SER K 116 9.09 29.80 -34.93
C SER K 116 8.44 31.07 -35.51
N PHE K 117 8.94 32.24 -35.12
CA PHE K 117 8.46 33.53 -35.62
C PHE K 117 8.84 33.80 -37.06
N LYS K 118 7.88 34.34 -37.82
CA LYS K 118 8.09 34.74 -39.22
C LYS K 118 9.01 35.96 -39.43
N PRO K 119 8.95 36.99 -38.54
CA PRO K 119 9.86 38.15 -38.73
C PRO K 119 11.34 37.89 -38.44
N LEU K 120 11.67 36.70 -37.92
CA LEU K 120 13.05 36.31 -37.64
C LEU K 120 13.51 35.19 -38.58
N LYS K 121 14.69 35.36 -39.16
CA LYS K 121 15.28 34.34 -40.03
C LYS K 121 15.88 33.20 -39.20
N ALA K 122 16.71 33.56 -38.22
CA ALA K 122 17.34 32.59 -37.31
C ALA K 122 17.66 33.23 -35.97
N ALA K 123 17.25 32.57 -34.90
CA ALA K 123 17.53 33.00 -33.54
C ALA K 123 18.30 31.92 -32.77
N ARG K 124 19.28 32.34 -31.97
CA ARG K 124 20.04 31.42 -31.14
C ARG K 124 20.19 31.94 -29.72
N LEU K 125 19.91 31.07 -28.75
CA LEU K 125 20.08 31.38 -27.33
C LEU K 125 21.54 31.12 -26.94
N GLU K 126 22.24 32.20 -26.60
CA GLU K 126 23.69 32.16 -26.36
C GLU K 126 24.06 31.87 -24.90
N ASP K 127 23.50 32.67 -23.98
CA ASP K 127 23.78 32.53 -22.55
C ASP K 127 22.60 33.02 -21.71
N MET K 128 22.52 32.50 -20.49
CA MET K 128 21.43 32.82 -19.56
C MET K 128 21.96 33.06 -18.15
N ARG K 129 21.49 34.15 -17.54
CA ARG K 129 21.83 34.49 -16.15
C ARG K 129 20.72 34.03 -15.21
N PHE K 130 21.10 33.31 -14.17
CA PHE K 130 20.19 32.93 -13.10
C PHE K 130 20.55 33.68 -11.83
N PRO K 131 19.57 34.36 -11.20
CA PRO K 131 19.76 35.00 -9.90
C PRO K 131 19.95 33.99 -8.77
N VAL K 132 20.52 34.46 -7.65
CA VAL K 132 20.74 33.65 -6.46
C VAL K 132 19.41 33.15 -5.86
N ALA K 133 18.37 33.96 -6.01
CA ALA K 133 17.01 33.63 -5.58
C ALA K 133 16.40 32.44 -6.31
N TYR K 134 16.79 32.25 -7.56
CA TYR K 134 16.26 31.18 -8.42
C TYR K 134 17.02 29.86 -8.30
N VAL K 135 18.34 29.93 -8.11
CA VAL K 135 19.17 28.72 -8.00
C VAL K 135 18.96 27.94 -6.69
N LYS K 136 18.53 28.64 -5.65
CA LYS K 136 18.33 28.03 -4.33
C LYS K 136 17.08 27.16 -4.23
N THR K 137 16.14 27.34 -5.16
CA THR K 137 14.93 26.52 -5.23
C THR K 137 15.22 25.09 -5.71
N TYR K 138 16.30 24.95 -6.48
CA TYR K 138 16.76 23.66 -6.99
C TYR K 138 17.69 22.94 -6.02
N LYS K 139 17.61 21.61 -6.01
CA LYS K 139 18.43 20.77 -5.13
C LYS K 139 19.88 20.68 -5.59
N GLY K 140 20.09 20.62 -6.91
CA GLY K 140 21.42 20.47 -7.50
C GLY K 140 21.83 19.01 -7.68
N PRO K 141 23.09 18.76 -8.10
CA PRO K 141 23.62 17.40 -8.30
C PRO K 141 23.65 16.56 -7.02
N PRO K 142 23.31 15.26 -7.13
CA PRO K 142 23.25 14.34 -5.99
C PRO K 142 24.53 14.24 -5.14
N THR K 143 25.69 14.19 -5.79
CA THR K 143 26.97 14.07 -5.09
C THR K 143 27.94 15.20 -5.41
N GLY K 144 28.18 15.43 -6.70
CA GLY K 144 29.15 16.42 -7.16
C GLY K 144 30.52 15.83 -7.41
N ILE K 145 31.53 16.71 -7.54
CA ILE K 145 32.93 16.30 -7.73
C ILE K 145 33.53 15.80 -6.41
N VAL K 146 33.31 16.57 -5.34
CA VAL K 146 33.79 16.25 -3.99
C VAL K 146 33.18 14.94 -3.47
N GLY K 147 31.86 14.83 -3.57
CA GLY K 147 31.10 13.67 -3.07
C GLY K 147 31.42 12.34 -3.75
N GLU K 148 31.70 12.40 -5.06
CA GLU K 148 31.98 11.20 -5.85
C GLU K 148 33.37 10.62 -5.59
N ARG K 149 34.39 11.48 -5.58
CA ARG K 149 35.79 11.08 -5.38
C ARG K 149 36.05 10.47 -4.00
N GLU K 150 35.28 10.91 -3.01
CA GLU K 150 35.35 10.36 -1.65
C GLU K 150 34.78 8.95 -1.56
N ARG K 151 33.78 8.66 -2.41
CA ARG K 151 33.14 7.34 -2.48
C ARG K 151 34.01 6.30 -3.15
N LEU K 152 34.77 6.71 -4.16
CA LEU K 152 35.63 5.83 -4.95
C LEU K 152 37.07 5.76 -4.43
N ASP K 153 37.42 6.71 -3.56
CA ASP K 153 38.77 6.88 -2.99
C ASP K 153 39.88 7.04 -4.05
N LYS K 154 39.57 7.85 -5.07
CA LYS K 154 40.48 8.11 -6.18
C LYS K 154 40.71 9.61 -6.34
N PHE K 155 41.96 10.04 -6.15
CA PHE K 155 42.32 11.46 -6.13
C PHE K 155 43.59 11.74 -6.95
N GLY K 156 43.65 12.92 -7.56
CA GLY K 156 44.88 13.45 -8.16
C GLY K 156 45.09 13.27 -9.66
N LYS K 157 44.09 12.70 -10.34
CA LYS K 157 44.14 12.46 -11.78
C LYS K 157 42.72 12.27 -12.36
N PRO K 158 42.56 12.39 -13.69
CA PRO K 158 41.26 12.08 -14.30
C PRO K 158 40.85 10.61 -14.17
N LEU K 159 39.56 10.38 -13.95
CA LEU K 159 38.99 9.04 -13.90
C LEU K 159 38.86 8.47 -15.32
N LEU K 160 39.31 7.24 -15.51
CA LEU K 160 39.31 6.61 -16.85
C LEU K 160 38.08 5.76 -17.12
N GLY K 161 37.59 5.85 -18.35
CA GLY K 161 36.41 5.10 -18.80
C GLY K 161 36.59 4.48 -20.16
N ALA K 162 35.68 3.56 -20.51
CA ALA K 162 35.62 2.92 -21.82
C ALA K 162 34.22 2.44 -22.14
N THR K 163 33.79 2.68 -23.38
CA THR K 163 32.50 2.22 -23.87
C THR K 163 32.65 0.80 -24.42
N THR K 164 31.74 -0.08 -24.01
CA THR K 164 31.75 -1.50 -24.44
C THR K 164 31.42 -1.60 -25.93
N LYS K 165 32.40 -2.08 -26.70
CA LYS K 165 32.30 -2.20 -28.15
C LYS K 165 32.20 -3.67 -28.57
N PRO K 166 31.37 -4.01 -29.58
CA PRO K 166 30.56 -3.06 -30.36
C PRO K 166 29.34 -2.51 -29.61
N LYS K 167 28.70 -1.50 -30.21
CA LYS K 167 27.54 -0.81 -29.63
C LYS K 167 26.41 -1.79 -29.31
N LEU K 168 25.87 -2.44 -30.34
CA LEU K 168 24.84 -3.48 -30.19
C LEU K 168 25.34 -4.83 -30.72
N GLY K 169 24.79 -5.91 -30.17
CA GLY K 169 25.08 -7.26 -30.67
C GLY K 169 25.45 -8.30 -29.63
N LEU K 170 26.25 -7.88 -28.64
CA LEU K 170 26.78 -8.79 -27.62
C LEU K 170 25.71 -9.30 -26.65
N SER K 171 25.74 -10.60 -26.38
CA SER K 171 24.85 -11.23 -25.41
C SER K 171 25.34 -11.01 -23.98
N GLY K 172 24.45 -11.23 -23.01
CA GLY K 172 24.71 -10.99 -21.58
C GLY K 172 25.98 -11.60 -21.01
N LYS K 173 26.29 -12.83 -21.42
CA LYS K 173 27.49 -13.55 -21.00
C LYS K 173 28.78 -12.86 -21.50
N ASN K 174 28.81 -12.55 -22.79
CA ASN K 174 29.98 -11.97 -23.45
C ASN K 174 30.19 -10.50 -23.14
N TYR K 175 29.08 -9.79 -22.87
CA TYR K 175 29.10 -8.37 -22.55
C TYR K 175 29.87 -8.10 -21.26
N GLY K 176 29.65 -8.94 -20.25
CA GLY K 176 30.35 -8.87 -18.98
C GLY K 176 31.82 -9.23 -19.06
N ARG K 177 32.18 -10.08 -20.03
CA ARG K 177 33.57 -10.49 -20.26
C ARG K 177 34.44 -9.34 -20.79
N VAL K 178 33.85 -8.47 -21.60
CA VAL K 178 34.52 -7.26 -22.08
C VAL K 178 34.71 -6.27 -20.92
N VAL K 179 33.68 -6.17 -20.08
CA VAL K 179 33.69 -5.33 -18.88
C VAL K 179 34.75 -5.80 -17.87
N TYR K 180 34.83 -7.12 -17.68
CA TYR K 180 35.80 -7.73 -16.77
C TYR K 180 37.26 -7.50 -17.20
N GLU K 181 37.52 -7.64 -18.50
CA GLU K 181 38.86 -7.45 -19.06
C GLU K 181 39.29 -5.98 -19.08
N GLY K 182 38.30 -5.08 -19.16
CA GLY K 182 38.54 -3.63 -19.13
C GLY K 182 38.93 -3.13 -17.76
N LEU K 183 38.13 -3.47 -16.76
CA LEU K 183 38.32 -2.99 -15.37
C LEU K 183 39.57 -3.56 -14.70
N LYS K 184 39.90 -4.82 -14.99
CA LYS K 184 41.09 -5.47 -14.43
C LYS K 184 42.39 -4.95 -15.04
N GLY K 185 42.30 -4.48 -16.29
CA GLY K 185 43.44 -3.92 -17.01
C GLY K 185 43.96 -2.61 -16.43
N GLY K 186 43.04 -1.77 -15.94
CA GLY K 186 43.40 -0.50 -15.32
C GLY K 186 42.36 0.60 -15.35
N LEU K 187 41.24 0.33 -16.02
CA LEU K 187 40.16 1.31 -16.16
C LEU K 187 39.32 1.42 -14.88
N ASP K 188 38.89 2.64 -14.58
CA ASP K 188 38.05 2.92 -13.41
C ASP K 188 36.58 2.65 -13.70
N PHE K 189 36.16 2.90 -14.94
CA PHE K 189 34.77 2.71 -15.36
C PHE K 189 34.64 2.01 -16.71
N MET K 190 33.58 1.22 -16.82
CA MET K 190 33.07 0.73 -18.10
C MET K 190 31.64 1.25 -18.24
N ASP K 192 27.62 1.22 -20.62
CA ASP K 192 26.69 0.85 -21.68
C ASP K 192 26.65 1.94 -22.74
N ASP K 193 26.38 1.53 -23.98
CA ASP K 193 26.16 2.46 -25.08
C ASP K 193 24.78 3.10 -24.95
N GLU K 194 24.63 4.31 -25.49
CA GLU K 194 23.39 5.10 -25.37
C GLU K 194 22.14 4.44 -25.99
N ASN K 195 22.34 3.63 -27.03
CA ASN K 195 21.24 2.92 -27.70
C ASN K 195 20.87 1.58 -27.06
N ILE K 196 21.79 1.03 -26.26
CA ILE K 196 21.56 -0.22 -25.52
C ILE K 196 20.55 0.01 -24.40
N ASN K 197 19.46 -0.75 -24.45
CA ASN K 197 18.41 -0.71 -23.43
C ASN K 197 17.88 -2.12 -23.12
N SER K 198 16.84 -2.55 -23.84
CA SER K 198 16.25 -3.87 -23.66
C SER K 198 15.88 -4.50 -25.01
N GLN K 199 16.89 -4.72 -25.82
CA GLN K 199 16.75 -5.27 -27.18
C GLN K 199 16.42 -6.77 -27.17
N PRO K 200 15.86 -7.31 -28.28
CA PRO K 200 15.54 -8.74 -28.39
C PRO K 200 16.72 -9.71 -28.20
N PHE K 201 17.93 -9.29 -28.56
CA PHE K 201 19.11 -10.14 -28.44
C PHE K 201 19.65 -10.29 -27.01
N MET K 202 19.47 -9.24 -26.20
CA MET K 202 19.92 -9.22 -24.80
C MET K 202 18.99 -8.37 -23.93
N HIS K 203 18.35 -9.03 -22.98
CA HIS K 203 17.45 -8.38 -22.02
C HIS K 203 18.25 -7.62 -20.97
N TRP K 204 17.69 -6.50 -20.49
CA TRP K 204 18.37 -5.62 -19.54
C TRP K 204 18.70 -6.27 -18.20
N ARG K 205 17.76 -7.05 -17.67
CA ARG K 205 17.90 -7.68 -16.36
C ARG K 205 18.99 -8.76 -16.34
N ASP K 206 19.25 -9.35 -17.51
CA ASP K 206 20.36 -10.28 -17.70
C ASP K 206 21.71 -9.56 -17.74
N ARG K 207 21.75 -8.42 -18.45
CA ARG K 207 22.95 -7.59 -18.54
C ARG K 207 23.41 -7.08 -17.17
N PHE K 208 22.46 -6.56 -16.40
CA PHE K 208 22.69 -6.02 -15.06
C PHE K 208 23.33 -7.02 -14.09
N LEU K 209 22.92 -8.29 -14.19
CA LEU K 209 23.45 -9.37 -13.35
C LEU K 209 24.89 -9.75 -13.70
N TYR K 210 25.16 -9.87 -15.00
CA TYR K 210 26.46 -10.34 -15.48
C TYR K 210 27.59 -9.31 -15.39
N VAL K 211 27.25 -8.03 -15.49
CA VAL K 211 28.26 -6.97 -15.34
C VAL K 211 28.64 -6.73 -13.88
N MET K 212 27.69 -6.93 -12.96
CA MET K 212 27.93 -6.77 -11.53
C MET K 212 28.85 -7.86 -10.95
N GLU K 213 28.76 -9.06 -11.52
CA GLU K 213 29.70 -10.14 -11.20
C GLU K 213 31.10 -9.82 -11.74
N ALA K 214 31.14 -9.17 -12.91
CA ALA K 214 32.39 -8.73 -13.53
C ALA K 214 33.05 -7.57 -12.80
N VAL K 215 32.23 -6.70 -12.20
CA VAL K 215 32.72 -5.56 -11.41
C VAL K 215 33.40 -6.04 -10.12
N ASN K 216 32.72 -6.92 -9.39
CA ASN K 216 33.21 -7.43 -8.10
C ASN K 216 34.42 -8.36 -8.24
N LEU K 217 34.49 -9.10 -9.33
CA LEU K 217 35.66 -9.94 -9.64
C LEU K 217 36.89 -9.10 -9.96
N ALA K 218 36.67 -7.97 -10.64
CA ALA K 218 37.73 -7.01 -10.94
C ALA K 218 38.16 -6.23 -9.70
N SER K 219 37.20 -5.94 -8.82
CA SER K 219 37.45 -5.21 -7.57
C SER K 219 38.28 -6.01 -6.57
N ALA K 220 38.09 -7.33 -6.57
CA ALA K 220 38.82 -8.24 -5.70
C ALA K 220 40.27 -8.46 -6.15
N GLN K 221 40.48 -8.39 -7.47
CA GLN K 221 41.78 -8.70 -8.08
C GLN K 221 42.69 -7.49 -8.25
N THR K 222 42.11 -6.29 -8.20
CA THR K 222 42.88 -5.04 -8.33
C THR K 222 42.98 -4.29 -6.99
N GLY K 223 41.95 -4.44 -6.15
CA GLY K 223 41.87 -3.74 -4.88
C GLY K 223 41.30 -2.33 -4.97
N GLU K 224 40.67 -2.02 -6.10
CA GLU K 224 40.05 -0.73 -6.34
C GLU K 224 38.53 -0.85 -6.45
N VAL K 225 37.82 0.23 -6.15
CA VAL K 225 36.37 0.30 -6.32
C VAL K 225 36.08 0.57 -7.81
N LYS K 226 35.49 -0.42 -8.47
CA LYS K 226 35.16 -0.34 -9.90
C LYS K 226 33.67 -0.08 -10.10
N GLY K 227 33.32 0.42 -11.28
CA GLY K 227 31.93 0.73 -11.61
C GLY K 227 31.58 0.54 -13.07
N HIS K 228 30.29 0.36 -13.33
CA HIS K 228 29.75 0.28 -14.68
C HIS K 228 28.51 1.16 -14.79
N TYR K 229 28.50 2.07 -15.77
CA TYR K 229 27.34 2.95 -15.99
C TYR K 229 26.20 2.13 -16.58
N LEU K 230 25.22 1.81 -15.73
CA LEU K 230 24.07 1.01 -16.12
C LEU K 230 22.99 1.89 -16.74
N ASN K 231 22.69 1.63 -18.02
CA ASN K 231 21.70 2.39 -18.77
C ASN K 231 20.29 2.01 -18.35
N ILE K 232 19.55 2.98 -17.84
CA ILE K 232 18.19 2.75 -17.34
C ILE K 232 17.08 3.28 -18.27
N THR K 233 17.49 3.95 -19.35
CA THR K 233 16.58 4.57 -20.33
C THR K 233 15.51 3.60 -20.82
N ALA K 234 14.25 3.99 -20.60
CA ALA K 234 13.10 3.16 -20.95
C ALA K 234 11.99 3.98 -21.63
N GLY K 235 10.95 3.29 -22.10
CA GLY K 235 9.79 3.91 -22.73
C GLY K 235 8.92 4.70 -21.76
N THR K 236 8.62 4.09 -20.62
CA THR K 236 7.80 4.71 -19.58
C THR K 236 8.59 4.90 -18.29
N MET K 237 8.05 5.72 -17.38
CA MET K 237 8.65 5.95 -16.06
C MET K 237 8.53 4.75 -15.12
N GLU K 238 7.45 4.00 -15.27
CA GLU K 238 7.20 2.79 -14.49
C GLU K 238 8.27 1.71 -14.72
N GLU K 239 8.67 1.57 -16.00
CA GLU K 239 9.76 0.69 -16.39
C GLU K 239 11.11 1.24 -15.94
N MET K 240 11.24 2.57 -15.95
CA MET K 240 12.46 3.27 -15.62
C MET K 240 12.83 3.21 -14.13
N TYR K 241 11.81 3.31 -13.26
CA TYR K 241 12.01 3.16 -11.81
C TYR K 241 12.36 1.72 -11.42
N ARG K 242 11.77 0.76 -12.13
CA ARG K 242 12.02 -0.66 -11.89
C ARG K 242 13.45 -1.09 -12.27
N ARG K 243 14.01 -0.43 -13.28
CA ARG K 243 15.39 -0.66 -13.70
C ARG K 243 16.40 -0.05 -12.73
N ALA K 244 16.03 1.10 -12.15
CA ALA K 244 16.86 1.81 -11.18
C ALA K 244 16.89 1.10 -9.83
N GLU K 245 15.73 0.62 -9.38
CA GLU K 245 15.59 -0.09 -8.11
C GLU K 245 16.33 -1.43 -8.08
N PHE K 246 16.39 -2.09 -9.24
CA PHE K 246 17.16 -3.33 -9.41
C PHE K 246 18.67 -3.06 -9.46
N ALA K 247 19.04 -1.90 -10.01
CA ALA K 247 20.44 -1.45 -10.04
C ALA K 247 20.97 -1.14 -8.64
N LYS K 248 20.11 -0.55 -7.80
CA LYS K 248 20.40 -0.32 -6.39
C LYS K 248 20.51 -1.64 -5.62
N SER K 249 19.61 -2.58 -5.94
CA SER K 249 19.54 -3.89 -5.30
C SER K 249 20.78 -4.76 -5.51
N LEU K 250 21.45 -4.58 -6.65
CA LEU K 250 22.71 -5.26 -6.95
C LEU K 250 23.89 -4.61 -6.24
N GLY K 251 23.76 -3.32 -5.97
CA GLY K 251 24.78 -2.55 -5.27
C GLY K 251 25.70 -1.80 -6.22
N SER K 252 25.12 -1.24 -7.28
CA SER K 252 25.88 -0.46 -8.26
C SER K 252 26.21 0.93 -7.72
N VAL K 253 27.34 1.47 -8.17
CA VAL K 253 27.85 2.76 -7.71
C VAL K 253 27.18 3.90 -8.49
N ILE K 254 26.99 3.70 -9.80
CA ILE K 254 26.58 4.76 -10.73
C ILE K 254 25.74 4.23 -11.90
N VAL K 255 24.64 4.94 -12.21
CA VAL K 255 23.78 4.66 -13.36
C VAL K 255 23.73 5.82 -14.37
N MET K 256 23.63 5.48 -15.65
CA MET K 256 23.59 6.47 -16.72
C MET K 256 22.20 6.67 -17.35
N VAL K 257 21.98 7.88 -17.86
CA VAL K 257 20.68 8.34 -18.38
C VAL K 257 20.92 9.18 -19.63
N ASP K 258 20.10 8.95 -20.67
CA ASP K 258 20.15 9.73 -21.90
C ASP K 258 19.39 11.06 -21.78
N LEU K 259 19.83 12.07 -22.54
CA LEU K 259 19.24 13.41 -22.51
C LEU K 259 17.85 13.48 -23.14
N ILE K 260 17.58 12.55 -24.08
CA ILE K 260 16.31 12.47 -24.82
C ILE K 260 15.06 12.38 -23.92
N ILE K 261 15.19 11.61 -22.83
CA ILE K 261 14.07 11.30 -21.92
C ILE K 261 13.27 12.51 -21.40
N GLY K 262 13.90 13.68 -21.39
CA GLY K 262 13.25 14.94 -21.04
C GLY K 262 13.54 15.40 -19.63
N TYR K 263 13.53 16.72 -19.45
CA TYR K 263 13.89 17.38 -18.19
C TYR K 263 12.98 17.03 -17.01
N THR K 264 11.70 16.79 -17.32
CA THR K 264 10.71 16.35 -16.33
C THR K 264 11.04 14.95 -15.82
N ALA K 265 11.46 14.08 -16.74
CA ALA K 265 11.90 12.73 -16.41
C ALA K 265 13.28 12.71 -15.73
N ILE K 266 14.15 13.66 -16.11
CA ILE K 266 15.49 13.81 -15.53
C ILE K 266 15.46 14.24 -14.05
N GLN K 267 14.65 15.27 -13.76
CA GLN K 267 14.47 15.78 -12.39
C GLN K 267 13.89 14.75 -11.41
N SER K 268 13.17 13.77 -11.95
CA SER K 268 12.60 12.68 -11.16
C SER K 268 13.67 11.69 -10.67
N ILE K 269 14.68 11.43 -11.51
CA ILE K 269 15.79 10.54 -11.14
C ILE K 269 16.75 11.23 -10.18
N SER K 270 16.94 12.55 -10.36
CA SER K 270 17.76 13.37 -9.47
C SER K 270 17.26 13.37 -8.03
N GLU K 271 15.93 13.37 -7.89
CA GLU K 271 15.25 13.22 -6.60
C GLU K 271 15.43 11.80 -6.07
N TRP K 272 15.41 10.81 -6.97
CA TRP K 272 15.55 9.40 -6.62
C TRP K 272 16.99 9.03 -6.21
N CYS K 273 17.97 9.57 -6.94
CA CYS K 273 19.39 9.28 -6.72
C CYS K 273 19.91 9.80 -5.38
N ARG K 274 19.44 10.98 -4.97
CA ARG K 274 19.78 11.57 -3.68
C ARG K 274 19.18 10.76 -2.52
N GLN K 275 17.96 10.25 -2.72
CA GLN K 275 17.25 9.48 -1.69
C GLN K 275 17.63 7.98 -1.66
N ASN K 276 18.59 7.59 -2.50
CA ASN K 276 19.05 6.20 -2.57
C ASN K 276 20.57 6.05 -2.74
N ASP K 277 21.29 7.16 -2.56
CA ASP K 277 22.76 7.24 -2.67
C ASP K 277 23.34 6.69 -3.98
N MET K 278 22.96 7.35 -5.09
CA MET K 278 23.40 6.97 -6.43
C MET K 278 24.00 8.16 -7.16
N ILE K 279 25.03 7.89 -7.96
CA ILE K 279 25.67 8.91 -8.80
C ILE K 279 25.00 8.86 -10.18
N LEU K 280 24.65 10.04 -10.71
CA LEU K 280 23.95 10.14 -11.99
C LEU K 280 24.85 10.60 -13.13
N HIS K 281 24.81 9.85 -14.23
CA HIS K 281 25.57 10.15 -15.45
C HIS K 281 24.61 10.56 -16.56
N MET K 282 24.94 11.65 -17.24
CA MET K 282 24.15 12.14 -18.37
C MET K 282 24.90 11.94 -19.67
N HIS K 283 24.23 11.27 -20.61
CA HIS K 283 24.73 11.15 -21.97
C HIS K 283 23.87 12.02 -22.89
N ARG K 284 24.53 12.98 -23.54
CA ARG K 284 23.85 13.88 -24.46
C ARG K 284 23.64 13.23 -25.84
N ALA K 285 22.53 12.51 -25.96
CA ALA K 285 22.10 11.94 -27.22
C ALA K 285 21.12 12.90 -27.89
N GLY K 286 21.36 13.19 -29.17
CA GLY K 286 20.51 14.10 -29.95
C GLY K 286 20.62 15.56 -29.56
N HIS K 287 21.75 15.94 -28.95
CA HIS K 287 22.00 17.33 -28.58
C HIS K 287 22.38 18.16 -29.80
N GLY K 288 23.14 17.56 -30.71
CA GLY K 288 23.66 18.22 -31.91
C GLY K 288 22.62 18.62 -32.94
N THR K 289 21.36 18.29 -32.64
CA THR K 289 20.22 18.65 -33.48
C THR K 289 19.91 20.16 -33.37
N TYR K 290 20.16 20.72 -32.19
CA TYR K 290 19.84 22.12 -31.89
C TYR K 290 21.00 22.88 -31.20
N THR K 291 22.21 22.35 -31.33
CA THR K 291 23.39 22.92 -30.67
C THR K 291 24.51 23.28 -31.66
N ARG K 292 24.70 22.43 -32.67
CA ARG K 292 25.83 22.53 -33.59
C ARG K 292 25.84 23.80 -34.46
N GLN K 293 24.65 24.24 -34.88
CA GLN K 293 24.53 25.44 -35.72
C GLN K 293 24.76 26.73 -34.93
N LYS K 294 25.61 27.58 -35.47
CA LYS K 294 26.02 28.83 -34.81
C LYS K 294 24.96 29.94 -34.92
N ASN K 295 24.12 29.85 -35.95
CA ASN K 295 23.12 30.88 -36.23
C ASN K 295 21.73 30.60 -35.63
N HIS K 296 21.45 29.32 -35.36
CA HIS K 296 20.15 28.89 -34.86
C HIS K 296 20.24 27.75 -33.85
N GLY K 297 19.44 27.84 -32.79
CA GLY K 297 19.34 26.80 -31.76
C GLY K 297 19.55 27.28 -30.33
N ILE K 298 20.14 26.41 -29.51
CA ILE K 298 20.53 26.73 -28.14
C ILE K 298 21.97 26.24 -27.92
N SER K 299 22.84 27.15 -27.46
CA SER K 299 24.22 26.81 -27.11
C SER K 299 24.26 25.85 -25.92
N PHE K 300 25.23 24.94 -25.93
CA PHE K 300 25.33 23.87 -24.91
C PHE K 300 25.54 24.39 -23.48
N ARG K 301 26.15 25.57 -23.35
CA ARG K 301 26.38 26.20 -22.05
C ARG K 301 25.08 26.53 -21.30
N VAL K 302 24.02 26.78 -22.06
CA VAL K 302 22.69 27.01 -21.49
C VAL K 302 22.07 25.68 -21.05
N ILE K 303 22.27 24.64 -21.85
CA ILE K 303 21.79 23.28 -21.54
C ILE K 303 22.53 22.73 -20.32
N ALA K 304 23.84 23.00 -20.23
CA ALA K 304 24.67 22.62 -19.09
C ALA K 304 24.23 23.33 -17.79
N LYS K 305 23.80 24.59 -17.92
CA LYS K 305 23.25 25.35 -16.81
C LYS K 305 21.92 24.77 -16.30
N TRP K 306 21.08 24.32 -17.23
CA TRP K 306 19.81 23.67 -16.87
C TRP K 306 20.04 22.31 -16.22
N LEU K 307 21.02 21.57 -16.74
CA LEU K 307 21.32 20.22 -16.25
C LEU K 307 21.99 20.21 -14.87
N ARG K 308 22.72 21.29 -14.57
CA ARG K 308 23.27 21.50 -13.23
C ARG K 308 22.17 21.76 -12.20
N LEU K 309 21.18 22.55 -12.61
CA LEU K 309 20.01 22.86 -11.78
C LEU K 309 19.06 21.67 -11.63
N ALA K 310 18.95 20.86 -12.68
CA ALA K 310 18.14 19.63 -12.67
C ALA K 310 18.73 18.61 -11.69
N GLY K 311 20.04 18.43 -11.75
CA GLY K 311 20.76 17.60 -10.78
C GLY K 311 21.42 16.37 -11.37
N VAL K 312 22.51 16.60 -12.13
CA VAL K 312 23.31 15.52 -12.70
C VAL K 312 24.77 15.67 -12.29
N ASP K 313 25.40 14.55 -11.94
CA ASP K 313 26.80 14.53 -11.48
C ASP K 313 27.81 14.49 -12.62
N HIS K 314 27.48 13.77 -13.69
CA HIS K 314 28.32 13.69 -14.88
C HIS K 314 27.63 14.24 -16.12
N LEU K 315 28.40 14.90 -16.96
CA LEU K 315 27.90 15.43 -18.23
C LEU K 315 28.99 15.45 -19.30
N HIS K 316 28.67 14.92 -20.47
CA HIS K 316 29.54 15.01 -21.64
C HIS K 316 29.54 16.46 -22.12
N CYS K 317 30.72 17.07 -22.13
CA CYS K 317 30.87 18.46 -22.54
C CYS K 317 31.57 18.63 -23.88
N GLY K 318 32.34 17.60 -24.27
CA GLY K 318 33.00 17.57 -25.57
C GLY K 318 34.51 17.60 -25.53
N THR K 319 35.11 17.13 -26.62
CA THR K 319 36.56 17.11 -26.78
C THR K 319 36.96 18.02 -27.93
N ALA K 320 37.97 18.85 -27.69
CA ALA K 320 38.51 19.76 -28.69
C ALA K 320 39.28 19.03 -29.80
N VAL K 321 39.96 17.95 -29.42
CA VAL K 321 40.83 17.18 -30.34
C VAL K 321 40.18 15.89 -30.86
N GLY K 322 38.98 15.57 -30.37
CA GLY K 322 38.27 14.34 -30.72
C GLY K 322 37.61 14.33 -32.09
N LYS K 323 36.87 13.26 -32.37
CA LYS K 323 36.18 13.06 -33.65
C LYS K 323 34.94 13.94 -33.83
N LEU K 324 34.36 14.38 -32.72
CA LEU K 324 33.13 15.19 -32.71
C LEU K 324 33.42 16.68 -32.64
N GLU K 325 32.43 17.49 -33.01
CA GLU K 325 32.53 18.96 -33.07
C GLU K 325 32.88 19.58 -31.72
N GLY K 326 33.82 20.53 -31.76
CA GLY K 326 34.27 21.25 -30.57
C GLY K 326 35.47 22.15 -30.82
N ASP K 327 35.34 23.41 -30.41
CA ASP K 327 36.40 24.41 -30.52
C ASP K 327 37.04 24.66 -29.15
N PRO K 328 38.38 24.54 -29.04
CA PRO K 328 39.14 24.59 -27.77
C PRO K 328 38.71 25.64 -26.74
N LEU K 329 38.50 26.87 -27.20
CA LEU K 329 38.06 27.97 -26.32
C LEU K 329 36.60 27.86 -25.91
N THR K 330 35.75 27.45 -26.85
CA THR K 330 34.31 27.28 -26.62
C THR K 330 34.03 26.06 -25.72
N VAL K 331 34.86 25.03 -25.87
CA VAL K 331 34.77 23.80 -25.06
C VAL K 331 35.11 24.10 -23.59
N GLN K 332 36.19 24.85 -23.37
CA GLN K 332 36.60 25.32 -22.03
C GLN K 332 35.52 26.13 -21.32
N GLY K 333 34.67 26.80 -22.12
CA GLY K 333 33.50 27.52 -21.61
C GLY K 333 32.50 26.60 -20.94
N TYR K 334 32.21 25.46 -21.56
CA TYR K 334 31.29 24.46 -21.01
C TYR K 334 31.81 23.81 -19.74
N TYR K 335 33.13 23.64 -19.67
CA TYR K 335 33.81 23.08 -18.51
C TYR K 335 33.76 24.02 -17.30
N ASN K 336 33.90 25.32 -17.55
CA ASN K 336 33.85 26.35 -16.51
C ASN K 336 32.44 26.58 -15.96
N VAL K 337 31.44 26.29 -16.79
CA VAL K 337 30.02 26.40 -16.42
C VAL K 337 29.65 25.36 -15.35
N CYS K 338 30.10 24.12 -15.55
CA CYS K 338 29.72 23.00 -14.68
C CYS K 338 30.66 22.73 -13.49
N ARG K 339 31.83 23.36 -13.50
CA ARG K 339 32.83 23.17 -12.43
C ARG K 339 32.96 24.34 -11.47
N GLU K 340 33.19 25.54 -12.01
CA GLU K 340 33.47 26.74 -11.20
C GLU K 340 32.23 27.24 -10.43
N PRO K 341 32.41 27.56 -9.13
CA PRO K 341 31.29 28.06 -8.30
C PRO K 341 30.86 29.49 -8.67
N PHE K 342 31.81 30.28 -9.14
CA PHE K 342 31.57 31.65 -9.60
C PHE K 342 32.45 31.93 -10.81
N ASN K 343 31.81 32.21 -11.94
CA ASN K 343 32.52 32.50 -13.19
C ASN K 343 32.27 33.93 -13.69
N THR K 344 33.37 34.61 -13.98
CA THR K 344 33.34 35.99 -14.49
C THR K 344 33.10 36.03 -15.99
N VAL K 345 32.71 37.20 -16.50
CA VAL K 345 32.44 37.40 -17.93
C VAL K 345 33.73 37.31 -18.76
N ASP K 346 33.72 36.38 -19.72
CA ASP K 346 34.84 36.17 -20.64
C ASP K 346 34.31 35.90 -22.05
N LEU K 347 34.51 36.87 -22.93
CA LEU K 347 34.02 36.83 -24.32
C LEU K 347 34.68 35.78 -25.23
N PRO K 348 36.01 35.51 -25.09
CA PRO K 348 36.60 34.44 -25.91
C PRO K 348 36.10 33.03 -25.58
N ARG K 349 35.72 32.81 -24.32
CA ARG K 349 35.22 31.50 -23.85
C ARG K 349 33.69 31.38 -23.91
N GLY K 350 33.04 32.43 -24.40
CA GLY K 350 31.59 32.43 -24.62
C GLY K 350 30.72 32.72 -23.41
N ILE K 351 31.34 33.21 -22.33
CA ILE K 351 30.61 33.61 -21.13
C ILE K 351 30.25 35.09 -21.24
N PHE K 352 28.95 35.38 -21.10
CA PHE K 352 28.43 36.74 -21.26
C PHE K 352 27.89 37.36 -19.96
N PHE K 353 27.45 36.50 -19.05
CA PHE K 353 26.88 36.93 -17.77
C PHE K 353 27.70 36.41 -16.59
N GLU K 354 27.76 37.22 -15.53
CA GLU K 354 28.40 36.81 -14.28
C GLU K 354 27.45 35.93 -13.47
N GLN K 355 27.74 34.63 -13.46
CA GLN K 355 26.90 33.64 -12.81
C GLN K 355 27.41 33.28 -11.43
N ASP K 356 26.51 33.36 -10.44
CA ASP K 356 26.79 32.95 -9.07
C ASP K 356 25.87 31.77 -8.72
N TRP K 357 26.48 30.60 -8.55
CA TRP K 357 25.74 29.36 -8.29
C TRP K 357 25.31 29.21 -6.84
N ALA K 358 26.05 29.86 -5.94
CA ALA K 358 25.81 29.86 -4.48
C ALA K 358 25.65 28.45 -3.89
N ASP K 359 26.79 27.77 -3.79
CA ASP K 359 26.94 26.47 -3.13
C ASP K 359 26.05 25.34 -3.70
N LEU K 360 26.03 25.26 -5.03
CA LEU K 360 25.52 24.10 -5.72
C LEU K 360 26.67 23.19 -6.11
N ARG K 361 26.44 21.88 -6.04
CA ARG K 361 27.46 20.86 -6.26
C ARG K 361 28.05 20.93 -7.67
N LYS K 362 29.34 20.66 -7.76
CA LYS K 362 30.09 20.77 -9.02
C LYS K 362 29.89 19.55 -9.90
N VAL K 363 29.42 19.77 -11.13
CA VAL K 363 29.22 18.70 -12.11
C VAL K 363 30.58 18.32 -12.73
N MET K 364 30.91 17.03 -12.70
CA MET K 364 32.14 16.53 -13.31
C MET K 364 31.95 16.33 -14.82
N PRO K 365 32.72 17.08 -15.64
CA PRO K 365 32.60 16.97 -17.10
C PRO K 365 33.33 15.75 -17.67
N VAL K 366 32.76 15.17 -18.72
CA VAL K 366 33.28 13.96 -19.35
C VAL K 366 33.76 14.25 -20.77
N ALA K 367 35.04 13.95 -21.03
CA ALA K 367 35.62 14.05 -22.36
C ALA K 367 35.61 12.69 -23.04
N SER K 368 34.89 12.60 -24.17
CA SER K 368 34.71 11.35 -24.89
C SER K 368 34.50 11.57 -26.39
N GLY K 369 34.90 10.57 -27.19
CA GLY K 369 34.65 10.56 -28.63
C GLY K 369 35.88 10.77 -29.48
N GLY K 370 36.51 9.66 -29.86
CA GLY K 370 37.65 9.66 -30.77
C GLY K 370 38.94 10.18 -30.15
N ILE K 371 39.32 9.61 -29.01
CA ILE K 371 40.59 9.94 -28.34
C ILE K 371 41.40 8.69 -27.99
N HIS K 372 42.71 8.87 -27.84
CA HIS K 372 43.63 7.76 -27.54
C HIS K 372 44.80 8.20 -26.65
N ALA K 373 45.80 7.33 -26.50
CA ALA K 373 46.98 7.58 -25.67
C ALA K 373 47.88 8.71 -26.19
N GLY K 374 47.86 8.93 -27.50
CA GLY K 374 48.62 10.01 -28.15
C GLY K 374 48.06 11.41 -27.92
N GLN K 375 46.81 11.48 -27.48
CA GLN K 375 46.11 12.75 -27.24
C GLN K 375 46.15 13.17 -25.76
N MET K 376 46.85 12.37 -24.94
CA MET K 376 46.85 12.51 -23.48
C MET K 376 47.43 13.83 -22.97
N HIS K 377 48.46 14.34 -23.65
CA HIS K 377 49.12 15.59 -23.27
C HIS K 377 48.27 16.84 -23.55
N GLN K 378 47.45 16.76 -24.59
CA GLN K 378 46.54 17.85 -24.98
C GLN K 378 45.32 17.94 -24.07
N LEU K 379 44.84 16.78 -23.61
CA LEU K 379 43.67 16.68 -22.73
C LEU K 379 43.94 17.21 -21.32
N LEU K 380 45.13 16.90 -20.80
CA LEU K 380 45.53 17.31 -19.45
C LEU K 380 45.83 18.81 -19.35
N SER K 381 46.30 19.39 -20.46
CA SER K 381 46.62 20.82 -20.53
C SER K 381 45.40 21.72 -20.65
N LEU K 382 44.39 21.25 -21.39
CA LEU K 382 43.17 22.03 -21.66
C LEU K 382 42.21 22.10 -20.47
N PHE K 383 41.99 20.95 -19.81
CA PHE K 383 40.97 20.84 -18.77
C PHE K 383 41.53 20.83 -17.36
N GLY K 384 42.22 19.74 -16.99
CA GLY K 384 42.83 19.62 -15.66
C GLY K 384 42.71 18.23 -15.06
N ASP K 385 42.29 18.18 -13.80
CA ASP K 385 42.22 16.94 -13.03
C ASP K 385 40.80 16.39 -12.85
N ASP K 386 39.85 17.28 -12.54
CA ASP K 386 38.48 16.88 -12.22
C ASP K 386 37.64 16.60 -13.49
N VAL K 387 38.11 15.67 -14.30
CA VAL K 387 37.46 15.26 -15.55
C VAL K 387 37.40 13.73 -15.69
N VAL K 388 36.54 13.26 -16.59
CA VAL K 388 36.47 11.84 -16.92
C VAL K 388 36.83 11.64 -18.40
N LEU K 389 37.92 10.91 -18.63
CA LEU K 389 38.37 10.60 -19.99
C LEU K 389 37.93 9.21 -20.39
N GLN K 390 37.20 9.13 -21.50
CA GLN K 390 36.64 7.86 -21.99
C GLN K 390 37.27 7.43 -23.32
N PHE K 391 37.81 6.21 -23.32
CA PHE K 391 38.45 5.63 -24.51
C PHE K 391 37.68 4.38 -24.96
N GLY K 392 36.69 4.59 -25.82
CA GLY K 392 35.85 3.51 -26.34
C GLY K 392 36.59 2.62 -27.32
N GLY K 393 37.08 3.23 -28.39
CA GLY K 393 37.84 2.52 -29.42
C GLY K 393 39.30 2.30 -29.07
N GLY K 394 39.89 3.27 -28.35
CA GLY K 394 41.30 3.24 -27.98
C GLY K 394 41.75 2.21 -26.97
N THR K 395 40.79 1.47 -26.41
CA THR K 395 41.06 0.43 -25.41
C THR K 395 40.88 -0.97 -25.99
N ILE K 396 39.70 -1.23 -26.57
CA ILE K 396 39.34 -2.54 -27.10
C ILE K 396 39.99 -2.79 -28.46
N GLY K 397 40.15 -1.72 -29.25
CA GLY K 397 40.81 -1.78 -30.55
C GLY K 397 42.32 -1.96 -30.54
N HIS K 398 42.86 -2.22 -29.35
CA HIS K 398 44.29 -2.50 -29.16
C HIS K 398 44.64 -3.88 -29.72
N PRO K 399 45.76 -3.99 -30.47
CA PRO K 399 46.19 -5.24 -31.13
C PRO K 399 46.45 -6.43 -30.19
N MET K 400 46.89 -6.16 -28.96
CA MET K 400 47.22 -7.21 -27.99
C MET K 400 45.99 -7.78 -27.28
N GLY K 401 45.07 -6.91 -26.88
CA GLY K 401 43.83 -7.31 -26.21
C GLY K 401 43.06 -6.15 -25.61
N ILE K 402 42.33 -6.43 -24.53
CA ILE K 402 41.59 -5.40 -23.79
C ILE K 402 42.37 -4.98 -22.54
N GLN K 403 42.97 -5.96 -21.86
CA GLN K 403 43.79 -5.74 -20.66
C GLN K 403 45.01 -4.86 -20.95
N ALA K 404 45.65 -5.11 -22.09
CA ALA K 404 46.82 -4.33 -22.53
C ALA K 404 46.44 -2.91 -22.93
N GLY K 405 45.29 -2.76 -23.58
CA GLY K 405 44.74 -1.45 -23.98
C GLY K 405 44.38 -0.58 -22.80
N ALA K 406 43.85 -1.20 -21.75
CA ALA K 406 43.51 -0.51 -20.50
C ALA K 406 44.75 -0.12 -19.69
N THR K 407 45.80 -0.93 -19.79
CA THR K 407 47.09 -0.65 -19.14
C THR K 407 47.81 0.49 -19.86
N ALA K 408 47.75 0.49 -21.20
CA ALA K 408 48.39 1.50 -22.04
C ALA K 408 47.90 2.92 -21.77
N ASN K 409 46.58 3.06 -21.59
CA ASN K 409 45.96 4.36 -21.28
C ASN K 409 46.23 4.82 -19.86
N ARG K 410 46.31 3.86 -18.93
CA ARG K 410 46.56 4.14 -17.52
C ARG K 410 48.01 4.58 -17.27
N VAL K 411 48.96 3.92 -17.93
CA VAL K 411 50.38 4.26 -17.85
C VAL K 411 50.66 5.62 -18.48
N ALA K 412 50.00 5.90 -19.61
CA ALA K 412 50.11 7.18 -20.32
C ALA K 412 49.66 8.37 -19.47
N LEU K 413 48.54 8.22 -18.77
CA LEU K 413 47.98 9.26 -17.91
C LEU K 413 48.81 9.47 -16.64
N GLU K 414 49.27 8.37 -16.03
CA GLU K 414 50.11 8.42 -14.83
C GLU K 414 51.48 9.06 -15.07
N ALA K 415 52.01 8.89 -16.28
CA ALA K 415 53.28 9.50 -16.69
C ALA K 415 53.16 11.01 -16.90
N MET K 416 51.99 11.44 -17.38
CA MET K 416 51.73 12.87 -17.65
C MET K 416 51.51 13.69 -16.38
N VAL K 417 50.73 13.13 -15.44
CA VAL K 417 50.44 13.77 -14.15
C VAL K 417 51.73 13.92 -13.33
N LEU K 418 52.58 12.89 -13.35
CA LEU K 418 53.88 12.90 -12.67
C LEU K 418 54.83 13.94 -13.25
N ALA K 419 54.81 14.10 -14.58
CA ALA K 419 55.63 15.08 -15.28
C ALA K 419 55.16 16.53 -15.07
N ARG K 420 53.83 16.70 -15.00
CA ARG K 420 53.21 18.01 -14.80
C ARG K 420 53.50 18.59 -13.41
N ASN K 421 53.43 17.74 -12.39
CA ASN K 421 53.63 18.15 -10.99
C ASN K 421 55.11 18.42 -10.65
N GLU K 422 56.02 17.77 -11.37
CA GLU K 422 57.46 17.96 -11.19
C GLU K 422 57.95 19.30 -11.72
N GLY K 423 57.29 19.81 -12.77
CA GLY K 423 57.60 21.12 -13.34
C GLY K 423 57.94 21.12 -14.82
N ARG K 424 57.70 19.98 -15.48
CA ARG K 424 57.92 19.84 -16.92
C ARG K 424 56.70 20.31 -17.70
N ASN K 425 56.95 21.03 -18.80
CA ASN K 425 55.89 21.56 -19.66
C ASN K 425 55.27 20.44 -20.49
N ILE K 426 54.00 20.18 -20.25
CA ILE K 426 53.27 19.05 -20.86
C ILE K 426 52.76 19.34 -22.29
N ASP K 427 52.84 20.60 -22.70
CA ASP K 427 52.40 21.03 -24.03
C ASP K 427 53.47 20.77 -25.11
N VAL K 428 54.74 20.98 -24.76
CA VAL K 428 55.87 20.83 -25.68
C VAL K 428 56.54 19.46 -25.53
N GLU K 429 56.92 19.12 -24.30
CA GLU K 429 57.60 17.86 -23.98
C GLU K 429 56.67 16.64 -23.97
N GLY K 430 55.36 16.90 -24.04
CA GLY K 430 54.30 15.87 -24.04
C GLY K 430 54.53 14.58 -24.82
N PRO K 431 54.83 14.68 -26.14
CA PRO K 431 55.16 13.49 -26.95
C PRO K 431 56.42 12.74 -26.50
N GLU K 432 57.41 13.47 -26.00
CA GLU K 432 58.68 12.88 -25.53
C GLU K 432 58.52 12.09 -24.22
N ILE K 433 57.61 12.56 -23.36
CA ILE K 433 57.28 11.88 -22.09
C ILE K 433 56.64 10.51 -22.35
N LEU K 434 55.72 10.46 -23.32
CA LEU K 434 55.03 9.24 -23.72
C LEU K 434 55.98 8.21 -24.38
N ARG K 435 56.96 8.71 -25.13
CA ARG K 435 57.98 7.87 -25.76
C ARG K 435 58.95 7.27 -24.75
N ALA K 436 59.30 8.07 -23.73
CA ALA K 436 60.20 7.65 -22.65
C ALA K 436 59.58 6.60 -21.73
N ALA K 437 58.26 6.66 -21.58
CA ALA K 437 57.49 5.68 -20.80
C ALA K 437 57.31 4.36 -21.54
N ALA K 438 57.41 4.42 -22.88
CA ALA K 438 57.26 3.24 -23.75
C ALA K 438 58.44 2.27 -23.71
N LYS K 439 59.58 2.72 -23.16
CA LYS K 439 60.77 1.88 -23.00
C LYS K 439 60.59 0.72 -22.02
N TRP K 440 59.85 0.97 -20.94
CA TRP K 440 59.56 -0.07 -19.94
C TRP K 440 58.15 -0.65 -20.07
N CYS K 441 57.22 0.14 -20.63
CA CYS K 441 55.85 -0.30 -20.86
C CYS K 441 55.63 -0.71 -22.32
N LYS K 442 55.44 -2.00 -22.54
CA LYS K 442 55.26 -2.59 -23.88
C LYS K 442 53.86 -2.37 -24.52
N PRO K 443 52.76 -2.43 -23.71
CA PRO K 443 51.44 -2.14 -24.30
C PRO K 443 51.24 -0.70 -24.78
N LEU K 444 51.96 0.25 -24.17
CA LEU K 444 51.91 1.67 -24.57
C LEU K 444 52.60 1.91 -25.92
N GLU K 445 53.69 1.20 -26.16
CA GLU K 445 54.45 1.29 -27.43
C GLU K 445 53.63 0.83 -28.63
N ALA K 446 52.86 -0.25 -28.44
CA ALA K 446 51.97 -0.79 -29.47
C ALA K 446 50.79 0.13 -29.77
N ALA K 447 50.32 0.84 -28.75
CA ALA K 447 49.20 1.77 -28.86
C ALA K 447 49.57 3.06 -29.62
N LEU K 448 50.81 3.50 -29.46
CA LEU K 448 51.33 4.70 -30.13
C LEU K 448 51.62 4.49 -31.61
N ASP K 449 52.00 3.26 -31.97
CA ASP K 449 52.26 2.89 -33.36
C ASP K 449 50.98 2.75 -34.19
N THR K 450 49.90 2.32 -33.53
CA THR K 450 48.60 2.13 -34.18
C THR K 450 47.91 3.47 -34.49
N TRP K 451 47.88 4.36 -33.49
CA TRP K 451 47.23 5.66 -33.63
C TRP K 451 48.23 6.81 -33.38
N GLY K 452 49.15 6.98 -34.32
CA GLY K 452 50.18 8.01 -34.24
C GLY K 452 49.89 9.19 -35.15
N ASN K 453 49.49 8.89 -36.37
CA ASN K 453 49.18 9.92 -37.36
C ASN K 453 47.68 10.16 -37.46
N ILE K 454 46.91 9.32 -36.79
CA ILE K 454 45.45 9.42 -36.82
C ILE K 454 44.97 10.59 -35.95
N THR K 455 44.57 11.67 -36.60
CA THR K 455 44.06 12.84 -35.88
C THR K 455 42.86 13.44 -36.60
N PHE K 456 41.82 13.74 -35.82
CA PHE K 456 40.60 14.31 -36.39
C PHE K 456 40.65 15.83 -36.37
N ASN K 457 40.95 16.42 -37.52
CA ASN K 457 41.03 17.87 -37.64
C ASN K 457 40.07 18.40 -38.70
N TYR K 458 39.11 19.22 -38.25
CA TYR K 458 38.13 19.81 -39.15
C TYR K 458 37.71 21.19 -38.64
N THR K 459 37.17 22.01 -39.54
CA THR K 459 36.73 23.35 -39.18
C THR K 459 35.54 23.31 -38.24
N SER K 460 35.70 23.94 -37.07
CA SER K 460 34.63 23.97 -36.07
C SER K 460 33.49 24.87 -36.52
N THR K 461 32.27 24.42 -36.30
CA THR K 461 31.08 25.19 -36.67
C THR K 461 30.69 26.16 -35.56
N ASP K 462 30.68 25.66 -34.32
CA ASP K 462 30.37 26.49 -33.17
C ASP K 462 31.62 27.20 -32.67
N THR K 463 31.86 28.41 -33.17
CA THR K 463 33.06 29.15 -32.83
C THR K 463 32.74 30.47 -32.13
N SER K 464 33.77 31.10 -31.59
CA SER K 464 33.62 32.38 -30.90
C SER K 464 33.54 33.53 -31.91
N ASP K 465 33.03 34.67 -31.47
CA ASP K 465 32.88 35.83 -32.34
C ASP K 465 33.80 36.97 -31.91
N PHE K 466 34.59 36.72 -30.86
CA PHE K 466 35.51 37.73 -30.36
C PHE K 466 36.95 37.21 -30.37
N VAL K 467 37.43 36.83 -31.54
CA VAL K 467 38.78 36.32 -31.68
C VAL K 467 39.52 37.01 -32.83
N MET L 1 49.64 -10.45 -7.47
CA MET L 1 48.67 -9.54 -6.77
C MET L 1 49.35 -8.25 -6.33
N ARG L 2 48.75 -7.12 -6.72
CA ARG L 2 49.21 -5.79 -6.34
C ARG L 2 48.02 -4.84 -6.23
N ILE L 3 47.86 -4.24 -5.05
CA ILE L 3 46.76 -3.33 -4.77
C ILE L 3 47.04 -1.95 -5.38
N THR L 4 46.18 -1.54 -6.30
CA THR L 4 46.36 -0.31 -7.08
C THR L 4 45.56 0.89 -6.55
N GLN L 5 45.29 0.87 -5.24
CA GLN L 5 44.53 1.92 -4.57
C GLN L 5 45.34 3.22 -4.50
N GLY L 6 44.92 4.21 -5.29
CA GLY L 6 45.59 5.51 -5.33
C GLY L 6 46.30 5.82 -6.63
N CYS L 7 46.92 7.00 -6.70
CA CYS L 7 47.64 7.47 -7.88
C CYS L 7 49.06 6.89 -7.95
N PHE L 8 49.64 6.91 -9.16
CA PHE L 8 50.99 6.41 -9.46
C PHE L 8 51.23 4.94 -9.07
N SER L 9 50.18 4.13 -9.18
CA SER L 9 50.22 2.72 -8.80
C SER L 9 50.82 1.83 -9.90
N PHE L 10 50.47 2.12 -11.15
CA PHE L 10 50.96 1.38 -12.31
C PHE L 10 52.42 1.71 -12.66
N LEU L 11 52.85 2.90 -12.27
CA LEU L 11 54.26 3.31 -12.35
C LEU L 11 55.09 2.55 -11.32
N PRO L 12 56.41 2.36 -11.58
CA PRO L 12 57.32 1.78 -10.57
C PRO L 12 57.41 2.60 -9.28
N ASP L 13 57.81 1.94 -8.18
CA ASP L 13 57.89 2.54 -6.85
C ASP L 13 58.70 3.84 -6.82
N LEU L 14 58.09 4.88 -6.26
CA LEU L 14 58.65 6.23 -6.26
C LEU L 14 59.83 6.38 -5.30
N THR L 15 60.93 6.92 -5.82
CA THR L 15 62.13 7.22 -5.04
C THR L 15 61.93 8.50 -4.24
N ASP L 16 62.73 8.68 -3.19
CA ASP L 16 62.68 9.85 -2.29
C ASP L 16 62.82 11.21 -3.00
N GLU L 17 63.55 11.21 -4.11
CA GLU L 17 63.71 12.40 -4.96
C GLU L 17 62.42 12.76 -5.70
N GLN L 18 61.68 11.72 -6.12
CA GLN L 18 60.40 11.89 -6.81
C GLN L 18 59.27 12.30 -5.86
N ILE L 19 59.27 11.73 -4.66
CA ILE L 19 58.28 12.04 -3.60
C ILE L 19 58.42 13.51 -3.16
N SER L 20 59.67 13.95 -2.98
CA SER L 20 59.98 15.34 -2.62
C SER L 20 59.49 16.35 -3.67
N ALA L 21 59.51 15.96 -4.94
CA ALA L 21 59.01 16.76 -6.04
C ALA L 21 57.49 16.85 -6.08
N GLN L 22 56.82 15.76 -5.68
CA GLN L 22 55.35 15.70 -5.65
C GLN L 22 54.75 16.49 -4.48
N VAL L 23 55.43 16.46 -3.34
CA VAL L 23 55.03 17.23 -2.15
C VAL L 23 55.22 18.74 -2.40
N ASP L 24 56.29 19.08 -3.11
CA ASP L 24 56.59 20.46 -3.51
C ASP L 24 55.48 21.10 -4.35
N TYR L 25 54.81 20.29 -5.17
CA TYR L 25 53.63 20.71 -5.93
C TYR L 25 52.43 20.96 -5.02
N CYS L 26 52.25 20.10 -4.01
CA CYS L 26 51.15 20.20 -3.05
C CYS L 26 51.26 21.41 -2.12
N LEU L 27 52.49 21.68 -1.68
CA LEU L 27 52.77 22.83 -0.81
C LEU L 27 52.76 24.16 -1.58
N GLY L 28 53.07 24.10 -2.87
CA GLY L 28 53.05 25.26 -3.76
C GLY L 28 51.65 25.80 -4.02
N ARG L 29 50.69 24.89 -4.19
CA ARG L 29 49.28 25.24 -4.38
C ARG L 29 48.57 25.58 -3.07
N GLY L 30 49.15 25.14 -1.95
CA GLY L 30 48.63 25.44 -0.62
C GLY L 30 47.74 24.35 -0.07
N TRP L 31 48.28 23.13 0.02
CA TRP L 31 47.57 21.99 0.58
C TRP L 31 48.27 21.43 1.81
N ALA L 32 47.46 20.91 2.74
CA ALA L 32 47.97 20.30 3.97
C ALA L 32 48.35 18.84 3.71
N VAL L 33 49.60 18.51 3.98
CA VAL L 33 50.16 17.18 3.73
C VAL L 33 50.05 16.32 4.99
N SER L 34 49.44 15.15 4.84
CA SER L 34 49.23 14.20 5.94
C SER L 34 49.65 12.78 5.58
N LEU L 35 50.25 12.08 6.55
CA LEU L 35 50.65 10.69 6.39
C LEU L 35 49.66 9.75 7.06
N GLU L 36 49.30 8.68 6.37
CA GLU L 36 48.36 7.68 6.85
C GLU L 36 48.86 6.27 6.60
N HIS L 37 48.61 5.37 7.53
CA HIS L 37 49.05 3.97 7.44
C HIS L 37 47.99 2.97 7.87
N THR L 38 48.02 1.78 7.25
CA THR L 38 47.14 0.66 7.63
C THR L 38 47.72 -0.71 7.24
N ASP L 39 47.24 -1.75 7.92
CA ASP L 39 47.54 -3.14 7.57
C ASP L 39 46.35 -3.79 6.85
N ASP L 40 45.22 -3.08 6.81
CA ASP L 40 43.99 -3.52 6.15
C ASP L 40 43.69 -2.61 4.94
N PRO L 41 44.16 -3.02 3.74
CA PRO L 41 44.03 -2.20 2.53
C PRO L 41 42.80 -2.54 1.69
N HIS L 42 41.65 -2.64 2.36
CA HIS L 42 40.36 -2.95 1.73
C HIS L 42 39.92 -1.82 0.80
N PRO L 43 39.28 -2.16 -0.35
CA PRO L 43 38.61 -1.13 -1.15
C PRO L 43 37.48 -0.50 -0.35
N ARG L 44 37.22 0.78 -0.63
CA ARG L 44 36.23 1.62 0.09
C ARG L 44 36.42 1.77 1.62
N ASN L 45 37.51 1.23 2.15
CA ASN L 45 37.92 1.47 3.54
C ASN L 45 38.46 2.88 3.64
N THR L 46 37.72 3.72 4.37
CA THR L 46 37.90 5.17 4.34
C THR L 46 39.05 5.65 5.25
N TYR L 47 39.07 5.18 6.49
CA TYR L 47 39.93 5.77 7.52
C TYR L 47 41.15 4.92 7.87
N TRP L 48 42.32 5.48 7.55
CA TRP L 48 43.61 4.88 7.88
C TRP L 48 44.17 5.55 9.14
N GLU L 49 45.10 4.88 9.82
CA GLU L 49 45.73 5.43 11.02
C GLU L 49 46.64 6.61 10.69
N MET L 50 46.28 7.78 11.19
CA MET L 50 47.03 9.02 10.96
C MET L 50 48.33 9.06 11.76
N TRP L 51 49.41 9.42 11.08
CA TRP L 51 50.70 9.64 11.72
C TRP L 51 50.80 11.11 12.14
N GLY L 52 50.34 11.38 13.35
CA GLY L 52 50.30 12.73 13.91
C GLY L 52 49.25 13.62 13.26
N MET L 53 49.49 14.92 13.31
CA MET L 53 48.61 15.93 12.73
C MET L 53 49.08 16.37 11.34
N PRO L 54 48.13 16.73 10.43
CA PRO L 54 48.50 17.23 9.09
C PRO L 54 49.34 18.51 9.14
N MET L 55 50.30 18.61 8.23
CA MET L 55 51.19 19.77 8.15
C MET L 55 50.53 20.88 7.34
N PHE L 56 49.90 21.82 8.05
CA PHE L 56 49.14 22.91 7.42
C PHE L 56 50.04 24.02 6.89
N ASP L 57 50.81 24.64 7.79
CA ASP L 57 51.69 25.75 7.44
C ASP L 57 53.16 25.32 7.48
N LEU L 58 53.57 24.59 6.43
CA LEU L 58 54.95 24.16 6.24
C LEU L 58 55.35 24.47 4.80
N ARG L 59 56.35 25.33 4.66
CA ARG L 59 56.83 25.79 3.34
C ARG L 59 58.16 25.14 2.94
N ASP L 60 58.36 23.90 3.41
CA ASP L 60 59.56 23.13 3.12
C ASP L 60 59.21 21.66 2.84
N PRO L 61 59.57 21.15 1.65
CA PRO L 61 59.30 19.74 1.30
C PRO L 61 60.16 18.72 2.06
N LYS L 62 61.30 19.18 2.58
CA LYS L 62 62.23 18.35 3.36
C LYS L 62 61.66 17.97 4.73
N GLY L 63 60.84 18.85 5.30
CA GLY L 63 60.19 18.64 6.60
C GLY L 63 59.20 17.48 6.63
N VAL L 64 58.54 17.26 5.51
CA VAL L 64 57.62 16.13 5.33
C VAL L 64 58.39 14.80 5.25
N MET L 65 59.53 14.84 4.56
CA MET L 65 60.37 13.65 4.33
C MET L 65 60.98 13.06 5.60
N ILE L 66 61.22 13.90 6.61
CA ILE L 66 61.72 13.47 7.92
C ILE L 66 60.64 12.65 8.65
N GLU L 67 59.39 13.13 8.59
CA GLU L 67 58.23 12.45 9.18
C GLU L 67 57.88 11.15 8.44
N LEU L 68 58.17 11.10 7.15
CA LEU L 68 57.98 9.92 6.32
C LEU L 68 58.94 8.78 6.68
N ASP L 69 60.21 9.13 6.92
CA ASP L 69 61.25 8.18 7.33
C ASP L 69 61.06 7.69 8.76
N GLU L 70 60.47 8.55 9.60
CA GLU L 70 60.11 8.20 10.97
C GLU L 70 58.95 7.20 11.02
N CYS L 71 58.01 7.35 10.10
CA CYS L 71 56.86 6.45 9.98
C CYS L 71 57.24 5.07 9.43
N ARG L 72 58.24 5.03 8.55
CA ARG L 72 58.77 3.79 7.97
C ARG L 72 59.50 2.92 9.01
N LYS L 73 60.19 3.57 9.94
CA LYS L 73 60.90 2.90 11.03
C LYS L 73 59.94 2.30 12.07
N ALA L 74 58.85 3.00 12.33
CA ALA L 74 57.82 2.56 13.27
C ALA L 74 56.93 1.46 12.68
N TRP L 75 56.55 1.61 11.41
CA TRP L 75 55.70 0.65 10.71
C TRP L 75 56.34 0.21 9.39
N PRO L 76 57.13 -0.90 9.43
CA PRO L 76 57.79 -1.39 8.21
C PRO L 76 56.84 -2.12 7.26
N GLY L 77 55.99 -2.99 7.80
CA GLY L 77 55.07 -3.80 6.99
C GLY L 77 53.66 -3.24 6.92
N ARG L 78 53.56 -1.96 6.54
CA ARG L 78 52.28 -1.25 6.42
C ARG L 78 52.22 -0.38 5.16
N TYR L 79 51.01 -0.09 4.71
CA TYR L 79 50.77 0.80 3.57
C TYR L 79 50.78 2.26 4.03
N ILE L 80 51.84 2.97 3.68
CA ILE L 80 51.95 4.41 3.98
C ILE L 80 51.56 5.22 2.75
N ARG L 81 50.64 6.17 2.93
CA ARG L 81 50.22 7.08 1.87
C ARG L 81 50.29 8.56 2.27
N ILE L 82 50.40 9.42 1.26
CA ILE L 82 50.41 10.88 1.46
C ILE L 82 49.09 11.46 0.96
N ASN L 83 48.42 12.21 1.84
CA ASN L 83 47.16 12.86 1.50
C ASN L 83 47.31 14.38 1.56
N ALA L 84 47.09 15.02 0.42
CA ALA L 84 47.10 16.48 0.31
C ALA L 84 45.68 17.02 0.44
N PHE L 85 45.48 17.89 1.43
CA PHE L 85 44.15 18.40 1.77
C PHE L 85 43.97 19.85 1.34
N ASP L 86 42.94 20.10 0.53
CA ASP L 86 42.59 21.44 0.06
C ASP L 86 41.62 22.11 1.03
N SER L 87 41.87 23.39 1.31
CA SER L 87 41.07 24.17 2.26
C SER L 87 40.56 25.47 1.62
N THR L 88 39.72 25.31 0.60
CA THR L 88 39.12 26.45 -0.12
C THR L 88 37.62 26.56 0.21
N ARG L 89 36.90 27.43 -0.51
CA ARG L 89 35.48 27.69 -0.28
C ARG L 89 34.58 26.51 -0.68
N GLY L 90 34.89 25.88 -1.80
CA GLY L 90 34.04 24.83 -2.37
C GLY L 90 34.54 23.40 -2.20
N PHE L 91 35.86 23.21 -2.21
CA PHE L 91 36.49 21.89 -2.15
C PHE L 91 36.41 21.25 -0.76
N GLU L 92 37.24 21.72 0.16
CA GLU L 92 37.33 21.21 1.56
C GLU L 92 37.57 19.69 1.66
N THR L 93 38.36 19.17 0.71
CA THR L 93 38.58 17.72 0.59
C THR L 93 40.02 17.37 0.17
N VAL L 94 40.30 16.07 0.11
CA VAL L 94 41.59 15.54 -0.35
C VAL L 94 41.73 15.76 -1.85
N THR L 95 42.93 16.15 -2.28
CA THR L 95 43.23 16.38 -3.71
C THR L 95 44.16 15.35 -4.31
N MET L 96 45.20 14.96 -3.54
CA MET L 96 46.17 13.95 -3.98
C MET L 96 46.33 12.82 -2.97
N SER L 97 46.42 11.60 -3.49
CA SER L 97 46.61 10.40 -2.68
C SER L 97 47.45 9.37 -3.44
N PHE L 98 48.59 9.01 -2.87
CA PHE L 98 49.50 8.01 -3.46
C PHE L 98 50.29 7.23 -2.41
N ILE L 99 50.35 5.91 -2.59
CA ILE L 99 51.09 5.01 -1.71
C ILE L 99 52.59 5.18 -1.96
N VAL L 100 53.33 5.46 -0.88
CA VAL L 100 54.78 5.63 -0.94
C VAL L 100 55.56 4.44 -0.37
N ASN L 101 54.93 3.70 0.54
CA ASN L 101 55.51 2.48 1.09
C ASN L 101 54.48 1.37 1.18
N ARG L 102 54.76 0.26 0.50
CA ARG L 102 53.93 -0.95 0.55
C ARG L 102 54.77 -2.16 1.01
N PRO L 103 54.14 -3.10 1.77
CA PRO L 103 54.85 -4.24 2.38
C PRO L 103 55.54 -5.19 1.39
N GLU L 104 56.40 -6.06 1.93
CA GLU L 104 57.21 -7.02 1.16
C GLU L 104 56.36 -7.90 0.21
N VAL L 105 55.23 -8.38 0.71
CA VAL L 105 54.28 -9.15 -0.10
C VAL L 105 52.84 -8.62 0.09
N GLU L 106 52.18 -8.33 -1.02
CA GLU L 106 50.82 -7.80 -1.03
C GLU L 106 49.80 -8.90 -0.75
N PRO L 107 48.85 -8.66 0.18
CA PRO L 107 47.81 -9.65 0.48
C PRO L 107 46.70 -9.68 -0.58
N SER L 108 46.21 -10.90 -0.87
CA SER L 108 45.14 -11.11 -1.83
C SER L 108 43.75 -10.98 -1.18
N LEU L 109 42.72 -10.86 -2.01
CA LEU L 109 41.34 -10.75 -1.54
C LEU L 109 40.51 -11.98 -1.90
N ARG L 110 39.86 -12.55 -0.89
CA ARG L 110 38.94 -13.67 -1.07
C ARG L 110 37.50 -13.14 -1.15
N MET L 111 36.77 -13.63 -2.15
CA MET L 111 35.40 -13.21 -2.39
C MET L 111 34.40 -14.31 -2.03
N GLU L 112 33.55 -14.01 -1.05
CA GLU L 112 32.50 -14.93 -0.61
C GLU L 112 31.16 -14.56 -1.21
N ARG L 113 30.49 -15.55 -1.80
CA ARG L 113 29.23 -15.33 -2.52
C ARG L 113 28.03 -15.87 -1.75
N THR L 114 27.20 -14.94 -1.26
CA THR L 114 25.99 -15.28 -0.51
C THR L 114 24.78 -15.20 -1.46
N GLU L 115 24.10 -16.32 -1.62
CA GLU L 115 22.94 -16.42 -2.51
C GLU L 115 21.67 -15.95 -1.79
N VAL L 116 21.06 -14.90 -2.36
CA VAL L 116 19.85 -14.28 -1.78
C VAL L 116 18.64 -14.58 -2.69
N ASP L 117 17.74 -13.62 -2.85
CA ASP L 117 16.52 -13.78 -3.64
C ASP L 117 16.79 -13.76 -5.14
N GLY L 118 16.23 -14.74 -5.84
CA GLY L 118 16.41 -14.88 -7.28
C GLY L 118 17.80 -15.36 -7.64
N ARG L 119 18.49 -14.56 -8.45
CA ARG L 119 19.87 -14.86 -8.87
C ARG L 119 20.87 -13.82 -8.33
N SER L 120 20.40 -12.96 -7.44
CA SER L 120 21.22 -11.89 -6.86
C SER L 120 22.21 -12.43 -5.82
N ILE L 121 23.42 -11.88 -5.85
CA ILE L 121 24.52 -12.31 -4.96
C ILE L 121 25.04 -11.12 -4.15
N ARG L 122 25.14 -11.32 -2.83
CA ARG L 122 25.86 -10.39 -1.97
C ARG L 122 27.33 -10.78 -1.92
N TYR L 123 28.21 -9.83 -2.21
CA TYR L 123 29.65 -10.07 -2.26
C TYR L 123 30.34 -9.54 -1.02
N THR L 124 31.31 -10.32 -0.52
CA THR L 124 32.09 -9.96 0.66
C THR L 124 33.57 -10.12 0.35
N HIS L 125 34.29 -9.00 0.33
CA HIS L 125 35.72 -8.97 0.10
C HIS L 125 36.47 -9.00 1.43
N SER L 126 37.38 -9.96 1.57
CA SER L 126 38.14 -10.16 2.79
C SER L 126 39.63 -10.36 2.52
N ILE L 127 40.46 -9.72 3.34
CA ILE L 127 41.92 -9.76 3.21
C ILE L 127 42.46 -10.99 3.94
N VAL L 128 43.34 -11.73 3.25
CA VAL L 128 43.95 -12.96 3.79
C VAL L 128 44.92 -12.73 4.97
N ARG L 129 45.54 -11.54 4.99
CA ARG L 129 46.48 -11.16 6.03
C ARG L 129 45.75 -10.46 7.19
N ARG M 1 -28.26 -8.58 -50.90
CA ARG M 1 -27.58 -9.56 -49.97
C ARG M 1 -27.72 -9.14 -48.50
N TYR M 2 -28.51 -8.10 -48.24
CA TYR M 2 -28.75 -7.60 -46.88
C TYR M 2 -30.21 -7.66 -46.42
N LYS M 3 -31.06 -8.27 -47.25
CA LYS M 3 -32.46 -8.54 -46.90
C LYS M 3 -32.57 -9.68 -45.90
N ALA M 4 -33.64 -9.68 -45.12
CA ALA M 4 -33.88 -10.67 -44.06
C ALA M 4 -34.11 -12.07 -44.63
N GLY M 5 -33.35 -13.04 -44.12
CA GLY M 5 -33.41 -14.43 -44.57
C GLY M 5 -32.12 -15.19 -44.37
N VAL M 6 -32.21 -16.51 -44.45
CA VAL M 6 -31.06 -17.41 -44.25
C VAL M 6 -30.39 -17.68 -45.60
N LEU M 7 -29.10 -17.31 -45.68
CA LEU M 7 -28.27 -17.54 -46.86
C LEU M 7 -27.04 -18.38 -46.54
N LYS M 8 -26.57 -19.14 -47.53
CA LYS M 8 -25.37 -19.97 -47.41
C LYS M 8 -24.11 -19.13 -47.27
N TYR M 9 -23.12 -19.67 -46.55
CA TYR M 9 -21.87 -18.97 -46.25
C TYR M 9 -21.00 -18.68 -47.48
N ALA M 10 -21.08 -19.55 -48.48
CA ALA M 10 -20.40 -19.35 -49.77
C ALA M 10 -21.02 -18.21 -50.58
N GLN M 11 -22.35 -18.08 -50.49
CA GLN M 11 -23.11 -17.03 -51.16
C GLN M 11 -22.98 -15.69 -50.43
N MET M 12 -22.78 -15.75 -49.12
CA MET M 12 -22.69 -14.57 -48.25
C MET M 12 -21.38 -13.80 -48.44
N GLY M 13 -20.33 -14.50 -48.87
CA GLY M 13 -19.04 -13.88 -49.19
C GLY M 13 -17.92 -14.25 -48.24
N TYR M 14 -17.63 -15.54 -48.16
CA TYR M 14 -16.57 -16.07 -47.29
C TYR M 14 -15.60 -16.99 -48.04
N TRP M 15 -16.07 -17.51 -49.18
CA TRP M 15 -15.23 -18.32 -50.08
C TRP M 15 -14.79 -17.47 -51.27
N ASP M 16 -13.48 -17.46 -51.50
CA ASP M 16 -12.88 -16.77 -52.65
C ASP M 16 -11.63 -17.51 -53.11
N GLY M 17 -11.75 -18.22 -54.23
CA GLY M 17 -10.66 -19.04 -54.80
C GLY M 17 -9.50 -18.23 -55.36
N ASP M 18 -9.79 -17.02 -55.83
CA ASP M 18 -8.78 -16.15 -56.45
C ASP M 18 -8.03 -15.26 -55.44
N TYR M 19 -8.41 -15.36 -54.16
CA TYR M 19 -7.81 -14.58 -53.08
C TYR M 19 -6.39 -15.03 -52.79
N VAL M 20 -5.48 -14.05 -52.73
CA VAL M 20 -4.09 -14.26 -52.34
C VAL M 20 -3.86 -13.58 -50.99
N PRO M 21 -3.43 -14.36 -49.96
CA PRO M 21 -3.22 -13.79 -48.62
C PRO M 21 -2.03 -12.83 -48.55
N LYS M 22 -2.21 -11.76 -47.79
CA LYS M 22 -1.18 -10.74 -47.56
C LYS M 22 -0.18 -11.21 -46.51
N ASP M 23 0.93 -10.48 -46.39
CA ASP M 23 1.98 -10.75 -45.40
C ASP M 23 1.53 -10.51 -43.96
N THR M 24 0.55 -9.62 -43.79
CA THR M 24 -0.06 -9.35 -42.48
C THR M 24 -1.43 -10.03 -42.37
N ASP M 25 -1.40 -11.37 -42.40
CA ASP M 25 -2.60 -12.19 -42.25
C ASP M 25 -2.32 -13.47 -41.47
N VAL M 26 -3.16 -13.73 -40.48
CA VAL M 26 -3.09 -14.96 -39.68
C VAL M 26 -3.72 -16.09 -40.50
N LEU M 27 -2.91 -17.10 -40.84
CA LEU M 27 -3.38 -18.23 -41.62
C LEU M 27 -3.57 -19.46 -40.76
N ALA M 28 -4.64 -20.21 -41.03
CA ALA M 28 -4.97 -21.41 -40.28
C ALA M 28 -5.39 -22.55 -41.20
N LEU M 29 -4.89 -23.74 -40.90
CA LEU M 29 -5.31 -24.96 -41.58
C LEU M 29 -6.34 -25.74 -40.79
N PHE M 30 -7.30 -26.33 -41.50
CA PHE M 30 -8.31 -27.16 -40.90
C PHE M 30 -8.49 -28.46 -41.68
N ARG M 31 -8.29 -29.57 -40.98
CA ARG M 31 -8.55 -30.90 -41.52
C ARG M 31 -10.02 -31.24 -41.25
N ILE M 32 -10.86 -30.92 -42.24
CA ILE M 32 -12.31 -31.01 -42.12
C ILE M 32 -12.86 -32.30 -42.72
N THR M 33 -13.62 -33.03 -41.91
CA THR M 33 -14.43 -34.16 -42.37
C THR M 33 -15.90 -33.69 -42.37
N PRO M 34 -16.45 -33.42 -43.57
CA PRO M 34 -17.84 -32.94 -43.66
C PRO M 34 -18.86 -34.07 -43.58
N GLN M 35 -20.10 -33.72 -43.21
CA GLN M 35 -21.22 -34.67 -43.15
C GLN M 35 -21.66 -35.12 -44.55
N GLU M 36 -22.41 -36.22 -44.61
CA GLU M 36 -22.92 -36.78 -45.86
C GLU M 36 -23.94 -35.84 -46.51
N GLY M 37 -23.51 -35.20 -47.60
CA GLY M 37 -24.32 -34.21 -48.32
C GLY M 37 -23.74 -32.81 -48.33
N VAL M 38 -22.98 -32.48 -47.28
CA VAL M 38 -22.35 -31.17 -47.13
C VAL M 38 -21.13 -31.05 -48.05
N ASP M 39 -21.12 -30.01 -48.87
CA ASP M 39 -20.04 -29.72 -49.81
C ASP M 39 -18.80 -29.18 -49.07
N PRO M 40 -17.58 -29.62 -49.48
CA PRO M 40 -16.33 -29.14 -48.87
C PRO M 40 -16.10 -27.62 -48.95
N VAL M 41 -16.65 -26.98 -49.99
CA VAL M 41 -16.58 -25.52 -50.16
C VAL M 41 -17.48 -24.83 -49.11
N GLU M 42 -18.68 -25.39 -48.91
CA GLU M 42 -19.61 -24.92 -47.88
C GLU M 42 -19.08 -25.19 -46.47
N ALA M 43 -18.41 -26.33 -46.31
CA ALA M 43 -17.77 -26.72 -45.04
C ALA M 43 -16.63 -25.78 -44.65
N ALA M 44 -15.85 -25.34 -45.65
CA ALA M 44 -14.76 -24.39 -45.45
C ALA M 44 -15.27 -23.01 -45.05
N ALA M 45 -16.32 -22.55 -45.76
CA ALA M 45 -16.91 -21.23 -45.55
C ALA M 45 -17.64 -21.11 -44.21
N ALA M 46 -18.16 -22.23 -43.71
CA ALA M 46 -18.79 -22.31 -42.39
C ALA M 46 -17.76 -22.13 -41.26
N VAL M 47 -16.57 -22.69 -41.48
CA VAL M 47 -15.43 -22.54 -40.56
C VAL M 47 -14.88 -21.12 -40.65
N ALA M 48 -14.75 -20.61 -41.86
CA ALA M 48 -14.29 -19.24 -42.13
C ALA M 48 -15.27 -18.18 -41.61
N GLY M 49 -16.56 -18.53 -41.59
CA GLY M 49 -17.62 -17.63 -41.15
C GLY M 49 -17.65 -17.36 -39.66
N GLU M 50 -18.00 -18.39 -38.90
CA GLU M 50 -18.24 -18.29 -37.44
C GLU M 50 -16.99 -17.90 -36.64
N SER M 51 -15.81 -18.24 -37.16
CA SER M 51 -14.54 -17.89 -36.50
C SER M 51 -14.20 -16.39 -36.55
N SER M 52 -14.92 -15.63 -37.38
CA SER M 52 -14.72 -14.20 -37.50
C SER M 52 -15.98 -13.37 -37.24
N THR M 53 -16.75 -13.09 -38.30
CA THR M 53 -17.87 -12.13 -38.25
C THR M 53 -19.10 -12.64 -39.00
N ALA M 54 -19.68 -13.74 -38.53
CA ALA M 54 -20.87 -14.33 -39.16
C ALA M 54 -21.88 -14.92 -38.18
N THR M 55 -23.13 -14.87 -38.59
CA THR M 55 -24.25 -15.56 -37.93
C THR M 55 -25.15 -16.24 -38.98
N TRP M 56 -26.01 -17.15 -38.53
CA TRP M 56 -26.84 -17.98 -39.40
C TRP M 56 -27.80 -17.23 -40.34
N THR M 57 -28.25 -16.04 -39.92
CA THR M 57 -29.11 -15.18 -40.73
C THR M 57 -28.49 -13.78 -40.94
N VAL M 58 -28.91 -13.11 -42.02
CA VAL M 58 -28.36 -11.80 -42.40
C VAL M 58 -28.93 -10.67 -41.54
N VAL M 59 -28.04 -9.83 -41.02
CA VAL M 59 -28.41 -8.65 -40.22
C VAL M 59 -28.12 -7.35 -40.98
N TRP M 60 -28.93 -6.31 -40.69
CA TRP M 60 -28.77 -5.00 -41.32
C TRP M 60 -27.60 -4.19 -40.75
N THR M 61 -27.15 -4.56 -39.54
CA THR M 61 -26.02 -3.92 -38.85
C THR M 61 -24.67 -4.18 -39.54
N ASP M 62 -24.64 -5.16 -40.45
CA ASP M 62 -23.48 -5.45 -41.29
C ASP M 62 -23.14 -4.29 -42.24
N ARG M 63 -24.15 -3.52 -42.62
CA ARG M 63 -23.98 -2.36 -43.52
C ARG M 63 -23.31 -1.15 -42.84
N LEU M 64 -23.29 -1.15 -41.51
CA LEU M 64 -22.65 -0.09 -40.73
C LEU M 64 -21.13 -0.17 -40.80
N THR M 65 -20.57 -1.31 -40.39
CA THR M 65 -19.13 -1.57 -40.45
C THR M 65 -18.70 -2.07 -41.84
N ALA M 66 -17.45 -1.79 -42.21
CA ALA M 66 -16.90 -2.23 -43.50
C ALA M 66 -16.55 -3.72 -43.47
N CYS M 67 -17.56 -4.55 -43.76
CA CYS M 67 -17.48 -6.01 -43.63
C CYS M 67 -16.43 -6.71 -44.51
N ASP M 68 -16.10 -6.09 -45.65
CA ASP M 68 -15.10 -6.62 -46.59
C ASP M 68 -13.69 -6.80 -46.00
N SER M 69 -13.39 -6.04 -44.94
CA SER M 69 -12.12 -6.10 -44.23
C SER M 69 -12.13 -7.07 -43.04
N TYR M 70 -13.27 -7.12 -42.35
CA TYR M 70 -13.39 -7.89 -41.10
C TYR M 70 -13.67 -9.39 -41.30
N ARG M 71 -14.27 -9.75 -42.43
CA ARG M 71 -14.62 -11.13 -42.73
C ARG M 71 -13.40 -11.99 -43.06
N ALA M 72 -13.33 -13.16 -42.45
CA ALA M 72 -12.30 -14.16 -42.77
C ALA M 72 -12.62 -14.85 -44.08
N LYS M 73 -11.56 -15.15 -44.84
CA LYS M 73 -11.72 -15.67 -46.18
C LYS M 73 -10.96 -16.99 -46.36
N ALA M 74 -11.70 -18.03 -46.72
CA ALA M 74 -11.11 -19.32 -47.10
C ALA M 74 -10.68 -19.22 -48.57
N TYR M 75 -9.40 -19.48 -48.84
CA TYR M 75 -8.86 -19.25 -50.18
C TYR M 75 -8.61 -20.48 -51.05
N ARG M 76 -8.21 -21.60 -50.44
CA ARG M 76 -8.12 -22.86 -51.17
C ARG M 76 -8.47 -24.10 -50.34
N VAL M 77 -9.10 -25.07 -51.00
CA VAL M 77 -9.47 -26.35 -50.40
C VAL M 77 -8.88 -27.48 -51.24
N GLU M 78 -8.07 -28.31 -50.59
CA GLU M 78 -7.46 -29.48 -51.24
C GLU M 78 -7.76 -30.78 -50.47
N PRO M 79 -8.06 -31.88 -51.20
CA PRO M 79 -8.31 -33.18 -50.55
C PRO M 79 -7.04 -33.79 -49.96
N VAL M 80 -7.17 -34.39 -48.78
CA VAL M 80 -6.06 -35.04 -48.08
C VAL M 80 -5.75 -36.38 -48.76
N PRO M 81 -4.47 -36.60 -49.16
CA PRO M 81 -4.07 -37.88 -49.76
C PRO M 81 -4.12 -39.05 -48.76
N GLY M 82 -4.68 -40.17 -49.20
CA GLY M 82 -4.85 -41.35 -48.36
C GLY M 82 -6.29 -41.56 -47.91
N THR M 83 -6.89 -40.47 -47.40
CA THR M 83 -8.28 -40.49 -46.92
C THR M 83 -9.27 -40.10 -48.04
N PRO M 84 -10.36 -40.89 -48.20
CA PRO M 84 -11.36 -40.62 -49.24
C PRO M 84 -12.23 -39.39 -49.00
N GLY M 85 -12.59 -39.15 -47.74
CA GLY M 85 -13.50 -38.05 -47.38
C GLY M 85 -12.96 -37.12 -46.30
N GLN M 86 -11.87 -36.43 -46.63
CA GLN M 86 -11.22 -35.47 -45.72
C GLN M 86 -10.53 -34.38 -46.53
N TYR M 87 -10.64 -33.14 -46.05
CA TYR M 87 -10.14 -31.97 -46.80
C TYR M 87 -9.32 -31.01 -45.95
N PHE M 88 -8.25 -30.48 -46.54
CA PHE M 88 -7.50 -29.34 -45.98
C PHE M 88 -8.18 -28.04 -46.38
N CYS M 89 -8.32 -27.13 -45.41
CA CYS M 89 -8.93 -25.82 -45.66
C CYS M 89 -8.11 -24.69 -45.08
N TYR M 90 -7.69 -23.78 -45.97
CA TYR M 90 -6.83 -22.66 -45.61
C TYR M 90 -7.68 -21.41 -45.41
N VAL M 91 -7.69 -20.91 -44.17
CA VAL M 91 -8.49 -19.74 -43.79
C VAL M 91 -7.56 -18.58 -43.43
N ALA M 92 -7.84 -17.41 -44.00
CA ALA M 92 -7.08 -16.19 -43.72
C ALA M 92 -7.84 -15.23 -42.81
N TYR M 93 -7.16 -14.77 -41.76
CA TYR M 93 -7.72 -13.81 -40.79
C TYR M 93 -6.88 -12.54 -40.78
N ASP M 94 -7.54 -11.40 -40.62
CA ASP M 94 -6.86 -10.10 -40.55
C ASP M 94 -6.50 -9.70 -39.12
N LEU M 95 -5.42 -8.94 -38.97
CA LEU M 95 -4.91 -8.48 -37.65
C LEU M 95 -5.87 -7.58 -36.87
N ILE M 96 -6.85 -7.02 -37.56
CA ILE M 96 -7.88 -6.16 -36.97
C ILE M 96 -8.79 -6.88 -35.96
N LEU M 97 -8.82 -8.21 -36.05
CA LEU M 97 -9.68 -9.04 -35.22
C LEU M 97 -9.00 -9.51 -33.92
N PHE M 98 -7.69 -9.38 -33.85
CA PHE M 98 -6.90 -9.90 -32.73
C PHE M 98 -6.35 -8.82 -31.80
N GLU M 99 -6.41 -9.08 -30.51
CA GLU M 99 -5.84 -8.20 -29.47
C GLU M 99 -4.33 -8.40 -29.38
N GLU M 100 -3.61 -7.30 -29.18
CA GLU M 100 -2.16 -7.30 -29.08
C GLU M 100 -1.70 -7.88 -27.74
N GLY M 101 -0.97 -8.99 -27.81
CA GLY M 101 -0.39 -9.66 -26.64
C GLY M 101 -1.40 -10.41 -25.80
N SER M 102 -2.20 -11.25 -26.45
CA SER M 102 -3.20 -12.08 -25.78
C SER M 102 -3.43 -13.40 -26.52
N ILE M 103 -3.12 -14.50 -25.83
CA ILE M 103 -3.34 -15.86 -26.36
C ILE M 103 -4.84 -16.20 -26.28
N ALA M 104 -5.46 -15.79 -25.17
CA ALA M 104 -6.89 -16.02 -24.89
C ALA M 104 -7.82 -15.47 -25.96
N ASN M 105 -7.48 -14.30 -26.49
CA ASN M 105 -8.26 -13.65 -27.56
C ASN M 105 -8.11 -14.36 -28.91
N LEU M 106 -6.90 -14.85 -29.18
CA LEU M 106 -6.57 -15.58 -30.41
C LEU M 106 -7.33 -16.90 -30.51
N THR M 107 -7.45 -17.60 -29.38
CA THR M 107 -8.16 -18.87 -29.29
C THR M 107 -9.68 -18.69 -29.30
N ALA M 108 -10.15 -17.58 -28.74
CA ALA M 108 -11.59 -17.24 -28.71
C ALA M 108 -12.15 -17.00 -30.12
N SER M 109 -11.30 -16.50 -31.01
CA SER M 109 -11.67 -16.23 -32.40
C SER M 109 -11.63 -17.51 -33.24
N ILE M 110 -10.44 -18.10 -33.37
CA ILE M 110 -10.19 -19.20 -34.32
C ILE M 110 -10.85 -20.52 -33.91
N ILE M 111 -10.54 -21.01 -32.70
CA ILE M 111 -11.07 -22.29 -32.21
C ILE M 111 -12.32 -22.15 -31.32
N GLY M 112 -13.03 -21.02 -31.49
CA GLY M 112 -14.18 -20.66 -30.66
C GLY M 112 -15.37 -21.61 -30.73
N ASN M 113 -16.13 -21.51 -31.81
CA ASN M 113 -17.38 -22.27 -31.97
C ASN M 113 -17.43 -23.16 -33.22
N VAL M 114 -16.34 -23.19 -33.98
CA VAL M 114 -16.26 -23.92 -35.26
C VAL M 114 -16.27 -25.45 -35.12
N PHE M 115 -15.80 -25.95 -33.98
CA PHE M 115 -15.72 -27.38 -33.71
C PHE M 115 -17.08 -28.02 -33.47
N SER M 116 -17.95 -27.31 -32.75
CA SER M 116 -19.27 -27.81 -32.34
C SER M 116 -20.36 -27.70 -33.42
N PHE M 117 -19.96 -27.45 -34.66
CA PHE M 117 -20.88 -27.34 -35.80
C PHE M 117 -21.48 -28.67 -36.21
N LYS M 118 -22.79 -28.64 -36.51
CA LYS M 118 -23.54 -29.81 -37.00
C LYS M 118 -23.18 -30.27 -38.43
N PRO M 119 -22.88 -29.33 -39.38
CA PRO M 119 -22.50 -29.79 -40.73
C PRO M 119 -21.11 -30.46 -40.85
N LEU M 120 -20.33 -30.43 -39.77
CA LEU M 120 -19.02 -31.06 -39.75
C LEU M 120 -19.00 -32.27 -38.82
N LYS M 121 -18.45 -33.38 -39.31
CA LYS M 121 -18.31 -34.60 -38.52
C LYS M 121 -17.13 -34.48 -37.55
N ALA M 122 -15.96 -34.09 -38.07
CA ALA M 122 -14.75 -33.89 -37.28
C ALA M 122 -13.82 -32.88 -37.93
N ALA M 123 -13.38 -31.90 -37.15
CA ALA M 123 -12.44 -30.88 -37.59
C ALA M 123 -11.19 -30.89 -36.72
N ARG M 124 -10.02 -30.72 -37.35
CA ARG M 124 -8.75 -30.64 -36.65
C ARG M 124 -7.89 -29.49 -37.14
N LEU M 125 -7.37 -28.70 -36.19
CA LEU M 125 -6.46 -27.61 -36.48
C LEU M 125 -5.04 -28.16 -36.61
N GLU M 126 -4.49 -28.10 -37.83
CA GLU M 126 -3.21 -28.73 -38.15
C GLU M 126 -2.01 -27.83 -37.91
N ASP M 127 -2.04 -26.63 -38.50
CA ASP M 127 -0.95 -25.66 -38.39
C ASP M 127 -1.46 -24.23 -38.52
N MET M 128 -0.70 -23.29 -37.95
CA MET M 128 -1.07 -21.88 -37.94
C MET M 128 0.13 -21.00 -38.27
N ARG M 129 -0.08 -20.03 -39.16
CA ARG M 129 0.94 -19.05 -39.53
C ARG M 129 0.71 -17.74 -38.78
N PHE M 130 1.77 -17.26 -38.13
CA PHE M 130 1.76 -15.95 -37.50
C PHE M 130 2.66 -14.99 -38.27
N PRO M 131 2.12 -13.80 -38.64
CA PRO M 131 2.93 -12.75 -39.28
C PRO M 131 3.94 -12.12 -38.32
N VAL M 132 4.94 -11.46 -38.88
CA VAL M 132 6.00 -10.77 -38.12
C VAL M 132 5.41 -9.64 -37.27
N ALA M 133 4.34 -9.02 -37.78
CA ALA M 133 3.60 -7.96 -37.08
C ALA M 133 2.92 -8.42 -35.80
N TYR M 134 2.51 -9.69 -35.76
CA TYR M 134 1.79 -10.26 -34.63
C TYR M 134 2.71 -10.84 -33.55
N VAL M 135 3.86 -11.41 -33.96
CA VAL M 135 4.80 -12.03 -33.00
C VAL M 135 5.55 -11.01 -32.14
N LYS M 136 5.71 -9.80 -32.67
CA LYS M 136 6.44 -8.72 -31.99
C LYS M 136 5.70 -8.11 -30.80
N THR M 137 4.37 -8.28 -30.77
CA THR M 137 3.54 -7.80 -29.66
C THR M 137 3.75 -8.61 -28.39
N TYR M 138 4.16 -9.88 -28.55
CA TYR M 138 4.46 -10.78 -27.44
C TYR M 138 5.91 -10.65 -26.97
N LYS M 139 6.10 -10.85 -25.67
CA LYS M 139 7.42 -10.75 -25.04
C LYS M 139 8.32 -11.95 -25.36
N GLY M 140 7.72 -13.14 -25.40
CA GLY M 140 8.45 -14.39 -25.62
C GLY M 140 8.93 -15.03 -24.33
N PRO M 141 9.71 -16.13 -24.43
CA PRO M 141 10.26 -16.85 -23.26
C PRO M 141 11.19 -15.98 -22.41
N PRO M 142 11.12 -16.12 -21.06
CA PRO M 142 11.92 -15.34 -20.11
C PRO M 142 13.44 -15.40 -20.34
N THR M 143 13.97 -16.59 -20.61
CA THR M 143 15.42 -16.77 -20.80
C THR M 143 15.77 -17.36 -22.16
N GLY M 144 15.14 -18.49 -22.50
CA GLY M 144 15.45 -19.23 -23.73
C GLY M 144 16.50 -20.32 -23.53
N ILE M 145 17.03 -20.83 -24.63
CA ILE M 145 18.09 -21.86 -24.61
C ILE M 145 19.43 -21.22 -24.24
N VAL M 146 19.75 -20.10 -24.87
CA VAL M 146 20.99 -19.35 -24.64
C VAL M 146 21.07 -18.83 -23.20
N GLY M 147 20.00 -18.18 -22.75
CA GLY M 147 19.92 -17.57 -21.42
C GLY M 147 20.01 -18.53 -20.25
N GLU M 148 19.45 -19.73 -20.42
CA GLU M 148 19.42 -20.73 -19.37
C GLU M 148 20.77 -21.43 -19.16
N ARG M 149 21.41 -21.83 -20.27
CA ARG M 149 22.69 -22.53 -20.25
C ARG M 149 23.84 -21.70 -19.67
N GLU M 150 23.76 -20.38 -19.84
CA GLU M 150 24.72 -19.43 -19.29
C GLU M 150 24.59 -19.29 -17.77
N ARG M 151 23.37 -19.46 -17.27
CA ARG M 151 23.06 -19.39 -15.84
C ARG M 151 23.56 -20.63 -15.07
N LEU M 152 23.46 -21.79 -15.72
CA LEU M 152 23.83 -23.07 -15.11
C LEU M 152 25.28 -23.48 -15.41
N ASP M 153 25.89 -22.80 -16.38
CA ASP M 153 27.26 -23.06 -16.87
C ASP M 153 27.48 -24.49 -17.38
N LYS M 154 26.46 -25.01 -18.09
CA LYS M 154 26.49 -26.37 -18.63
C LYS M 154 26.28 -26.34 -20.15
N PHE M 155 27.29 -26.83 -20.88
CA PHE M 155 27.32 -26.76 -22.34
C PHE M 155 27.77 -28.08 -22.97
N GLY M 156 27.22 -28.39 -24.14
CA GLY M 156 27.73 -29.48 -24.99
C GLY M 156 27.05 -30.83 -24.92
N LYS M 157 25.96 -30.91 -24.14
CA LYS M 157 25.19 -32.15 -23.96
C LYS M 157 23.78 -31.85 -23.44
N PRO M 158 22.83 -32.81 -23.55
CA PRO M 158 21.51 -32.63 -22.94
C PRO M 158 21.56 -32.54 -21.41
N LEU M 159 20.71 -31.68 -20.84
CA LEU M 159 20.56 -31.57 -19.39
C LEU M 159 19.73 -32.74 -18.87
N LEU M 160 20.20 -33.37 -17.79
CA LEU M 160 19.53 -34.55 -17.24
C LEU M 160 18.56 -34.24 -16.10
N GLY M 161 17.43 -34.94 -16.10
CA GLY M 161 16.39 -34.77 -15.10
C GLY M 161 15.83 -36.09 -14.58
N ALA M 162 15.10 -36.00 -13.47
CA ALA M 162 14.40 -37.15 -12.88
C ALA M 162 13.20 -36.70 -12.07
N THR M 163 12.08 -37.41 -12.24
CA THR M 163 10.86 -37.16 -11.46
C THR M 163 10.93 -37.95 -10.16
N THR M 164 10.62 -37.28 -9.05
CA THR M 164 10.65 -37.87 -7.71
C THR M 164 9.53 -38.91 -7.57
N LYS M 165 9.94 -40.17 -7.40
CA LYS M 165 9.02 -41.31 -7.31
C LYS M 165 8.97 -41.87 -5.88
N PRO M 166 7.79 -42.26 -5.37
CA PRO M 166 6.51 -42.26 -6.11
C PRO M 166 5.89 -40.87 -6.29
N LYS M 167 4.84 -40.81 -7.11
CA LYS M 167 4.16 -39.56 -7.44
C LYS M 167 3.65 -38.84 -6.19
N LEU M 168 2.72 -39.47 -5.47
CA LEU M 168 2.21 -38.95 -4.20
C LEU M 168 2.55 -39.90 -3.06
N GLY M 169 2.65 -39.36 -1.84
CA GLY M 169 2.85 -40.18 -0.64
C GLY M 169 3.95 -39.74 0.31
N LEU M 170 5.08 -39.31 -0.26
CA LEU M 170 6.28 -38.95 0.51
C LEU M 170 6.09 -37.67 1.31
N SER M 171 6.53 -37.70 2.57
CA SER M 171 6.53 -36.54 3.45
C SER M 171 7.72 -35.62 3.14
N GLY M 172 7.64 -34.38 3.63
CA GLY M 172 8.65 -33.34 3.37
C GLY M 172 10.10 -33.69 3.65
N LYS M 173 10.33 -34.42 4.75
CA LYS M 173 11.66 -34.89 5.14
C LYS M 173 12.24 -35.90 4.14
N ASN M 174 11.43 -36.90 3.78
CA ASN M 174 11.86 -37.99 2.90
C ASN M 174 11.91 -37.59 1.42
N TYR M 175 11.09 -36.62 1.05
CA TYR M 175 11.01 -36.10 -0.32
C TYR M 175 12.33 -35.46 -0.74
N GLY M 176 12.92 -34.68 0.16
CA GLY M 176 14.21 -34.03 -0.04
C GLY M 176 15.37 -35.01 -0.09
N ARG M 177 15.24 -36.14 0.61
CA ARG M 177 16.27 -37.17 0.64
C ARG M 177 16.43 -37.88 -0.71
N VAL M 178 15.32 -38.04 -1.43
CA VAL M 178 15.32 -38.59 -2.80
C VAL M 178 15.97 -37.58 -3.76
N VAL M 179 15.64 -36.30 -3.56
CA VAL M 179 16.20 -35.19 -4.34
C VAL M 179 17.72 -35.06 -4.11
N TYR M 180 18.15 -35.19 -2.86
CA TYR M 180 19.56 -35.12 -2.49
C TYR M 180 20.41 -36.24 -3.12
N GLU M 181 19.88 -37.46 -3.09
CA GLU M 181 20.57 -38.64 -3.65
C GLU M 181 20.60 -38.63 -5.17
N GLY M 182 19.61 -37.97 -5.78
CA GLY M 182 19.52 -37.82 -7.23
C GLY M 182 20.55 -36.85 -7.78
N LEU M 183 20.58 -35.64 -7.21
CA LEU M 183 21.46 -34.56 -7.67
C LEU M 183 22.95 -34.82 -7.42
N LYS M 184 23.27 -35.48 -6.30
CA LYS M 184 24.66 -35.81 -5.97
C LYS M 184 25.22 -36.93 -6.84
N GLY M 185 24.33 -37.80 -7.31
CA GLY M 185 24.69 -38.93 -8.18
C GLY M 185 25.18 -38.51 -9.56
N GLY M 186 24.60 -37.44 -10.11
CA GLY M 186 25.01 -36.91 -11.41
C GLY M 186 23.95 -36.16 -12.18
N LEU M 187 22.73 -36.13 -11.67
CA LEU M 187 21.61 -35.44 -12.32
C LEU M 187 21.69 -33.93 -12.17
N ASP M 188 21.29 -33.22 -13.22
CA ASP M 188 21.28 -31.76 -13.22
C ASP M 188 20.01 -31.20 -12.59
N PHE M 189 18.90 -31.92 -12.76
CA PHE M 189 17.60 -31.52 -12.23
C PHE M 189 16.82 -32.65 -11.57
N MET M 190 16.09 -32.30 -10.51
CA MET M 190 15.02 -33.13 -9.96
C MET M 190 13.73 -32.33 -10.10
N ASP M 192 9.17 -31.97 -9.14
CA ASP M 192 7.88 -32.36 -8.57
C ASP M 192 7.02 -33.01 -9.64
N ASP M 193 6.14 -33.93 -9.21
CA ASP M 193 5.15 -34.52 -10.09
C ASP M 193 4.01 -33.53 -10.35
N GLU M 194 3.34 -33.67 -11.49
CA GLU M 194 2.30 -32.73 -11.92
C GLU M 194 1.08 -32.62 -10.99
N ASN M 195 0.77 -33.70 -10.29
CA ASN M 195 -0.35 -33.75 -9.34
C ASN M 195 0.01 -33.26 -7.93
N ILE M 196 1.31 -33.24 -7.60
CA ILE M 196 1.81 -32.74 -6.32
C ILE M 196 1.64 -31.23 -6.23
N ASN M 197 0.88 -30.79 -5.22
CA ASN M 197 0.67 -29.37 -4.94
C ASN M 197 0.71 -29.08 -3.45
N SER M 198 -0.45 -29.15 -2.78
CA SER M 198 -0.56 -28.92 -1.34
C SER M 198 -1.54 -29.90 -0.69
N GLN M 199 -1.18 -31.19 -0.78
CA GLN M 199 -1.99 -32.29 -0.26
C GLN M 199 -1.95 -32.37 1.29
N PRO M 200 -2.95 -33.04 1.91
CA PRO M 200 -2.98 -33.20 3.38
C PRO M 200 -1.77 -33.91 4.00
N PHE M 201 -1.12 -34.79 3.26
CA PHE M 201 0.03 -35.53 3.78
C PHE M 201 1.34 -34.73 3.82
N MET M 202 1.48 -33.78 2.91
CA MET M 202 2.66 -32.91 2.84
C MET M 202 2.29 -31.53 2.29
N HIS M 203 2.48 -30.51 3.13
CA HIS M 203 2.22 -29.12 2.75
C HIS M 203 3.32 -28.58 1.84
N TRP M 204 2.96 -27.68 0.93
CA TRP M 204 3.88 -27.14 -0.07
C TRP M 204 5.06 -26.36 0.53
N ARG M 205 4.79 -25.54 1.55
CA ARG M 205 5.80 -24.67 2.16
C ARG M 205 6.87 -25.47 2.92
N ASP M 206 6.49 -26.66 3.38
CA ASP M 206 7.42 -27.61 3.98
C ASP M 206 8.30 -28.28 2.93
N ARG M 207 7.70 -28.65 1.80
CA ARG M 207 8.43 -29.27 0.68
C ARG M 207 9.50 -28.33 0.11
N PHE M 208 9.11 -27.07 -0.12
CA PHE M 208 9.99 -26.03 -0.65
C PHE M 208 11.26 -25.80 0.17
N LEU M 209 11.12 -25.87 1.50
CA LEU M 209 12.25 -25.69 2.43
C LEU M 209 13.24 -26.86 2.40
N TYR M 210 12.71 -28.09 2.42
CA TYR M 210 13.53 -29.29 2.51
C TYR M 210 14.25 -29.68 1.22
N VAL M 211 13.68 -29.30 0.07
CA VAL M 211 14.34 -29.56 -1.22
C VAL M 211 15.48 -28.57 -1.48
N MET M 212 15.33 -27.34 -1.00
CA MET M 212 16.35 -26.29 -1.18
C MET M 212 17.60 -26.54 -0.35
N GLU M 213 17.44 -27.16 0.82
CA GLU M 213 18.55 -27.63 1.63
C GLU M 213 19.27 -28.80 0.93
N ALA M 214 18.48 -29.65 0.26
CA ALA M 214 18.99 -30.78 -0.51
C ALA M 214 19.72 -30.36 -1.78
N VAL M 215 19.27 -29.25 -2.38
CA VAL M 215 19.90 -28.67 -3.59
C VAL M 215 21.29 -28.13 -3.26
N ASN M 216 21.36 -27.31 -2.20
CA ASN M 216 22.60 -26.65 -1.80
C ASN M 216 23.66 -27.59 -1.23
N LEU M 217 23.22 -28.66 -0.55
CA LEU M 217 24.12 -29.71 -0.06
C LEU M 217 24.73 -30.51 -1.22
N ALA M 218 23.93 -30.73 -2.26
CA ALA M 218 24.38 -31.38 -3.48
C ALA M 218 25.31 -30.50 -4.31
N SER M 219 25.02 -29.20 -4.31
CA SER M 219 25.82 -28.19 -5.03
C SER M 219 27.22 -28.01 -4.44
N ALA M 220 27.32 -28.13 -3.12
CA ALA M 220 28.59 -28.02 -2.40
C ALA M 220 29.48 -29.25 -2.58
N GLN M 221 28.86 -30.41 -2.75
CA GLN M 221 29.58 -31.69 -2.81
C GLN M 221 29.97 -32.13 -4.23
N THR M 222 29.30 -31.55 -5.23
CA THR M 222 29.59 -31.84 -6.64
C THR M 222 30.31 -30.70 -7.34
N GLY M 223 30.03 -29.47 -6.91
CA GLY M 223 30.60 -28.26 -7.50
C GLY M 223 29.84 -27.75 -8.72
N GLU M 224 28.61 -28.25 -8.91
CA GLU M 224 27.73 -27.85 -10.00
C GLU M 224 26.50 -27.11 -9.48
N VAL M 225 25.91 -26.27 -10.33
CA VAL M 225 24.66 -25.58 -10.02
C VAL M 225 23.50 -26.56 -10.25
N LYS M 226 22.84 -26.93 -9.16
CA LYS M 226 21.71 -27.87 -9.20
C LYS M 226 20.37 -27.15 -9.07
N GLY M 227 19.31 -27.81 -9.50
CA GLY M 227 17.97 -27.24 -9.44
C GLY M 227 16.85 -28.26 -9.23
N HIS M 228 15.73 -27.76 -8.72
CA HIS M 228 14.52 -28.56 -8.55
C HIS M 228 13.32 -27.78 -9.09
N TYR M 229 12.57 -28.39 -10.00
CA TYR M 229 11.37 -27.76 -10.55
C TYR M 229 10.28 -27.74 -9.48
N LEU M 230 10.07 -26.57 -8.90
CA LEU M 230 9.08 -26.38 -7.85
C LEU M 230 7.69 -26.11 -8.42
N ASN M 231 6.77 -27.01 -8.13
CA ASN M 231 5.40 -26.93 -8.63
C ASN M 231 4.61 -25.86 -7.87
N ILE M 232 4.16 -24.85 -8.60
CA ILE M 232 3.42 -23.72 -8.01
C ILE M 232 1.91 -23.75 -8.29
N THR M 233 1.48 -24.74 -9.08
CA THR M 233 0.07 -24.90 -9.49
C THR M 233 -0.88 -24.85 -8.29
N ALA M 234 -1.81 -23.89 -8.32
CA ALA M 234 -2.75 -23.66 -7.23
C ALA M 234 -4.17 -23.44 -7.74
N GLY M 235 -5.13 -23.36 -6.82
CA GLY M 235 -6.54 -23.11 -7.13
C GLY M 235 -6.80 -21.71 -7.62
N THR M 236 -6.24 -20.72 -6.93
CA THR M 236 -6.39 -19.31 -7.28
C THR M 236 -5.04 -18.68 -7.63
N MET M 237 -5.07 -17.49 -8.23
CA MET M 237 -3.88 -16.72 -8.57
C MET M 237 -3.19 -16.12 -7.35
N GLU M 238 -3.98 -15.76 -6.33
CA GLU M 238 -3.48 -15.22 -5.07
C GLU M 238 -2.59 -16.22 -4.33
N GLU M 239 -3.00 -17.48 -4.33
CA GLU M 239 -2.21 -18.59 -3.79
C GLU M 239 -0.98 -18.87 -4.66
N MET M 240 -1.15 -18.70 -5.97
CA MET M 240 -0.12 -19.01 -6.96
C MET M 240 1.06 -18.03 -6.93
N TYR M 241 0.76 -16.74 -6.74
CA TYR M 241 1.80 -15.71 -6.59
C TYR M 241 2.58 -15.86 -5.29
N ARG M 242 1.89 -16.26 -4.22
CA ARG M 242 2.51 -16.48 -2.91
C ARG M 242 3.48 -17.66 -2.90
N ARG M 243 3.18 -18.67 -3.72
CA ARG M 243 4.05 -19.84 -3.88
C ARG M 243 5.29 -19.52 -4.70
N ALA M 244 5.13 -18.63 -5.68
CA ALA M 244 6.23 -18.19 -6.54
C ALA M 244 7.19 -17.25 -5.82
N GLU M 245 6.63 -16.32 -5.03
CA GLU M 245 7.43 -15.35 -4.27
C GLU M 245 8.28 -15.99 -3.17
N PHE M 246 7.77 -17.07 -2.59
CA PHE M 246 8.51 -17.87 -1.60
C PHE M 246 9.59 -18.72 -2.26
N ALA M 247 9.34 -19.15 -3.49
CA ALA M 247 10.32 -19.89 -4.31
C ALA M 247 11.50 -19.01 -4.69
N LYS M 248 11.21 -17.73 -5.00
CA LYS M 248 12.24 -16.72 -5.25
C LYS M 248 13.04 -16.41 -3.98
N SER M 249 12.32 -16.32 -2.84
CA SER M 249 12.91 -16.00 -1.54
C SER M 249 13.93 -17.03 -1.05
N LEU M 250 13.72 -18.29 -1.42
CA LEU M 250 14.67 -19.37 -1.10
C LEU M 250 15.88 -19.35 -2.01
N GLY M 251 15.71 -18.82 -3.22
CA GLY M 251 16.76 -18.70 -4.22
C GLY M 251 16.78 -19.85 -5.21
N SER M 252 15.59 -20.27 -5.63
CA SER M 252 15.45 -21.34 -6.62
C SER M 252 15.76 -20.83 -8.03
N VAL M 253 16.29 -21.74 -8.85
CA VAL M 253 16.70 -21.43 -10.22
C VAL M 253 15.49 -21.46 -11.17
N ILE M 254 14.62 -22.45 -10.97
CA ILE M 254 13.55 -22.78 -11.93
C ILE M 254 12.29 -23.34 -11.25
N VAL M 255 11.12 -22.83 -11.66
CA VAL M 255 9.82 -23.32 -11.20
C VAL M 255 8.95 -23.90 -12.33
N MET M 256 8.20 -24.96 -12.03
CA MET M 256 7.33 -25.61 -13.01
C MET M 256 5.85 -25.27 -12.85
N VAL M 257 5.12 -25.34 -13.98
CA VAL M 257 3.72 -24.94 -14.09
C VAL M 257 3.00 -25.94 -15.00
N ASP M 258 1.79 -26.35 -14.60
CA ASP M 258 0.94 -27.23 -15.41
C ASP M 258 0.16 -26.46 -16.49
N LEU M 259 -0.13 -27.13 -17.60
CA LEU M 259 -0.82 -26.53 -18.75
C LEU M 259 -2.31 -26.23 -18.47
N ILE M 260 -2.90 -27.00 -17.56
CA ILE M 260 -4.32 -26.91 -17.17
C ILE M 260 -4.74 -25.50 -16.71
N ILE M 261 -3.85 -24.83 -15.97
CA ILE M 261 -4.12 -23.52 -15.35
C ILE M 261 -4.67 -22.44 -16.29
N GLY M 262 -4.40 -22.58 -17.59
CA GLY M 262 -4.93 -21.71 -18.62
C GLY M 262 -3.97 -20.64 -19.09
N TYR M 263 -4.11 -20.25 -20.36
CA TYR M 263 -3.21 -19.32 -21.04
C TYR M 263 -3.17 -17.93 -20.41
N THR M 264 -4.30 -17.48 -19.87
CA THR M 264 -4.41 -16.21 -19.14
C THR M 264 -3.57 -16.24 -17.86
N ALA M 265 -3.63 -17.37 -17.16
CA ALA M 265 -2.81 -17.60 -15.96
C ALA M 265 -1.33 -17.84 -16.29
N ILE M 266 -1.07 -18.46 -17.45
CA ILE M 266 0.30 -18.74 -17.93
C ILE M 266 1.06 -17.45 -18.28
N GLN M 267 0.41 -16.56 -19.04
CA GLN M 267 0.99 -15.28 -19.44
C GLN M 267 1.31 -14.34 -18.27
N SER M 268 0.61 -14.53 -17.15
CA SER M 268 0.85 -13.78 -15.92
C SER M 268 2.15 -14.17 -15.23
N ILE M 269 2.50 -15.47 -15.26
CA ILE M 269 3.75 -15.97 -14.69
C ILE M 269 4.94 -15.61 -15.57
N SER M 270 4.73 -15.63 -16.88
CA SER M 270 5.74 -15.23 -17.87
C SER M 270 6.20 -13.78 -17.69
N GLU M 271 5.25 -12.91 -17.34
CA GLU M 271 5.51 -11.52 -16.97
C GLU M 271 6.25 -11.45 -15.63
N TRP M 272 5.88 -12.33 -14.71
CA TRP M 272 6.47 -12.39 -13.36
C TRP M 272 7.90 -12.95 -13.37
N CYS M 273 8.14 -13.99 -14.17
CA CYS M 273 9.43 -14.66 -14.26
C CYS M 273 10.54 -13.81 -14.86
N ARG M 274 10.17 -12.98 -15.85
CA ARG M 274 11.09 -12.03 -16.46
C ARG M 274 11.47 -10.92 -15.48
N GLN M 275 10.51 -10.48 -14.68
CA GLN M 275 10.70 -9.39 -13.71
C GLN M 275 11.30 -9.84 -12.37
N ASN M 276 11.63 -11.13 -12.25
CA ASN M 276 12.23 -11.69 -11.04
C ASN M 276 13.34 -12.71 -11.31
N ASP M 277 13.78 -12.79 -12.58
CA ASP M 277 14.84 -13.70 -13.05
C ASP M 277 14.62 -15.17 -12.70
N MET M 278 13.57 -15.73 -13.28
CA MET M 278 13.18 -17.12 -13.06
C MET M 278 12.98 -17.83 -14.38
N ILE M 279 13.38 -19.11 -14.44
CA ILE M 279 13.18 -19.96 -15.61
C ILE M 279 11.85 -20.71 -15.45
N LEU M 280 11.04 -20.72 -16.50
CA LEU M 280 9.71 -21.33 -16.46
C LEU M 280 9.65 -22.68 -17.19
N HIS M 281 9.12 -23.68 -16.49
CA HIS M 281 8.94 -25.03 -17.02
C HIS M 281 7.45 -25.31 -17.20
N MET M 282 7.09 -25.85 -18.36
CA MET M 282 5.71 -26.22 -18.67
C MET M 282 5.55 -27.72 -18.71
N HIS M 283 4.61 -28.23 -17.91
CA HIS M 283 4.22 -29.63 -17.97
C HIS M 283 2.85 -29.71 -18.64
N ARG M 284 2.78 -30.45 -19.74
CA ARG M 284 1.53 -30.63 -20.47
C ARG M 284 0.66 -31.74 -19.86
N ALA M 285 -0.13 -31.34 -18.86
CA ALA M 285 -1.12 -32.21 -18.25
C ALA M 285 -2.46 -32.02 -18.96
N GLY M 286 -3.07 -33.13 -19.33
CA GLY M 286 -4.37 -33.12 -20.02
C GLY M 286 -4.35 -32.60 -21.45
N HIS M 287 -3.18 -32.68 -22.08
CA HIS M 287 -3.01 -32.27 -23.47
C HIS M 287 -3.62 -33.32 -24.42
N GLY M 288 -3.44 -34.60 -24.06
CA GLY M 288 -3.87 -35.73 -24.88
C GLY M 288 -5.37 -35.89 -25.03
N THR M 289 -6.11 -35.00 -24.37
CA THR M 289 -7.57 -34.95 -24.45
C THR M 289 -8.02 -34.42 -25.82
N TYR M 290 -7.24 -33.51 -26.38
CA TYR M 290 -7.57 -32.84 -27.64
C TYR M 290 -6.41 -32.80 -28.65
N THR M 291 -5.44 -33.69 -28.47
CA THR M 291 -4.23 -33.72 -29.31
C THR M 291 -4.00 -35.08 -29.97
N ARG M 292 -4.29 -36.16 -29.24
CA ARG M 292 -3.98 -37.52 -29.66
C ARG M 292 -4.72 -37.99 -30.92
N GLN M 293 -5.99 -37.59 -31.06
CA GLN M 293 -6.81 -37.97 -32.20
C GLN M 293 -6.41 -37.22 -33.46
N LYS M 294 -6.22 -37.98 -34.55
CA LYS M 294 -5.76 -37.45 -35.83
C LYS M 294 -6.87 -36.75 -36.62
N ASN M 295 -8.11 -37.13 -36.38
CA ASN M 295 -9.27 -36.59 -37.11
C ASN M 295 -9.91 -35.36 -36.46
N HIS M 296 -9.74 -35.23 -35.14
CA HIS M 296 -10.38 -34.16 -34.36
C HIS M 296 -9.48 -33.61 -33.25
N GLY M 297 -9.51 -32.29 -33.09
CA GLY M 297 -8.78 -31.60 -32.02
C GLY M 297 -7.87 -30.48 -32.49
N ILE M 298 -6.76 -30.30 -31.77
CA ILE M 298 -5.70 -29.36 -32.14
C ILE M 298 -4.35 -30.09 -32.05
N SER M 299 -3.57 -30.03 -33.12
CA SER M 299 -2.21 -30.60 -33.14
C SER M 299 -1.30 -29.84 -32.19
N PHE M 300 -0.37 -30.56 -31.55
CA PHE M 300 0.52 -29.99 -30.53
C PHE M 300 1.43 -28.87 -31.03
N ARG M 301 1.76 -28.90 -32.33
CA ARG M 301 2.60 -27.87 -32.96
C ARG M 301 1.96 -26.47 -32.90
N VAL M 302 0.64 -26.42 -32.89
CA VAL M 302 -0.11 -25.17 -32.74
C VAL M 302 -0.09 -24.71 -31.28
N ILE M 303 -0.21 -25.67 -30.35
CA ILE M 303 -0.14 -25.40 -28.92
C ILE M 303 1.27 -24.93 -28.52
N ALA M 304 2.29 -25.54 -29.13
CA ALA M 304 3.69 -25.16 -28.94
C ALA M 304 3.97 -23.74 -29.45
N LYS M 305 3.33 -23.37 -30.56
CA LYS M 305 3.41 -22.02 -31.11
C LYS M 305 2.79 -20.97 -30.20
N TRP M 306 1.65 -21.32 -29.58
CA TRP M 306 1.00 -20.44 -28.61
C TRP M 306 1.82 -20.29 -27.33
N LEU M 307 2.42 -21.40 -26.88
CA LEU M 307 3.20 -21.42 -25.65
C LEU M 307 4.55 -20.71 -25.78
N ARG M 308 5.09 -20.67 -26.99
CA ARG M 308 6.28 -19.88 -27.30
C ARG M 308 5.97 -18.38 -27.21
N LEU M 309 4.80 -17.98 -27.74
CA LEU M 309 4.33 -16.60 -27.69
C LEU M 309 3.92 -16.17 -26.29
N ALA M 310 3.34 -17.09 -25.52
CA ALA M 310 2.96 -16.85 -24.13
C ALA M 310 4.20 -16.58 -23.26
N GLY M 311 5.23 -17.40 -23.44
CA GLY M 311 6.51 -17.19 -22.79
C GLY M 311 6.92 -18.27 -21.80
N VAL M 312 7.27 -19.44 -22.33
CA VAL M 312 7.76 -20.56 -21.51
C VAL M 312 9.13 -21.02 -22.02
N ASP M 313 10.03 -21.32 -21.09
CA ASP M 313 11.40 -21.74 -21.43
C ASP M 313 11.53 -23.23 -21.70
N HIS M 314 10.77 -24.03 -20.96
CA HIS M 314 10.73 -25.48 -21.14
C HIS M 314 9.35 -25.98 -21.53
N LEU M 315 9.33 -26.99 -22.40
CA LEU M 315 8.10 -27.63 -22.83
C LEU M 315 8.32 -29.10 -23.16
N HIS M 316 7.48 -29.96 -22.60
CA HIS M 316 7.44 -31.37 -22.96
C HIS M 316 6.88 -31.51 -24.37
N CYS M 317 7.67 -32.07 -25.27
CA CYS M 317 7.28 -32.23 -26.68
C CYS M 317 7.01 -33.68 -27.07
N GLY M 318 7.58 -34.61 -26.29
CA GLY M 318 7.32 -36.03 -26.49
C GLY M 318 8.53 -36.84 -26.90
N THR M 319 8.45 -38.14 -26.65
CA THR M 319 9.49 -39.09 -26.99
C THR M 319 8.93 -40.09 -28.01
N ALA M 320 9.72 -40.31 -29.07
CA ALA M 320 9.37 -41.27 -30.13
C ALA M 320 9.46 -42.73 -29.67
N VAL M 321 10.42 -43.00 -28.79
CA VAL M 321 10.70 -44.36 -28.31
C VAL M 321 10.13 -44.65 -26.91
N GLY M 322 9.54 -43.63 -26.28
CA GLY M 322 9.01 -43.73 -24.92
C GLY M 322 7.68 -44.46 -24.79
N LYS M 323 7.15 -44.46 -23.57
CA LYS M 323 5.89 -45.14 -23.23
C LYS M 323 4.63 -44.42 -23.75
N LEU M 324 4.76 -43.12 -23.99
CA LEU M 324 3.66 -42.27 -24.45
C LEU M 324 3.64 -42.12 -25.97
N GLU M 325 2.49 -41.71 -26.49
CA GLU M 325 2.25 -41.54 -27.93
C GLU M 325 3.21 -40.55 -28.59
N GLY M 326 3.73 -40.93 -29.75
CA GLY M 326 4.66 -40.10 -30.52
C GLY M 326 5.27 -40.81 -31.71
N ASP M 327 5.17 -40.18 -32.89
CA ASP M 327 5.75 -40.69 -34.13
C ASP M 327 7.01 -39.89 -34.49
N PRO M 328 8.16 -40.59 -34.72
CA PRO M 328 9.49 -39.99 -34.92
C PRO M 328 9.55 -38.72 -35.79
N LEU M 329 8.88 -38.75 -36.93
CA LEU M 329 8.86 -37.60 -37.85
C LEU M 329 7.98 -36.46 -37.35
N THR M 330 6.83 -36.80 -36.77
CA THR M 330 5.89 -35.83 -36.22
C THR M 330 6.43 -35.18 -34.94
N VAL M 331 7.19 -35.96 -34.16
CA VAL M 331 7.83 -35.47 -32.92
C VAL M 331 8.91 -34.43 -33.25
N GLN M 332 9.74 -34.73 -34.25
CA GLN M 332 10.77 -33.79 -34.76
C GLN M 332 10.19 -32.46 -35.24
N GLY M 333 8.93 -32.50 -35.69
CA GLY M 333 8.19 -31.30 -36.05
C GLY M 333 7.97 -30.35 -34.89
N TYR M 334 7.59 -30.91 -33.73
CA TYR M 334 7.37 -30.13 -32.51
C TYR M 334 8.66 -29.51 -31.97
N TYR M 335 9.76 -30.24 -32.15
CA TYR M 335 11.10 -29.79 -31.74
C TYR M 335 11.60 -28.61 -32.59
N ASN M 336 11.32 -28.66 -33.90
CA ASN M 336 11.70 -27.61 -34.84
C ASN M 336 10.88 -26.33 -34.67
N VAL M 337 9.65 -26.47 -34.17
CA VAL M 337 8.76 -25.35 -33.89
C VAL M 337 9.29 -24.48 -32.75
N CYS M 338 9.76 -25.12 -31.68
CA CYS M 338 10.18 -24.41 -30.47
C CYS M 338 11.67 -24.03 -30.42
N ARG M 339 12.47 -24.58 -31.33
CA ARG M 339 13.92 -24.31 -31.36
C ARG M 339 14.37 -23.41 -32.51
N GLU M 340 14.00 -23.76 -33.74
CA GLU M 340 14.47 -23.05 -34.93
C GLU M 340 13.86 -21.64 -35.07
N PRO M 341 14.71 -20.63 -35.38
CA PRO M 341 14.22 -19.24 -35.55
C PRO M 341 13.39 -19.04 -36.81
N PHE M 342 13.72 -19.81 -37.86
CA PHE M 342 13.00 -19.80 -39.13
C PHE M 342 12.91 -21.21 -39.66
N ASN M 343 11.69 -21.71 -39.81
CA ASN M 343 11.44 -23.06 -40.31
C ASN M 343 10.68 -23.07 -41.63
N THR M 344 11.21 -23.82 -42.60
CA THR M 344 10.63 -23.95 -43.93
C THR M 344 9.54 -25.02 -43.95
N VAL M 345 8.70 -24.99 -44.99
CA VAL M 345 7.61 -25.94 -45.18
C VAL M 345 8.15 -27.36 -45.47
N ASP M 346 7.76 -28.29 -44.60
CA ASP M 346 8.12 -29.71 -44.73
C ASP M 346 6.94 -30.60 -44.37
N LEU M 347 6.38 -31.24 -45.39
CA LEU M 347 5.19 -32.09 -45.26
C LEU M 347 5.37 -33.39 -44.46
N PRO M 348 6.56 -34.07 -44.56
CA PRO M 348 6.74 -35.25 -43.70
C PRO M 348 6.82 -34.95 -42.20
N ARG M 349 7.32 -33.77 -41.84
CA ARG M 349 7.44 -33.35 -40.44
C ARG M 349 6.23 -32.55 -39.92
N GLY M 350 5.22 -32.39 -40.78
CA GLY M 350 3.96 -31.75 -40.41
C GLY M 350 3.94 -30.24 -40.42
N ILE M 351 4.97 -29.62 -40.99
CA ILE M 351 5.04 -28.16 -41.15
C ILE M 351 4.42 -27.77 -42.49
N PHE M 352 3.42 -26.88 -42.44
CA PHE M 352 2.67 -26.48 -43.63
C PHE M 352 2.89 -25.02 -44.03
N PHE M 353 3.23 -24.19 -43.05
CA PHE M 353 3.47 -22.77 -43.27
C PHE M 353 4.90 -22.37 -42.95
N GLU M 354 5.42 -21.40 -43.69
CA GLU M 354 6.74 -20.83 -43.44
C GLU M 354 6.66 -19.80 -42.31
N GLN M 355 7.12 -20.20 -41.13
CA GLN M 355 7.04 -19.38 -39.93
C GLN M 355 8.34 -18.61 -39.67
N ASP M 356 8.20 -17.31 -39.49
CA ASP M 356 9.31 -16.43 -39.10
C ASP M 356 9.03 -15.85 -37.72
N TRP M 357 9.83 -16.27 -36.74
CA TRP M 357 9.64 -15.88 -35.35
C TRP M 357 10.18 -14.49 -35.03
N ALA M 358 11.16 -14.05 -35.82
CA ALA M 358 11.82 -12.74 -35.70
C ALA M 358 12.34 -12.43 -34.29
N ASP M 359 13.41 -13.15 -33.92
CA ASP M 359 14.19 -12.94 -32.70
C ASP M 359 13.39 -13.08 -31.39
N LEU M 360 12.58 -14.14 -31.33
CA LEU M 360 11.99 -14.60 -30.09
C LEU M 360 12.85 -15.74 -29.54
N ARG M 361 12.95 -15.79 -28.21
CA ARG M 361 13.82 -16.75 -27.51
C ARG M 361 13.42 -18.21 -27.80
N LYS M 362 14.44 -19.06 -27.87
CA LYS M 362 14.25 -20.47 -28.23
C LYS M 362 13.80 -21.30 -27.02
N VAL M 363 12.67 -21.97 -27.15
CA VAL M 363 12.14 -22.84 -26.10
C VAL M 363 12.90 -24.17 -26.11
N MET M 364 13.43 -24.57 -24.96
CA MET M 364 14.12 -25.85 -24.82
C MET M 364 13.12 -26.99 -24.62
N PRO M 365 13.09 -27.95 -25.57
CA PRO M 365 12.16 -29.08 -25.49
C PRO M 365 12.63 -30.18 -24.52
N VAL M 366 11.66 -30.81 -23.86
CA VAL M 366 11.94 -31.83 -22.84
C VAL M 366 11.41 -33.20 -23.29
N ALA M 367 12.31 -34.18 -23.34
CA ALA M 367 11.96 -35.56 -23.64
C ALA M 367 11.80 -36.35 -22.34
N SER M 368 10.59 -36.88 -22.12
CA SER M 368 10.25 -37.58 -20.88
C SER M 368 9.17 -38.63 -21.09
N GLY M 369 9.20 -39.67 -20.26
CA GLY M 369 8.16 -40.70 -20.23
C GLY M 369 8.58 -42.04 -20.79
N GLY M 370 9.05 -42.91 -19.90
CA GLY M 370 9.40 -44.29 -20.25
C GLY M 370 10.67 -44.43 -21.07
N ILE M 371 11.75 -43.83 -20.58
CA ILE M 371 13.08 -43.94 -21.20
C ILE M 371 14.17 -44.31 -20.17
N HIS M 372 15.24 -44.91 -20.68
CA HIS M 372 16.36 -45.40 -19.85
C HIS M 372 17.71 -45.27 -20.56
N ALA M 373 18.74 -45.86 -19.97
CA ALA M 373 20.12 -45.82 -20.49
C ALA M 373 20.29 -46.54 -21.84
N GLY M 374 19.45 -47.55 -22.09
CA GLY M 374 19.47 -48.30 -23.35
C GLY M 374 18.90 -47.54 -24.54
N GLN M 375 18.16 -46.48 -24.27
CA GLN M 375 17.51 -45.66 -25.30
C GLN M 375 18.34 -44.41 -25.66
N MET M 376 19.52 -44.29 -25.05
CA MET M 376 20.36 -43.09 -25.14
C MET M 376 20.86 -42.77 -26.55
N HIS M 377 21.17 -43.80 -27.33
CA HIS M 377 21.68 -43.64 -28.70
C HIS M 377 20.61 -43.15 -29.69
N GLN M 378 19.36 -43.54 -29.44
CA GLN M 378 18.21 -43.15 -30.27
C GLN M 378 17.78 -41.70 -30.00
N LEU M 379 17.91 -41.28 -28.73
CA LEU M 379 17.53 -39.93 -28.30
C LEU M 379 18.48 -38.85 -28.83
N LEU M 380 19.77 -39.15 -28.83
CA LEU M 380 20.80 -38.22 -29.29
C LEU M 380 20.81 -38.04 -30.80
N SER M 381 20.40 -39.09 -31.52
CA SER M 381 20.35 -39.08 -32.99
C SER M 381 19.15 -38.30 -33.54
N LEU M 382 18.00 -38.42 -32.87
CA LEU M 382 16.75 -37.79 -33.32
C LEU M 382 16.69 -36.29 -33.07
N PHE M 383 17.13 -35.85 -31.88
CA PHE M 383 16.96 -34.47 -31.46
C PHE M 383 18.25 -33.64 -31.53
N GLY M 384 19.21 -33.95 -30.66
CA GLY M 384 20.50 -33.25 -30.65
C GLY M 384 21.04 -32.94 -29.26
N ASP M 385 21.45 -31.70 -29.06
CA ASP M 385 22.10 -31.26 -27.83
C ASP M 385 21.20 -30.40 -26.93
N ASP M 386 20.47 -29.46 -27.52
CA ASP M 386 19.65 -28.51 -26.77
C ASP M 386 18.30 -29.11 -26.34
N VAL M 387 18.37 -30.19 -25.58
CA VAL M 387 17.20 -30.90 -25.05
C VAL M 387 17.35 -31.24 -23.57
N VAL M 388 16.25 -31.58 -22.92
CA VAL M 388 16.28 -32.06 -21.54
C VAL M 388 15.72 -33.49 -21.50
N LEU M 389 16.57 -34.42 -21.08
CA LEU M 389 16.18 -35.82 -20.96
C LEU M 389 15.85 -36.15 -19.51
N GLN M 390 14.64 -36.65 -19.28
CA GLN M 390 14.16 -36.97 -17.93
C GLN M 390 13.95 -38.47 -17.73
N PHE M 391 14.59 -39.00 -16.69
CA PHE M 391 14.50 -40.42 -16.33
C PHE M 391 13.87 -40.57 -14.94
N GLY M 392 12.55 -40.68 -14.92
CA GLY M 392 11.79 -40.82 -13.67
C GLY M 392 11.95 -42.19 -13.04
N GLY M 393 11.58 -43.22 -13.79
CA GLY M 393 11.70 -44.61 -13.35
C GLY M 393 13.11 -45.18 -13.51
N GLY M 394 13.80 -44.76 -14.57
CA GLY M 394 15.13 -45.26 -14.90
C GLY M 394 16.27 -44.87 -13.99
N THR M 395 15.99 -44.04 -12.99
CA THR M 395 17.01 -43.58 -12.03
C THR M 395 16.78 -44.19 -10.65
N ILE M 396 15.57 -44.03 -10.11
CA ILE M 396 15.22 -44.49 -8.77
C ILE M 396 14.98 -46.01 -8.75
N GLY M 397 14.43 -46.54 -9.86
CA GLY M 397 14.18 -47.97 -10.02
C GLY M 397 15.40 -48.83 -10.25
N HIS M 398 16.60 -48.23 -10.08
CA HIS M 398 17.87 -48.93 -10.18
C HIS M 398 18.07 -49.84 -8.97
N PRO M 399 18.54 -51.11 -9.20
CA PRO M 399 18.71 -52.10 -8.13
C PRO M 399 19.70 -51.72 -7.01
N MET M 400 20.71 -50.93 -7.34
CA MET M 400 21.75 -50.53 -6.38
C MET M 400 21.31 -49.37 -5.47
N GLY M 401 20.67 -48.36 -6.06
CA GLY M 401 20.18 -47.19 -5.31
C GLY M 401 19.70 -46.07 -6.20
N ILE M 402 19.83 -44.84 -5.71
CA ILE M 402 19.48 -43.64 -6.48
C ILE M 402 20.75 -42.99 -7.05
N GLN M 403 21.82 -42.96 -6.23
CA GLN M 403 23.12 -42.41 -6.63
C GLN M 403 23.74 -43.17 -7.81
N ALA M 404 23.63 -44.50 -7.79
CA ALA M 404 24.13 -45.36 -8.85
C ALA M 404 23.33 -45.22 -10.15
N GLY M 405 22.00 -45.07 -10.00
CA GLY M 405 21.10 -44.85 -11.13
C GLY M 405 21.34 -43.53 -11.84
N ALA M 406 21.67 -42.50 -11.07
CA ALA M 406 22.01 -41.17 -11.59
C ALA M 406 23.37 -41.15 -12.27
N THR M 407 24.31 -41.96 -11.77
CA THR M 407 25.64 -42.10 -12.36
C THR M 407 25.57 -42.90 -13.67
N ALA M 408 24.73 -43.94 -13.69
CA ALA M 408 24.54 -44.81 -14.86
C ALA M 408 24.04 -44.04 -16.09
N ASN M 409 23.08 -43.14 -15.88
CA ASN M 409 22.52 -42.31 -16.96
C ASN M 409 23.49 -41.22 -17.42
N ARG M 410 24.29 -40.70 -16.49
CA ARG M 410 25.27 -39.66 -16.78
C ARG M 410 26.46 -40.18 -17.58
N VAL M 411 26.95 -41.37 -17.20
CA VAL M 411 28.05 -42.05 -17.91
C VAL M 411 27.63 -42.46 -19.32
N ALA M 412 26.39 -42.95 -19.45
CA ALA M 412 25.82 -43.35 -20.74
C ALA M 412 25.74 -42.20 -21.74
N LEU M 413 25.30 -41.03 -21.27
CA LEU M 413 25.18 -39.83 -22.10
C LEU M 413 26.54 -39.24 -22.49
N GLU M 414 27.46 -39.21 -21.53
CA GLU M 414 28.82 -38.71 -21.74
C GLU M 414 29.64 -39.54 -22.73
N ALA M 415 29.38 -40.86 -22.75
CA ALA M 415 30.01 -41.78 -23.68
C ALA M 415 29.50 -41.62 -25.11
N MET M 416 28.21 -41.27 -25.25
CA MET M 416 27.58 -41.09 -26.55
C MET M 416 28.00 -39.79 -27.24
N VAL M 417 28.05 -38.70 -26.46
CA VAL M 417 28.47 -37.38 -26.96
C VAL M 417 29.93 -37.42 -27.42
N LEU M 418 30.78 -38.10 -26.64
CA LEU M 418 32.20 -38.28 -26.97
C LEU M 418 32.40 -39.10 -28.26
N ALA M 419 31.58 -40.12 -28.44
CA ALA M 419 31.63 -40.98 -29.63
C ALA M 419 31.10 -40.27 -30.89
N ARG M 420 30.07 -39.44 -30.71
CA ARG M 420 29.45 -38.69 -31.80
C ARG M 420 30.39 -37.63 -32.39
N ASN M 421 31.11 -36.92 -31.51
CA ASN M 421 32.01 -35.85 -31.91
C ASN M 421 33.31 -36.35 -32.55
N GLU M 422 33.72 -37.56 -32.18
CA GLU M 422 34.92 -38.20 -32.74
C GLU M 422 34.73 -38.66 -34.19
N GLY M 423 33.50 -39.05 -34.53
CA GLY M 423 33.15 -39.45 -35.90
C GLY M 423 32.53 -40.83 -36.03
N ARG M 424 32.17 -41.43 -34.90
CA ARG M 424 31.52 -42.74 -34.86
C ARG M 424 30.01 -42.59 -35.03
N ASN M 425 29.42 -43.48 -35.83
CA ASN M 425 27.98 -43.47 -36.09
C ASN M 425 27.22 -44.00 -34.88
N ILE M 426 26.41 -43.13 -34.29
CA ILE M 426 25.70 -43.42 -33.04
C ILE M 426 24.39 -44.24 -33.22
N ASP M 427 23.97 -44.38 -34.48
CA ASP M 427 22.76 -45.13 -34.82
C ASP M 427 23.01 -46.65 -34.89
N VAL M 428 24.16 -47.03 -35.42
CA VAL M 428 24.52 -48.45 -35.61
C VAL M 428 25.40 -48.96 -34.45
N GLU M 429 26.49 -48.24 -34.18
CA GLU M 429 27.45 -48.61 -33.12
C GLU M 429 26.96 -48.28 -31.70
N GLY M 430 25.87 -47.55 -31.61
CA GLY M 430 25.23 -47.14 -30.34
C GLY M 430 25.19 -48.14 -29.18
N PRO M 431 24.61 -49.35 -29.41
CA PRO M 431 24.62 -50.40 -28.37
C PRO M 431 26.01 -50.90 -27.96
N GLU M 432 26.96 -50.91 -28.91
CA GLU M 432 28.33 -51.35 -28.66
C GLU M 432 29.13 -50.37 -27.79
N ILE M 433 28.86 -49.08 -27.97
CA ILE M 433 29.49 -47.99 -27.19
C ILE M 433 29.09 -48.08 -25.71
N LEU M 434 27.80 -48.35 -25.46
CA LEU M 434 27.26 -48.51 -24.11
C LEU M 434 27.80 -49.76 -23.39
N ARG M 435 28.02 -50.82 -24.16
CA ARG M 435 28.60 -52.07 -23.65
C ARG M 435 30.08 -51.91 -23.30
N ALA M 436 30.80 -51.13 -24.11
CA ALA M 436 32.22 -50.86 -23.91
C ALA M 436 32.49 -49.96 -22.70
N ALA M 437 31.54 -49.07 -22.40
CA ALA M 437 31.59 -48.19 -21.23
C ALA M 437 31.25 -48.93 -19.94
N ALA M 438 30.53 -50.05 -20.07
CA ALA M 438 30.11 -50.88 -18.93
C ALA M 438 31.25 -51.71 -18.31
N LYS M 439 32.38 -51.81 -19.01
CA LYS M 439 33.58 -52.51 -18.51
C LYS M 439 34.21 -51.84 -17.30
N TRP M 440 34.24 -50.51 -17.31
CA TRP M 440 34.80 -49.72 -16.21
C TRP M 440 33.74 -49.13 -15.27
N CYS M 441 32.53 -48.91 -15.81
CA CYS M 441 31.41 -48.40 -15.04
C CYS M 441 30.45 -49.53 -14.64
N LYS M 442 30.42 -49.83 -13.34
CA LYS M 442 29.60 -50.91 -12.78
C LYS M 442 28.09 -50.60 -12.64
N PRO M 443 27.71 -49.33 -12.28
CA PRO M 443 26.26 -49.00 -12.23
C PRO M 443 25.55 -49.04 -13.58
N LEU M 444 26.29 -48.78 -14.67
CA LEU M 444 25.75 -48.81 -16.03
C LEU M 444 25.44 -50.23 -16.51
N GLU M 445 26.29 -51.18 -16.10
CA GLU M 445 26.12 -52.60 -16.45
C GLU M 445 24.86 -53.21 -15.82
N ALA M 446 24.57 -52.80 -14.57
CA ALA M 446 23.37 -53.23 -13.85
C ALA M 446 22.09 -52.63 -14.43
N ALA M 447 22.19 -51.41 -14.97
CA ALA M 447 21.06 -50.71 -15.58
C ALA M 447 20.65 -51.30 -16.93
N LEU M 448 21.64 -51.79 -17.69
CA LEU M 448 21.42 -52.40 -19.00
C LEU M 448 20.81 -53.80 -18.93
N ASP M 449 21.12 -54.53 -17.85
CA ASP M 449 20.58 -55.86 -17.60
C ASP M 449 19.11 -55.82 -17.16
N THR M 450 18.74 -54.76 -16.45
CA THR M 450 17.38 -54.57 -15.94
C THR M 450 16.41 -54.19 -17.07
N TRP M 451 16.80 -53.23 -17.90
CA TRP M 451 15.96 -52.73 -18.98
C TRP M 451 16.67 -52.89 -20.34
N GLY M 452 16.80 -54.14 -20.78
CA GLY M 452 17.46 -54.48 -22.04
C GLY M 452 16.46 -54.82 -23.13
N ASN M 453 15.47 -55.64 -22.77
CA ASN M 453 14.46 -56.06 -23.73
C ASN M 453 13.18 -55.25 -23.57
N ILE M 454 13.13 -54.43 -22.53
CA ILE M 454 11.96 -53.60 -22.26
C ILE M 454 11.87 -52.42 -23.21
N THR M 455 10.97 -52.52 -24.19
CA THR M 455 10.77 -51.45 -25.16
C THR M 455 9.29 -51.24 -25.44
N PHE M 456 8.86 -49.97 -25.43
CA PHE M 456 7.48 -49.63 -25.69
C PHE M 456 7.23 -49.37 -27.17
N ASN M 457 6.67 -50.36 -27.85
CA ASN M 457 6.39 -50.24 -29.28
C ASN M 457 4.90 -50.44 -29.58
N TYR M 458 4.27 -49.39 -30.09
CA TYR M 458 2.85 -49.45 -30.44
C TYR M 458 2.57 -48.56 -31.65
N THR M 459 1.46 -48.83 -32.31
CA THR M 459 1.08 -48.04 -33.49
C THR M 459 0.72 -46.61 -33.11
N SER M 460 1.41 -45.65 -33.71
CA SER M 460 1.15 -44.24 -33.43
C SER M 460 -0.18 -43.79 -34.02
N THR M 461 -0.93 -43.00 -33.25
CA THR M 461 -2.21 -42.49 -33.71
C THR M 461 -2.04 -41.20 -34.49
N ASP M 462 -1.22 -40.30 -33.97
CA ASP M 462 -0.94 -39.04 -34.65
C ASP M 462 0.20 -39.22 -35.64
N THR M 463 -0.14 -39.53 -36.89
CA THR M 463 0.85 -39.81 -37.91
C THR M 463 0.76 -38.83 -39.08
N SER M 464 1.78 -38.85 -39.93
CA SER M 464 1.82 -37.99 -41.10
C SER M 464 0.93 -38.54 -42.21
N ASP M 465 0.59 -37.69 -43.18
CA ASP M 465 -0.27 -38.10 -44.29
C ASP M 465 0.49 -38.06 -45.61
N PHE M 466 1.76 -37.71 -45.54
CA PHE M 466 2.60 -37.63 -46.74
C PHE M 466 3.81 -38.55 -46.62
N VAL M 467 3.57 -39.83 -46.41
CA VAL M 467 4.64 -40.81 -46.28
C VAL M 467 4.41 -42.02 -47.18
N MET N 1 36.41 -35.96 -3.16
CA MET N 1 35.90 -34.70 -3.75
C MET N 1 36.45 -34.49 -5.17
N ARG N 2 35.54 -34.26 -6.10
CA ARG N 2 35.87 -33.97 -7.50
C ARG N 2 34.82 -33.04 -8.10
N ILE N 3 35.28 -31.89 -8.60
CA ILE N 3 34.40 -30.88 -9.18
C ILE N 3 34.01 -31.29 -10.61
N THR N 4 32.70 -31.46 -10.80
CA THR N 4 32.14 -31.97 -12.06
C THR N 4 31.60 -30.86 -12.99
N GLN N 5 32.18 -29.67 -12.86
CA GLN N 5 31.79 -28.51 -13.66
C GLN N 5 32.22 -28.67 -15.12
N GLY N 6 31.24 -28.86 -16.00
CA GLY N 6 31.48 -29.03 -17.43
C GLY N 6 31.20 -30.43 -17.96
N CYS N 7 31.43 -30.62 -19.24
CA CYS N 7 31.21 -31.89 -19.94
C CYS N 7 32.39 -32.86 -19.75
N PHE N 8 32.12 -34.15 -19.96
CA PHE N 8 33.10 -35.25 -19.85
C PHE N 8 33.78 -35.36 -18.46
N SER N 9 33.05 -34.97 -17.42
CA SER N 9 33.58 -34.96 -16.05
C SER N 9 33.57 -36.35 -15.40
N PHE N 10 32.49 -37.10 -15.62
CA PHE N 10 32.34 -38.45 -15.08
C PHE N 10 33.20 -39.49 -15.79
N LEU N 11 33.54 -39.21 -17.04
CA LEU N 11 34.52 -39.99 -17.80
C LEU N 11 35.93 -39.77 -17.26
N PRO N 12 36.85 -40.76 -17.43
CA PRO N 12 38.26 -40.57 -17.07
C PRO N 12 38.95 -39.44 -17.85
N ASP N 13 40.03 -38.90 -17.27
CA ASP N 13 40.76 -37.76 -17.83
C ASP N 13 41.17 -37.95 -19.29
N LEU N 14 40.83 -36.96 -20.11
CA LEU N 14 41.01 -37.04 -21.57
C LEU N 14 42.47 -36.91 -21.98
N THR N 15 42.91 -37.85 -22.80
CA THR N 15 44.26 -37.85 -23.39
C THR N 15 44.33 -36.85 -24.55
N ASP N 16 45.55 -36.44 -24.89
CA ASP N 16 45.82 -35.47 -25.97
C ASP N 16 45.26 -35.87 -27.34
N GLU N 17 45.17 -37.17 -27.59
CA GLU N 17 44.56 -37.73 -28.79
C GLU N 17 43.04 -37.53 -28.82
N GLN N 18 42.42 -37.63 -27.65
CA GLN N 18 40.97 -37.44 -27.49
C GLN N 18 40.56 -35.97 -27.54
N ILE N 19 41.40 -35.10 -26.97
CA ILE N 19 41.19 -33.64 -26.98
C ILE N 19 41.27 -33.10 -28.42
N SER N 20 42.28 -33.57 -29.17
CA SER N 20 42.47 -33.21 -30.58
C SER N 20 41.27 -33.58 -31.45
N ALA N 21 40.61 -34.70 -31.12
CA ALA N 21 39.41 -35.16 -31.82
C ALA N 21 38.19 -34.29 -31.49
N GLN N 22 38.11 -33.80 -30.26
CA GLN N 22 36.99 -32.95 -29.80
C GLN N 22 37.06 -31.54 -30.36
N VAL N 23 38.27 -31.00 -30.48
CA VAL N 23 38.51 -29.68 -31.08
C VAL N 23 38.23 -29.71 -32.59
N ASP N 24 38.58 -30.84 -33.23
CA ASP N 24 38.31 -31.08 -34.65
C ASP N 24 36.82 -30.99 -35.01
N TYR N 25 35.97 -31.42 -34.08
CA TYR N 25 34.52 -31.30 -34.20
C TYR N 25 34.07 -29.84 -34.10
N CYS N 26 34.69 -29.08 -33.19
CA CYS N 26 34.38 -27.67 -32.96
C CYS N 26 34.78 -26.78 -34.13
N LEU N 27 35.95 -27.05 -34.70
CA LEU N 27 36.46 -26.30 -35.85
C LEU N 27 35.75 -26.67 -37.16
N GLY N 28 35.24 -27.89 -37.23
CA GLY N 28 34.47 -28.39 -38.37
C GLY N 28 33.12 -27.71 -38.53
N ARG N 29 32.45 -27.47 -37.41
CA ARG N 29 31.16 -26.77 -37.38
C ARG N 29 31.31 -25.24 -37.45
N GLY N 30 32.52 -24.75 -37.17
CA GLY N 30 32.85 -23.34 -37.27
C GLY N 30 32.68 -22.59 -35.96
N TRP N 31 33.39 -23.05 -34.94
CA TRP N 31 33.38 -22.41 -33.62
C TRP N 31 34.76 -21.91 -33.23
N ALA N 32 34.79 -20.81 -32.49
CA ALA N 32 36.02 -20.21 -31.98
C ALA N 32 36.46 -20.89 -30.69
N VAL N 33 37.66 -21.43 -30.70
CA VAL N 33 38.20 -22.19 -29.57
C VAL N 33 39.04 -21.28 -28.66
N SER N 34 38.69 -21.26 -27.37
CA SER N 34 39.36 -20.43 -26.38
C SER N 34 39.74 -21.22 -25.13
N LEU N 35 40.92 -20.90 -24.57
CA LEU N 35 41.41 -21.51 -23.34
C LEU N 35 41.20 -20.56 -22.15
N GLU N 36 40.72 -21.13 -21.05
CA GLU N 36 40.45 -20.38 -19.82
C GLU N 36 40.97 -21.13 -18.60
N HIS N 37 41.49 -20.40 -17.62
CA HIS N 37 42.03 -21.00 -16.40
C HIS N 37 41.65 -20.23 -15.13
N THR N 38 41.54 -20.95 -14.02
CA THR N 38 41.30 -20.35 -12.69
C THR N 38 41.78 -21.26 -11.54
N ASP N 39 42.01 -20.64 -10.38
CA ASP N 39 42.29 -21.35 -9.13
C ASP N 39 41.05 -21.36 -8.22
N ASP N 40 40.01 -20.64 -8.62
CA ASP N 40 38.74 -20.55 -7.90
C ASP N 40 37.61 -21.19 -8.73
N PRO N 41 37.35 -22.50 -8.52
CA PRO N 41 36.37 -23.25 -9.31
C PRO N 41 34.97 -23.28 -8.67
N HIS N 42 34.50 -22.11 -8.25
CA HIS N 42 33.18 -21.95 -7.64
C HIS N 42 32.07 -22.24 -8.65
N PRO N 43 30.95 -22.85 -8.20
CA PRO N 43 29.76 -22.94 -9.05
C PRO N 43 29.22 -21.54 -9.34
N ARG N 44 28.62 -21.38 -10.52
CA ARG N 44 28.11 -20.08 -11.04
C ARG N 44 29.14 -18.92 -11.12
N ASN N 45 30.41 -19.23 -10.90
CA ASN N 45 31.51 -18.30 -11.19
C ASN N 45 31.72 -18.25 -12.70
N THR N 46 31.41 -17.11 -13.29
CA THR N 46 31.26 -16.95 -14.73
C THR N 46 32.60 -16.80 -15.47
N TYR N 47 33.44 -15.89 -14.99
CA TYR N 47 34.61 -15.45 -15.75
C TYR N 47 35.94 -16.00 -15.24
N TRP N 48 36.56 -16.84 -16.06
CA TRP N 48 37.88 -17.42 -15.82
C TRP N 48 38.92 -16.56 -16.56
N GLU N 49 40.19 -16.68 -16.15
CA GLU N 49 41.30 -15.97 -16.80
C GLU N 49 41.58 -16.53 -18.19
N MET N 50 41.37 -15.71 -19.21
CA MET N 50 41.59 -16.10 -20.61
C MET N 50 43.06 -16.17 -20.96
N TRP N 51 43.45 -17.27 -21.61
CA TRP N 51 44.80 -17.45 -22.15
C TRP N 51 44.83 -16.90 -23.57
N GLY N 52 45.15 -15.61 -23.67
CA GLY N 52 45.19 -14.89 -24.94
C GLY N 52 43.81 -14.67 -25.54
N MET N 53 43.78 -14.54 -26.88
CA MET N 53 42.55 -14.32 -27.63
C MET N 53 42.01 -15.62 -28.22
N PRO N 54 40.67 -15.76 -28.36
CA PRO N 54 40.06 -16.94 -28.99
C PRO N 54 40.50 -17.14 -30.44
N MET N 55 40.70 -18.41 -30.82
CA MET N 55 41.13 -18.77 -32.17
C MET N 55 39.92 -18.84 -33.10
N PHE N 56 39.67 -17.75 -33.81
CA PHE N 56 38.50 -17.63 -34.69
C PHE N 56 38.68 -18.36 -36.01
N ASP N 57 39.69 -17.96 -36.78
CA ASP N 57 39.96 -18.55 -38.10
C ASP N 57 41.21 -19.43 -38.06
N LEU N 58 41.04 -20.62 -37.51
CA LEU N 58 42.09 -21.64 -37.45
C LEU N 58 41.51 -22.97 -37.89
N ARG N 59 42.02 -23.49 -39.01
CA ARG N 59 41.53 -24.74 -39.61
C ARG N 59 42.45 -25.93 -39.34
N ASP N 60 43.14 -25.89 -38.19
CA ASP N 60 44.05 -26.94 -37.77
C ASP N 60 43.89 -27.23 -36.27
N PRO N 61 43.56 -28.49 -35.91
CA PRO N 61 43.41 -28.88 -34.50
C PRO N 61 44.72 -28.94 -33.73
N LYS N 62 45.85 -29.08 -34.44
CA LYS N 62 47.18 -29.12 -33.86
C LYS N 62 47.63 -27.78 -33.29
N GLY N 63 47.16 -26.68 -33.91
CA GLY N 63 47.47 -25.32 -33.48
C GLY N 63 46.94 -24.93 -32.11
N VAL N 64 45.79 -25.51 -31.75
CA VAL N 64 45.18 -25.33 -30.43
C VAL N 64 46.00 -26.07 -29.36
N MET N 65 46.47 -27.27 -29.72
CA MET N 65 47.21 -28.15 -28.80
C MET N 65 48.56 -27.60 -28.34
N ILE N 66 49.18 -26.75 -29.18
CA ILE N 66 50.43 -26.05 -28.84
C ILE N 66 50.17 -25.01 -27.75
N GLU N 67 49.08 -24.26 -27.89
CA GLU N 67 48.65 -23.26 -26.91
C GLU N 67 48.18 -23.88 -25.59
N LEU N 68 47.66 -25.10 -25.67
CA LEU N 68 47.23 -25.87 -24.50
C LEU N 68 48.42 -26.33 -23.65
N ASP N 69 49.48 -26.80 -24.32
CA ASP N 69 50.71 -27.23 -23.66
C ASP N 69 51.51 -26.06 -23.08
N GLU N 70 51.38 -24.90 -23.71
CA GLU N 70 51.99 -23.64 -23.25
C GLU N 70 51.30 -23.14 -21.97
N CYS N 71 49.99 -23.32 -21.89
CA CYS N 71 49.19 -22.93 -20.73
C CYS N 71 49.43 -23.83 -19.52
N ARG N 72 49.69 -25.11 -19.78
CA ARG N 72 50.00 -26.10 -18.74
C ARG N 72 51.34 -25.85 -18.06
N LYS N 73 52.32 -25.36 -18.83
CA LYS N 73 53.65 -25.01 -18.34
C LYS N 73 53.63 -23.75 -17.46
N ALA N 74 52.78 -22.79 -17.84
CA ALA N 74 52.63 -21.53 -17.11
C ALA N 74 51.79 -21.71 -15.83
N TRP N 75 50.72 -22.48 -15.94
CA TRP N 75 49.82 -22.74 -14.81
C TRP N 75 49.63 -24.25 -14.59
N PRO N 76 50.47 -24.86 -13.74
CA PRO N 76 50.36 -26.31 -13.47
C PRO N 76 49.19 -26.66 -12.55
N GLY N 77 49.01 -25.90 -11.47
CA GLY N 77 47.97 -26.16 -10.48
C GLY N 77 46.72 -25.33 -10.67
N ARG N 78 46.17 -25.35 -11.88
CA ARG N 78 44.96 -24.60 -12.23
C ARG N 78 44.01 -25.41 -13.11
N TYR N 79 42.73 -25.03 -13.08
CA TYR N 79 41.71 -25.64 -13.92
C TYR N 79 41.71 -25.02 -15.31
N ILE N 80 42.20 -25.76 -16.30
CA ILE N 80 42.19 -25.31 -17.69
C ILE N 80 40.99 -25.93 -18.42
N ARG N 81 40.21 -25.10 -19.10
CA ARG N 81 39.07 -25.54 -19.90
C ARG N 81 39.08 -25.00 -21.32
N ILE N 82 38.43 -25.72 -22.23
CA ILE N 82 38.27 -25.30 -23.62
C ILE N 82 36.83 -24.86 -23.86
N ASN N 83 36.68 -23.63 -24.37
CA ASN N 83 35.36 -23.07 -24.69
C ASN N 83 35.22 -22.84 -26.19
N ALA N 84 34.24 -23.51 -26.78
CA ALA N 84 33.92 -23.35 -28.20
C ALA N 84 32.78 -22.35 -28.35
N PHE N 85 33.04 -21.27 -29.08
CA PHE N 85 32.10 -20.17 -29.23
C PHE N 85 31.42 -20.16 -30.59
N ASP N 86 30.09 -20.17 -30.59
CA ASP N 86 29.29 -20.10 -31.81
C ASP N 86 28.97 -18.65 -32.17
N SER N 87 29.09 -18.35 -33.47
CA SER N 87 28.87 -17.00 -33.97
C SER N 87 27.85 -16.98 -35.12
N THR N 88 26.62 -17.36 -34.78
CA THR N 88 25.51 -17.40 -35.75
C THR N 88 24.50 -16.27 -35.45
N ARG N 89 23.35 -16.28 -36.12
CA ARG N 89 22.33 -15.24 -36.00
C ARG N 89 21.61 -15.25 -34.64
N GLY N 90 21.30 -16.44 -34.14
CA GLY N 90 20.52 -16.60 -32.92
C GLY N 90 21.27 -17.02 -31.67
N PHE N 91 22.33 -17.80 -31.85
CA PHE N 91 23.11 -18.37 -30.74
C PHE N 91 23.99 -17.32 -30.04
N GLU N 92 25.10 -16.96 -30.68
CA GLU N 92 26.10 -15.98 -30.16
C GLU N 92 26.63 -16.31 -28.76
N THR N 93 26.79 -17.60 -28.49
CA THR N 93 27.16 -18.10 -27.16
C THR N 93 28.12 -19.30 -27.21
N VAL N 94 28.56 -19.76 -26.04
CA VAL N 94 29.40 -20.94 -25.88
C VAL N 94 28.57 -22.20 -26.18
N THR N 95 29.17 -23.14 -26.89
CA THR N 95 28.52 -24.42 -27.24
C THR N 95 29.11 -25.62 -26.50
N MET N 96 30.43 -25.65 -26.38
CA MET N 96 31.13 -26.73 -25.68
C MET N 96 32.07 -26.21 -24.59
N SER N 97 32.07 -26.91 -23.46
CA SER N 97 32.92 -26.58 -22.32
C SER N 97 33.33 -27.85 -21.58
N PHE N 98 34.63 -28.09 -21.49
CA PHE N 98 35.17 -29.26 -20.79
C PHE N 98 36.57 -29.02 -20.20
N ILE N 99 36.75 -29.43 -18.95
CA ILE N 99 38.03 -29.30 -18.26
C ILE N 99 39.02 -30.33 -18.81
N VAL N 100 40.17 -29.83 -19.27
CA VAL N 100 41.25 -30.67 -19.80
C VAL N 100 42.39 -30.88 -18.80
N ASN N 101 42.60 -29.91 -17.92
CA ASN N 101 43.61 -30.03 -16.87
C ASN N 101 43.07 -29.57 -15.51
N ARG N 102 43.10 -30.49 -14.55
CA ARG N 102 42.71 -30.20 -13.17
C ARG N 102 43.87 -30.51 -12.21
N PRO N 103 44.02 -29.73 -11.11
CA PRO N 103 45.15 -29.85 -10.18
C PRO N 103 45.29 -31.21 -9.47
N GLU N 104 46.44 -31.42 -8.84
CA GLU N 104 46.79 -32.67 -8.14
C GLU N 104 45.75 -33.11 -7.12
N VAL N 105 45.23 -32.16 -6.35
CA VAL N 105 44.16 -32.41 -5.36
C VAL N 105 43.06 -31.36 -5.47
N GLU N 106 41.83 -31.82 -5.65
CA GLU N 106 40.65 -30.96 -5.81
C GLU N 106 40.22 -30.38 -4.46
N PRO N 107 39.98 -29.05 -4.41
CA PRO N 107 39.53 -28.40 -3.16
C PRO N 107 38.05 -28.65 -2.88
N SER N 108 37.73 -28.80 -1.59
CA SER N 108 36.35 -29.01 -1.14
C SER N 108 35.64 -27.68 -0.89
N LEU N 109 34.31 -27.74 -0.76
CA LEU N 109 33.49 -26.55 -0.49
C LEU N 109 32.86 -26.59 0.89
N ARG N 110 33.07 -25.52 1.66
CA ARG N 110 32.45 -25.36 2.96
C ARG N 110 31.17 -24.51 2.84
N MET N 111 30.10 -24.99 3.45
CA MET N 111 28.80 -24.33 3.39
C MET N 111 28.45 -23.68 4.73
N GLU N 112 28.30 -22.35 4.70
CA GLU N 112 27.93 -21.57 5.88
C GLU N 112 26.44 -21.23 5.85
N ARG N 113 25.75 -21.50 6.95
CA ARG N 113 24.30 -21.33 7.05
C ARG N 113 23.93 -20.13 7.91
N THR N 114 23.39 -19.09 7.25
CA THR N 114 22.95 -17.88 7.93
C THR N 114 21.44 -17.94 8.13
N GLU N 115 21.02 -17.88 9.40
CA GLU N 115 19.61 -17.96 9.77
C GLU N 115 18.94 -16.59 9.66
N VAL N 116 17.94 -16.50 8.79
CA VAL N 116 17.21 -15.25 8.53
C VAL N 116 15.78 -15.35 9.10
N ASP N 117 14.79 -14.80 8.40
CA ASP N 117 13.40 -14.77 8.84
C ASP N 117 12.73 -16.14 8.70
N GLY N 118 12.06 -16.56 9.77
CA GLY N 118 11.37 -17.85 9.82
C GLY N 118 12.33 -19.00 9.89
N ARG N 119 12.25 -19.90 8.92
CA ARG N 119 13.13 -21.08 8.83
C ARG N 119 14.04 -21.02 7.60
N SER N 120 14.03 -19.88 6.91
CA SER N 120 14.81 -19.67 5.69
C SER N 120 16.31 -19.50 6.00
N ILE N 121 17.13 -20.09 5.13
CA ILE N 121 18.59 -20.09 5.29
C ILE N 121 19.27 -19.50 4.05
N ARG N 122 20.17 -18.54 4.26
CA ARG N 122 21.07 -18.07 3.20
C ARG N 122 22.33 -18.94 3.20
N TYR N 123 22.64 -19.49 2.04
CA TYR N 123 23.78 -20.40 1.89
C TYR N 123 24.96 -19.70 1.24
N THR N 124 26.15 -19.99 1.74
CA THR N 124 27.40 -19.41 1.23
C THR N 124 28.41 -20.53 0.99
N HIS N 125 28.74 -20.74 -0.28
CA HIS N 125 29.73 -21.74 -0.69
C HIS N 125 31.10 -21.09 -0.81
N SER N 126 32.08 -21.67 -0.11
CA SER N 126 33.44 -21.14 -0.08
C SER N 126 34.48 -22.24 -0.29
N ILE N 127 35.51 -21.93 -1.08
CA ILE N 127 36.58 -22.85 -1.42
C ILE N 127 37.68 -22.81 -0.36
N VAL N 128 38.08 -23.99 0.12
CA VAL N 128 39.13 -24.14 1.15
C VAL N 128 40.53 -23.73 0.70
N ARG N 129 40.79 -23.83 -0.60
CA ARG N 129 42.08 -23.46 -1.20
C ARG N 129 42.07 -21.99 -1.65
N ARG O 1 -50.64 -26.58 13.89
CA ARG O 1 -49.39 -26.40 14.68
C ARG O 1 -48.70 -25.06 14.36
N TYR O 2 -49.37 -24.21 13.59
CA TYR O 2 -48.83 -22.90 13.21
C TYR O 2 -49.70 -21.71 13.66
N LYS O 3 -50.75 -22.00 14.44
CA LYS O 3 -51.59 -20.99 15.06
C LYS O 3 -50.85 -20.32 16.24
N ALA O 4 -51.22 -19.08 16.54
CA ALA O 4 -50.59 -18.28 17.59
C ALA O 4 -50.85 -18.85 18.99
N GLY O 5 -49.76 -19.05 19.74
CA GLY O 5 -49.81 -19.63 21.08
C GLY O 5 -48.53 -20.33 21.49
N VAL O 6 -48.41 -20.60 22.79
CA VAL O 6 -47.23 -21.26 23.36
C VAL O 6 -47.45 -22.78 23.38
N LEU O 7 -46.55 -23.50 22.70
CA LEU O 7 -46.56 -24.96 22.67
C LEU O 7 -45.24 -25.55 23.17
N LYS O 8 -45.33 -26.75 23.74
CA LYS O 8 -44.15 -27.48 24.24
C LYS O 8 -43.24 -27.94 23.10
N TYR O 9 -41.95 -28.01 23.39
CA TYR O 9 -40.91 -28.35 22.39
C TYR O 9 -41.02 -29.77 21.84
N ALA O 10 -41.51 -30.70 22.67
CA ALA O 10 -41.77 -32.07 22.25
C ALA O 10 -42.96 -32.16 21.29
N GLN O 11 -43.97 -31.32 21.53
CA GLN O 11 -45.16 -31.23 20.67
C GLN O 11 -44.89 -30.48 19.38
N MET O 12 -43.94 -29.54 19.43
CA MET O 12 -43.58 -28.69 18.29
C MET O 12 -42.82 -29.44 17.20
N GLY O 13 -42.10 -30.51 17.59
CA GLY O 13 -41.41 -31.38 16.64
C GLY O 13 -39.90 -31.31 16.74
N TYR O 14 -39.37 -31.66 17.91
CA TYR O 14 -37.93 -31.65 18.19
C TYR O 14 -37.44 -32.96 18.79
N TRP O 15 -38.37 -33.72 19.37
CA TRP O 15 -38.10 -35.05 19.89
C TRP O 15 -38.62 -36.11 18.93
N ASP O 16 -37.74 -37.03 18.56
CA ASP O 16 -38.08 -38.17 17.70
C ASP O 16 -37.23 -39.38 18.07
N GLY O 17 -37.85 -40.35 18.75
CA GLY O 17 -37.19 -41.56 19.23
C GLY O 17 -36.76 -42.53 18.14
N ASP O 18 -37.50 -42.53 17.03
CA ASP O 18 -37.25 -43.42 15.89
C ASP O 18 -36.24 -42.87 14.87
N TYR O 19 -35.76 -41.66 15.12
CA TYR O 19 -34.79 -40.99 14.25
C TYR O 19 -33.41 -41.63 14.31
N VAL O 20 -32.86 -41.92 13.14
CA VAL O 20 -31.50 -42.43 12.99
C VAL O 20 -30.66 -41.34 12.33
N PRO O 21 -29.56 -40.90 12.99
CA PRO O 21 -28.71 -39.83 12.45
C PRO O 21 -27.91 -40.26 11.22
N LYS O 22 -27.81 -39.35 10.25
CA LYS O 22 -27.07 -39.57 9.01
C LYS O 22 -25.56 -39.38 9.23
N ASP O 23 -24.76 -39.78 8.24
CA ASP O 23 -23.30 -39.62 8.27
C ASP O 23 -22.85 -38.17 8.22
N THR O 24 -23.68 -37.31 7.62
CA THR O 24 -23.43 -35.87 7.55
C THR O 24 -24.30 -35.12 8.56
N ASP O 25 -24.05 -35.40 9.84
CA ASP O 25 -24.74 -34.75 10.96
C ASP O 25 -23.82 -34.52 12.14
N VAL O 26 -23.84 -33.29 12.65
CA VAL O 26 -23.08 -32.92 13.85
C VAL O 26 -23.84 -33.42 15.08
N LEU O 27 -23.22 -34.33 15.82
CA LEU O 27 -23.83 -34.91 17.01
C LEU O 27 -23.22 -34.32 18.27
N ALA O 28 -24.08 -34.08 19.27
CA ALA O 28 -23.66 -33.50 20.54
C ALA O 28 -24.33 -34.20 21.72
N LEU O 29 -23.52 -34.49 22.74
CA LEU O 29 -24.03 -35.01 24.01
C LEU O 29 -24.22 -33.92 25.05
N PHE O 30 -25.27 -34.08 25.85
CA PHE O 30 -25.55 -33.16 26.94
C PHE O 30 -25.89 -33.93 28.21
N ARG O 31 -25.13 -33.66 29.26
CA ARG O 31 -25.39 -34.19 30.59
C ARG O 31 -26.33 -33.21 31.30
N ILE O 32 -27.63 -33.47 31.19
CA ILE O 32 -28.66 -32.56 31.66
C ILE O 32 -29.22 -32.98 33.02
N THR O 33 -29.19 -32.04 33.96
CA THR O 33 -29.88 -32.15 35.24
C THR O 33 -31.13 -31.25 35.17
N PRO O 34 -32.32 -31.86 35.01
CA PRO O 34 -33.56 -31.06 34.91
C PRO O 34 -34.09 -30.62 36.27
N GLN O 35 -34.91 -29.57 36.26
CA GLN O 35 -35.58 -29.07 37.47
C GLN O 35 -36.66 -30.03 37.97
N GLU O 36 -37.07 -29.84 39.23
CA GLU O 36 -38.11 -30.67 39.86
C GLU O 36 -39.47 -30.45 39.19
N GLY O 37 -39.90 -31.46 38.43
CA GLY O 37 -41.15 -31.40 37.67
C GLY O 37 -40.97 -31.48 36.17
N VAL O 38 -39.82 -31.01 35.69
CA VAL O 38 -39.48 -31.00 34.26
C VAL O 38 -39.10 -32.42 33.80
N ASP O 39 -39.79 -32.89 32.76
CA ASP O 39 -39.55 -34.21 32.16
C ASP O 39 -38.24 -34.19 31.34
N PRO O 40 -37.43 -35.29 31.43
CA PRO O 40 -36.18 -35.41 30.66
C PRO O 40 -36.34 -35.35 29.13
N VAL O 41 -37.51 -35.76 28.64
CA VAL O 41 -37.85 -35.67 27.21
C VAL O 41 -38.05 -34.20 26.80
N GLU O 42 -38.76 -33.46 27.66
CA GLU O 42 -38.98 -32.02 27.48
C GLU O 42 -37.67 -31.23 27.65
N ALA O 43 -36.83 -31.69 28.58
CA ALA O 43 -35.51 -31.10 28.84
C ALA O 43 -34.56 -31.25 27.65
N ALA O 44 -34.63 -32.40 26.98
CA ALA O 44 -33.84 -32.69 25.78
C ALA O 44 -34.27 -31.83 24.60
N ALA O 45 -35.58 -31.73 24.40
CA ALA O 45 -36.19 -30.99 23.30
C ALA O 45 -35.98 -29.48 23.42
N ALA O 46 -35.88 -28.99 24.66
CA ALA O 46 -35.58 -27.58 24.94
C ALA O 46 -34.15 -27.22 24.54
N VAL O 47 -33.23 -28.17 24.76
CA VAL O 47 -31.82 -28.03 24.36
C VAL O 47 -31.70 -28.15 22.84
N ALA O 48 -32.41 -29.12 22.27
CA ALA O 48 -32.47 -29.34 20.82
C ALA O 48 -33.13 -28.17 20.07
N GLY O 49 -34.08 -27.51 20.73
CA GLY O 49 -34.82 -26.40 20.16
C GLY O 49 -34.01 -25.13 19.97
N GLU O 50 -33.64 -24.50 21.08
CA GLU O 50 -32.98 -23.19 21.09
C GLU O 50 -31.61 -23.16 20.41
N SER O 51 -30.91 -24.30 20.42
CA SER O 51 -29.60 -24.43 19.77
C SER O 51 -29.65 -24.40 18.23
N SER O 52 -30.86 -24.52 17.67
CA SER O 52 -31.05 -24.47 16.23
C SER O 52 -32.05 -23.39 15.78
N THR O 53 -33.33 -23.75 15.66
CA THR O 53 -34.34 -22.90 15.02
C THR O 53 -35.66 -22.90 15.82
N ALA O 54 -35.61 -22.40 17.04
CA ALA O 54 -36.81 -22.34 17.89
C ALA O 54 -36.90 -21.10 18.78
N THR O 55 -38.15 -20.70 19.03
CA THR O 55 -38.49 -19.66 20.02
C THR O 55 -39.69 -20.14 20.86
N TRP O 56 -39.92 -19.44 21.98
CA TRP O 56 -40.93 -19.84 22.98
C TRP O 56 -42.38 -19.92 22.47
N THR O 57 -42.71 -19.10 21.48
CA THR O 57 -44.03 -19.12 20.82
C THR O 57 -43.93 -19.43 19.31
N VAL O 58 -45.04 -19.87 18.73
CA VAL O 58 -45.08 -20.27 17.31
C VAL O 58 -45.23 -19.04 16.40
N VAL O 59 -44.38 -18.98 15.38
CA VAL O 59 -44.42 -17.91 14.36
C VAL O 59 -44.90 -18.44 13.00
N TRP O 60 -45.55 -17.58 12.23
CA TRP O 60 -46.05 -17.92 10.89
C TRP O 60 -44.95 -17.98 9.82
N THR O 61 -43.82 -17.34 10.11
CA THR O 61 -42.65 -17.30 9.22
C THR O 61 -41.94 -18.66 9.10
N ASP O 62 -42.27 -19.58 10.01
CA ASP O 62 -41.81 -20.97 9.94
C ASP O 62 -42.33 -21.72 8.72
N ARG O 63 -43.49 -21.31 8.21
CA ARG O 63 -44.11 -21.91 7.02
C ARG O 63 -43.43 -21.52 5.71
N LEU O 64 -42.61 -20.47 5.75
CA LEU O 64 -41.85 -20.01 4.58
C LEU O 64 -40.69 -20.95 4.26
N THR O 65 -39.78 -21.14 5.22
CA THR O 65 -38.64 -22.04 5.09
C THR O 65 -39.03 -23.49 5.42
N ALA O 66 -38.33 -24.45 4.81
CA ALA O 66 -38.58 -25.87 5.05
C ALA O 66 -38.00 -26.32 6.40
N CYS O 67 -38.80 -26.13 7.46
CA CYS O 67 -38.38 -26.36 8.85
C CYS O 67 -37.94 -27.78 9.20
N ASP O 68 -38.48 -28.77 8.48
CA ASP O 68 -38.17 -30.18 8.69
C ASP O 68 -36.69 -30.55 8.50
N SER O 69 -35.97 -29.71 7.75
CA SER O 69 -34.53 -29.88 7.50
C SER O 69 -33.67 -29.10 8.49
N TYR O 70 -34.12 -27.90 8.86
CA TYR O 70 -33.34 -26.96 9.68
C TYR O 70 -33.38 -27.23 11.18
N ARG O 71 -34.45 -27.86 11.65
CA ARG O 71 -34.65 -28.16 13.07
C ARG O 71 -33.72 -29.27 13.56
N ALA O 72 -33.08 -29.03 14.70
CA ALA O 72 -32.27 -30.05 15.37
C ALA O 72 -33.16 -31.06 16.08
N LYS O 73 -32.74 -32.32 16.06
CA LYS O 73 -33.55 -33.41 16.55
C LYS O 73 -32.81 -34.21 17.62
N ALA O 74 -33.39 -34.28 18.80
CA ALA O 74 -32.90 -35.15 19.88
C ALA O 74 -33.47 -36.55 19.65
N TYR O 75 -32.58 -37.53 19.53
CA TYR O 75 -33.00 -38.89 19.12
C TYR O 75 -33.09 -39.95 20.21
N ARG O 76 -32.19 -39.88 21.21
CA ARG O 76 -32.31 -40.76 22.38
C ARG O 76 -31.85 -40.12 23.70
N VAL O 77 -32.55 -40.47 24.77
CA VAL O 77 -32.24 -40.01 26.12
C VAL O 77 -32.06 -41.23 27.03
N GLU O 78 -30.89 -41.32 27.65
CA GLU O 78 -30.58 -42.41 28.60
C GLU O 78 -30.11 -41.85 29.96
N PRO O 79 -30.58 -42.47 31.07
CA PRO O 79 -30.13 -42.04 32.40
C PRO O 79 -28.67 -42.40 32.68
N VAL O 80 -27.97 -41.48 33.34
CA VAL O 80 -26.56 -41.66 33.70
C VAL O 80 -26.47 -42.64 34.89
N PRO O 81 -25.66 -43.72 34.75
CA PRO O 81 -25.44 -44.66 35.85
C PRO O 81 -24.68 -44.04 37.03
N GLY O 82 -25.18 -44.29 38.25
CA GLY O 82 -24.59 -43.74 39.46
C GLY O 82 -25.40 -42.59 40.05
N THR O 83 -25.77 -41.65 39.19
CA THR O 83 -26.58 -40.47 39.58
C THR O 83 -28.07 -40.74 39.43
N PRO O 84 -28.89 -40.40 40.46
CA PRO O 84 -30.33 -40.63 40.43
C PRO O 84 -31.11 -39.71 39.49
N GLY O 85 -30.68 -38.46 39.37
CA GLY O 85 -31.38 -37.45 38.57
C GLY O 85 -30.51 -36.71 37.57
N GLN O 86 -29.98 -37.46 36.61
CA GLN O 86 -29.13 -36.92 35.55
C GLN O 86 -29.26 -37.75 34.28
N TYR O 87 -29.31 -37.09 33.13
CA TYR O 87 -29.59 -37.76 31.85
C TYR O 87 -28.62 -37.36 30.73
N PHE O 88 -28.23 -38.34 29.92
CA PHE O 88 -27.52 -38.11 28.66
C PHE O 88 -28.53 -37.80 27.56
N CYS O 89 -28.24 -36.78 26.76
CA CYS O 89 -29.11 -36.39 25.64
C CYS O 89 -28.33 -36.20 24.36
N TYR O 90 -28.70 -36.99 23.34
CA TYR O 90 -28.04 -36.98 22.04
C TYR O 90 -28.81 -36.10 21.07
N VAL O 91 -28.19 -35.01 20.64
CA VAL O 91 -28.81 -34.04 19.73
C VAL O 91 -28.09 -34.05 18.38
N ALA O 92 -28.87 -34.15 17.30
CA ALA O 92 -28.34 -34.14 15.94
C ALA O 92 -28.59 -32.80 15.25
N TYR O 93 -27.53 -32.25 14.65
CA TYR O 93 -27.57 -30.98 13.91
C TYR O 93 -27.15 -31.22 12.46
N ASP O 94 -27.79 -30.50 11.54
CA ASP O 94 -27.47 -30.61 10.11
C ASP O 94 -26.43 -29.57 9.68
N LEU O 95 -25.63 -29.92 8.66
CA LEU O 95 -24.55 -29.08 8.13
C LEU O 95 -25.01 -27.73 7.54
N ILE O 96 -26.29 -27.63 7.23
CA ILE O 96 -26.91 -26.40 6.70
C ILE O 96 -26.87 -25.21 7.67
N LEU O 97 -26.71 -25.53 8.95
CA LEU O 97 -26.72 -24.52 10.02
C LEU O 97 -25.34 -23.94 10.34
N PHE O 98 -24.29 -24.61 9.88
CA PHE O 98 -22.92 -24.24 10.21
C PHE O 98 -22.15 -23.62 9.04
N GLU O 99 -21.36 -22.59 9.36
CA GLU O 99 -20.49 -21.92 8.40
C GLU O 99 -19.21 -22.73 8.21
N GLU O 100 -18.74 -22.78 6.96
CA GLU O 100 -17.54 -23.52 6.57
C GLU O 100 -16.27 -22.81 7.07
N GLY O 101 -15.53 -23.49 7.94
CA GLY O 101 -14.27 -22.99 8.48
C GLY O 101 -14.41 -21.87 9.50
N SER O 102 -15.25 -22.10 10.50
CA SER O 102 -15.48 -21.13 11.58
C SER O 102 -15.84 -21.84 12.89
N ILE O 103 -14.98 -21.66 13.90
CA ILE O 103 -15.21 -22.20 15.24
C ILE O 103 -16.26 -21.35 15.96
N ALA O 104 -16.19 -20.04 15.77
CA ALA O 104 -17.09 -19.06 16.39
C ALA O 104 -18.57 -19.30 16.06
N ASN O 105 -18.84 -19.71 14.82
CA ASN O 105 -20.20 -20.01 14.36
C ASN O 105 -20.74 -21.31 14.96
N LEU O 106 -19.86 -22.30 15.10
CA LEU O 106 -20.19 -23.61 15.68
C LEU O 106 -20.59 -23.50 17.15
N THR O 107 -19.89 -22.64 17.89
CA THR O 107 -20.15 -22.39 19.30
C THR O 107 -21.38 -21.52 19.53
N ALA O 108 -21.63 -20.58 18.61
CA ALA O 108 -22.81 -19.70 18.66
C ALA O 108 -24.13 -20.47 18.49
N SER O 109 -24.07 -21.58 17.77
CA SER O 109 -25.22 -22.45 17.56
C SER O 109 -25.46 -23.38 18.75
N ILE O 110 -24.48 -24.25 19.02
CA ILE O 110 -24.64 -25.36 19.97
C ILE O 110 -24.66 -24.90 21.44
N ILE O 111 -23.61 -24.19 21.86
CA ILE O 111 -23.50 -23.74 23.26
C ILE O 111 -23.99 -22.28 23.48
N GLY O 112 -24.85 -21.81 22.58
CA GLY O 112 -25.33 -20.43 22.57
C GLY O 112 -26.13 -19.98 23.78
N ASN O 113 -27.38 -20.41 23.85
CA ASN O 113 -28.31 -19.97 24.90
C ASN O 113 -28.91 -21.12 25.73
N VAL O 114 -28.50 -22.35 25.45
CA VAL O 114 -29.05 -23.55 26.09
C VAL O 114 -28.69 -23.72 27.57
N PHE O 115 -27.55 -23.15 27.97
CA PHE O 115 -27.06 -23.24 29.34
C PHE O 115 -27.86 -22.39 30.33
N SER O 116 -28.27 -21.20 29.88
CA SER O 116 -28.95 -20.22 30.73
C SER O 116 -30.47 -20.45 30.85
N PHE O 117 -30.94 -21.64 30.48
CA PHE O 117 -32.35 -22.01 30.57
C PHE O 117 -32.81 -22.24 32.00
N LYS O 118 -34.01 -21.73 32.30
CA LYS O 118 -34.67 -21.92 33.60
C LYS O 118 -35.15 -23.36 33.91
N PRO O 119 -35.66 -24.12 32.89
CA PRO O 119 -36.08 -25.51 33.18
C PRO O 119 -34.93 -26.51 33.46
N LEU O 120 -33.69 -26.08 33.27
CA LEU O 120 -32.51 -26.91 33.54
C LEU O 120 -31.72 -26.39 34.72
N LYS O 121 -31.38 -27.30 35.64
CA LYS O 121 -30.56 -26.97 36.81
C LYS O 121 -29.09 -26.81 36.42
N ALA O 122 -28.55 -27.83 35.72
CA ALA O 122 -27.17 -27.83 35.24
C ALA O 122 -27.02 -28.69 33.99
N ALA O 123 -26.39 -28.12 32.97
CA ALA O 123 -26.11 -28.83 31.72
C ALA O 123 -24.61 -28.83 31.43
N ARG O 124 -24.11 -29.98 30.94
CA ARG O 124 -22.72 -30.11 30.56
C ARG O 124 -22.55 -30.78 29.21
N LEU O 125 -21.72 -30.18 28.36
CA LEU O 125 -21.40 -30.73 27.05
C LEU O 125 -20.25 -31.74 27.20
N GLU O 126 -20.55 -33.01 26.96
CA GLU O 126 -19.63 -34.11 27.22
C GLU O 126 -18.72 -34.44 26.04
N ASP O 127 -19.32 -34.66 24.87
CA ASP O 127 -18.60 -35.02 23.66
C ASP O 127 -19.34 -34.56 22.40
N MET O 128 -18.59 -34.39 21.32
CA MET O 128 -19.14 -33.90 20.05
C MET O 128 -18.55 -34.69 18.87
N ARG O 129 -19.43 -35.12 17.97
CA ARG O 129 -19.04 -35.82 16.74
C ARG O 129 -19.03 -34.84 15.57
N PHE O 130 -17.91 -34.83 14.85
CA PHE O 130 -17.80 -34.07 13.61
C PHE O 130 -17.74 -35.03 12.42
N PRO O 131 -18.60 -34.80 11.40
CA PRO O 131 -18.54 -35.57 10.16
C PRO O 131 -17.31 -35.25 9.32
N VAL O 132 -16.97 -36.17 8.40
CA VAL O 132 -15.83 -36.02 7.49
C VAL O 132 -16.01 -34.80 6.58
N ALA O 133 -17.26 -34.49 6.24
CA ALA O 133 -17.62 -33.33 5.44
C ALA O 133 -17.30 -31.99 6.10
N TYR O 134 -17.36 -31.97 7.43
CA TYR O 134 -17.14 -30.74 8.21
C TYR O 134 -15.68 -30.50 8.57
N VAL O 135 -14.92 -31.57 8.82
CA VAL O 135 -13.50 -31.45 9.19
C VAL O 135 -12.60 -31.01 8.04
N LYS O 136 -13.03 -31.29 6.81
CA LYS O 136 -12.25 -30.97 5.60
C LYS O 136 -12.25 -29.48 5.24
N THR O 137 -13.24 -28.74 5.75
CA THR O 137 -13.32 -27.29 5.55
C THR O 137 -12.23 -26.53 6.32
N TYR O 138 -11.78 -27.14 7.43
CA TYR O 138 -10.72 -26.57 8.26
C TYR O 138 -9.33 -26.98 7.78
N LYS O 139 -8.37 -26.09 7.97
CA LYS O 139 -6.97 -26.31 7.55
C LYS O 139 -6.23 -27.27 8.47
N GLY O 140 -6.51 -27.18 9.78
CA GLY O 140 -5.84 -27.99 10.80
C GLY O 140 -4.56 -27.35 11.33
N PRO O 141 -3.80 -28.08 12.18
CA PRO O 141 -2.54 -27.59 12.76
C PRO O 141 -1.47 -27.27 11.71
N PRO O 142 -0.71 -26.17 11.91
CA PRO O 142 0.33 -25.73 10.98
C PRO O 142 1.40 -26.77 10.63
N THR O 143 1.88 -27.51 11.63
CA THR O 143 2.94 -28.51 11.42
C THR O 143 2.53 -29.92 11.86
N GLY O 144 2.05 -30.03 13.10
CA GLY O 144 1.71 -31.33 13.69
C GLY O 144 2.85 -31.96 14.47
N ILE O 145 2.71 -33.24 14.79
CA ILE O 145 3.75 -34.01 15.50
C ILE O 145 4.90 -34.36 14.55
N VAL O 146 4.55 -34.84 13.36
CA VAL O 146 5.51 -35.23 12.32
C VAL O 146 6.33 -34.02 11.84
N GLY O 147 5.63 -32.92 11.51
CA GLY O 147 6.24 -31.70 10.99
C GLY O 147 7.19 -30.99 11.93
N GLU O 148 6.88 -31.02 13.23
CA GLU O 148 7.68 -30.34 14.26
C GLU O 148 8.99 -31.06 14.57
N ARG O 149 8.92 -32.38 14.75
CA ARG O 149 10.08 -33.21 15.10
C ARG O 149 11.14 -33.25 14.00
N GLU O 150 10.71 -33.11 12.74
CA GLU O 150 11.61 -33.03 11.60
C GLU O 150 12.39 -31.71 11.54
N ARG O 151 11.76 -30.65 12.05
CA ARG O 151 12.37 -29.31 12.11
C ARG O 151 13.44 -29.20 13.19
N LEU O 152 13.21 -29.87 14.32
CA LEU O 152 14.11 -29.83 15.48
C LEU O 152 15.15 -30.96 15.49
N ASP O 153 14.91 -31.97 14.64
CA ASP O 153 15.74 -33.19 14.53
C ASP O 153 15.88 -33.96 15.86
N LYS O 154 14.76 -34.07 16.58
CA LYS O 154 14.71 -34.76 17.87
C LYS O 154 13.65 -35.86 17.84
N PHE O 155 14.10 -37.10 18.03
CA PHE O 155 13.25 -38.29 17.90
C PHE O 155 13.47 -39.29 19.03
N GLY O 156 12.41 -39.99 19.42
CA GLY O 156 12.50 -41.16 20.31
C GLY O 156 12.28 -40.96 21.80
N LYS O 157 11.91 -39.74 22.19
CA LYS O 157 11.64 -39.38 23.59
C LYS O 157 10.79 -38.09 23.68
N PRO O 158 10.16 -37.84 24.86
CA PRO O 158 9.46 -36.56 25.04
C PRO O 158 10.39 -35.35 25.00
N LEU O 159 9.90 -34.25 24.42
CA LEU O 159 10.63 -32.97 24.40
C LEU O 159 10.50 -32.30 25.76
N LEU O 160 11.63 -31.82 26.29
CA LEU O 160 11.67 -31.21 27.62
C LEU O 160 11.53 -29.68 27.60
N GLY O 161 10.77 -29.17 28.57
CA GLY O 161 10.52 -27.74 28.72
C GLY O 161 10.63 -27.25 30.15
N ALA O 162 10.70 -25.92 30.31
CA ALA O 162 10.73 -25.27 31.62
C ALA O 162 10.18 -23.85 31.53
N THR O 163 9.33 -23.49 32.49
CA THR O 163 8.78 -22.15 32.60
C THR O 163 9.77 -21.27 33.39
N THR O 164 10.05 -20.09 32.86
CA THR O 164 10.98 -19.13 33.48
C THR O 164 10.38 -18.57 34.78
N LYS O 165 11.04 -18.89 35.89
CA LYS O 165 10.59 -18.50 37.23
C LYS O 165 11.51 -17.43 37.82
N PRO O 166 10.97 -16.42 38.54
CA PRO O 166 9.53 -16.29 38.85
C PRO O 166 8.67 -15.84 37.66
N LYS O 167 7.35 -15.91 37.84
CA LYS O 167 6.37 -15.56 36.80
C LYS O 167 6.58 -14.13 36.29
N LEU O 168 6.43 -13.15 37.18
CA LEU O 168 6.67 -11.74 36.85
C LEU O 168 7.78 -11.17 37.72
N GLY O 169 8.48 -10.15 37.21
CA GLY O 169 9.50 -9.44 37.98
C GLY O 169 10.84 -9.23 37.31
N LEU O 170 11.30 -10.25 36.58
CA LEU O 170 12.63 -10.24 35.95
C LEU O 170 12.72 -9.26 34.78
N SER O 171 13.81 -8.50 34.75
CA SER O 171 14.12 -7.58 33.66
C SER O 171 14.69 -8.31 32.45
N GLY O 172 14.68 -7.65 31.30
CA GLY O 172 15.12 -8.23 30.01
C GLY O 172 16.49 -8.89 29.98
N LYS O 173 17.45 -8.28 30.67
CA LYS O 173 18.82 -8.81 30.80
C LYS O 173 18.86 -10.13 31.57
N ASN O 174 18.22 -10.15 32.74
CA ASN O 174 18.23 -11.29 33.64
C ASN O 174 17.33 -12.43 33.19
N TYR O 175 16.27 -12.08 32.46
CA TYR O 175 15.30 -13.05 31.92
C TYR O 175 15.97 -14.02 30.94
N GLY O 176 16.81 -13.47 30.07
CA GLY O 176 17.58 -14.25 29.11
C GLY O 176 18.65 -15.13 29.73
N ARG O 177 19.18 -14.70 30.88
CA ARG O 177 20.19 -15.46 31.63
C ARG O 177 19.65 -16.76 32.21
N VAL O 178 18.38 -16.73 32.64
CA VAL O 178 17.68 -17.93 33.11
C VAL O 178 17.42 -18.87 31.93
N VAL O 179 17.05 -18.29 30.79
CA VAL O 179 16.82 -19.03 29.54
C VAL O 179 18.12 -19.70 29.04
N TYR O 180 19.22 -18.95 29.10
CA TYR O 180 20.54 -19.45 28.68
C TYR O 180 21.05 -20.62 29.52
N GLU O 181 20.87 -20.53 30.84
CA GLU O 181 21.29 -21.57 31.77
C GLU O 181 20.41 -22.83 31.70
N GLY O 182 19.15 -22.64 31.30
CA GLY O 182 18.21 -23.73 31.12
C GLY O 182 18.50 -24.57 29.90
N LEU O 183 18.64 -23.91 28.74
CA LEU O 183 18.85 -24.58 27.45
C LEU O 183 20.20 -25.27 27.33
N LYS O 184 21.24 -24.68 27.92
CA LYS O 184 22.59 -25.25 27.88
C LYS O 184 22.73 -26.47 28.80
N GLY O 185 21.91 -26.50 29.86
CA GLY O 185 21.88 -27.61 30.82
C GLY O 185 21.38 -28.93 30.24
N GLY O 186 20.41 -28.84 29.33
CA GLY O 186 19.86 -30.01 28.66
C GLY O 186 18.42 -29.91 28.19
N LEU O 187 17.77 -28.79 28.49
CA LEU O 187 16.38 -28.56 28.11
C LEU O 187 16.24 -28.21 26.63
N ASP O 188 15.17 -28.72 26.02
CA ASP O 188 14.87 -28.45 24.60
C ASP O 188 14.15 -27.12 24.42
N PHE O 189 13.32 -26.76 25.40
CA PHE O 189 12.54 -25.52 25.36
C PHE O 189 12.54 -24.76 26.68
N MET O 190 12.50 -23.43 26.56
CA MET O 190 12.16 -22.54 27.66
C MET O 190 10.91 -21.77 27.23
N ASP O 192 7.85 -18.35 28.13
CA ASP O 192 7.26 -17.24 28.86
C ASP O 192 6.07 -17.73 29.68
N ASP O 193 5.81 -17.07 30.80
CA ASP O 193 4.62 -17.31 31.60
C ASP O 193 3.39 -16.70 30.91
N GLU O 194 2.21 -17.27 31.18
CA GLU O 194 0.97 -16.85 30.53
C GLU O 194 0.55 -15.40 30.80
N ASN O 195 0.93 -14.87 31.96
CA ASN O 195 0.62 -13.47 32.33
C ASN O 195 1.64 -12.45 31.83
N ILE O 196 2.84 -12.92 31.47
CA ILE O 196 3.91 -12.07 30.91
C ILE O 196 3.54 -11.64 29.49
N ASN O 197 3.45 -10.32 29.29
CA ASN O 197 3.18 -9.72 27.99
C ASN O 197 4.05 -8.48 27.75
N SER O 198 3.56 -7.31 28.15
CA SER O 198 4.28 -6.05 28.00
C SER O 198 4.10 -5.15 29.23
N GLN O 199 4.57 -5.65 30.37
CA GLN O 199 4.45 -4.98 31.66
C GLN O 199 5.41 -3.78 31.78
N PRO O 200 5.12 -2.82 32.71
CA PRO O 200 5.99 -1.66 32.94
C PRO O 200 7.44 -1.96 33.32
N PHE O 201 7.68 -3.09 33.99
CA PHE O 201 9.04 -3.46 34.41
C PHE O 201 9.93 -3.99 33.27
N MET O 202 9.31 -4.65 32.30
CA MET O 202 10.02 -5.22 31.15
C MET O 202 9.15 -5.19 29.89
N HIS O 203 9.60 -4.43 28.89
CA HIS O 203 8.92 -4.33 27.60
C HIS O 203 9.14 -5.60 26.76
N TRP O 204 8.14 -5.94 25.95
CA TRP O 204 8.17 -7.17 25.16
C TRP O 204 9.30 -7.23 24.12
N ARG O 205 9.53 -6.10 23.44
CA ARG O 205 10.52 -6.02 22.37
C ARG O 205 11.95 -6.15 22.88
N ASP O 206 12.16 -5.79 24.14
CA ASP O 206 13.43 -6.01 24.83
C ASP O 206 13.62 -7.48 25.21
N ARG O 207 12.55 -8.13 25.70
CA ARG O 207 12.57 -9.55 26.05
C ARG O 207 12.90 -10.43 24.85
N PHE O 208 12.22 -10.16 23.72
CA PHE O 208 12.39 -10.89 22.46
C PHE O 208 13.83 -10.89 21.94
N LEU O 209 14.52 -9.77 22.09
CA LEU O 209 15.92 -9.62 21.66
C LEU O 209 16.90 -10.41 22.53
N TYR O 210 16.73 -10.34 23.84
CA TYR O 210 17.65 -10.94 24.79
C TYR O 210 17.54 -12.46 24.92
N VAL O 211 16.35 -13.01 24.69
CA VAL O 211 16.15 -14.46 24.73
C VAL O 211 16.68 -15.14 23.46
N MET O 212 16.61 -14.44 22.32
CA MET O 212 17.09 -14.95 21.04
C MET O 212 18.62 -15.05 20.99
N GLU O 213 19.30 -14.14 21.67
CA GLU O 213 20.74 -14.21 21.86
C GLU O 213 21.11 -15.38 22.77
N ALA O 214 20.27 -15.63 23.78
CA ALA O 214 20.43 -16.75 24.70
C ALA O 214 20.16 -18.11 24.04
N VAL O 215 19.24 -18.13 23.07
CA VAL O 215 18.91 -19.35 22.31
C VAL O 215 20.10 -19.76 21.43
N ASN O 216 20.63 -18.81 20.66
CA ASN O 216 21.71 -19.07 19.72
C ASN O 216 23.06 -19.37 20.39
N LEU O 217 23.30 -18.78 21.55
CA LEU O 217 24.49 -19.08 22.36
C LEU O 217 24.45 -20.49 22.93
N ALA O 218 23.24 -20.93 23.30
CA ALA O 218 23.01 -22.29 23.78
C ALA O 218 23.08 -23.31 22.64
N SER O 219 22.61 -22.90 21.46
CA SER O 219 22.61 -23.74 20.26
C SER O 219 24.02 -24.04 19.74
N ALA O 220 24.91 -23.06 19.89
CA ALA O 220 26.31 -23.18 19.46
C ALA O 220 27.13 -24.05 20.42
N GLN O 221 26.76 -24.05 21.69
CA GLN O 221 27.53 -24.74 22.73
C GLN O 221 27.07 -26.18 23.00
N THR O 222 25.84 -26.50 22.59
CA THR O 222 25.29 -27.85 22.75
C THR O 222 25.23 -28.61 21.42
N GLY O 223 25.03 -27.87 20.33
CA GLY O 223 24.89 -28.46 19.00
C GLY O 223 23.47 -28.92 18.66
N GLU O 224 22.51 -28.48 19.47
CA GLU O 224 21.09 -28.78 19.27
C GLU O 224 20.31 -27.53 18.89
N VAL O 225 19.18 -27.73 18.20
CA VAL O 225 18.25 -26.63 17.88
C VAL O 225 17.40 -26.36 19.11
N LYS O 226 17.59 -25.16 19.68
CA LYS O 226 16.87 -24.74 20.89
C LYS O 226 15.76 -23.74 20.54
N GLY O 227 14.81 -23.59 21.45
CA GLY O 227 13.68 -22.68 21.25
C GLY O 227 13.13 -22.08 22.53
N HIS O 228 12.44 -20.95 22.36
CA HIS O 228 11.74 -20.28 23.46
C HIS O 228 10.34 -19.89 23.00
N TYR O 229 9.32 -20.31 23.75
CA TYR O 229 7.94 -19.97 23.43
C TYR O 229 7.71 -18.49 23.74
N LEU O 230 7.68 -17.69 22.68
CA LEU O 230 7.50 -16.24 22.80
C LEU O 230 6.02 -15.88 22.88
N ASN O 231 5.63 -15.28 24.00
CA ASN O 231 4.25 -14.89 24.26
C ASN O 231 3.88 -13.65 23.47
N ILE O 232 2.90 -13.79 22.58
CA ILE O 232 2.47 -12.69 21.71
C ILE O 232 1.13 -12.05 22.13
N THR O 233 0.49 -12.63 23.14
CA THR O 233 -0.81 -12.20 23.66
C THR O 233 -0.86 -10.68 23.92
N ALA O 234 -1.77 -10.02 23.23
CA ALA O 234 -1.92 -8.56 23.30
C ALA O 234 -3.38 -8.13 23.43
N GLY O 235 -3.60 -6.84 23.63
CA GLY O 235 -4.94 -6.25 23.75
C GLY O 235 -5.71 -6.24 22.44
N THR O 236 -5.04 -5.82 21.38
CA THR O 236 -5.63 -5.76 20.04
C THR O 236 -4.90 -6.69 19.06
N MET O 237 -5.52 -6.93 17.91
CA MET O 237 -4.93 -7.75 16.85
C MET O 237 -3.78 -7.06 16.13
N GLU O 238 -3.87 -5.73 16.02
CA GLU O 238 -2.83 -4.90 15.40
C GLU O 238 -1.50 -4.98 16.16
N GLU O 239 -1.58 -4.98 17.49
CA GLU O 239 -0.43 -5.20 18.37
C GLU O 239 0.06 -6.64 18.29
N MET O 240 -0.87 -7.57 18.13
CA MET O 240 -0.60 -9.00 18.13
C MET O 240 0.14 -9.47 16.87
N TYR O 241 -0.22 -8.91 15.72
CA TYR O 241 0.49 -9.18 14.45
C TYR O 241 1.91 -8.61 14.43
N ARG O 242 2.08 -7.43 15.05
CA ARG O 242 3.38 -6.76 15.13
C ARG O 242 4.36 -7.51 16.02
N ARG O 243 3.86 -8.18 17.05
CA ARG O 243 4.67 -9.02 17.94
C ARG O 243 5.10 -10.31 17.27
N ALA O 244 4.21 -10.85 16.43
CA ALA O 244 4.47 -12.10 15.70
C ALA O 244 5.47 -11.88 14.56
N GLU O 245 5.32 -10.77 13.83
CA GLU O 245 6.20 -10.42 12.71
C GLU O 245 7.64 -10.14 13.15
N PHE O 246 7.79 -9.58 14.35
CA PHE O 246 9.11 -9.34 14.95
C PHE O 246 9.74 -10.64 15.47
N ALA O 247 8.89 -11.57 15.92
CA ALA O 247 9.33 -12.92 16.34
C ALA O 247 9.85 -13.73 15.15
N LYS O 248 9.21 -13.59 14.00
CA LYS O 248 9.66 -14.18 12.74
C LYS O 248 10.98 -13.55 12.29
N SER O 249 11.07 -12.23 12.42
CA SER O 249 12.25 -11.44 12.00
C SER O 249 13.53 -11.80 12.75
N LEU O 250 13.39 -12.23 14.00
CA LEU O 250 14.52 -12.69 14.81
C LEU O 250 14.93 -14.11 14.44
N GLY O 251 13.97 -14.89 13.94
CA GLY O 251 14.19 -16.26 13.52
C GLY O 251 13.83 -17.29 14.58
N SER O 252 12.73 -17.04 15.29
CA SER O 252 12.22 -17.94 16.31
C SER O 252 11.55 -19.16 15.70
N VAL O 253 11.64 -20.28 16.40
CA VAL O 253 11.10 -21.56 15.95
C VAL O 253 9.60 -21.66 16.26
N ILE O 254 9.22 -21.18 17.45
CA ILE O 254 7.88 -21.39 18.02
C ILE O 254 7.41 -20.23 18.91
N VAL O 255 6.16 -19.81 18.72
CA VAL O 255 5.50 -18.79 19.55
C VAL O 255 4.27 -19.32 20.28
N MET O 256 4.04 -18.82 21.51
CA MET O 256 2.90 -19.25 22.33
C MET O 256 1.77 -18.23 22.41
N VAL O 257 0.55 -18.74 22.62
CA VAL O 257 -0.69 -17.97 22.61
C VAL O 257 -1.61 -18.48 23.72
N ASP O 258 -2.25 -17.56 24.45
CA ASP O 258 -3.22 -17.91 25.48
C ASP O 258 -4.61 -18.19 24.90
N LEU O 259 -5.37 -19.05 25.58
CA LEU O 259 -6.71 -19.46 25.14
C LEU O 259 -7.76 -18.35 25.26
N ILE O 260 -7.53 -17.41 26.19
CA ILE O 260 -8.42 -16.28 26.49
C ILE O 260 -8.76 -15.42 25.26
N ILE O 261 -7.75 -15.19 24.41
CA ILE O 261 -7.86 -14.30 23.23
C ILE O 261 -9.04 -14.55 22.29
N GLY O 262 -9.56 -15.78 22.32
CA GLY O 262 -10.77 -16.15 21.57
C GLY O 262 -10.48 -16.88 20.27
N TYR O 263 -11.43 -17.74 19.89
CA TYR O 263 -11.30 -18.63 18.74
C TYR O 263 -11.15 -17.91 17.40
N THR O 264 -11.81 -16.75 17.29
CA THR O 264 -11.71 -15.87 16.11
C THR O 264 -10.29 -15.33 15.97
N ALA O 265 -9.70 -14.93 17.10
CA ALA O 265 -8.32 -14.46 17.15
C ALA O 265 -7.31 -15.60 16.98
N ILE O 266 -7.65 -16.79 17.48
CA ILE O 266 -6.80 -18.00 17.37
C ILE O 266 -6.67 -18.48 15.91
N GLN O 267 -7.80 -18.56 15.20
CA GLN O 267 -7.84 -18.98 13.79
C GLN O 267 -7.06 -18.05 12.85
N SER O 268 -6.91 -16.80 13.25
CA SER O 268 -6.14 -15.81 12.51
C SER O 268 -4.64 -16.06 12.57
N ILE O 269 -4.14 -16.51 13.73
CA ILE O 269 -2.72 -16.84 13.91
C ILE O 269 -2.39 -18.17 13.22
N SER O 270 -3.33 -19.11 13.24
CA SER O 270 -3.19 -20.40 12.57
C SER O 270 -3.00 -20.24 11.06
N GLU O 271 -3.71 -19.27 10.48
CA GLU O 271 -3.55 -18.87 9.08
C GLU O 271 -2.19 -18.20 8.86
N TRP O 272 -1.76 -17.41 9.85
CA TRP O 272 -0.50 -16.68 9.79
C TRP O 272 0.73 -17.59 9.95
N CYS O 273 0.64 -18.54 10.87
CA CYS O 273 1.74 -19.47 11.18
C CYS O 273 2.08 -20.41 10.04
N ARG O 274 1.06 -20.86 9.31
CA ARG O 274 1.23 -21.71 8.13
C ARG O 274 1.89 -20.93 6.98
N GLN O 275 1.53 -19.66 6.85
CA GLN O 275 2.03 -18.80 5.78
C GLN O 275 3.39 -18.14 6.09
N ASN O 276 3.96 -18.47 7.25
CA ASN O 276 5.26 -17.93 7.69
C ASN O 276 6.17 -18.96 8.38
N ASP O 277 5.78 -20.24 8.29
CA ASP O 277 6.51 -21.38 8.87
C ASP O 277 6.82 -21.25 10.37
N MET O 278 5.75 -21.22 11.17
CA MET O 278 5.84 -21.08 12.62
C MET O 278 5.03 -22.17 13.31
N ILE O 279 5.56 -22.65 14.43
CA ILE O 279 4.87 -23.64 15.26
C ILE O 279 4.07 -22.88 16.34
N LEU O 280 2.81 -23.28 16.52
CA LEU O 280 1.92 -22.60 17.47
C LEU O 280 1.69 -23.40 18.76
N HIS O 281 1.89 -22.71 19.88
CA HIS O 281 1.69 -23.29 21.21
C HIS O 281 0.46 -22.65 21.86
N MET O 282 -0.40 -23.48 22.44
CA MET O 282 -1.59 -23.01 23.14
C MET O 282 -1.45 -23.23 24.64
N HIS O 283 -1.64 -22.16 25.40
CA HIS O 283 -1.72 -22.24 26.85
C HIS O 283 -3.16 -22.02 27.27
N ARG O 284 -3.73 -23.02 27.95
CA ARG O 284 -5.11 -22.94 28.42
C ARG O 284 -5.19 -22.15 29.74
N ALA O 285 -5.32 -20.83 29.59
CA ALA O 285 -5.55 -19.93 30.71
C ALA O 285 -7.05 -19.70 30.85
N GLY O 286 -7.55 -19.86 32.08
CA GLY O 286 -8.97 -19.68 32.38
C GLY O 286 -9.89 -20.75 31.83
N HIS O 287 -9.33 -21.93 31.58
CA HIS O 287 -10.11 -23.08 31.09
C HIS O 287 -10.94 -23.68 32.23
N GLY O 288 -10.34 -23.73 33.43
CA GLY O 288 -10.95 -24.35 34.62
C GLY O 288 -12.18 -23.64 35.16
N THR O 289 -12.55 -22.54 34.51
CA THR O 289 -13.74 -21.77 34.83
C THR O 289 -15.02 -22.52 34.39
N TYR O 290 -14.91 -23.26 33.30
CA TYR O 290 -16.04 -23.96 32.70
C TYR O 290 -15.73 -25.43 32.32
N THR O 291 -14.69 -25.98 32.92
CA THR O 291 -14.24 -27.34 32.62
C THR O 291 -14.21 -28.26 33.84
N ARG O 292 -13.80 -27.70 34.98
CA ARG O 292 -13.54 -28.47 36.20
C ARG O 292 -14.79 -29.14 36.80
N GLN O 293 -15.92 -28.45 36.73
CA GLN O 293 -17.18 -28.99 37.28
C GLN O 293 -17.76 -30.09 36.41
N LYS O 294 -18.09 -31.22 37.05
CA LYS O 294 -18.58 -32.41 36.37
C LYS O 294 -20.05 -32.30 35.95
N ASN O 295 -20.81 -31.45 36.65
CA ASN O 295 -22.25 -31.30 36.41
C ASN O 295 -22.62 -30.18 35.44
N HIS O 296 -21.72 -29.19 35.30
CA HIS O 296 -21.97 -28.01 34.46
C HIS O 296 -20.72 -27.52 33.74
N GLY O 297 -20.89 -27.12 32.47
CA GLY O 297 -19.82 -26.54 31.67
C GLY O 297 -19.59 -27.23 30.32
N ILE O 298 -18.33 -27.26 29.89
CA ILE O 298 -17.90 -27.99 28.69
C ILE O 298 -16.65 -28.80 29.05
N SER O 299 -16.69 -30.10 28.74
CA SER O 299 -15.54 -31.00 28.92
C SER O 299 -14.40 -30.60 27.99
N PHE O 300 -13.17 -30.75 28.47
CA PHE O 300 -11.98 -30.31 27.73
C PHE O 300 -11.77 -31.03 26.38
N ARG O 301 -12.26 -32.27 26.28
CA ARG O 301 -12.18 -33.06 25.05
C ARG O 301 -12.92 -32.41 23.87
N VAL O 302 -13.95 -31.63 24.18
CA VAL O 302 -14.69 -30.87 23.16
C VAL O 302 -13.89 -29.62 22.76
N ILE O 303 -13.26 -28.98 23.74
CA ILE O 303 -12.41 -27.81 23.51
C ILE O 303 -11.16 -28.21 22.71
N ALA O 304 -10.61 -29.38 23.02
CA ALA O 304 -9.46 -29.95 22.28
C ALA O 304 -9.82 -30.27 20.83
N LYS O 305 -11.04 -30.73 20.60
CA LYS O 305 -11.56 -30.99 19.26
C LYS O 305 -11.71 -29.70 18.44
N TRP O 306 -12.17 -28.63 19.10
CA TRP O 306 -12.28 -27.32 18.46
C TRP O 306 -10.90 -26.72 18.14
N LEU O 307 -9.95 -26.90 19.06
CA LEU O 307 -8.61 -26.35 18.93
C LEU O 307 -7.76 -27.07 17.87
N ARG O 308 -8.06 -28.35 17.65
CA ARG O 308 -7.46 -29.12 16.56
C ARG O 308 -7.94 -28.61 15.20
N LEU O 309 -9.23 -28.31 15.11
CA LEU O 309 -9.86 -27.76 13.91
C LEU O 309 -9.44 -26.31 13.65
N ALA O 310 -9.24 -25.54 14.71
CA ALA O 310 -8.77 -24.15 14.63
C ALA O 310 -7.35 -24.10 14.08
N GLY O 311 -6.47 -24.97 14.61
CA GLY O 311 -5.12 -25.13 14.08
C GLY O 311 -4.02 -24.77 15.05
N VAL O 312 -3.82 -25.61 16.07
CA VAL O 312 -2.75 -25.42 17.04
C VAL O 312 -1.89 -26.69 17.12
N ASP O 313 -0.58 -26.52 17.19
CA ASP O 313 0.38 -27.64 17.23
C ASP O 313 0.60 -28.19 18.64
N HIS O 314 0.59 -27.31 19.64
CA HIS O 314 0.74 -27.70 21.04
C HIS O 314 -0.48 -27.33 21.87
N LEU O 315 -0.82 -28.20 22.81
CA LEU O 315 -1.93 -27.97 23.73
C LEU O 315 -1.68 -28.63 25.08
N HIS O 316 -1.84 -27.87 26.15
CA HIS O 316 -1.81 -28.40 27.51
C HIS O 316 -3.06 -29.25 27.73
N CYS O 317 -2.86 -30.52 28.04
CA CYS O 317 -3.97 -31.46 28.25
C CYS O 317 -4.12 -31.87 29.71
N GLY O 318 -3.04 -31.74 30.48
CA GLY O 318 -3.06 -31.99 31.92
C GLY O 318 -2.21 -33.16 32.36
N THR O 319 -1.92 -33.17 33.66
CA THR O 319 -1.12 -34.22 34.29
C THR O 319 -1.98 -34.92 35.36
N ALA O 320 -1.95 -36.24 35.34
CA ALA O 320 -2.66 -37.07 36.30
C ALA O 320 -2.04 -37.02 37.70
N VAL O 321 -0.71 -36.91 37.75
CA VAL O 321 0.06 -36.92 39.01
C VAL O 321 0.50 -35.52 39.48
N GLY O 322 0.22 -34.50 38.68
CA GLY O 322 0.62 -33.12 38.96
C GLY O 322 -0.20 -32.40 40.01
N LYS O 323 0.11 -31.12 40.20
CA LYS O 323 -0.56 -30.26 41.19
C LYS O 323 -1.99 -29.85 40.81
N LEU O 324 -2.28 -29.88 39.51
CA LEU O 324 -3.58 -29.46 38.98
C LEU O 324 -4.51 -30.65 38.77
N GLU O 325 -5.82 -30.35 38.65
CA GLU O 325 -6.89 -31.34 38.51
C GLU O 325 -6.71 -32.22 37.27
N GLY O 326 -6.92 -33.53 37.46
CA GLY O 326 -6.81 -34.52 36.39
C GLY O 326 -6.90 -35.95 36.88
N ASP O 327 -7.80 -36.72 36.25
CA ASP O 327 -7.98 -38.15 36.55
C ASP O 327 -7.34 -39.00 35.44
N PRO O 328 -6.45 -39.95 35.80
CA PRO O 328 -5.64 -40.76 34.87
C PRO O 328 -6.34 -41.26 33.60
N LEU O 329 -7.55 -41.82 33.75
CA LEU O 329 -8.32 -42.33 32.63
C LEU O 329 -8.93 -41.22 31.77
N THR O 330 -9.42 -40.16 32.43
CA THR O 330 -10.02 -39.01 31.77
C THR O 330 -8.97 -38.17 31.04
N VAL O 331 -7.76 -38.11 31.60
CA VAL O 331 -6.62 -37.39 31.02
C VAL O 331 -6.17 -38.06 29.72
N GLN O 332 -6.04 -39.40 29.75
CA GLN O 332 -5.72 -40.21 28.57
C GLN O 332 -6.70 -40.02 27.42
N GLY O 333 -7.95 -39.69 27.76
CA GLY O 333 -8.99 -39.34 26.79
C GLY O 333 -8.64 -38.11 25.97
N TYR O 334 -8.16 -37.06 26.65
CA TYR O 334 -7.75 -35.81 26.00
C TYR O 334 -6.54 -35.99 25.08
N TYR O 335 -5.64 -36.90 25.49
CA TYR O 335 -4.44 -37.24 24.72
C TYR O 335 -4.78 -37.99 23.43
N ASN O 336 -5.76 -38.89 23.50
CA ASN O 336 -6.22 -39.68 22.35
C ASN O 336 -7.01 -38.84 21.34
N VAL O 337 -7.63 -37.77 21.82
CA VAL O 337 -8.40 -36.84 20.98
C VAL O 337 -7.47 -36.07 20.03
N CYS O 338 -6.35 -35.59 20.56
CA CYS O 338 -5.43 -34.73 19.80
C CYS O 338 -4.30 -35.45 19.06
N ARG O 339 -4.10 -36.73 19.35
CA ARG O 339 -3.04 -37.53 18.72
C ARG O 339 -3.55 -38.54 17.68
N GLU O 340 -4.49 -39.39 18.07
CA GLU O 340 -4.97 -40.48 17.22
C GLU O 340 -5.81 -40.00 16.03
N PRO O 341 -5.53 -40.53 14.81
CA PRO O 341 -6.26 -40.14 13.61
C PRO O 341 -7.70 -40.67 13.58
N PHE O 342 -7.92 -41.83 14.20
CA PHE O 342 -9.24 -42.43 14.33
C PHE O 342 -9.36 -43.09 15.70
N ASN O 343 -10.31 -42.61 16.49
CA ASN O 343 -10.54 -43.13 17.84
C ASN O 343 -11.92 -43.76 18.00
N THR O 344 -11.92 -44.99 18.54
CA THR O 344 -13.14 -45.75 18.77
C THR O 344 -13.81 -45.35 20.09
N VAL O 345 -15.08 -45.72 20.24
CA VAL O 345 -15.86 -45.42 21.45
C VAL O 345 -15.34 -46.20 22.67
N ASP O 346 -14.96 -45.45 23.71
CA ASP O 346 -14.48 -46.01 24.97
C ASP O 346 -15.03 -45.22 26.15
N LEU O 347 -15.94 -45.84 26.87
CA LEU O 347 -16.64 -45.23 28.01
C LEU O 347 -15.78 -44.91 29.25
N PRO O 348 -14.78 -45.77 29.60
CA PRO O 348 -13.90 -45.40 30.72
C PRO O 348 -13.01 -44.17 30.46
N ARG O 349 -12.64 -43.95 29.20
CA ARG O 349 -11.79 -42.82 28.82
C ARG O 349 -12.57 -41.57 28.37
N GLY O 350 -13.91 -41.65 28.45
CA GLY O 350 -14.79 -40.53 28.19
C GLY O 350 -15.10 -40.25 26.72
N ILE O 351 -14.76 -41.20 25.84
CA ILE O 351 -15.08 -41.10 24.41
C ILE O 351 -16.44 -41.75 24.17
N PHE O 352 -17.35 -40.99 23.55
CA PHE O 352 -18.73 -41.43 23.32
C PHE O 352 -19.07 -41.61 21.84
N PHE O 353 -18.37 -40.88 20.98
CA PHE O 353 -18.58 -40.92 19.54
C PHE O 353 -17.35 -41.41 18.80
N GLU O 354 -17.57 -42.13 17.70
CA GLU O 354 -16.49 -42.58 16.81
C GLU O 354 -16.09 -41.43 15.88
N GLN O 355 -14.94 -40.81 16.18
CA GLN O 355 -14.46 -39.64 15.46
C GLN O 355 -13.44 -40.03 14.39
N ASP O 356 -13.67 -39.56 13.17
CA ASP O 356 -12.75 -39.72 12.06
C ASP O 356 -12.26 -38.35 11.60
N TRP O 357 -10.98 -38.09 11.84
CA TRP O 357 -10.38 -36.78 11.56
C TRP O 357 -10.03 -36.59 10.08
N ALA O 358 -9.81 -37.70 9.39
CA ALA O 358 -9.46 -37.75 7.95
C ALA O 358 -8.30 -36.84 7.56
N ASP O 359 -7.10 -37.28 7.97
CA ASP O 359 -5.81 -36.67 7.60
C ASP O 359 -5.65 -35.20 8.01
N LEU O 360 -6.03 -34.92 9.25
CA LEU O 360 -5.67 -33.67 9.91
C LEU O 360 -4.46 -33.91 10.80
N ARG O 361 -3.58 -32.91 10.87
CA ARG O 361 -2.31 -33.00 11.59
C ARG O 361 -2.49 -33.27 13.08
N LYS O 362 -1.58 -34.05 13.65
CA LYS O 362 -1.65 -34.49 15.04
C LYS O 362 -1.13 -33.41 15.99
N VAL O 363 -1.97 -32.99 16.93
CA VAL O 363 -1.60 -32.01 17.94
C VAL O 363 -0.76 -32.69 19.03
N MET O 364 0.41 -32.13 19.32
CA MET O 364 1.28 -32.65 20.38
C MET O 364 0.83 -32.14 21.74
N PRO O 365 0.42 -33.06 22.64
CA PRO O 365 -0.04 -32.68 23.98
C PRO O 365 1.11 -32.36 24.95
N VAL O 366 0.87 -31.39 25.83
CA VAL O 366 1.88 -30.92 26.78
C VAL O 366 1.46 -31.22 28.22
N ALA O 367 2.32 -31.97 28.92
CA ALA O 367 2.14 -32.27 30.34
C ALA O 367 2.94 -31.27 31.19
N SER O 368 2.21 -30.51 32.02
CA SER O 368 2.82 -29.45 32.84
C SER O 368 2.03 -29.20 34.13
N GLY O 369 2.74 -28.74 35.15
CA GLY O 369 2.12 -28.32 36.41
C GLY O 369 2.39 -29.24 37.58
N GLY O 370 3.47 -28.94 38.32
CA GLY O 370 3.81 -29.67 39.54
C GLY O 370 4.35 -31.06 39.32
N ILE O 371 5.37 -31.17 38.47
CA ILE O 371 6.06 -32.44 38.21
C ILE O 371 7.57 -32.32 38.35
N HIS O 372 8.23 -33.45 38.63
CA HIS O 372 9.68 -33.50 38.83
C HIS O 372 10.30 -34.80 38.31
N ALA O 373 11.57 -35.03 38.64
CA ALA O 373 12.33 -36.21 38.22
C ALA O 373 11.81 -37.53 38.83
N GLY O 374 11.20 -37.43 40.00
CA GLY O 374 10.61 -38.59 40.68
C GLY O 374 9.31 -39.10 40.06
N GLN O 375 8.68 -38.26 39.24
CA GLN O 375 7.41 -38.58 38.57
C GLN O 375 7.60 -39.11 37.15
N MET O 376 8.87 -39.26 36.74
CA MET O 376 9.25 -39.60 35.36
C MET O 376 8.74 -40.95 34.87
N HIS O 377 8.73 -41.95 35.76
CA HIS O 377 8.28 -43.30 35.43
C HIS O 377 6.77 -43.40 35.20
N GLN O 378 6.02 -42.56 35.91
CA GLN O 378 4.55 -42.51 35.80
C GLN O 378 4.09 -41.79 34.54
N LEU O 379 4.85 -40.76 34.14
CA LEU O 379 4.56 -39.96 32.95
C LEU O 379 4.78 -40.72 31.64
N LEU O 380 5.86 -41.51 31.58
CA LEU O 380 6.21 -42.29 30.41
C LEU O 380 5.28 -43.49 30.18
N SER O 381 4.75 -44.04 31.27
CA SER O 381 3.83 -45.17 31.22
C SER O 381 2.42 -44.79 30.78
N LEU O 382 1.96 -43.62 31.21
CA LEU O 382 0.59 -43.15 30.93
C LEU O 382 0.39 -42.66 29.50
N PHE O 383 1.34 -41.88 29.00
CA PHE O 383 1.19 -41.20 27.71
C PHE O 383 1.99 -41.84 26.58
N GLY O 384 3.32 -41.72 26.63
CA GLY O 384 4.20 -42.31 25.62
C GLY O 384 5.38 -41.44 25.24
N ASP O 385 5.59 -41.30 23.94
CA ASP O 385 6.76 -40.59 23.40
C ASP O 385 6.43 -39.20 22.85
N ASP O 386 5.32 -39.09 22.11
CA ASP O 386 4.95 -37.85 21.43
C ASP O 386 4.27 -36.83 22.36
N VAL O 387 4.97 -36.47 23.43
CA VAL O 387 4.50 -35.51 24.43
C VAL O 387 5.57 -34.48 24.77
N VAL O 388 5.15 -33.38 25.41
CA VAL O 388 6.09 -32.37 25.92
C VAL O 388 5.96 -32.28 27.43
N LEU O 389 7.04 -32.59 28.14
CA LEU O 389 7.08 -32.53 29.59
C LEU O 389 7.74 -31.23 30.04
N GLN O 390 7.02 -30.46 30.84
CA GLN O 390 7.51 -29.16 31.33
C GLN O 390 7.75 -29.15 32.83
N PHE O 391 8.97 -28.79 33.22
CA PHE O 391 9.37 -28.71 34.62
C PHE O 391 9.74 -27.27 34.99
N GLY O 392 8.73 -26.52 35.44
CA GLY O 392 8.90 -25.11 35.81
C GLY O 392 9.67 -24.94 37.12
N GLY O 393 9.13 -25.52 38.18
CA GLY O 393 9.76 -25.49 39.50
C GLY O 393 10.86 -26.51 39.68
N GLY O 394 10.69 -27.68 39.06
CA GLY O 394 11.63 -28.80 39.19
C GLY O 394 13.01 -28.63 38.55
N THR O 395 13.20 -27.53 37.83
CA THR O 395 14.47 -27.23 37.17
C THR O 395 15.24 -26.11 37.86
N ILE O 396 14.57 -24.97 38.05
CA ILE O 396 15.20 -23.77 38.64
C ILE O 396 15.30 -23.90 40.17
N GLY O 397 14.32 -24.57 40.77
CA GLY O 397 14.30 -24.81 42.22
C GLY O 397 15.30 -25.85 42.73
N HIS O 398 16.20 -26.29 41.84
CA HIS O 398 17.27 -27.22 42.17
C HIS O 398 18.33 -26.52 43.05
N PRO O 399 18.79 -27.17 44.13
CA PRO O 399 19.76 -26.60 45.08
C PRO O 399 21.11 -26.19 44.49
N MET O 400 21.58 -26.90 43.46
CA MET O 400 22.88 -26.63 42.83
C MET O 400 22.85 -25.45 41.86
N GLY O 401 21.80 -25.37 41.03
CA GLY O 401 21.63 -24.28 40.07
C GLY O 401 20.52 -24.53 39.08
N ILE O 402 20.69 -23.98 37.87
CA ILE O 402 19.73 -24.18 36.77
C ILE O 402 20.26 -25.25 35.79
N GLN O 403 21.56 -25.18 35.52
CA GLN O 403 22.25 -26.14 34.64
C GLN O 403 22.19 -27.57 35.17
N ALA O 404 22.36 -27.73 36.48
CA ALA O 404 22.28 -29.02 37.15
C ALA O 404 20.85 -29.58 37.17
N GLY O 405 19.89 -28.69 37.37
CA GLY O 405 18.46 -29.04 37.35
C GLY O 405 17.97 -29.51 35.99
N ALA O 406 18.51 -28.89 34.94
CA ALA O 406 18.20 -29.26 33.55
C ALA O 406 18.86 -30.58 33.15
N THR O 407 20.05 -30.85 33.71
CA THR O 407 20.77 -32.10 33.49
C THR O 407 20.09 -33.26 34.23
N ALA O 408 19.62 -33.00 35.44
CA ALA O 408 18.94 -33.99 36.29
C ALA O 408 17.67 -34.55 35.64
N ASN O 409 16.88 -33.68 35.02
CA ASN O 409 15.65 -34.07 34.33
C ASN O 409 15.92 -34.80 33.01
N ARG O 410 17.00 -34.41 32.33
CA ARG O 410 17.41 -35.00 31.06
C ARG O 410 17.97 -36.42 31.23
N VAL O 411 18.79 -36.62 32.27
CA VAL O 411 19.37 -37.92 32.60
C VAL O 411 18.27 -38.90 33.06
N ALA O 412 17.32 -38.39 33.85
CA ALA O 412 16.17 -39.16 34.35
C ALA O 412 15.30 -39.71 33.22
N LEU O 413 15.03 -38.88 32.22
CA LEU O 413 14.21 -39.26 31.06
C LEU O 413 14.93 -40.24 30.14
N GLU O 414 16.22 -39.98 29.89
CA GLU O 414 17.06 -40.85 29.04
C GLU O 414 17.27 -42.24 29.62
N ALA O 415 17.30 -42.34 30.94
CA ALA O 415 17.42 -43.61 31.65
C ALA O 415 16.14 -44.45 31.56
N MET O 416 14.99 -43.77 31.56
CA MET O 416 13.68 -44.43 31.49
C MET O 416 13.36 -44.98 30.11
N VAL O 417 13.66 -44.19 29.08
CA VAL O 417 13.44 -44.59 27.67
C VAL O 417 14.32 -45.80 27.31
N LEU O 418 15.57 -45.78 27.77
CA LEU O 418 16.52 -46.88 27.57
C LEU O 418 16.08 -48.17 28.26
N ALA O 419 15.51 -48.04 29.46
CA ALA O 419 15.00 -49.17 30.23
C ALA O 419 13.72 -49.76 29.65
N ARG O 420 12.86 -48.89 29.11
CA ARG O 420 11.58 -49.27 28.50
C ARG O 420 11.77 -50.09 27.22
N ASN O 421 12.71 -49.67 26.38
CA ASN O 421 12.98 -50.30 25.10
C ASN O 421 13.71 -51.64 25.22
N GLU O 422 14.49 -51.80 26.30
CA GLU O 422 15.21 -53.05 26.58
C GLU O 422 14.28 -54.19 27.02
N GLY O 423 13.19 -53.83 27.70
CA GLY O 423 12.19 -54.81 28.13
C GLY O 423 11.89 -54.82 29.62
N ARG O 424 12.39 -53.81 30.33
CA ARG O 424 12.14 -53.66 31.77
C ARG O 424 10.84 -52.92 32.02
N ASN O 425 10.08 -53.39 32.99
CA ASN O 425 8.79 -52.79 33.36
C ASN O 425 9.01 -51.48 34.12
N ILE O 426 8.57 -50.39 33.50
CA ILE O 426 8.80 -49.03 34.02
C ILE O 426 7.83 -48.59 35.12
N ASP O 427 6.78 -49.39 35.33
CA ASP O 427 5.77 -49.12 36.37
C ASP O 427 6.21 -49.59 37.76
N VAL O 428 6.89 -50.74 37.81
CA VAL O 428 7.33 -51.35 39.08
C VAL O 428 8.80 -51.01 39.37
N GLU O 429 9.68 -51.28 38.41
CA GLU O 429 11.12 -51.04 38.55
C GLU O 429 11.53 -49.56 38.41
N GLY O 430 10.57 -48.72 38.00
CA GLY O 430 10.75 -47.27 37.82
C GLY O 430 11.59 -46.50 38.84
N PRO O 431 11.24 -46.58 40.14
CA PRO O 431 12.06 -45.94 41.19
C PRO O 431 13.49 -46.48 41.31
N GLU O 432 13.67 -47.78 41.05
CA GLU O 432 14.99 -48.44 41.13
C GLU O 432 15.92 -48.03 39.99
N ILE O 433 15.35 -47.77 38.81
CA ILE O 433 16.08 -47.30 37.63
C ILE O 433 16.67 -45.90 37.87
N LEU O 434 15.87 -45.01 38.48
CA LEU O 434 16.29 -43.66 38.82
C LEU O 434 17.37 -43.61 39.90
N ARG O 435 17.29 -44.55 40.85
CA ARG O 435 18.30 -44.69 41.93
C ARG O 435 19.63 -45.21 41.39
N ALA O 436 19.57 -46.14 40.43
CA ALA O 436 20.75 -46.73 39.80
C ALA O 436 21.50 -45.74 38.90
N ALA O 437 20.75 -44.80 38.31
CA ALA O 437 21.32 -43.73 37.49
C ALA O 437 21.97 -42.62 38.34
N ALA O 438 21.54 -42.52 39.60
CA ALA O 438 22.05 -41.53 40.54
C ALA O 438 23.48 -41.81 41.06
N LYS O 439 23.95 -43.04 40.84
CA LYS O 439 25.31 -43.45 41.23
C LYS O 439 26.41 -42.72 40.44
N TRP O 440 26.16 -42.49 39.16
CA TRP O 440 27.11 -41.78 38.29
C TRP O 440 26.71 -40.32 38.04
N CYS O 441 25.41 -40.03 38.13
CA CYS O 441 24.89 -38.67 37.96
C CYS O 441 24.59 -38.02 39.31
N LYS O 442 25.39 -37.01 39.65
CA LYS O 442 25.29 -36.29 40.92
C LYS O 442 24.12 -35.27 41.03
N PRO O 443 23.80 -34.53 39.93
CA PRO O 443 22.64 -33.62 39.99
C PRO O 443 21.29 -34.31 40.14
N LEU O 444 21.18 -35.55 39.66
CA LEU O 444 19.95 -36.35 39.79
C LEU O 444 19.71 -36.81 41.22
N GLU O 445 20.79 -37.14 41.93
CA GLU O 445 20.73 -37.58 43.33
C GLU O 445 20.22 -36.47 44.26
N ALA O 446 20.65 -35.23 44.00
CA ALA O 446 20.22 -34.05 44.75
C ALA O 446 18.76 -33.69 44.49
N ALA O 447 18.29 -33.95 43.27
CA ALA O 447 16.91 -33.69 42.86
C ALA O 447 15.90 -34.65 43.49
N LEU O 448 16.33 -35.91 43.67
CA LEU O 448 15.49 -36.96 44.27
C LEU O 448 15.32 -36.80 45.78
N ASP O 449 16.34 -36.25 46.44
CA ASP O 449 16.32 -35.99 47.89
C ASP O 449 15.43 -34.80 48.25
N THR O 450 15.34 -33.82 47.35
CA THR O 450 14.54 -32.60 47.54
C THR O 450 13.04 -32.90 47.39
N TRP O 451 12.68 -33.61 46.32
CA TRP O 451 11.28 -33.92 46.03
C TRP O 451 11.07 -35.44 45.94
N GLY O 452 11.15 -36.09 47.09
CA GLY O 452 10.97 -37.55 47.19
C GLY O 452 9.61 -37.92 47.76
N ASN O 453 9.21 -37.23 48.82
CA ASN O 453 7.93 -37.50 49.47
C ASN O 453 6.87 -36.51 49.03
N ILE O 454 7.29 -35.49 48.28
CA ILE O 454 6.37 -34.46 47.80
C ILE O 454 5.51 -34.96 46.65
N THR O 455 4.25 -35.25 46.94
CA THR O 455 3.32 -35.73 45.93
C THR O 455 1.95 -35.07 46.10
N PHE O 456 1.38 -34.61 44.99
CA PHE O 456 0.08 -33.96 45.02
C PHE O 456 -1.04 -34.97 44.78
N ASN O 457 -1.69 -35.39 45.85
CA ASN O 457 -2.78 -36.35 45.76
C ASN O 457 -4.07 -35.78 46.33
N TYR O 458 -5.08 -35.65 45.48
CA TYR O 458 -6.38 -35.14 45.88
C TYR O 458 -7.49 -35.79 45.06
N THR O 459 -8.71 -35.75 45.59
CA THR O 459 -9.86 -36.34 44.90
C THR O 459 -10.19 -35.57 43.63
N SER O 460 -10.18 -36.26 42.49
CA SER O 460 -10.48 -35.64 41.21
C SER O 460 -11.96 -35.28 41.11
N THR O 461 -12.23 -34.10 40.56
CA THR O 461 -13.61 -33.63 40.39
C THR O 461 -14.19 -34.13 39.07
N ASP O 462 -13.41 -34.01 38.00
CA ASP O 462 -13.83 -34.49 36.69
C ASP O 462 -13.49 -35.97 36.53
N THR O 463 -14.45 -36.83 36.88
CA THR O 463 -14.22 -38.27 36.86
C THR O 463 -15.16 -38.98 35.89
N SER O 464 -14.88 -40.25 35.61
CA SER O 464 -15.70 -41.05 34.73
C SER O 464 -16.95 -41.56 35.45
N ASP O 465 -17.96 -41.95 34.68
CA ASP O 465 -19.20 -42.45 35.26
C ASP O 465 -19.39 -43.93 34.98
N PHE O 466 -18.42 -44.54 34.32
CA PHE O 466 -18.49 -45.96 33.99
C PHE O 466 -17.29 -46.71 34.55
N VAL O 467 -17.12 -46.65 35.87
CA VAL O 467 -16.01 -47.33 36.54
C VAL O 467 -16.50 -48.13 37.73
N MET P 1 33.47 -29.68 25.07
CA MET P 1 32.48 -29.64 23.96
C MET P 1 32.03 -31.05 23.56
N ARG P 2 30.72 -31.25 23.55
CA ARG P 2 30.09 -32.50 23.13
C ARG P 2 28.74 -32.21 22.49
N ILE P 3 28.58 -32.66 21.24
CA ILE P 3 27.36 -32.45 20.46
C ILE P 3 26.28 -33.43 20.91
N THR P 4 25.18 -32.89 21.42
CA THR P 4 24.09 -33.68 22.01
C THR P 4 22.92 -33.93 21.06
N GLN P 5 23.21 -33.93 19.75
CA GLN P 5 22.20 -34.15 18.71
C GLN P 5 21.71 -35.60 18.71
N GLY P 6 20.45 -35.78 19.11
CA GLY P 6 19.83 -37.11 19.18
C GLY P 6 19.57 -37.62 20.57
N CYS P 7 19.02 -38.83 20.64
CA CYS P 7 18.68 -39.49 21.91
C CYS P 7 19.90 -40.18 22.54
N PHE P 8 19.81 -40.43 23.85
CA PHE P 8 20.86 -41.10 24.65
C PHE P 8 22.24 -40.40 24.60
N SER P 9 22.22 -39.08 24.49
CA SER P 9 23.45 -38.27 24.39
C SER P 9 24.08 -37.99 25.74
N PHE P 10 23.25 -37.69 26.74
CA PHE P 10 23.70 -37.41 28.11
C PHE P 10 24.15 -38.66 28.86
N LEU P 11 23.63 -39.81 28.45
CA LEU P 11 24.08 -41.12 28.93
C LEU P 11 25.48 -41.44 28.37
N PRO P 12 26.28 -42.27 29.07
CA PRO P 12 27.57 -42.74 28.53
C PRO P 12 27.43 -43.55 27.24
N ASP P 13 28.51 -43.61 26.46
CA ASP P 13 28.53 -44.26 25.15
C ASP P 13 28.02 -45.70 25.18
N LEU P 14 27.09 -45.99 24.28
CA LEU P 14 26.37 -47.28 24.25
C LEU P 14 27.24 -48.42 23.74
N THR P 15 27.30 -49.50 24.50
CA THR P 15 27.99 -50.72 24.12
C THR P 15 27.18 -51.52 23.10
N ASP P 16 27.85 -52.41 22.37
CA ASP P 16 27.23 -53.25 21.33
C ASP P 16 26.06 -54.11 21.82
N GLU P 17 26.09 -54.49 23.09
CA GLU P 17 25.01 -55.22 23.74
C GLU P 17 23.76 -54.35 23.94
N GLN P 18 23.98 -53.07 24.25
CA GLN P 18 22.91 -52.09 24.44
C GLN P 18 22.28 -51.65 23.13
N ILE P 19 23.10 -51.49 22.09
CA ILE P 19 22.66 -51.11 20.74
C ILE P 19 21.77 -52.22 20.14
N SER P 20 22.20 -53.47 20.31
CA SER P 20 21.45 -54.65 19.86
C SER P 20 20.06 -54.75 20.50
N ALA P 21 19.97 -54.31 21.76
CA ALA P 21 18.70 -54.27 22.50
C ALA P 21 17.76 -53.17 22.00
N GLN P 22 18.33 -52.04 21.58
CA GLN P 22 17.57 -50.89 21.08
C GLN P 22 17.01 -51.12 19.68
N VAL P 23 17.79 -51.81 18.83
CA VAL P 23 17.37 -52.18 17.47
C VAL P 23 16.27 -53.25 17.53
N ASP P 24 16.38 -54.17 18.49
CA ASP P 24 15.37 -55.20 18.75
C ASP P 24 13.98 -54.63 19.05
N TYR P 25 13.95 -53.48 19.72
CA TYR P 25 12.72 -52.72 19.97
C TYR P 25 12.15 -52.13 18.68
N CYS P 26 13.02 -51.62 17.82
CA CYS P 26 12.65 -50.99 16.55
C CYS P 26 12.10 -52.00 15.54
N LEU P 27 12.73 -53.17 15.48
CA LEU P 27 12.31 -54.25 14.58
C LEU P 27 11.05 -54.95 15.08
N GLY P 28 10.85 -54.96 16.39
CA GLY P 28 9.65 -55.53 17.03
C GLY P 28 8.38 -54.77 16.72
N ARG P 29 8.48 -53.44 16.71
CA ARG P 29 7.35 -52.57 16.37
C ARG P 29 7.12 -52.46 14.87
N GLY P 30 8.14 -52.78 14.08
CA GLY P 30 8.06 -52.80 12.62
C GLY P 30 8.56 -51.52 11.99
N TRP P 31 9.82 -51.18 12.28
CA TRP P 31 10.47 -50.00 11.71
C TRP P 31 11.69 -50.37 10.88
N ALA P 32 11.94 -49.58 9.84
CA ALA P 32 13.09 -49.76 8.96
C ALA P 32 14.32 -49.08 9.55
N VAL P 33 15.37 -49.88 9.78
CA VAL P 33 16.61 -49.40 10.40
C VAL P 33 17.62 -48.99 9.32
N SER P 34 18.11 -47.75 9.44
CA SER P 34 19.07 -47.18 8.49
C SER P 34 20.27 -46.53 9.20
N LEU P 35 21.45 -46.70 8.61
CA LEU P 35 22.67 -46.08 9.11
C LEU P 35 23.03 -44.84 8.30
N GLU P 36 23.42 -43.78 9.00
CA GLU P 36 23.80 -42.51 8.39
C GLU P 36 25.06 -41.96 9.03
N HIS P 37 25.92 -41.34 8.22
CA HIS P 37 27.19 -40.77 8.69
C HIS P 37 27.49 -39.40 8.10
N THR P 38 28.20 -38.57 8.86
CA THR P 38 28.69 -37.25 8.40
C THR P 38 29.91 -36.76 9.17
N ASP P 39 30.66 -35.85 8.55
CA ASP P 39 31.74 -35.13 9.21
C ASP P 39 31.33 -33.69 9.59
N ASP P 40 30.14 -33.30 9.14
CA ASP P 40 29.57 -31.99 9.42
C ASP P 40 28.31 -32.13 10.31
N PRO P 41 28.49 -32.04 11.64
CA PRO P 41 27.40 -32.27 12.60
C PRO P 41 26.68 -30.97 13.02
N HIS P 42 26.32 -30.16 12.02
CA HIS P 42 25.63 -28.89 12.23
C HIS P 42 24.21 -29.13 12.78
N PRO P 43 23.72 -28.25 13.67
CA PRO P 43 22.31 -28.25 14.04
C PRO P 43 21.45 -27.94 12.81
N ARG P 44 20.23 -28.51 12.79
CA ARG P 44 19.28 -28.41 11.66
C ARG P 44 19.77 -28.91 10.27
N ASN P 45 20.98 -29.46 10.23
CA ASN P 45 21.50 -30.15 9.03
C ASN P 45 20.77 -31.48 8.89
N THR P 46 19.96 -31.56 7.82
CA THR P 46 18.96 -32.62 7.67
C THR P 46 19.55 -33.93 7.14
N TYR P 47 20.33 -33.85 6.06
CA TYR P 47 20.71 -35.03 5.29
C TYR P 47 22.16 -35.47 5.50
N TRP P 48 22.31 -36.65 6.11
CA TRP P 48 23.60 -37.30 6.33
C TRP P 48 23.81 -38.35 5.24
N GLU P 49 25.06 -38.75 5.03
CA GLU P 49 25.41 -39.76 4.02
C GLU P 49 24.91 -41.14 4.44
N MET P 50 23.99 -41.70 3.66
CA MET P 50 23.40 -43.02 3.94
C MET P 50 24.36 -44.16 3.60
N TRP P 51 24.49 -45.09 4.55
CA TRP P 51 25.26 -46.31 4.35
C TRP P 51 24.34 -47.37 3.75
N GLY P 52 24.28 -47.40 2.43
CA GLY P 52 23.41 -48.32 1.68
C GLY P 52 21.94 -47.99 1.81
N MET P 53 21.11 -49.01 1.65
CA MET P 53 19.65 -48.88 1.72
C MET P 53 19.13 -49.31 3.10
N PRO P 54 18.02 -48.68 3.58
CA PRO P 54 17.41 -49.06 4.87
C PRO P 54 16.93 -50.51 4.90
N MET P 55 17.10 -51.16 6.04
CA MET P 55 16.70 -52.56 6.23
C MET P 55 15.22 -52.63 6.60
N PHE P 56 14.38 -52.86 5.58
CA PHE P 56 12.92 -52.89 5.74
C PHE P 56 12.43 -54.19 6.34
N ASP P 57 12.69 -55.31 5.67
CA ASP P 57 12.23 -56.62 6.11
C ASP P 57 13.40 -57.46 6.64
N LEU P 58 13.83 -57.14 7.85
CA LEU P 58 14.87 -57.87 8.56
C LEU P 58 14.39 -58.15 9.98
N ARG P 59 14.26 -59.43 10.31
CA ARG P 59 13.74 -59.87 11.61
C ARG P 59 14.86 -60.40 12.54
N ASP P 60 16.06 -59.84 12.36
CA ASP P 60 17.23 -60.21 13.15
C ASP P 60 18.04 -58.96 13.53
N PRO P 61 18.24 -58.71 14.84
CA PRO P 61 19.03 -57.56 15.30
C PRO P 61 20.53 -57.68 15.04
N LYS P 62 21.01 -58.93 14.86
CA LYS P 62 22.41 -59.22 14.58
C LYS P 62 22.84 -58.77 13.17
N GLY P 63 21.90 -58.80 12.23
CA GLY P 63 22.13 -58.39 10.85
C GLY P 63 22.45 -56.91 10.66
N VAL P 64 21.88 -56.08 11.53
CA VAL P 64 22.15 -54.63 11.56
C VAL P 64 23.57 -54.37 12.09
N MET P 65 23.95 -55.14 13.12
CA MET P 65 25.25 -54.98 13.81
C MET P 65 26.47 -55.27 12.92
N ILE P 66 26.29 -56.15 11.92
CA ILE P 66 27.34 -56.46 10.93
C ILE P 66 27.58 -55.24 10.04
N GLU P 67 26.51 -54.60 9.60
CA GLU P 67 26.57 -53.38 8.77
C GLU P 67 27.09 -52.17 9.54
N LEU P 68 26.87 -52.16 10.86
CA LEU P 68 27.38 -51.11 11.75
C LEU P 68 28.91 -51.19 11.92
N ASP P 69 29.43 -52.40 12.07
CA ASP P 69 30.87 -52.65 12.19
C ASP P 69 31.61 -52.42 10.86
N GLU P 70 30.90 -52.65 9.76
CA GLU P 70 31.42 -52.39 8.41
C GLU P 70 31.56 -50.89 8.14
N CYS P 71 30.60 -50.11 8.66
CA CYS P 71 30.59 -48.65 8.53
C CYS P 71 31.66 -47.97 9.38
N ARG P 72 31.95 -48.57 10.55
CA ARG P 72 33.00 -48.08 11.46
C ARG P 72 34.41 -48.25 10.88
N LYS P 73 34.62 -49.33 10.13
CA LYS P 73 35.89 -49.62 9.46
C LYS P 73 36.15 -48.68 8.29
N ALA P 74 35.08 -48.34 7.57
CA ALA P 74 35.15 -47.42 6.43
C ALA P 74 35.29 -45.96 6.84
N TRP P 75 34.54 -45.58 7.88
CA TRP P 75 34.55 -44.21 8.39
C TRP P 75 34.82 -44.20 9.91
N PRO P 76 36.11 -44.10 10.30
CA PRO P 76 36.45 -44.08 11.73
C PRO P 76 36.15 -42.75 12.42
N GLY P 77 36.49 -41.64 11.77
CA GLY P 77 36.32 -40.30 12.35
C GLY P 77 35.07 -39.58 11.85
N ARG P 78 33.93 -40.25 11.98
CA ARG P 78 32.63 -39.71 11.55
C ARG P 78 31.53 -40.02 12.55
N TYR P 79 30.46 -39.22 12.51
CA TYR P 79 29.28 -39.43 13.34
C TYR P 79 28.34 -40.43 12.69
N ILE P 80 28.28 -41.64 13.25
CA ILE P 80 27.36 -42.68 12.76
C ILE P 80 26.11 -42.70 13.66
N ARG P 81 24.94 -42.64 13.02
CA ARG P 81 23.66 -42.73 13.73
C ARG P 81 22.72 -43.79 13.15
N ILE P 82 21.80 -44.27 13.99
CA ILE P 82 20.78 -45.24 13.58
C ILE P 82 19.43 -44.52 13.52
N ASN P 83 18.76 -44.63 12.37
CA ASN P 83 17.44 -44.05 12.16
C ASN P 83 16.40 -45.13 11.91
N ALA P 84 15.41 -45.19 12.81
CA ALA P 84 14.28 -46.10 12.68
C ALA P 84 13.13 -45.39 12.00
N PHE P 85 12.67 -45.95 10.87
CA PHE P 85 11.64 -45.33 10.05
C PHE P 85 10.30 -46.04 10.15
N ASP P 86 9.26 -45.29 10.52
CA ASP P 86 7.90 -45.80 10.62
C ASP P 86 7.16 -45.66 9.29
N SER P 87 6.43 -46.71 8.92
CA SER P 87 5.70 -46.75 7.65
C SER P 87 4.22 -47.09 7.86
N THR P 88 3.53 -46.20 8.57
CA THR P 88 2.10 -46.35 8.86
C THR P 88 1.28 -45.33 8.05
N ARG P 89 -0.03 -45.23 8.33
CA ARG P 89 -0.95 -44.37 7.60
C ARG P 89 -0.71 -42.88 7.85
N GLY P 90 -0.42 -42.53 9.10
CA GLY P 90 -0.29 -41.13 9.52
C GLY P 90 1.12 -40.62 9.75
N PHE P 91 1.99 -41.51 10.23
CA PHE P 91 3.37 -41.14 10.60
C PHE P 91 4.27 -40.88 9.39
N GLU P 92 4.69 -41.97 8.72
CA GLU P 92 5.59 -41.93 7.54
C GLU P 92 6.90 -41.17 7.77
N THR P 93 7.44 -41.28 8.98
CA THR P 93 8.61 -40.51 9.40
C THR P 93 9.56 -41.31 10.32
N VAL P 94 10.68 -40.67 10.69
CA VAL P 94 11.66 -41.23 11.63
C VAL P 94 11.07 -41.24 13.04
N THR P 95 11.31 -42.34 13.77
CA THR P 95 10.83 -42.48 15.15
C THR P 95 11.95 -42.44 16.17
N MET P 96 13.08 -43.09 15.88
CA MET P 96 14.24 -43.12 16.77
C MET P 96 15.52 -42.67 16.06
N SER P 97 16.33 -41.89 16.76
CA SER P 97 17.61 -41.41 16.26
C SER P 97 18.61 -41.27 17.41
N PHE P 98 19.72 -41.98 17.30
CA PHE P 98 20.79 -41.94 18.31
C PHE P 98 22.17 -42.19 17.71
N ILE P 99 23.14 -41.38 18.11
CA ILE P 99 24.53 -41.51 17.68
C ILE P 99 25.18 -42.70 18.39
N VAL P 100 25.73 -43.62 17.59
CA VAL P 100 26.41 -44.81 18.10
C VAL P 100 27.93 -44.72 18.03
N ASN P 101 28.44 -43.94 17.09
CA ASN P 101 29.87 -43.68 16.97
C ASN P 101 30.15 -42.21 16.71
N ARG P 102 30.93 -41.61 17.63
CA ARG P 102 31.39 -40.22 17.50
C ARG P 102 32.92 -40.16 17.54
N PRO P 103 33.54 -39.22 16.78
CA PRO P 103 35.00 -39.13 16.64
C PRO P 103 35.77 -38.89 17.93
N GLU P 104 37.10 -39.07 17.87
CA GLU P 104 38.02 -38.94 19.00
C GLU P 104 37.90 -37.60 19.75
N VAL P 105 37.79 -36.52 18.99
CA VAL P 105 37.56 -35.18 19.54
C VAL P 105 36.41 -34.46 18.80
N GLU P 106 35.44 -33.97 19.58
CA GLU P 106 34.27 -33.28 19.04
C GLU P 106 34.62 -31.85 18.63
N PRO P 107 34.22 -31.44 17.40
CA PRO P 107 34.47 -30.07 16.94
C PRO P 107 33.53 -29.05 17.57
N SER P 108 34.06 -27.87 17.86
CA SER P 108 33.30 -26.75 18.43
C SER P 108 32.65 -25.90 17.35
N LEU P 109 31.69 -25.06 17.75
CA LEU P 109 30.99 -24.17 16.83
C LEU P 109 31.32 -22.70 17.10
N ARG P 110 31.72 -22.00 16.03
CA ARG P 110 31.97 -20.56 16.08
C ARG P 110 30.74 -19.80 15.61
N MET P 111 30.36 -18.78 16.37
CA MET P 111 29.18 -17.97 16.06
C MET P 111 29.60 -16.58 15.57
N GLU P 112 29.19 -16.28 14.33
CA GLU P 112 29.46 -14.97 13.71
C GLU P 112 28.21 -14.10 13.77
N ARG P 113 28.39 -12.86 14.25
CA ARG P 113 27.29 -11.94 14.47
C ARG P 113 27.27 -10.82 13.44
N THR P 114 26.27 -10.86 12.56
CA THR P 114 26.09 -9.84 11.52
C THR P 114 25.02 -8.84 11.98
N GLU P 115 25.43 -7.57 12.07
CA GLU P 115 24.55 -6.49 12.53
C GLU P 115 23.71 -5.96 11.38
N VAL P 116 22.39 -6.06 11.52
CA VAL P 116 21.43 -5.63 10.50
C VAL P 116 20.67 -4.37 10.99
N ASP P 117 19.37 -4.29 10.71
CA ASP P 117 18.56 -3.14 11.06
C ASP P 117 18.20 -3.12 12.54
N GLY P 118 18.40 -1.96 13.16
CA GLY P 118 18.12 -1.76 14.59
C GLY P 118 19.15 -2.46 15.45
N ARG P 119 18.67 -3.37 16.31
CA ARG P 119 19.54 -4.15 17.20
C ARG P 119 19.50 -5.65 16.87
N SER P 120 18.86 -5.98 15.74
CA SER P 120 18.71 -7.36 15.28
C SER P 120 20.02 -7.93 14.73
N ILE P 121 20.29 -9.19 15.07
CA ILE P 121 21.53 -9.88 14.68
C ILE P 121 21.21 -11.17 13.92
N ARG P 122 21.85 -11.34 12.75
CA ARG P 122 21.83 -12.62 12.04
C ARG P 122 22.99 -13.47 12.54
N TYR P 123 22.66 -14.69 12.96
CA TYR P 123 23.63 -15.61 13.52
C TYR P 123 24.03 -16.68 12.52
N THR P 124 25.33 -17.00 12.50
CA THR P 124 25.89 -18.01 11.61
C THR P 124 26.74 -18.99 12.41
N HIS P 125 26.28 -20.23 12.48
CA HIS P 125 27.00 -21.30 13.17
C HIS P 125 27.88 -22.06 12.18
N SER P 126 29.16 -22.16 12.51
CA SER P 126 30.15 -22.82 11.65
C SER P 126 31.05 -23.77 12.43
N ILE P 127 31.31 -24.94 11.84
CA ILE P 127 32.13 -25.99 12.46
C ILE P 127 33.61 -25.73 12.16
N VAL P 128 34.43 -25.81 13.21
CA VAL P 128 35.90 -25.58 13.11
C VAL P 128 36.65 -26.65 12.30
N ARG P 129 36.12 -27.88 12.30
CA ARG P 129 36.70 -29.01 11.58
C ARG P 129 36.14 -29.09 10.15
#